data_6DXU
#
_entry.id   6DXU
#
_cell.length_a   91.371
_cell.length_b   163.393
_cell.length_c   120.607
_cell.angle_alpha   90.000
_cell.angle_beta   103.351
_cell.angle_gamma   90.000
#
_symmetry.space_group_name_H-M   'P 1 21 1'
#
loop_
_entity.id
_entity.type
_entity.pdbx_description
1 polymer 'Glycosyl hydrolase family 2, TIM barrel domain protein'
2 non-polymer BICINE
3 non-polymer 'SODIUM ION'
4 water water
#
_entity_poly.entity_id   1
_entity_poly.type   'polypeptide(L)'
_entity_poly.pdbx_seq_one_letter_code
;HHHHHHSSGVDLGTENLYFQSNAKVPAMNKIRLTNNWEYLKGDLGGIWEAVRPAAPGSSEAVPIWQPVTLPHCFNAEDAV
DPDVNYYEGPGWYKTLLAIDNPYRNGRIVLDFDGAGQKTDVYVYTTHVGSHVGGYDSWNVDITDAVKAFLGSKDAERFKG
KVPLSIRCDNSRDLEMIPSDLADFNIYGGLYRYLNLVYLPEVSFEQIHLESSLSSNLKEGILKVKTSFYNPEDIRKADVT
VSVYDVDRKPVFSKTLEGILPLGDQLLAKMKIKNPVLWDVDVPQLYTCELTVKTPDQTFTTEERFGFRHTEFKDKGPFFL
NGKRLLLRGTHRHEDHAGVAQAMTEDMMRREMRMMKDMGVNFIRLGHYQQSEIILDLCDELGILVWEEIPWCRGGLGGDV
YKKQARRMLANMIVQHHNHPAVIIWGLGNENDWPNDFNTFDKSAIRAFMKELHDMAHRLDDTRMTAIRRCEFCNDIVDVY
SPSIWAGWYRGVFTDYKSISEQEMQKVKHFLHVEWGGDSHARRHSEDAFYNLKNIEAGKGGDERAGDASLYGGVPRASRD
GDWSESYVVRLIDWHLKEQETMPWLTGTAYWPFKDFSTPVRPDNPVPYVNQKGVVERDFTPKESYYVFQSYWTEKPMIHI
YGHTWPVRWGGKDDRKEILVYSNCDEVELFVNGVSQGVKRRNSQDYPAAGLRWNCVYQEGMNEIRAVGVKKKEKKEVSDV
IRQEYQTAKWDKEAACQVSLLSEEGDTALVQVQLIDKNGIRCLSSKKQITFEIAGDGSLICNLGTSTGSRKVQAYNGRAL
IRIKRNEGNSVVAVKSEGLPTAFLELKSPK
;
_entity_poly.pdbx_strand_id   D,A,B,C
#
# COMPACT_ATOMS: atom_id res chain seq x y z
N ASN A 29 26.03 7.58 -31.98
CA ASN A 29 25.88 6.16 -31.73
C ASN A 29 25.98 5.80 -30.24
N LYS A 30 26.28 4.53 -29.97
CA LYS A 30 26.22 3.97 -28.63
C LYS A 30 27.63 3.70 -28.10
N ILE A 31 27.84 4.03 -26.84
CA ILE A 31 29.14 3.90 -26.20
C ILE A 31 29.01 2.74 -25.23
N ARG A 32 29.65 1.62 -25.57
CA ARG A 32 29.63 0.44 -24.70
C ARG A 32 30.44 0.68 -23.45
N LEU A 33 29.79 0.56 -22.29
CA LEU A 33 30.47 0.71 -21.01
C LEU A 33 30.94 -0.67 -20.56
N THR A 34 32.17 -1.03 -20.90
CA THR A 34 32.70 -2.34 -20.56
C THR A 34 33.76 -2.31 -19.46
N ASN A 35 34.48 -1.21 -19.29
CA ASN A 35 35.64 -1.13 -18.42
C ASN A 35 35.34 -0.36 -17.13
N ASN A 36 36.19 -0.60 -16.13
CA ASN A 36 36.20 0.15 -14.86
C ASN A 36 34.92 -0.05 -14.05
N TRP A 37 34.44 -1.29 -14.04
CA TRP A 37 33.29 -1.65 -13.21
C TRP A 37 33.79 -2.49 -12.03
N GLU A 38 33.07 -2.41 -10.91
CA GLU A 38 33.27 -3.35 -9.80
C GLU A 38 31.95 -4.03 -9.50
N TYR A 39 32.03 -5.28 -9.02
CA TYR A 39 30.87 -6.14 -8.84
C TYR A 39 30.84 -6.70 -7.42
N LEU A 40 29.65 -6.71 -6.83
CA LEU A 40 29.43 -7.31 -5.52
C LEU A 40 28.33 -8.34 -5.62
N LYS A 41 28.63 -9.59 -5.29
CA LYS A 41 27.58 -10.58 -5.15
C LYS A 41 26.88 -10.32 -3.82
N GLY A 42 25.58 -10.11 -3.84
CA GLY A 42 24.81 -9.83 -2.63
C GLY A 42 24.26 -8.41 -2.66
N ASP A 43 23.42 -8.11 -1.67
CA ASP A 43 22.72 -6.84 -1.61
C ASP A 43 23.46 -5.82 -0.74
N LEU A 44 23.20 -4.55 -1.00
CA LEU A 44 23.63 -3.47 -0.12
C LEU A 44 22.50 -3.16 0.85
N GLY A 45 22.85 -2.51 1.97
CA GLY A 45 21.83 -2.09 2.92
C GLY A 45 21.08 -0.85 2.52
N GLY A 46 21.49 -0.25 1.42
CA GLY A 46 20.93 0.97 0.89
C GLY A 46 21.94 1.62 -0.03
N ILE A 47 21.43 2.51 -0.89
CA ILE A 47 22.30 3.12 -1.89
C ILE A 47 23.46 3.88 -1.26
N TRP A 48 23.28 4.38 -0.02
CA TRP A 48 24.39 5.10 0.62
C TRP A 48 25.64 4.24 0.69
N GLU A 49 25.50 2.92 0.85
CA GLU A 49 26.68 2.07 0.96
C GLU A 49 27.50 2.07 -0.33
N ALA A 50 26.88 2.34 -1.47
CA ALA A 50 27.60 2.34 -2.74
C ALA A 50 28.44 3.60 -2.95
N VAL A 51 28.11 4.70 -2.26
CA VAL A 51 28.71 5.98 -2.57
C VAL A 51 29.31 6.67 -1.35
N ARG A 52 29.18 6.10 -0.15
CA ARG A 52 29.66 6.78 1.04
C ARG A 52 31.19 6.77 1.10
N PRO A 53 31.79 7.73 1.80
CA PRO A 53 33.25 7.69 2.02
C PRO A 53 33.64 6.42 2.76
N ALA A 54 34.79 5.85 2.37
CA ALA A 54 35.28 4.59 2.91
C ALA A 54 36.79 4.66 3.03
N ALA A 55 37.30 4.63 4.26
CA ALA A 55 38.75 4.60 4.44
C ALA A 55 39.27 3.16 4.33
N PRO A 56 40.52 2.98 3.88
CA PRO A 56 41.10 1.64 3.85
C PRO A 56 41.13 1.01 5.24
N GLY A 57 40.77 -0.26 5.31
CA GLY A 57 40.74 -0.96 6.58
C GLY A 57 39.58 -0.61 7.49
N SER A 58 38.64 0.20 7.04
CA SER A 58 37.49 0.59 7.85
C SER A 58 36.36 -0.43 7.74
N SER A 59 35.32 -0.24 8.55
CA SER A 59 34.14 -1.09 8.42
C SER A 59 33.48 -0.88 7.06
N GLU A 60 33.61 0.31 6.48
CA GLU A 60 33.06 0.58 5.15
C GLU A 60 33.81 -0.15 4.04
N ALA A 61 35.02 -0.63 4.31
CA ALA A 61 35.85 -1.27 3.30
C ALA A 61 35.49 -2.73 3.07
N VAL A 62 34.52 -3.26 3.82
CA VAL A 62 33.90 -4.55 3.50
C VAL A 62 32.41 -4.30 3.29
N PRO A 63 31.71 -5.12 2.49
CA PRO A 63 32.28 -6.25 1.74
C PRO A 63 33.22 -5.81 0.62
N ILE A 64 34.08 -6.74 0.21
CA ILE A 64 35.08 -6.49 -0.81
C ILE A 64 34.46 -6.74 -2.18
N TRP A 65 34.59 -5.75 -3.07
CA TRP A 65 34.08 -5.83 -4.43
C TRP A 65 35.13 -6.42 -5.35
N GLN A 66 34.68 -6.93 -6.49
CA GLN A 66 35.56 -7.55 -7.47
C GLN A 66 35.57 -6.71 -8.75
N PRO A 67 36.75 -6.30 -9.23
CA PRO A 67 36.79 -5.64 -10.55
C PRO A 67 36.38 -6.61 -11.64
N VAL A 68 35.55 -6.13 -12.57
CA VAL A 68 35.06 -6.96 -13.66
C VAL A 68 35.06 -6.16 -14.96
N THR A 69 35.05 -6.89 -16.08
CA THR A 69 34.82 -6.30 -17.40
C THR A 69 33.42 -6.71 -17.84
N LEU A 70 32.64 -5.76 -18.33
CA LEU A 70 31.33 -6.13 -18.82
C LEU A 70 31.42 -6.55 -20.29
N PRO A 71 30.51 -7.38 -20.79
CA PRO A 71 29.35 -7.95 -20.07
C PRO A 71 29.77 -8.97 -19.03
N HIS A 72 28.94 -9.15 -18.03
CA HIS A 72 29.25 -9.96 -16.86
C HIS A 72 27.99 -10.67 -16.42
N CYS A 73 28.15 -11.91 -15.98
CA CYS A 73 27.04 -12.72 -15.49
C CYS A 73 27.39 -13.25 -14.11
N PHE A 74 26.43 -13.17 -13.17
CA PHE A 74 26.62 -13.71 -11.82
C PHE A 74 27.08 -15.15 -11.85
N ASN A 75 26.69 -15.90 -12.88
CA ASN A 75 26.70 -17.35 -12.84
C ASN A 75 27.73 -17.96 -13.79
N ALA A 76 28.77 -17.20 -14.15
CA ALA A 76 29.79 -17.69 -15.08
C ALA A 76 30.38 -19.02 -14.63
N GLU A 77 30.54 -19.22 -13.34
CA GLU A 77 31.06 -20.46 -12.81
C GLU A 77 30.03 -21.33 -12.11
N ASP A 78 29.13 -20.75 -11.32
CA ASP A 78 28.31 -21.63 -10.49
C ASP A 78 27.16 -22.30 -11.24
N ALA A 79 26.87 -21.89 -12.47
CA ALA A 79 25.83 -22.58 -13.23
C ALA A 79 26.23 -24.04 -13.48
N VAL A 80 27.51 -24.30 -13.75
CA VAL A 80 27.95 -25.67 -14.02
C VAL A 80 28.77 -26.27 -12.90
N ASP A 81 29.11 -25.50 -11.87
CA ASP A 81 29.80 -26.10 -10.72
C ASP A 81 28.95 -27.24 -10.18
N PRO A 82 29.48 -28.45 -10.05
CA PRO A 82 28.62 -29.61 -9.74
C PRO A 82 28.13 -29.65 -8.30
N ASP A 83 28.64 -28.82 -7.41
CA ASP A 83 28.36 -28.95 -5.98
C ASP A 83 27.51 -27.82 -5.42
N VAL A 84 26.98 -26.93 -6.26
CA VAL A 84 26.21 -25.79 -5.75
C VAL A 84 24.99 -25.53 -6.64
N ASN A 85 23.94 -25.01 -6.02
CA ASN A 85 22.83 -24.44 -6.77
C ASN A 85 23.25 -23.08 -7.32
N TYR A 86 22.98 -22.81 -8.60
CA TYR A 86 23.40 -21.53 -9.14
C TYR A 86 22.72 -20.38 -8.40
N TYR A 87 23.43 -19.26 -8.31
CA TYR A 87 22.98 -18.13 -7.52
C TYR A 87 21.81 -17.43 -8.20
N GLU A 88 20.70 -17.30 -7.46
CA GLU A 88 19.55 -16.51 -7.89
C GLU A 88 19.28 -15.50 -6.79
N GLY A 89 19.70 -14.25 -7.02
CA GLY A 89 19.60 -13.21 -6.03
C GLY A 89 20.16 -11.90 -6.54
N PRO A 90 20.29 -10.92 -5.66
CA PRO A 90 20.76 -9.59 -6.07
C PRO A 90 22.28 -9.50 -6.17
N GLY A 91 22.71 -8.54 -6.98
CA GLY A 91 24.13 -8.21 -7.09
C GLY A 91 24.24 -6.78 -7.56
N TRP A 92 25.39 -6.17 -7.27
CA TRP A 92 25.55 -4.76 -7.56
C TRP A 92 26.76 -4.51 -8.44
N TYR A 93 26.66 -3.48 -9.28
CA TYR A 93 27.75 -2.97 -10.08
C TYR A 93 27.94 -1.50 -9.80
N LYS A 94 29.18 -1.02 -9.80
CA LYS A 94 29.39 0.42 -9.67
C LYS A 94 30.54 0.87 -10.56
N THR A 95 30.40 2.10 -11.06
CA THR A 95 31.43 2.75 -11.86
C THR A 95 31.34 4.26 -11.63
N LEU A 96 32.40 4.96 -12.05
CA LEU A 96 32.48 6.42 -12.07
C LEU A 96 32.65 6.89 -13.52
N LEU A 97 31.75 7.72 -14.00
CA LEU A 97 31.73 8.15 -15.39
C LEU A 97 32.01 9.65 -15.54
N ALA A 98 32.82 10.01 -16.53
CA ALA A 98 32.94 11.40 -16.94
C ALA A 98 31.85 11.65 -17.97
N ILE A 99 30.82 12.41 -17.59
CA ILE A 99 29.65 12.62 -18.42
C ILE A 99 29.70 14.04 -18.98
N ASP A 100 29.62 14.16 -20.32
CA ASP A 100 29.60 15.48 -20.96
C ASP A 100 28.96 15.34 -22.34
N ASN A 101 27.70 15.74 -22.45
CA ASN A 101 26.97 15.60 -23.70
C ASN A 101 27.48 16.63 -24.70
N PRO A 102 27.97 16.21 -25.87
CA PRO A 102 28.43 17.17 -26.88
C PRO A 102 27.30 17.91 -27.59
N TYR A 103 26.05 17.46 -27.45
CA TYR A 103 24.94 18.12 -28.11
C TYR A 103 24.41 19.22 -27.22
N ARG A 104 23.99 20.33 -27.82
CA ARG A 104 23.43 21.43 -27.06
C ARG A 104 22.09 21.04 -26.44
N ASN A 105 21.98 21.21 -25.13
CA ASN A 105 20.74 20.93 -24.40
C ASN A 105 20.26 19.51 -24.64
N GLY A 106 21.20 18.58 -24.78
CA GLY A 106 20.88 17.22 -25.15
C GLY A 106 20.43 16.37 -23.98
N ARG A 107 20.18 15.10 -24.29
CA ARG A 107 19.77 14.08 -23.33
C ARG A 107 20.90 13.07 -23.12
N ILE A 108 20.95 12.51 -21.92
CA ILE A 108 21.90 11.46 -21.56
C ILE A 108 21.08 10.22 -21.23
N VAL A 109 21.29 9.15 -21.98
CA VAL A 109 20.47 7.94 -21.86
C VAL A 109 21.39 6.74 -21.62
N LEU A 110 20.99 5.89 -20.67
CA LEU A 110 21.57 4.55 -20.51
C LEU A 110 20.69 3.55 -21.24
N ASP A 111 21.27 2.83 -22.19
CA ASP A 111 20.55 1.90 -23.06
C ASP A 111 21.04 0.49 -22.77
N PHE A 112 20.15 -0.33 -22.21
CA PHE A 112 20.48 -1.70 -21.80
C PHE A 112 20.13 -2.66 -22.93
N ASP A 113 21.15 -3.33 -23.51
CA ASP A 113 20.85 -4.43 -24.44
C ASP A 113 20.07 -5.53 -23.76
N GLY A 114 20.25 -5.70 -22.44
CA GLY A 114 19.55 -6.70 -21.67
C GLY A 114 20.27 -7.01 -20.37
N ALA A 115 19.52 -7.22 -19.28
CA ALA A 115 20.10 -7.49 -17.97
C ALA A 115 19.11 -8.31 -17.16
N GLY A 116 19.62 -9.26 -16.36
CA GLY A 116 18.76 -10.21 -15.67
C GLY A 116 18.77 -10.02 -14.17
N GLN A 117 17.59 -10.09 -13.55
CA GLN A 117 16.29 -10.12 -14.24
C GLN A 117 15.52 -8.84 -13.90
N LYS A 118 15.63 -8.39 -12.65
CA LYS A 118 15.09 -7.10 -12.21
C LYS A 118 16.26 -6.17 -11.96
N THR A 119 16.20 -4.98 -12.54
CA THR A 119 17.32 -4.05 -12.47
C THR A 119 16.84 -2.72 -11.92
N ASP A 120 17.66 -2.11 -11.05
CA ASP A 120 17.40 -0.78 -10.53
C ASP A 120 18.66 0.05 -10.72
N VAL A 121 18.49 1.29 -11.13
CA VAL A 121 19.58 2.15 -11.57
C VAL A 121 19.61 3.40 -10.70
N TYR A 122 20.81 3.77 -10.23
CA TYR A 122 21.00 4.93 -9.37
C TYR A 122 22.09 5.84 -9.92
N VAL A 123 21.80 7.14 -9.91
CA VAL A 123 22.80 8.18 -10.12
C VAL A 123 23.04 8.84 -8.77
N TYR A 124 24.26 8.73 -8.25
CA TYR A 124 24.57 9.05 -6.86
C TYR A 124 23.53 8.35 -6.00
N THR A 125 22.75 9.10 -5.20
CA THR A 125 21.78 8.45 -4.34
C THR A 125 20.36 8.42 -4.89
N THR A 126 20.16 8.85 -6.14
CA THR A 126 18.83 8.98 -6.71
C THR A 126 18.51 7.77 -7.57
N HIS A 127 17.40 7.12 -7.25
CA HIS A 127 16.88 6.04 -8.10
C HIS A 127 16.32 6.65 -9.38
N VAL A 128 16.87 6.27 -10.55
CA VAL A 128 16.47 6.89 -11.81
C VAL A 128 15.70 5.96 -12.73
N GLY A 129 15.66 4.66 -12.46
CA GLY A 129 14.94 3.78 -13.37
C GLY A 129 14.98 2.36 -12.84
N SER A 130 14.04 1.56 -13.35
CA SER A 130 13.97 0.16 -13.00
C SER A 130 13.34 -0.61 -14.15
N HIS A 131 13.56 -1.92 -14.16
CA HIS A 131 13.05 -2.76 -15.24
C HIS A 131 12.87 -4.17 -14.71
N VAL A 132 11.80 -4.83 -15.16
CA VAL A 132 11.61 -6.24 -14.87
C VAL A 132 11.51 -6.97 -16.20
N GLY A 133 12.45 -7.87 -16.45
CA GLY A 133 12.54 -8.61 -17.70
C GLY A 133 13.99 -8.78 -18.10
N GLY A 134 14.45 -10.02 -18.26
CA GLY A 134 15.87 -10.23 -18.47
C GLY A 134 16.34 -10.19 -19.92
N TYR A 135 15.43 -10.00 -20.88
CA TYR A 135 15.74 -10.30 -22.28
C TYR A 135 15.34 -9.22 -23.26
N ASP A 136 14.57 -8.22 -22.85
CA ASP A 136 14.24 -7.10 -23.70
C ASP A 136 15.18 -5.92 -23.45
N SER A 137 15.28 -5.05 -24.45
CA SER A 137 16.08 -3.85 -24.31
C SER A 137 15.23 -2.76 -23.65
N TRP A 138 15.91 -1.84 -22.96
CA TRP A 138 15.21 -0.76 -22.27
C TRP A 138 16.21 0.35 -22.00
N ASN A 139 15.71 1.54 -21.70
CA ASN A 139 16.64 2.63 -21.46
C ASN A 139 16.11 3.56 -20.37
N VAL A 140 17.01 4.40 -19.88
CA VAL A 140 16.75 5.34 -18.79
C VAL A 140 17.37 6.68 -19.17
N ASP A 141 16.56 7.73 -19.18
CA ASP A 141 17.08 9.08 -19.37
C ASP A 141 17.58 9.61 -18.03
N ILE A 142 18.89 9.86 -17.91
CA ILE A 142 19.50 10.29 -16.65
C ILE A 142 19.92 11.76 -16.68
N THR A 143 19.44 12.53 -17.67
CA THR A 143 19.89 13.91 -17.84
C THR A 143 19.72 14.72 -16.55
N ASP A 144 18.51 14.69 -15.98
CA ASP A 144 18.20 15.55 -14.84
C ASP A 144 18.97 15.13 -13.58
N ALA A 145 19.10 13.82 -13.34
CA ALA A 145 19.84 13.38 -12.17
C ALA A 145 21.32 13.76 -12.28
N VAL A 146 21.89 13.63 -13.48
CA VAL A 146 23.29 14.01 -13.69
C VAL A 146 23.50 15.49 -13.44
N LYS A 147 22.62 16.32 -14.02
CA LYS A 147 22.72 17.76 -13.79
C LYS A 147 22.60 18.09 -12.30
N ALA A 148 21.62 17.48 -11.63
CA ALA A 148 21.42 17.74 -10.20
C ALA A 148 22.63 17.33 -9.38
N PHE A 149 23.25 16.19 -9.71
CA PHE A 149 24.42 15.75 -8.97
C PHE A 149 25.61 16.68 -9.19
N LEU A 150 25.89 17.01 -10.46
CA LEU A 150 27.08 17.79 -10.77
C LEU A 150 27.00 19.20 -10.20
N GLY A 151 25.79 19.72 -9.97
CA GLY A 151 25.55 21.01 -9.35
C GLY A 151 25.50 20.99 -7.83
N SER A 152 25.75 19.83 -7.21
CA SER A 152 25.61 19.68 -5.77
C SER A 152 26.97 19.73 -5.07
N LYS A 153 26.91 19.96 -3.76
CA LYS A 153 28.11 19.93 -2.94
C LYS A 153 28.73 18.53 -2.87
N ASP A 154 27.96 17.49 -3.14
CA ASP A 154 28.50 16.14 -3.08
C ASP A 154 29.38 15.80 -4.27
N ALA A 155 29.30 16.57 -5.35
CA ALA A 155 30.04 16.24 -6.56
C ALA A 155 31.54 16.40 -6.37
N GLU A 156 31.97 17.34 -5.51
CA GLU A 156 33.38 17.64 -5.36
C GLU A 156 34.21 16.40 -5.03
N ARG A 157 33.75 15.58 -4.08
CA ARG A 157 34.60 14.45 -3.69
C ARG A 157 34.73 13.40 -4.79
N PHE A 158 33.91 13.46 -5.83
CA PHE A 158 34.04 12.52 -6.93
C PHE A 158 34.87 13.07 -8.08
N LYS A 159 35.45 14.26 -7.91
CA LYS A 159 36.54 14.73 -8.78
C LYS A 159 36.09 14.84 -10.23
N GLY A 160 34.88 15.35 -10.44
CA GLY A 160 34.37 15.54 -11.78
C GLY A 160 33.61 14.36 -12.36
N LYS A 161 33.63 13.21 -11.71
CA LYS A 161 32.91 12.04 -12.22
C LYS A 161 31.54 11.91 -11.57
N VAL A 162 30.72 11.05 -12.16
CA VAL A 162 29.35 10.79 -11.72
C VAL A 162 29.28 9.34 -11.29
N PRO A 163 28.92 9.03 -10.04
CA PRO A 163 28.83 7.63 -9.62
C PRO A 163 27.56 6.99 -10.15
N LEU A 164 27.74 5.87 -10.84
CA LEU A 164 26.63 5.11 -11.40
C LEU A 164 26.61 3.76 -10.70
N SER A 165 25.46 3.41 -10.09
CA SER A 165 25.34 2.14 -9.37
C SER A 165 24.10 1.42 -9.86
N ILE A 166 24.24 0.13 -10.13
CA ILE A 166 23.18 -0.66 -10.72
C ILE A 166 23.02 -1.94 -9.92
N ARG A 167 21.79 -2.23 -9.53
CA ARG A 167 21.45 -3.46 -8.84
C ARG A 167 20.74 -4.37 -9.84
N CYS A 168 21.25 -5.59 -10.00
CA CYS A 168 20.57 -6.60 -10.80
C CYS A 168 20.17 -7.74 -9.88
N ASP A 169 19.03 -8.36 -10.16
CA ASP A 169 18.44 -9.34 -9.25
C ASP A 169 17.81 -10.44 -10.08
N ASN A 170 18.34 -11.66 -9.98
CA ASN A 170 17.69 -12.82 -10.60
C ASN A 170 17.13 -13.76 -9.53
N SER A 171 16.66 -13.20 -8.41
CA SER A 171 15.94 -14.00 -7.43
C SER A 171 14.82 -14.79 -8.09
N ARG A 172 14.60 -16.01 -7.61
CA ARG A 172 13.43 -16.77 -8.03
C ARG A 172 12.15 -15.97 -7.76
N ASP A 173 11.20 -16.05 -8.68
CA ASP A 173 9.96 -15.28 -8.54
C ASP A 173 8.89 -15.98 -9.37
N LEU A 174 7.90 -16.59 -8.70
CA LEU A 174 6.84 -17.30 -9.42
C LEU A 174 5.97 -16.34 -10.22
N GLU A 175 5.94 -15.06 -9.86
CA GLU A 175 5.11 -14.07 -10.55
C GLU A 175 5.89 -13.32 -11.62
N MET A 176 7.02 -13.87 -12.06
CA MET A 176 7.83 -13.32 -13.12
C MET A 176 8.15 -14.42 -14.11
N ILE A 177 8.07 -14.13 -15.41
CA ILE A 177 8.45 -15.10 -16.43
C ILE A 177 9.94 -14.87 -16.73
N PRO A 178 10.71 -15.91 -17.07
CA PRO A 178 10.31 -17.31 -17.20
C PRO A 178 10.22 -18.02 -15.86
N SER A 179 9.71 -19.23 -15.93
CA SER A 179 9.54 -20.09 -14.77
C SER A 179 10.84 -20.80 -14.44
N ASP A 180 11.13 -20.93 -13.15
CA ASP A 180 12.25 -21.74 -12.72
C ASP A 180 12.08 -23.22 -13.01
N LEU A 181 10.89 -23.65 -13.48
CA LEU A 181 10.77 -25.01 -14.00
C LEU A 181 11.45 -25.18 -15.34
N ALA A 182 11.86 -24.09 -15.98
CA ALA A 182 12.44 -24.15 -17.32
C ALA A 182 13.79 -24.84 -17.32
N ASP A 183 14.12 -25.43 -18.47
CA ASP A 183 15.36 -26.19 -18.71
C ASP A 183 16.50 -25.27 -19.12
N PHE A 184 16.66 -24.12 -18.45
CA PHE A 184 17.80 -23.25 -18.68
C PHE A 184 17.93 -22.36 -17.45
N ASN A 185 19.13 -21.80 -17.28
CA ASN A 185 19.37 -20.90 -16.15
C ASN A 185 18.71 -19.56 -16.37
N ILE A 186 18.06 -19.04 -15.32
CA ILE A 186 17.51 -17.69 -15.35
C ILE A 186 18.62 -16.82 -14.79
N TYR A 187 19.49 -16.34 -15.68
CA TYR A 187 20.76 -15.77 -15.28
C TYR A 187 20.60 -14.37 -14.68
N GLY A 188 21.63 -13.92 -13.96
CA GLY A 188 21.65 -12.59 -13.38
C GLY A 188 22.83 -11.78 -13.84
N GLY A 189 22.64 -10.46 -13.89
CA GLY A 189 23.73 -9.53 -14.09
C GLY A 189 23.63 -8.73 -15.38
N LEU A 190 24.64 -7.89 -15.57
CA LEU A 190 24.73 -7.01 -16.75
C LEU A 190 25.37 -7.82 -17.87
N TYR A 191 24.64 -8.84 -18.31
CA TYR A 191 25.24 -9.85 -19.18
C TYR A 191 25.10 -9.54 -20.67
N ARG A 192 24.44 -8.45 -21.05
CA ARG A 192 24.53 -7.90 -22.39
C ARG A 192 25.03 -6.46 -22.28
N TYR A 193 25.56 -5.92 -23.38
CA TYR A 193 26.19 -4.61 -23.34
C TYR A 193 25.26 -3.57 -22.72
N LEU A 194 25.84 -2.67 -21.94
CA LEU A 194 25.18 -1.48 -21.45
C LEU A 194 25.84 -0.29 -22.13
N ASN A 195 25.02 0.57 -22.74
CA ASN A 195 25.47 1.68 -23.57
C ASN A 195 25.15 3.03 -22.95
N LEU A 196 26.11 3.95 -23.03
CA LEU A 196 25.84 5.37 -22.79
C LEU A 196 25.53 6.03 -24.13
N VAL A 197 24.39 6.71 -24.20
CA VAL A 197 23.94 7.30 -25.44
C VAL A 197 23.74 8.79 -25.23
N TYR A 198 24.54 9.60 -25.93
CA TYR A 198 24.30 11.04 -25.95
C TYR A 198 23.36 11.36 -27.10
N LEU A 199 22.33 12.15 -26.81
CA LEU A 199 21.34 12.53 -27.80
C LEU A 199 21.20 14.04 -27.83
N PRO A 200 20.83 14.59 -29.00
CA PRO A 200 20.44 16.00 -29.06
C PRO A 200 19.04 16.18 -28.52
N GLU A 201 18.49 17.40 -28.64
CA GLU A 201 17.15 17.67 -28.15
C GLU A 201 16.10 16.75 -28.77
N VAL A 202 16.16 16.55 -30.08
CA VAL A 202 15.15 15.80 -30.81
C VAL A 202 15.80 14.58 -31.44
N SER A 203 15.27 13.40 -31.14
CA SER A 203 15.82 12.17 -31.71
C SER A 203 14.68 11.22 -31.98
N PHE A 204 15.01 10.01 -32.39
CA PHE A 204 14.01 8.99 -32.71
C PHE A 204 13.95 7.98 -31.57
N GLU A 205 12.75 7.80 -31.02
CA GLU A 205 12.55 6.76 -30.01
C GLU A 205 12.39 5.40 -30.68
N GLN A 206 11.68 5.36 -31.82
CA GLN A 206 11.51 4.15 -32.62
C GLN A 206 11.53 4.53 -34.09
N ILE A 207 12.09 3.66 -34.94
CA ILE A 207 12.01 3.77 -36.39
C ILE A 207 11.42 2.46 -36.89
N HIS A 208 10.26 2.53 -37.53
CA HIS A 208 9.61 1.33 -38.05
C HIS A 208 9.57 1.40 -39.57
N LEU A 209 10.16 0.40 -40.21
CA LEU A 209 10.22 0.30 -41.66
C LEU A 209 9.25 -0.81 -42.07
N GLU A 210 8.08 -0.41 -42.57
CA GLU A 210 7.06 -1.36 -42.99
C GLU A 210 7.28 -1.63 -44.48
N SER A 211 7.78 -2.81 -44.80
CA SER A 211 8.04 -3.20 -46.17
C SER A 211 7.10 -4.34 -46.52
N SER A 212 6.62 -4.33 -47.75
CA SER A 212 5.83 -5.42 -48.26
C SER A 212 6.27 -5.71 -49.68
N LEU A 213 6.20 -6.98 -50.06
CA LEU A 213 6.64 -7.43 -51.38
C LEU A 213 5.51 -8.25 -51.99
N SER A 214 5.06 -7.85 -53.18
CA SER A 214 4.00 -8.57 -53.87
C SER A 214 4.45 -9.99 -54.17
N SER A 215 3.48 -10.84 -54.51
CA SER A 215 3.77 -12.25 -54.79
C SER A 215 4.73 -12.39 -55.98
N ASN A 216 4.53 -11.62 -57.06
CA ASN A 216 5.42 -11.76 -58.20
C ASN A 216 6.78 -11.14 -57.95
N LEU A 217 7.03 -10.63 -56.74
CA LEU A 217 8.32 -10.13 -56.30
C LEU A 217 8.77 -8.89 -57.06
N LYS A 218 7.90 -8.25 -57.86
CA LYS A 218 8.35 -7.17 -58.73
C LYS A 218 8.05 -5.78 -58.21
N GLU A 219 7.22 -5.65 -57.18
CA GLU A 219 6.89 -4.35 -56.60
C GLU A 219 7.03 -4.43 -55.09
N GLY A 220 7.89 -3.59 -54.53
CA GLY A 220 8.06 -3.46 -53.09
C GLY A 220 7.53 -2.10 -52.64
N ILE A 221 6.93 -2.07 -51.46
CA ILE A 221 6.42 -0.85 -50.84
C ILE A 221 7.11 -0.67 -49.50
N LEU A 222 7.59 0.54 -49.22
CA LEU A 222 8.19 0.88 -47.94
C LEU A 222 7.47 2.07 -47.33
N LYS A 223 7.02 1.91 -46.10
CA LYS A 223 6.52 3.01 -45.30
C LYS A 223 7.51 3.27 -44.17
N VAL A 224 7.92 4.52 -44.02
CA VAL A 224 8.89 4.91 -43.01
C VAL A 224 8.10 5.62 -41.92
N LYS A 225 7.98 4.97 -40.76
CA LYS A 225 7.27 5.54 -39.62
C LYS A 225 8.22 5.72 -38.45
N THR A 226 7.99 6.75 -37.66
CA THR A 226 8.90 6.98 -36.54
C THR A 226 8.14 7.50 -35.33
N SER A 227 8.73 7.27 -34.16
CA SER A 227 8.31 7.89 -32.91
C SER A 227 9.42 8.80 -32.45
N PHE A 228 9.09 10.06 -32.19
CA PHE A 228 10.08 11.05 -31.76
C PHE A 228 10.26 11.05 -30.24
N TYR A 229 11.49 11.30 -29.82
CA TYR A 229 11.82 11.59 -28.42
C TYR A 229 12.14 13.07 -28.35
N ASN A 230 11.29 13.84 -27.66
CA ASN A 230 11.38 15.30 -27.76
C ASN A 230 11.01 15.91 -26.41
N PRO A 231 11.80 15.65 -25.37
CA PRO A 231 11.42 16.14 -24.03
C PRO A 231 11.42 17.65 -23.89
N GLU A 232 12.12 18.39 -24.76
CA GLU A 232 12.12 19.85 -24.73
C GLU A 232 10.98 20.46 -25.51
N ASP A 233 10.14 19.64 -26.16
CA ASP A 233 8.96 20.12 -26.88
C ASP A 233 9.34 21.11 -27.99
N ILE A 234 10.41 20.78 -28.72
CA ILE A 234 10.72 21.53 -29.95
C ILE A 234 9.53 21.42 -30.90
N ARG A 235 9.09 22.55 -31.44
CA ARG A 235 7.84 22.54 -32.20
C ARG A 235 8.00 22.13 -33.66
N LYS A 236 9.16 22.38 -34.27
CA LYS A 236 9.35 22.11 -35.69
C LYS A 236 10.77 21.61 -35.93
N ALA A 237 10.91 20.76 -36.94
CA ALA A 237 12.21 20.28 -37.37
C ALA A 237 12.15 19.96 -38.86
N ASP A 238 13.33 19.90 -39.47
CA ASP A 238 13.45 19.41 -40.84
C ASP A 238 13.99 17.99 -40.78
N VAL A 239 13.26 17.06 -41.39
CA VAL A 239 13.61 15.65 -41.38
C VAL A 239 13.84 15.20 -42.80
N THR A 240 15.02 14.62 -43.05
CA THR A 240 15.36 14.05 -44.35
C THR A 240 15.29 12.54 -44.25
N VAL A 241 14.60 11.90 -45.20
CA VAL A 241 14.55 10.45 -45.30
C VAL A 241 15.23 10.04 -46.61
N SER A 242 16.26 9.20 -46.49
CA SER A 242 16.96 8.68 -47.66
C SER A 242 17.06 7.17 -47.60
N VAL A 243 16.89 6.52 -48.74
CA VAL A 243 16.96 5.07 -48.82
C VAL A 243 18.05 4.70 -49.81
N TYR A 244 18.95 3.80 -49.39
CA TYR A 244 20.03 3.33 -50.23
C TYR A 244 19.83 1.85 -50.51
N ASP A 245 20.22 1.42 -51.71
CA ASP A 245 20.03 0.03 -52.07
C ASP A 245 21.22 -0.80 -51.55
N VAL A 246 21.25 -2.08 -51.91
CA VAL A 246 22.27 -2.98 -51.38
C VAL A 246 23.67 -2.55 -51.78
N ASP A 247 23.79 -1.79 -52.88
CA ASP A 247 25.06 -1.26 -53.34
C ASP A 247 25.38 0.09 -52.73
N ARG A 248 24.60 0.52 -51.73
CA ARG A 248 24.75 1.83 -51.10
C ARG A 248 24.48 2.96 -52.11
N LYS A 249 23.68 2.69 -53.12
CA LYS A 249 23.36 3.87 -53.91
C LYS A 249 21.96 4.38 -53.57
N PRO A 250 21.77 5.69 -53.52
CA PRO A 250 20.46 6.23 -53.11
C PRO A 250 19.41 5.98 -54.16
N VAL A 251 18.24 5.50 -53.72
CA VAL A 251 17.08 5.32 -54.58
C VAL A 251 15.91 6.21 -54.20
N PHE A 252 15.99 6.91 -53.06
CA PHE A 252 14.92 7.79 -52.60
C PHE A 252 15.56 8.80 -51.67
N SER A 253 15.12 10.05 -51.76
CA SER A 253 15.52 11.03 -50.78
C SER A 253 14.46 12.12 -50.73
N LYS A 254 14.06 12.50 -49.52
CA LYS A 254 13.03 13.51 -49.34
C LYS A 254 13.26 14.23 -48.02
N THR A 255 13.14 15.55 -48.04
CA THR A 255 13.24 16.34 -46.83
C THR A 255 11.86 16.91 -46.50
N LEU A 256 11.42 16.68 -45.28
CA LEU A 256 10.15 17.23 -44.80
C LEU A 256 10.49 18.46 -43.98
N GLU A 257 10.05 19.63 -44.45
CA GLU A 257 10.41 20.89 -43.83
C GLU A 257 9.36 21.26 -42.78
N GLY A 258 9.82 21.62 -41.58
CA GLY A 258 8.92 22.10 -40.56
C GLY A 258 7.90 21.08 -40.08
N ILE A 259 8.28 19.81 -40.01
CA ILE A 259 7.40 18.78 -39.48
C ILE A 259 7.30 18.91 -37.96
N LEU A 260 6.21 18.36 -37.40
CA LEU A 260 6.07 18.28 -35.95
C LEU A 260 6.84 17.06 -35.43
N PRO A 261 7.97 17.24 -34.73
CA PRO A 261 8.78 16.09 -34.26
C PRO A 261 8.32 15.61 -32.89
N LEU A 262 7.10 15.11 -32.83
CA LEU A 262 6.44 14.78 -31.59
C LEU A 262 5.58 13.54 -31.83
N GLY A 263 5.71 12.54 -30.96
CA GLY A 263 4.91 11.34 -31.06
C GLY A 263 5.21 10.55 -32.32
N ASP A 264 4.18 9.87 -32.82
CA ASP A 264 4.30 9.03 -34.01
C ASP A 264 4.06 9.87 -35.26
N GLN A 265 4.89 9.67 -36.27
CA GLN A 265 4.73 10.35 -37.55
C GLN A 265 5.10 9.42 -38.70
N LEU A 266 4.26 9.42 -39.73
CA LEU A 266 4.59 8.79 -41.01
C LEU A 266 5.45 9.73 -41.83
N LEU A 267 6.67 9.33 -42.14
CA LEU A 267 7.60 10.23 -42.82
C LEU A 267 7.64 10.04 -44.34
N ALA A 268 7.42 8.83 -44.83
CA ALA A 268 7.57 8.61 -46.26
C ALA A 268 6.89 7.31 -46.64
N LYS A 269 6.39 7.27 -47.87
CA LYS A 269 5.84 6.07 -48.49
C LYS A 269 6.33 6.00 -49.92
N MET A 270 6.86 4.86 -50.31
CA MET A 270 7.51 4.74 -51.61
C MET A 270 7.31 3.36 -52.20
N LYS A 271 7.32 3.29 -53.53
CA LYS A 271 7.24 2.03 -54.26
C LYS A 271 8.54 1.86 -55.03
N ILE A 272 9.21 0.72 -54.83
CA ILE A 272 10.45 0.39 -55.54
C ILE A 272 10.15 -0.75 -56.50
N LYS A 273 10.30 -0.50 -57.79
CA LYS A 273 10.11 -1.57 -58.77
C LYS A 273 11.36 -2.44 -58.84
N ASN A 274 11.14 -3.74 -58.99
CA ASN A 274 12.20 -4.74 -59.04
C ASN A 274 13.21 -4.58 -57.90
N PRO A 275 12.76 -4.63 -56.64
CA PRO A 275 13.70 -4.48 -55.54
C PRO A 275 14.66 -5.66 -55.42
N VAL A 276 15.86 -5.38 -54.91
CA VAL A 276 16.79 -6.47 -54.57
C VAL A 276 16.27 -7.18 -53.33
N LEU A 277 16.11 -8.51 -53.43
CA LEU A 277 15.44 -9.29 -52.40
C LEU A 277 16.41 -9.82 -51.36
N TRP A 278 15.94 -9.89 -50.11
CA TRP A 278 16.65 -10.60 -49.06
C TRP A 278 16.30 -12.08 -49.14
N ASP A 279 17.32 -12.93 -49.09
CA ASP A 279 17.11 -14.37 -49.23
C ASP A 279 18.12 -15.07 -48.32
N VAL A 280 17.82 -16.32 -47.95
CA VAL A 280 18.75 -17.02 -47.05
C VAL A 280 20.07 -17.32 -47.73
N ASP A 281 20.07 -17.44 -49.06
CA ASP A 281 21.31 -17.68 -49.76
C ASP A 281 22.01 -16.39 -50.19
N VAL A 282 21.26 -15.35 -50.49
CA VAL A 282 21.86 -14.06 -50.84
C VAL A 282 21.22 -13.00 -49.95
N PRO A 283 21.64 -12.88 -48.70
CA PRO A 283 21.06 -11.85 -47.83
C PRO A 283 21.50 -10.45 -48.23
N GLN A 284 20.56 -9.63 -48.68
CA GLN A 284 20.88 -8.28 -49.10
C GLN A 284 19.88 -7.33 -48.44
N LEU A 285 20.38 -6.21 -47.94
CA LEU A 285 19.59 -5.25 -47.19
C LEU A 285 19.62 -3.88 -47.85
N TYR A 286 18.52 -3.16 -47.72
CA TYR A 286 18.47 -1.73 -47.99
C TYR A 286 18.75 -0.98 -46.70
N THR A 287 19.13 0.29 -46.84
CA THR A 287 19.42 1.14 -45.69
C THR A 287 18.56 2.40 -45.74
N CYS A 288 17.89 2.71 -44.64
CA CYS A 288 17.13 3.94 -44.49
C CYS A 288 17.88 4.87 -43.56
N GLU A 289 18.18 6.07 -44.04
CA GLU A 289 18.96 7.06 -43.28
C GLU A 289 18.06 8.25 -42.94
N LEU A 290 17.95 8.55 -41.64
CA LEU A 290 17.07 9.62 -41.19
C LEU A 290 17.90 10.71 -40.53
N THR A 291 17.62 11.96 -40.87
CA THR A 291 18.32 13.10 -40.29
C THR A 291 17.28 14.06 -39.72
N VAL A 292 17.50 14.54 -38.48
CA VAL A 292 16.63 15.55 -37.86
C VAL A 292 17.45 16.79 -37.61
N LYS A 293 17.03 17.91 -38.20
CA LYS A 293 17.76 19.17 -38.11
C LYS A 293 16.85 20.21 -37.47
N THR A 294 17.43 20.98 -36.56
CA THR A 294 16.86 22.21 -36.01
C THR A 294 17.97 23.24 -36.08
N PRO A 295 17.73 24.51 -35.70
CA PRO A 295 18.85 25.45 -35.59
C PRO A 295 19.96 24.98 -34.66
N ASP A 296 19.69 24.03 -33.75
CA ASP A 296 20.66 23.62 -32.75
C ASP A 296 21.19 22.21 -32.94
N GLN A 297 20.87 21.54 -34.04
CA GLN A 297 21.29 20.15 -34.13
C GLN A 297 21.22 19.66 -35.56
N THR A 298 22.08 18.70 -35.87
CA THR A 298 21.96 17.86 -37.06
C THR A 298 22.26 16.45 -36.61
N PHE A 299 21.24 15.59 -36.60
CA PHE A 299 21.34 14.26 -36.01
C PHE A 299 20.92 13.22 -37.04
N THR A 300 21.81 12.28 -37.33
CA THR A 300 21.57 11.26 -38.34
C THR A 300 21.68 9.88 -37.73
N THR A 301 20.76 8.99 -38.09
CA THR A 301 20.84 7.58 -37.74
C THR A 301 20.35 6.78 -38.93
N GLU A 302 20.65 5.49 -38.93
CA GLU A 302 20.21 4.65 -40.03
C GLU A 302 19.70 3.33 -39.51
N GLU A 303 18.86 2.71 -40.33
CA GLU A 303 18.22 1.45 -39.99
C GLU A 303 18.10 0.62 -41.26
N ARG A 304 18.37 -0.66 -41.14
CA ARG A 304 18.35 -1.53 -42.31
C ARG A 304 17.07 -2.34 -42.33
N PHE A 305 16.71 -2.79 -43.53
CA PHE A 305 15.56 -3.63 -43.73
C PHE A 305 15.80 -4.41 -45.02
N GLY A 306 14.95 -5.40 -45.26
CA GLY A 306 15.03 -6.17 -46.49
C GLY A 306 13.66 -6.50 -47.04
N PHE A 307 13.61 -6.67 -48.36
CA PHE A 307 12.39 -7.10 -49.03
C PHE A 307 12.40 -8.62 -49.20
N ARG A 308 11.36 -9.28 -48.72
CA ARG A 308 11.22 -10.70 -48.97
C ARG A 308 9.77 -11.10 -48.74
N HIS A 309 9.33 -12.10 -49.50
CA HIS A 309 7.97 -12.62 -49.40
C HIS A 309 8.00 -13.95 -48.69
N THR A 310 7.12 -14.12 -47.69
CA THR A 310 7.03 -15.38 -46.96
C THR A 310 5.59 -15.86 -47.01
N GLU A 311 5.43 -17.18 -47.02
CA GLU A 311 4.09 -17.74 -47.04
C GLU A 311 4.10 -19.15 -46.47
N PHE A 312 3.22 -19.39 -45.49
CA PHE A 312 2.92 -20.73 -44.98
C PHE A 312 1.67 -21.25 -45.66
N LYS A 313 1.75 -22.43 -46.27
CA LYS A 313 0.59 -23.03 -46.91
C LYS A 313 -0.26 -23.84 -45.94
N ASP A 314 -1.58 -23.73 -46.10
CA ASP A 314 -2.53 -24.55 -45.34
C ASP A 314 -2.21 -26.02 -45.54
N LYS A 315 -1.89 -26.71 -44.44
CA LYS A 315 -1.53 -28.14 -44.47
C LYS A 315 -0.40 -28.40 -45.47
N GLY A 316 0.51 -27.44 -45.58
CA GLY A 316 1.59 -27.51 -46.53
C GLY A 316 2.86 -26.86 -46.02
N PRO A 317 3.81 -26.62 -46.93
CA PRO A 317 5.14 -26.14 -46.51
C PRO A 317 5.31 -24.62 -46.45
N PHE A 318 6.56 -24.17 -46.45
CA PHE A 318 6.93 -22.77 -46.28
C PHE A 318 7.65 -22.27 -47.52
N PHE A 319 7.31 -21.05 -47.96
CA PHE A 319 7.83 -20.48 -49.19
C PHE A 319 8.52 -19.15 -48.90
N LEU A 320 9.75 -18.99 -49.37
CA LEU A 320 10.47 -17.72 -49.30
C LEU A 320 10.73 -17.22 -50.72
N ASN A 321 10.22 -16.03 -51.03
CA ASN A 321 10.43 -15.40 -52.35
C ASN A 321 10.00 -16.29 -53.51
N GLY A 322 8.86 -16.96 -53.37
CA GLY A 322 8.33 -17.70 -54.50
C GLY A 322 8.95 -19.06 -54.72
N LYS A 323 9.68 -19.59 -53.75
CA LYS A 323 10.24 -20.93 -53.84
C LYS A 323 9.99 -21.66 -52.52
N ARG A 324 9.62 -22.94 -52.60
CA ARG A 324 9.51 -23.72 -51.38
C ARG A 324 10.90 -23.80 -50.74
N LEU A 325 10.95 -23.53 -49.43
CA LEU A 325 12.22 -23.58 -48.71
C LEU A 325 12.00 -24.47 -47.49
N LEU A 326 12.66 -25.62 -47.46
CA LEU A 326 12.63 -26.46 -46.28
C LEU A 326 13.45 -25.77 -45.19
N LEU A 327 12.80 -25.48 -44.06
CA LEU A 327 13.52 -24.82 -42.97
C LEU A 327 14.49 -25.81 -42.33
N ARG A 328 15.78 -25.47 -42.39
CA ARG A 328 16.84 -26.31 -41.85
C ARG A 328 17.28 -25.61 -40.59
N GLY A 329 16.67 -25.99 -39.46
CA GLY A 329 16.72 -25.14 -38.30
C GLY A 329 17.53 -25.67 -37.13
N THR A 330 17.89 -24.76 -36.23
CA THR A 330 18.51 -25.09 -34.95
C THR A 330 17.93 -24.13 -33.91
N HIS A 331 18.47 -24.19 -32.69
CA HIS A 331 18.15 -23.23 -31.64
C HIS A 331 19.46 -22.80 -30.99
N ARG A 332 19.39 -21.72 -30.21
CA ARG A 332 20.53 -21.38 -29.38
C ARG A 332 20.04 -20.73 -28.10
N HIS A 333 20.78 -20.96 -27.02
CA HIS A 333 20.67 -20.19 -25.79
C HIS A 333 21.80 -19.18 -25.71
N GLU A 334 21.55 -18.08 -25.00
CA GLU A 334 22.62 -17.15 -24.67
C GLU A 334 23.39 -17.72 -23.48
N ASP A 335 24.41 -18.51 -23.79
CA ASP A 335 25.18 -19.23 -22.78
C ASP A 335 26.45 -19.74 -23.43
N HIS A 336 27.57 -19.61 -22.73
CA HIS A 336 28.83 -20.06 -23.30
C HIS A 336 29.82 -20.43 -22.19
N ALA A 337 30.77 -21.32 -22.54
CA ALA A 337 31.75 -21.78 -21.56
C ALA A 337 32.50 -20.59 -20.97
N GLY A 338 32.61 -20.57 -19.64
CA GLY A 338 33.38 -19.57 -18.93
C GLY A 338 32.67 -18.25 -18.63
N VAL A 339 31.56 -17.94 -19.31
CA VAL A 339 30.98 -16.60 -19.18
C VAL A 339 29.48 -16.64 -18.94
N ALA A 340 28.87 -17.82 -19.00
CA ALA A 340 27.41 -17.98 -18.88
C ALA A 340 26.76 -17.09 -19.94
N GLN A 341 25.80 -16.22 -19.58
CA GLN A 341 25.10 -15.43 -20.59
C GLN A 341 25.95 -14.29 -21.16
N ALA A 342 27.07 -13.96 -20.53
CA ALA A 342 27.84 -12.77 -20.91
C ALA A 342 28.75 -13.01 -22.13
N MET A 343 28.14 -13.36 -23.26
CA MET A 343 28.91 -13.54 -24.49
C MET A 343 29.25 -12.20 -25.12
N THR A 344 30.44 -12.12 -25.72
CA THR A 344 30.81 -10.90 -26.42
C THR A 344 30.30 -10.95 -27.85
N GLU A 345 30.33 -9.79 -28.51
CA GLU A 345 29.98 -9.75 -29.93
C GLU A 345 30.85 -10.70 -30.75
N ASP A 346 32.16 -10.75 -30.46
CA ASP A 346 33.03 -11.66 -31.22
C ASP A 346 32.62 -13.11 -31.04
N MET A 347 32.23 -13.49 -29.82
CA MET A 347 31.76 -14.86 -29.59
C MET A 347 30.48 -15.13 -30.35
N MET A 348 29.55 -14.18 -30.36
CA MET A 348 28.32 -14.38 -31.11
C MET A 348 28.60 -14.53 -32.60
N ARG A 349 29.49 -13.69 -33.15
CA ARG A 349 29.82 -13.80 -34.56
C ARG A 349 30.39 -15.17 -34.90
N ARG A 350 31.26 -15.70 -34.04
CA ARG A 350 31.82 -17.02 -34.29
C ARG A 350 30.73 -18.09 -34.27
N GLU A 351 29.84 -18.03 -33.28
CA GLU A 351 28.79 -19.05 -33.21
C GLU A 351 27.87 -19.01 -34.42
N MET A 352 27.40 -17.81 -34.80
CA MET A 352 26.48 -17.76 -35.93
C MET A 352 27.17 -18.14 -37.23
N ARG A 353 28.45 -17.83 -37.38
CA ARG A 353 29.18 -18.29 -38.55
C ARG A 353 29.27 -19.81 -38.59
N MET A 354 29.52 -20.45 -37.43
CA MET A 354 29.53 -21.91 -37.36
C MET A 354 28.21 -22.50 -37.80
N MET A 355 27.10 -21.89 -37.37
CA MET A 355 25.79 -22.35 -37.81
C MET A 355 25.64 -22.24 -39.32
N LYS A 356 25.97 -21.06 -39.86
CA LYS A 356 25.85 -20.86 -41.30
C LYS A 356 26.70 -21.88 -42.06
N ASP A 357 27.91 -22.15 -41.57
CA ASP A 357 28.81 -23.12 -42.19
C ASP A 357 28.28 -24.55 -42.11
N MET A 358 27.31 -24.80 -41.23
CA MET A 358 26.68 -26.11 -41.11
C MET A 358 25.49 -26.27 -42.05
N GLY A 359 25.07 -25.21 -42.71
CA GLY A 359 23.92 -25.25 -43.60
C GLY A 359 22.62 -24.76 -43.01
N VAL A 360 22.64 -24.22 -41.79
CA VAL A 360 21.44 -23.70 -41.14
C VAL A 360 20.84 -22.55 -41.94
N ASN A 361 19.51 -22.54 -42.10
CA ASN A 361 18.80 -21.38 -42.65
C ASN A 361 17.67 -20.89 -41.77
N PHE A 362 17.53 -21.43 -40.55
CA PHE A 362 16.42 -21.10 -39.68
C PHE A 362 16.86 -21.29 -38.24
N ILE A 363 16.44 -20.39 -37.35
CA ILE A 363 16.77 -20.54 -35.94
C ILE A 363 15.59 -20.09 -35.10
N ARG A 364 15.29 -20.85 -34.07
CA ARG A 364 14.41 -20.40 -32.99
C ARG A 364 15.30 -20.00 -31.82
N LEU A 365 15.17 -18.76 -31.36
CA LEU A 365 16.16 -18.15 -30.48
C LEU A 365 15.92 -18.53 -29.03
N GLY A 366 15.90 -19.84 -28.78
CA GLY A 366 15.66 -20.30 -27.43
C GLY A 366 14.27 -19.89 -26.99
N HIS A 367 14.16 -19.52 -25.73
CA HIS A 367 12.85 -19.20 -25.17
C HIS A 367 12.70 -17.72 -24.83
N TYR A 368 13.44 -16.84 -25.50
CA TYR A 368 13.38 -15.43 -25.13
C TYR A 368 13.94 -14.57 -26.25
N GLN A 369 13.64 -13.28 -26.17
CA GLN A 369 14.26 -12.31 -27.05
C GLN A 369 15.77 -12.31 -26.84
N GLN A 370 16.52 -12.25 -27.93
CA GLN A 370 17.98 -12.34 -27.81
C GLN A 370 18.62 -11.03 -28.22
N SER A 371 19.92 -10.93 -27.93
CA SER A 371 20.69 -9.74 -28.25
C SER A 371 20.44 -9.28 -29.68
N GLU A 372 20.34 -7.96 -29.87
CA GLU A 372 20.17 -7.42 -31.22
C GLU A 372 21.35 -7.77 -32.13
N ILE A 373 22.51 -8.04 -31.55
CA ILE A 373 23.66 -8.51 -32.34
C ILE A 373 23.29 -9.79 -33.08
N ILE A 374 22.61 -10.71 -32.39
CA ILE A 374 22.18 -11.96 -32.99
C ILE A 374 21.22 -11.71 -34.14
N LEU A 375 20.25 -10.81 -33.93
CA LEU A 375 19.29 -10.54 -35.00
C LEU A 375 19.98 -9.95 -36.21
N ASP A 376 20.89 -9.00 -36.00
CA ASP A 376 21.67 -8.47 -37.11
C ASP A 376 22.46 -9.55 -37.83
N LEU A 377 23.04 -10.50 -37.08
CA LEU A 377 23.79 -11.58 -37.72
C LEU A 377 22.88 -12.49 -38.53
N CYS A 378 21.65 -12.71 -38.06
CA CYS A 378 20.70 -13.49 -38.85
C CYS A 378 20.36 -12.75 -40.14
N ASP A 379 20.16 -11.43 -40.08
CA ASP A 379 19.93 -10.64 -41.29
C ASP A 379 21.10 -10.77 -42.26
N GLU A 380 22.32 -10.69 -41.74
CA GLU A 380 23.50 -10.62 -42.59
C GLU A 380 23.92 -11.98 -43.13
N LEU A 381 23.68 -13.05 -42.37
CA LEU A 381 24.08 -14.39 -42.80
C LEU A 381 22.98 -15.12 -43.56
N GLY A 382 21.73 -14.65 -43.45
CA GLY A 382 20.64 -15.31 -44.15
C GLY A 382 20.03 -16.45 -43.37
N ILE A 383 19.60 -16.18 -42.13
CA ILE A 383 19.01 -17.19 -41.26
C ILE A 383 17.67 -16.65 -40.78
N LEU A 384 16.59 -17.34 -41.17
CA LEU A 384 15.25 -16.93 -40.74
C LEU A 384 15.08 -17.17 -39.25
N VAL A 385 14.16 -16.42 -38.63
CA VAL A 385 14.07 -16.36 -37.17
C VAL A 385 12.65 -16.59 -36.66
N TRP A 386 12.54 -17.43 -35.63
CA TRP A 386 11.41 -17.51 -34.71
C TRP A 386 11.91 -17.00 -33.35
N GLU A 387 11.28 -15.95 -32.83
CA GLU A 387 11.68 -15.37 -31.56
C GLU A 387 10.46 -15.28 -30.64
N GLU A 388 10.60 -15.71 -29.38
CA GLU A 388 9.44 -15.83 -28.50
C GLU A 388 9.67 -15.14 -27.16
N ILE A 389 8.57 -14.90 -26.45
CA ILE A 389 8.63 -14.37 -25.09
C ILE A 389 8.87 -15.52 -24.13
N PRO A 390 9.47 -15.28 -22.95
CA PRO A 390 9.79 -16.39 -22.04
C PRO A 390 8.63 -16.84 -21.17
N TRP A 391 7.43 -16.92 -21.73
CA TRP A 391 6.32 -17.57 -21.04
C TRP A 391 6.52 -19.07 -21.26
N CYS A 392 7.31 -19.68 -20.37
CA CYS A 392 7.93 -20.98 -20.60
C CYS A 392 7.69 -21.83 -19.35
N ARG A 393 6.62 -22.65 -19.39
CA ARG A 393 6.21 -23.57 -18.33
C ARG A 393 5.57 -22.89 -17.11
N GLY A 394 4.80 -23.67 -16.33
CA GLY A 394 4.41 -23.31 -14.98
C GLY A 394 2.94 -23.02 -14.80
N GLY A 395 2.26 -22.60 -15.87
CA GLY A 395 0.86 -22.21 -15.74
C GLY A 395 0.67 -20.74 -16.05
N LEU A 396 0.05 -19.99 -15.15
CA LEU A 396 -0.27 -18.58 -15.43
C LEU A 396 -0.40 -17.85 -14.10
N GLY A 397 0.36 -16.77 -13.93
CA GLY A 397 0.36 -16.01 -12.70
C GLY A 397 -0.71 -14.92 -12.70
N GLY A 398 -0.53 -13.97 -11.79
CA GLY A 398 -1.49 -12.89 -11.57
C GLY A 398 -1.27 -11.68 -12.44
N ASP A 399 -1.69 -10.52 -11.95
CA ASP A 399 -1.73 -9.32 -12.79
C ASP A 399 -0.33 -8.85 -13.16
N VAL A 400 0.63 -8.92 -12.22
CA VAL A 400 1.98 -8.45 -12.52
C VAL A 400 2.62 -9.36 -13.55
N TYR A 401 2.47 -10.68 -13.37
CA TYR A 401 2.92 -11.68 -14.32
C TYR A 401 2.36 -11.41 -15.72
N LYS A 402 1.05 -11.21 -15.81
CA LYS A 402 0.44 -10.98 -17.12
C LYS A 402 0.92 -9.69 -17.76
N LYS A 403 1.02 -8.63 -16.96
CA LYS A 403 1.53 -7.36 -17.46
C LYS A 403 2.93 -7.49 -18.02
N GLN A 404 3.77 -8.29 -17.36
CA GLN A 404 5.12 -8.53 -17.86
C GLN A 404 5.11 -9.25 -19.19
N ALA A 405 4.29 -10.31 -19.33
CA ALA A 405 4.24 -11.02 -20.60
C ALA A 405 3.77 -10.10 -21.73
N ARG A 406 2.73 -9.31 -21.49
CA ARG A 406 2.29 -8.35 -22.51
C ARG A 406 3.40 -7.38 -22.86
N ARG A 407 4.08 -6.85 -21.84
CA ARG A 407 5.13 -5.86 -22.07
C ARG A 407 6.28 -6.46 -22.87
N MET A 408 6.71 -7.66 -22.51
CA MET A 408 7.82 -8.27 -23.24
C MET A 408 7.42 -8.64 -24.66
N LEU A 409 6.17 -9.02 -24.89
CA LEU A 409 5.74 -9.29 -26.26
C LEU A 409 5.75 -8.01 -27.08
N ALA A 410 5.21 -6.94 -26.54
CA ALA A 410 5.21 -5.67 -27.26
C ALA A 410 6.64 -5.20 -27.51
N ASN A 411 7.49 -5.27 -26.48
CA ASN A 411 8.87 -4.82 -26.62
C ASN A 411 9.62 -5.60 -27.69
N MET A 412 9.43 -6.93 -27.72
CA MET A 412 10.13 -7.76 -28.70
C MET A 412 9.71 -7.39 -30.12
N ILE A 413 8.42 -7.25 -30.35
CA ILE A 413 7.94 -6.95 -31.69
C ILE A 413 8.36 -5.54 -32.11
N VAL A 414 8.17 -4.56 -31.22
CA VAL A 414 8.55 -3.19 -31.55
C VAL A 414 10.06 -3.07 -31.80
N GLN A 415 10.86 -3.73 -30.97
CA GLN A 415 12.31 -3.57 -31.10
C GLN A 415 12.87 -4.33 -32.29
N HIS A 416 12.29 -5.48 -32.63
CA HIS A 416 12.86 -6.32 -33.68
C HIS A 416 12.04 -6.31 -34.96
N HIS A 417 11.08 -5.39 -35.08
CA HIS A 417 10.14 -5.36 -36.21
C HIS A 417 10.85 -5.32 -37.57
N ASN A 418 11.96 -4.58 -37.66
CA ASN A 418 12.56 -4.32 -38.96
C ASN A 418 13.43 -5.45 -39.49
N HIS A 419 13.75 -6.46 -38.69
CA HIS A 419 14.65 -7.51 -39.16
C HIS A 419 13.97 -8.39 -40.20
N PRO A 420 14.46 -8.44 -41.45
CA PRO A 420 13.81 -9.32 -42.44
C PRO A 420 13.90 -10.79 -42.05
N ALA A 421 14.91 -11.15 -41.26
CA ALA A 421 15.04 -12.55 -40.84
C ALA A 421 13.81 -13.05 -40.09
N VAL A 422 13.12 -12.19 -39.33
CA VAL A 422 12.07 -12.67 -38.44
C VAL A 422 10.82 -13.02 -39.23
N ILE A 423 10.32 -14.24 -39.03
CA ILE A 423 9.06 -14.67 -39.63
C ILE A 423 8.01 -15.08 -38.61
N ILE A 424 8.38 -15.34 -37.37
CA ILE A 424 7.45 -15.86 -36.36
C ILE A 424 7.70 -15.14 -35.03
N TRP A 425 6.64 -14.64 -34.40
CA TRP A 425 6.68 -14.21 -33.02
C TRP A 425 6.05 -15.30 -32.15
N GLY A 426 6.84 -15.91 -31.26
CA GLY A 426 6.33 -16.97 -30.41
C GLY A 426 5.76 -16.43 -29.11
N LEU A 427 4.68 -17.04 -28.64
CA LEU A 427 3.97 -16.59 -27.45
C LEU A 427 4.29 -17.43 -26.21
N GLY A 428 5.00 -18.53 -26.34
CA GLY A 428 5.28 -19.36 -25.18
C GLY A 428 5.65 -20.77 -25.56
N ASN A 429 6.17 -21.48 -24.55
CA ASN A 429 6.69 -22.83 -24.73
C ASN A 429 6.20 -23.71 -23.60
N GLU A 430 5.67 -24.89 -23.93
CA GLU A 430 5.24 -25.88 -22.93
C GLU A 430 4.35 -25.23 -21.87
N ASN A 431 3.36 -24.48 -22.32
CA ASN A 431 2.47 -23.84 -21.37
C ASN A 431 1.48 -24.82 -20.76
N ASP A 432 1.51 -26.08 -21.17
CA ASP A 432 0.77 -27.14 -20.50
C ASP A 432 1.54 -27.73 -19.33
N TRP A 433 2.73 -27.20 -19.00
CA TRP A 433 3.57 -27.74 -17.93
C TRP A 433 3.17 -27.06 -16.62
N PRO A 434 2.53 -27.77 -15.67
CA PRO A 434 2.00 -27.08 -14.49
C PRO A 434 2.97 -26.96 -13.32
N ASN A 435 2.48 -26.37 -12.22
CA ASN A 435 2.97 -26.46 -10.85
C ASN A 435 3.81 -25.27 -10.36
N ASP A 436 3.80 -24.12 -11.05
CA ASP A 436 4.29 -22.91 -10.39
C ASP A 436 3.22 -22.29 -9.49
N PHE A 437 2.00 -22.81 -9.54
CA PHE A 437 0.89 -22.31 -8.74
C PHE A 437 0.10 -23.49 -8.22
N ASN A 438 -0.67 -23.25 -7.17
CA ASN A 438 -1.49 -24.31 -6.58
C ASN A 438 -2.74 -24.58 -7.40
N THR A 439 -2.94 -23.89 -8.51
CA THR A 439 -4.00 -24.19 -9.48
C THR A 439 -3.40 -24.19 -10.88
N PHE A 440 -4.12 -24.87 -11.77
CA PHE A 440 -3.78 -24.89 -13.19
C PHE A 440 -5.12 -24.81 -13.93
N ASP A 441 -5.35 -23.72 -14.63
CA ASP A 441 -6.65 -23.43 -15.21
C ASP A 441 -6.48 -23.31 -16.72
N LYS A 442 -6.87 -24.36 -17.46
CA LYS A 442 -6.70 -24.35 -18.91
C LYS A 442 -7.46 -23.19 -19.54
N SER A 443 -8.64 -22.87 -19.00
CA SER A 443 -9.46 -21.81 -19.58
C SER A 443 -8.78 -20.44 -19.43
N ALA A 444 -8.13 -20.20 -18.30
CA ALA A 444 -7.43 -18.93 -18.11
C ALA A 444 -6.20 -18.84 -19.00
N ILE A 445 -5.51 -19.96 -19.18
CA ILE A 445 -4.36 -19.98 -20.05
C ILE A 445 -4.77 -19.71 -21.50
N ARG A 446 -5.86 -20.35 -21.95
CA ARG A 446 -6.38 -20.09 -23.30
C ARG A 446 -6.77 -18.62 -23.48
N ALA A 447 -7.47 -18.06 -22.51
CA ALA A 447 -7.91 -16.67 -22.63
C ALA A 447 -6.71 -15.73 -22.74
N PHE A 448 -5.67 -15.96 -21.93
CA PHE A 448 -4.51 -15.07 -21.97
C PHE A 448 -3.70 -15.28 -23.24
N MET A 449 -3.56 -16.53 -23.68
CA MET A 449 -2.88 -16.81 -24.94
C MET A 449 -3.56 -16.13 -26.12
N LYS A 450 -4.89 -16.12 -26.15
CA LYS A 450 -5.61 -15.46 -27.26
C LYS A 450 -5.45 -13.95 -27.17
N GLU A 451 -5.41 -13.41 -25.95
CA GLU A 451 -5.13 -11.99 -25.78
C GLU A 451 -3.75 -11.64 -26.36
N LEU A 452 -2.74 -12.45 -26.05
CA LEU A 452 -1.39 -12.22 -26.60
C LEU A 452 -1.37 -12.36 -28.13
N HIS A 453 -2.01 -13.40 -28.66
CA HIS A 453 -2.13 -13.58 -30.10
C HIS A 453 -2.76 -12.37 -30.77
N ASP A 454 -3.87 -11.89 -30.21
CA ASP A 454 -4.56 -10.75 -30.81
C ASP A 454 -3.68 -9.50 -30.74
N MET A 455 -2.95 -9.33 -29.63
CA MET A 455 -2.08 -8.17 -29.50
C MET A 455 -0.94 -8.23 -30.51
N ALA A 456 -0.35 -9.42 -30.68
CA ALA A 456 0.70 -9.56 -31.68
C ALA A 456 0.21 -9.12 -33.06
N HIS A 457 -1.01 -9.55 -33.44
CA HIS A 457 -1.52 -9.19 -34.77
C HIS A 457 -1.85 -7.72 -34.84
N ARG A 458 -2.30 -7.09 -33.82
CA ARG A 458 -2.48 -5.65 -33.87
C ARG A 458 -1.15 -4.94 -34.10
N LEU A 459 -0.10 -5.42 -33.43
CA LEU A 459 1.19 -4.77 -33.54
C LEU A 459 1.85 -5.08 -34.87
N ASP A 460 1.71 -6.29 -35.38
CA ASP A 460 2.48 -6.68 -36.57
C ASP A 460 1.78 -7.87 -37.25
N ASP A 461 0.88 -7.58 -38.18
CA ASP A 461 0.20 -8.67 -38.84
C ASP A 461 0.99 -9.26 -40.00
N THR A 462 2.24 -8.84 -40.24
CA THR A 462 3.06 -9.44 -41.29
C THR A 462 3.80 -10.68 -40.84
N ARG A 463 3.74 -11.04 -39.56
CA ARG A 463 4.40 -12.23 -39.04
C ARG A 463 3.34 -13.15 -38.47
N MET A 464 3.72 -14.42 -38.37
CA MET A 464 2.85 -15.44 -37.79
C MET A 464 3.16 -15.53 -36.30
N THR A 465 2.14 -15.78 -35.50
CA THR A 465 2.34 -16.14 -34.12
C THR A 465 2.52 -17.65 -34.02
N ALA A 466 3.16 -18.09 -32.95
CA ALA A 466 3.35 -19.53 -32.76
C ALA A 466 3.51 -19.85 -31.28
N ILE A 467 3.29 -21.12 -30.96
CA ILE A 467 3.68 -21.69 -29.67
C ILE A 467 4.19 -23.10 -29.92
N ARG A 468 4.81 -23.67 -28.89
CA ARG A 468 5.28 -25.03 -28.90
C ARG A 468 4.68 -25.80 -27.71
N ARG A 469 4.11 -26.96 -27.99
CA ARG A 469 3.61 -27.95 -27.02
C ARG A 469 2.64 -27.35 -25.99
N CYS A 470 1.45 -27.07 -26.48
CA CYS A 470 0.32 -26.84 -25.59
C CYS A 470 -0.91 -27.23 -26.41
N GLU A 471 -1.23 -28.53 -26.37
CA GLU A 471 -2.24 -29.05 -27.28
C GLU A 471 -3.59 -28.36 -27.08
N PHE A 472 -3.92 -28.01 -25.83
CA PHE A 472 -5.21 -27.36 -25.61
C PHE A 472 -5.23 -25.90 -26.04
N CYS A 473 -4.13 -25.37 -26.57
CA CYS A 473 -4.11 -24.06 -27.21
C CYS A 473 -3.82 -24.12 -28.71
N ASN A 474 -3.87 -25.30 -29.32
CA ASN A 474 -3.36 -25.40 -30.68
C ASN A 474 -4.29 -24.77 -31.72
N ASP A 475 -5.45 -24.28 -31.32
CA ASP A 475 -6.37 -23.58 -32.20
C ASP A 475 -6.19 -22.07 -32.19
N ILE A 476 -5.32 -21.55 -31.33
CA ILE A 476 -5.24 -20.10 -31.11
C ILE A 476 -4.23 -19.43 -32.04
N VAL A 477 -3.06 -20.03 -32.21
CA VAL A 477 -1.93 -19.36 -32.88
C VAL A 477 -1.94 -19.67 -34.37
N ASP A 478 -1.16 -18.89 -35.13
CA ASP A 478 -1.04 -19.12 -36.57
C ASP A 478 -0.29 -20.42 -36.88
N VAL A 479 0.83 -20.68 -36.17
CA VAL A 479 1.74 -21.77 -36.47
C VAL A 479 1.93 -22.57 -35.19
N TYR A 480 1.90 -23.90 -35.28
CA TYR A 480 1.95 -24.73 -34.08
C TYR A 480 3.03 -25.80 -34.19
N SER A 481 3.76 -26.00 -33.10
CA SER A 481 4.69 -27.13 -32.99
C SER A 481 4.24 -28.03 -31.86
N PRO A 482 4.04 -29.33 -32.11
CA PRO A 482 3.84 -30.29 -31.02
C PRO A 482 5.20 -30.68 -30.46
N SER A 483 5.23 -31.62 -29.53
CA SER A 483 6.47 -32.21 -29.04
C SER A 483 6.70 -33.51 -29.82
N ILE A 484 7.79 -33.57 -30.59
CA ILE A 484 8.15 -34.77 -31.36
C ILE A 484 9.62 -35.03 -31.10
N TRP A 485 9.90 -35.96 -30.18
CA TRP A 485 11.25 -36.34 -29.81
C TRP A 485 11.47 -37.81 -30.15
N ALA A 486 11.27 -38.15 -31.42
CA ALA A 486 11.27 -39.54 -31.85
C ALA A 486 12.64 -40.16 -31.64
N GLY A 487 12.67 -41.30 -30.95
CA GLY A 487 13.94 -41.92 -30.64
C GLY A 487 14.65 -41.34 -29.45
N TRP A 488 14.06 -40.36 -28.77
CA TRP A 488 14.69 -39.87 -27.54
C TRP A 488 13.77 -39.95 -26.33
N TYR A 489 12.89 -38.97 -26.11
CA TYR A 489 12.04 -39.01 -24.93
C TYR A 489 10.92 -40.02 -25.05
N ARG A 490 10.60 -40.47 -26.26
CA ARG A 490 9.55 -41.46 -26.46
C ARG A 490 9.74 -42.10 -27.83
N GLY A 491 9.41 -43.39 -27.92
CA GLY A 491 9.37 -44.15 -29.17
C GLY A 491 10.72 -44.37 -29.84
N VAL A 492 10.67 -44.64 -31.16
CA VAL A 492 11.85 -44.94 -31.96
C VAL A 492 11.97 -43.90 -33.07
N PHE A 493 13.21 -43.60 -33.46
CA PHE A 493 13.36 -42.50 -34.42
C PHE A 493 12.91 -42.91 -35.82
N THR A 494 12.75 -44.21 -36.09
CA THR A 494 12.21 -44.60 -37.38
C THR A 494 10.73 -44.26 -37.53
N ASP A 495 10.05 -43.87 -36.44
CA ASP A 495 8.68 -43.37 -36.50
C ASP A 495 8.60 -41.87 -36.80
N TYR A 496 9.73 -41.21 -37.00
CA TYR A 496 9.74 -39.74 -37.13
C TYR A 496 8.79 -39.27 -38.24
N LYS A 497 8.89 -39.87 -39.43
CA LYS A 497 8.10 -39.37 -40.55
C LYS A 497 6.59 -39.58 -40.31
N SER A 498 6.20 -40.76 -39.84
CA SER A 498 4.78 -41.02 -39.65
C SER A 498 4.18 -40.15 -38.55
N ILE A 499 4.92 -39.97 -37.44
CA ILE A 499 4.44 -39.09 -36.38
C ILE A 499 4.30 -37.66 -36.92
N SER A 500 5.29 -37.20 -37.69
CA SER A 500 5.22 -35.85 -38.24
C SER A 500 4.03 -35.70 -39.17
N GLU A 501 3.73 -36.73 -39.97
CA GLU A 501 2.56 -36.69 -40.84
C GLU A 501 1.27 -36.55 -40.04
N GLN A 502 1.13 -37.35 -38.97
CA GLN A 502 -0.08 -37.31 -38.16
C GLN A 502 -0.24 -35.96 -37.45
N GLU A 503 0.86 -35.42 -36.92
CA GLU A 503 0.76 -34.17 -36.17
C GLU A 503 0.48 -32.98 -37.08
N MET A 504 1.13 -32.92 -38.26
CA MET A 504 0.91 -31.77 -39.14
C MET A 504 -0.54 -31.68 -39.60
N GLN A 505 -1.25 -32.81 -39.67
CA GLN A 505 -2.63 -32.80 -40.16
C GLN A 505 -3.56 -32.16 -39.15
N LYS A 506 -3.15 -32.03 -37.89
CA LYS A 506 -4.00 -31.53 -36.82
C LYS A 506 -4.14 -30.01 -36.81
N VAL A 507 -3.28 -29.29 -37.54
CA VAL A 507 -3.21 -27.85 -37.43
C VAL A 507 -3.11 -27.28 -38.84
N LYS A 508 -3.44 -26.00 -38.96
CA LYS A 508 -3.37 -25.34 -40.26
C LYS A 508 -1.93 -25.17 -40.73
N HIS A 509 -1.05 -24.73 -39.85
CA HIS A 509 0.36 -24.52 -40.17
C HIS A 509 1.22 -25.21 -39.13
N PHE A 510 1.96 -26.24 -39.54
CA PHE A 510 2.79 -27.07 -38.67
C PHE A 510 4.25 -26.70 -38.89
N LEU A 511 4.99 -26.54 -37.80
CA LEU A 511 6.43 -26.32 -37.91
C LEU A 511 7.06 -27.00 -36.69
N HIS A 512 7.95 -27.95 -36.92
CA HIS A 512 8.43 -28.83 -35.85
C HIS A 512 9.69 -28.22 -35.23
N VAL A 513 9.58 -27.66 -34.03
CA VAL A 513 10.76 -27.15 -33.33
C VAL A 513 11.03 -28.05 -32.13
N GLU A 514 12.30 -28.48 -32.02
CA GLU A 514 12.91 -29.31 -30.98
C GLU A 514 12.85 -30.79 -31.33
N TRP A 515 14.02 -31.35 -31.61
CA TRP A 515 14.22 -32.78 -31.72
C TRP A 515 15.70 -33.02 -31.56
N GLY A 516 16.07 -34.28 -31.37
CA GLY A 516 17.46 -34.63 -31.23
C GLY A 516 17.70 -35.62 -30.10
N GLY A 517 18.89 -35.58 -29.53
CA GLY A 517 19.24 -36.45 -28.41
C GLY A 517 20.55 -36.01 -27.80
N ASP A 518 20.75 -36.40 -26.55
CA ASP A 518 21.97 -36.04 -25.82
C ASP A 518 23.14 -36.90 -26.28
N SER A 519 24.31 -36.28 -26.39
CA SER A 519 25.53 -37.05 -26.59
C SER A 519 26.63 -36.45 -25.74
N HIS A 520 27.22 -37.29 -24.89
CA HIS A 520 28.38 -36.94 -24.10
C HIS A 520 29.58 -36.84 -25.02
N ALA A 521 30.05 -35.62 -25.30
CA ALA A 521 31.10 -35.46 -26.30
C ALA A 521 32.29 -36.35 -25.97
N ARG A 522 32.74 -37.10 -26.96
CA ARG A 522 33.86 -38.07 -26.95
C ARG A 522 33.44 -39.45 -26.50
N ARG A 523 32.16 -39.68 -26.19
CA ARG A 523 31.69 -41.02 -25.87
C ARG A 523 31.15 -41.69 -27.12
N HIS A 524 31.61 -42.91 -27.39
CA HIS A 524 31.23 -43.65 -28.58
C HIS A 524 30.82 -45.06 -28.19
N SER A 525 30.23 -45.77 -29.15
CA SER A 525 29.73 -47.10 -28.86
C SER A 525 29.84 -48.00 -30.09
N GLU A 526 30.33 -49.23 -29.88
CA GLU A 526 30.31 -50.22 -30.95
C GLU A 526 28.89 -50.71 -31.23
N ASP A 527 28.01 -50.73 -30.23
CA ASP A 527 26.59 -51.04 -30.46
C ASP A 527 25.74 -49.90 -29.88
N ALA A 528 25.37 -48.93 -30.73
CA ALA A 528 24.61 -47.79 -30.23
C ALA A 528 23.20 -48.16 -29.76
N PHE A 529 22.64 -49.28 -30.20
CA PHE A 529 21.27 -49.67 -29.89
C PHE A 529 21.19 -50.79 -28.86
N TYR A 530 22.14 -50.85 -27.92
CA TYR A 530 22.30 -52.06 -27.11
C TYR A 530 21.12 -52.30 -26.16
N ASN A 531 20.76 -51.30 -25.36
CA ASN A 531 19.61 -51.44 -24.47
C ASN A 531 18.36 -50.81 -25.03
N LEU A 532 18.29 -50.67 -26.35
CA LEU A 532 17.18 -49.97 -27.00
C LEU A 532 16.37 -50.84 -27.95
N LYS A 533 16.67 -52.14 -28.06
CA LYS A 533 16.05 -52.97 -29.09
C LYS A 533 14.65 -53.45 -28.72
N ASN A 534 14.21 -53.30 -27.47
CA ASN A 534 12.87 -53.69 -27.07
C ASN A 534 11.89 -52.52 -27.03
N ILE A 535 12.35 -51.31 -27.36
CA ILE A 535 11.47 -50.15 -27.51
C ILE A 535 10.55 -50.39 -28.70
N GLU A 536 9.26 -50.54 -28.45
CA GLU A 536 8.31 -50.80 -29.51
C GLU A 536 7.95 -49.50 -30.24
N ALA A 537 7.65 -49.64 -31.53
CA ALA A 537 7.22 -48.53 -32.36
C ALA A 537 5.69 -48.38 -32.31
N GLY A 538 5.20 -47.27 -32.83
CA GLY A 538 3.78 -47.04 -32.99
C GLY A 538 3.06 -46.42 -31.81
N LYS A 539 3.79 -45.88 -30.83
CA LYS A 539 3.18 -45.35 -29.61
C LYS A 539 3.49 -43.88 -29.38
N GLY A 540 3.83 -43.13 -30.44
CA GLY A 540 4.05 -41.70 -30.32
C GLY A 540 5.49 -41.33 -30.05
N GLY A 541 5.71 -40.02 -29.92
CA GLY A 541 7.05 -39.53 -29.68
C GLY A 541 7.13 -38.24 -28.86
N ASP A 542 6.05 -37.90 -28.17
CA ASP A 542 6.00 -36.65 -27.42
C ASP A 542 6.57 -36.83 -26.01
N GLU A 543 7.29 -35.82 -25.55
CA GLU A 543 7.77 -35.81 -24.18
C GLU A 543 6.61 -35.50 -23.23
N ARG A 544 6.45 -36.33 -22.21
CA ARG A 544 5.43 -36.12 -21.19
C ARG A 544 6.09 -35.95 -19.83
N ALA A 545 5.27 -35.58 -18.83
CA ALA A 545 5.78 -35.35 -17.49
C ALA A 545 6.47 -36.61 -16.97
N GLY A 546 7.76 -36.49 -16.63
CA GLY A 546 8.56 -37.60 -16.15
C GLY A 546 9.56 -38.14 -17.16
N ASP A 547 9.34 -37.90 -18.47
CA ASP A 547 10.22 -38.49 -19.48
C ASP A 547 11.64 -37.94 -19.39
N ALA A 548 11.77 -36.64 -19.08
CA ALA A 548 13.11 -36.06 -19.04
C ALA A 548 13.89 -36.49 -17.80
N SER A 549 13.21 -36.99 -16.77
CA SER A 549 13.92 -37.41 -15.58
C SER A 549 14.59 -38.76 -15.80
N LEU A 550 15.55 -39.08 -14.92
CA LEU A 550 16.28 -40.34 -14.97
C LEU A 550 15.50 -41.50 -14.35
N TYR A 551 14.35 -41.23 -13.75
CA TYR A 551 13.61 -42.24 -13.00
C TYR A 551 12.23 -42.47 -13.62
N GLY A 552 11.65 -43.62 -13.29
CA GLY A 552 10.27 -43.93 -13.64
C GLY A 552 10.00 -43.96 -15.14
N GLY A 553 8.71 -43.90 -15.46
CA GLY A 553 8.28 -43.91 -16.83
C GLY A 553 8.45 -45.27 -17.49
N VAL A 554 8.35 -45.25 -18.81
CA VAL A 554 8.43 -46.45 -19.64
C VAL A 554 9.79 -46.49 -20.32
N PRO A 555 10.20 -47.60 -20.92
CA PRO A 555 11.50 -47.62 -21.61
C PRO A 555 11.57 -46.53 -22.69
N ARG A 556 12.74 -45.91 -22.80
CA ARG A 556 12.99 -44.80 -23.71
C ARG A 556 14.50 -44.57 -23.78
N ALA A 557 14.97 -44.11 -24.94
CA ALA A 557 16.41 -43.92 -25.12
C ALA A 557 17.00 -42.88 -24.16
N SER A 558 16.24 -41.82 -23.84
CA SER A 558 16.73 -40.82 -22.89
C SER A 558 17.10 -41.47 -21.56
N ARG A 559 16.34 -42.46 -21.12
CA ARG A 559 16.62 -43.12 -19.85
C ARG A 559 17.56 -44.31 -19.98
N ASP A 560 17.43 -45.11 -21.05
CA ASP A 560 18.13 -46.40 -21.12
C ASP A 560 19.25 -46.40 -22.15
N GLY A 561 19.55 -45.26 -22.78
CA GLY A 561 20.62 -45.21 -23.75
C GLY A 561 21.94 -44.85 -23.11
N ASP A 562 23.02 -45.13 -23.84
CA ASP A 562 24.35 -44.81 -23.35
C ASP A 562 24.74 -43.34 -23.53
N TRP A 563 23.93 -42.53 -24.22
CA TRP A 563 24.26 -41.11 -24.45
C TRP A 563 25.53 -40.95 -25.29
N SER A 564 25.81 -41.91 -26.17
CA SER A 564 26.95 -41.81 -27.06
C SER A 564 26.65 -40.91 -28.25
N GLU A 565 27.73 -40.36 -28.82
CA GLU A 565 27.64 -39.69 -30.10
C GLU A 565 27.21 -40.67 -31.19
N SER A 566 27.52 -41.95 -31.02
CA SER A 566 27.20 -42.96 -32.02
C SER A 566 25.70 -43.09 -32.21
N TYR A 567 24.92 -43.01 -31.12
CA TYR A 567 23.47 -43.09 -31.27
C TYR A 567 22.92 -41.84 -31.93
N VAL A 568 23.33 -40.66 -31.48
CA VAL A 568 22.70 -39.43 -32.00
C VAL A 568 23.09 -39.19 -33.45
N VAL A 569 24.28 -39.62 -33.87
CA VAL A 569 24.66 -39.46 -35.27
C VAL A 569 23.70 -40.23 -36.17
N ARG A 570 23.30 -41.43 -35.74
CA ARG A 570 22.36 -42.22 -36.54
C ARG A 570 20.96 -41.64 -36.48
N LEU A 571 20.57 -41.09 -35.32
CA LEU A 571 19.26 -40.48 -35.20
C LEU A 571 19.14 -39.26 -36.10
N ILE A 572 20.17 -38.42 -36.13
CA ILE A 572 20.15 -37.22 -36.98
C ILE A 572 20.16 -37.61 -38.44
N ASP A 573 21.07 -38.52 -38.81
CA ASP A 573 21.16 -39.05 -40.18
C ASP A 573 19.77 -39.46 -40.66
N TRP A 574 19.04 -40.22 -39.84
CA TRP A 574 17.72 -40.70 -40.21
C TRP A 574 16.76 -39.53 -40.45
N HIS A 575 16.66 -38.62 -39.48
CA HIS A 575 15.77 -37.47 -39.62
C HIS A 575 16.04 -36.74 -40.93
N LEU A 576 17.32 -36.49 -41.23
CA LEU A 576 17.63 -35.66 -42.39
C LEU A 576 17.32 -36.37 -43.70
N LYS A 577 17.57 -37.68 -43.79
CA LYS A 577 17.20 -38.34 -45.04
C LYS A 577 15.68 -38.48 -45.17
N GLU A 578 14.95 -38.60 -44.06
CA GLU A 578 13.49 -38.59 -44.14
C GLU A 578 12.96 -37.25 -44.66
N GLN A 579 13.58 -36.15 -44.25
CA GLN A 579 13.08 -34.84 -44.69
C GLN A 579 13.21 -34.64 -46.19
N GLU A 580 14.13 -35.34 -46.85
CA GLU A 580 14.20 -35.22 -48.30
C GLU A 580 12.98 -35.79 -49.01
N THR A 581 12.13 -36.54 -48.31
CA THR A 581 10.94 -37.16 -48.90
C THR A 581 9.64 -36.65 -48.27
N MET A 582 9.67 -35.45 -47.66
CA MET A 582 8.53 -34.88 -46.95
C MET A 582 8.23 -33.53 -47.61
N PRO A 583 7.59 -33.53 -48.78
CA PRO A 583 7.42 -32.26 -49.52
C PRO A 583 6.45 -31.29 -48.88
N TRP A 584 5.56 -31.77 -48.01
CA TRP A 584 4.58 -30.96 -47.31
C TRP A 584 5.16 -30.25 -46.09
N LEU A 585 6.42 -30.51 -45.74
CA LEU A 585 6.98 -30.11 -44.46
C LEU A 585 7.49 -28.67 -44.51
N THR A 586 7.00 -27.81 -43.62
CA THR A 586 7.60 -26.49 -43.52
C THR A 586 9.09 -26.60 -43.21
N GLY A 587 9.42 -27.35 -42.16
CA GLY A 587 10.79 -27.53 -41.76
C GLY A 587 10.84 -27.92 -40.29
N THR A 588 12.06 -28.00 -39.77
CA THR A 588 12.24 -28.37 -38.38
C THR A 588 13.41 -27.59 -37.82
N ALA A 589 13.54 -27.61 -36.49
CA ALA A 589 14.68 -27.01 -35.82
C ALA A 589 15.19 -27.99 -34.78
N TYR A 590 16.42 -28.47 -34.99
CA TYR A 590 17.10 -29.31 -34.01
C TYR A 590 17.30 -28.53 -32.72
N TRP A 591 17.23 -29.24 -31.57
CA TRP A 591 17.43 -28.60 -30.26
C TRP A 591 18.64 -29.19 -29.53
N PRO A 592 19.69 -28.40 -29.22
CA PRO A 592 20.04 -27.06 -29.68
C PRO A 592 21.27 -27.13 -30.57
N PHE A 593 21.79 -25.99 -31.03
CA PHE A 593 23.07 -26.01 -31.74
C PHE A 593 24.21 -26.38 -30.81
N LYS A 594 24.25 -25.75 -29.64
CA LYS A 594 25.39 -25.85 -28.74
C LYS A 594 24.94 -26.27 -27.36
N ASP A 595 25.68 -27.22 -26.74
CA ASP A 595 25.45 -27.59 -25.36
C ASP A 595 25.33 -26.33 -24.52
N PHE A 596 24.40 -26.33 -23.55
CA PHE A 596 24.19 -25.16 -22.71
C PHE A 596 23.84 -25.62 -21.30
N SER A 597 24.03 -24.73 -20.36
CA SER A 597 23.82 -25.08 -18.96
C SER A 597 22.34 -25.00 -18.59
N THR A 598 21.93 -25.92 -17.72
CA THR A 598 20.57 -25.97 -17.21
C THR A 598 20.60 -26.38 -15.75
N PRO A 599 19.80 -25.73 -14.90
CA PRO A 599 19.83 -26.04 -13.45
C PRO A 599 19.10 -27.32 -13.09
N VAL A 600 18.30 -27.90 -13.99
CA VAL A 600 17.45 -29.02 -13.60
C VAL A 600 18.07 -30.38 -13.96
N ARG A 601 19.33 -30.42 -14.39
CA ARG A 601 19.97 -31.68 -14.77
C ARG A 601 21.28 -31.87 -14.00
N PRO A 602 21.23 -31.96 -12.66
CA PRO A 602 22.47 -32.11 -11.88
C PRO A 602 23.21 -33.42 -12.17
N ASP A 603 22.53 -34.45 -12.67
CA ASP A 603 23.11 -35.78 -12.83
C ASP A 603 23.47 -36.13 -14.27
N ASN A 604 23.48 -35.16 -15.18
CA ASN A 604 23.91 -35.45 -16.55
C ASN A 604 25.40 -35.80 -16.57
N PRO A 605 25.85 -36.52 -17.62
CA PRO A 605 27.27 -36.89 -17.71
C PRO A 605 28.22 -35.70 -17.53
N VAL A 606 27.90 -34.55 -18.11
CA VAL A 606 28.44 -33.27 -17.64
C VAL A 606 27.36 -32.65 -16.76
N PRO A 607 27.57 -32.54 -15.44
CA PRO A 607 26.50 -32.01 -14.58
C PRO A 607 26.02 -30.63 -15.04
N TYR A 608 24.70 -30.44 -14.96
CA TYR A 608 24.07 -29.14 -15.21
C TYR A 608 24.27 -28.65 -16.64
N VAL A 609 24.42 -29.57 -17.59
CA VAL A 609 24.54 -29.18 -18.98
C VAL A 609 23.59 -30.04 -19.81
N ASN A 610 22.77 -29.39 -20.64
CA ASN A 610 21.98 -30.08 -21.64
C ASN A 610 22.92 -30.42 -22.79
N GLN A 611 23.14 -31.73 -23.03
CA GLN A 611 24.18 -32.18 -23.95
C GLN A 611 23.62 -32.62 -25.30
N LYS A 612 22.50 -32.05 -25.73
CA LYS A 612 21.95 -32.37 -27.04
C LYS A 612 22.60 -31.61 -28.18
N GLY A 613 23.50 -30.67 -27.90
CA GLY A 613 24.08 -29.86 -28.96
C GLY A 613 24.89 -30.70 -29.94
N VAL A 614 25.05 -30.18 -31.15
CA VAL A 614 26.01 -30.75 -32.08
C VAL A 614 27.37 -30.07 -31.95
N VAL A 615 27.47 -29.08 -31.08
CA VAL A 615 28.71 -28.38 -30.76
C VAL A 615 28.83 -28.33 -29.24
N GLU A 616 30.05 -28.50 -28.73
CA GLU A 616 30.26 -28.41 -27.28
C GLU A 616 30.14 -26.95 -26.83
N ARG A 617 30.01 -26.77 -25.51
CA ARG A 617 29.73 -25.46 -24.92
C ARG A 617 30.86 -24.46 -25.13
N ASP A 618 32.03 -24.92 -25.56
CA ASP A 618 33.17 -24.07 -25.88
C ASP A 618 33.42 -23.91 -27.38
N PHE A 619 32.45 -24.31 -28.22
CA PHE A 619 32.46 -24.26 -29.69
C PHE A 619 33.11 -25.49 -30.35
N THR A 620 33.63 -26.46 -29.60
CA THR A 620 34.22 -27.63 -30.27
C THR A 620 33.12 -28.43 -30.96
N PRO A 621 33.17 -28.64 -32.27
CA PRO A 621 32.12 -29.42 -32.93
C PRO A 621 32.14 -30.86 -32.43
N LYS A 622 30.95 -31.43 -32.26
CA LYS A 622 30.80 -32.86 -32.05
C LYS A 622 30.75 -33.55 -33.41
N GLU A 623 30.76 -34.90 -33.39
CA GLU A 623 30.69 -35.63 -34.66
C GLU A 623 29.39 -35.32 -35.40
N SER A 624 28.33 -35.02 -34.66
CA SER A 624 27.02 -34.76 -35.24
C SER A 624 26.98 -33.48 -36.06
N TYR A 625 27.89 -32.54 -35.78
CA TYR A 625 27.98 -31.32 -36.59
C TYR A 625 28.21 -31.66 -38.06
N TYR A 626 29.06 -32.66 -38.33
CA TYR A 626 29.39 -33.03 -39.71
C TYR A 626 28.27 -33.80 -40.40
N VAL A 627 27.37 -34.41 -39.63
CA VAL A 627 26.20 -35.04 -40.25
C VAL A 627 25.34 -33.98 -40.92
N PHE A 628 24.95 -32.96 -40.16
CA PHE A 628 24.18 -31.86 -40.75
C PHE A 628 24.93 -31.26 -41.93
N GLN A 629 26.22 -30.98 -41.74
CA GLN A 629 26.99 -30.33 -42.78
C GLN A 629 27.03 -31.17 -44.06
N SER A 630 27.09 -32.49 -43.91
CA SER A 630 27.14 -33.36 -45.09
C SER A 630 25.82 -33.35 -45.85
N TYR A 631 24.71 -33.10 -45.17
CA TYR A 631 23.40 -33.03 -45.80
C TYR A 631 23.04 -31.63 -46.30
N TRP A 632 23.55 -30.57 -45.67
CA TRP A 632 22.98 -29.24 -45.81
C TRP A 632 23.88 -28.25 -46.54
N THR A 633 25.08 -28.64 -46.94
CA THR A 633 25.98 -27.71 -47.59
C THR A 633 26.48 -28.28 -48.91
N GLU A 634 26.91 -27.38 -49.79
CA GLU A 634 27.50 -27.75 -51.07
C GLU A 634 29.02 -27.68 -51.07
N LYS A 635 29.61 -26.89 -50.19
CA LYS A 635 31.06 -26.78 -50.12
C LYS A 635 31.65 -28.16 -49.78
N PRO A 636 32.55 -28.70 -50.60
CA PRO A 636 32.99 -30.09 -50.41
C PRO A 636 33.61 -30.33 -49.05
N MET A 637 33.12 -31.38 -48.38
CA MET A 637 33.68 -31.78 -47.10
C MET A 637 33.60 -33.30 -46.98
N ILE A 638 34.34 -33.85 -46.04
CA ILE A 638 34.38 -35.30 -45.84
C ILE A 638 34.84 -35.55 -44.41
N HIS A 639 34.14 -36.41 -43.69
CA HIS A 639 34.39 -36.62 -42.27
C HIS A 639 34.19 -38.09 -41.93
N ILE A 640 35.28 -38.78 -41.64
CA ILE A 640 35.15 -40.13 -41.10
C ILE A 640 34.61 -40.03 -39.68
N TYR A 641 33.56 -40.78 -39.39
CA TYR A 641 33.07 -40.80 -38.01
C TYR A 641 34.14 -41.38 -37.11
N GLY A 642 34.41 -40.70 -35.99
CA GLY A 642 35.27 -41.25 -34.96
C GLY A 642 36.55 -40.47 -34.72
N HIS A 643 36.56 -39.17 -35.01
CA HIS A 643 37.75 -38.37 -34.74
C HIS A 643 38.10 -38.36 -33.26
N THR A 644 37.11 -38.48 -32.37
CA THR A 644 37.35 -38.50 -30.93
C THR A 644 37.11 -39.88 -30.34
N TRP A 645 37.29 -40.92 -31.16
CA TRP A 645 37.07 -42.31 -30.75
C TRP A 645 38.41 -43.03 -30.85
N PRO A 646 39.22 -43.00 -29.80
CA PRO A 646 40.60 -43.50 -29.92
C PRO A 646 40.74 -45.03 -29.92
N VAL A 647 39.83 -45.75 -29.26
CA VAL A 647 39.95 -47.20 -29.12
C VAL A 647 38.61 -47.86 -29.46
N ARG A 648 38.57 -48.57 -30.57
CA ARG A 648 37.45 -49.43 -30.92
C ARG A 648 37.70 -50.85 -30.38
N TRP A 649 36.66 -51.69 -30.45
CA TRP A 649 36.80 -53.01 -29.86
C TRP A 649 35.86 -54.03 -30.52
N GLY A 650 36.17 -55.30 -30.28
CA GLY A 650 35.39 -56.39 -30.80
C GLY A 650 36.28 -57.60 -30.98
N GLY A 651 35.77 -58.60 -31.71
CA GLY A 651 36.52 -59.81 -31.95
C GLY A 651 37.57 -59.66 -33.03
N LYS A 652 38.58 -60.53 -32.96
CA LYS A 652 39.60 -60.57 -33.98
C LYS A 652 38.96 -60.89 -35.32
N ASP A 653 39.38 -60.16 -36.35
CA ASP A 653 38.84 -60.31 -37.69
C ASP A 653 37.35 -59.98 -37.80
N ASP A 654 36.78 -59.32 -36.78
CA ASP A 654 35.45 -58.77 -36.96
C ASP A 654 35.48 -57.70 -38.04
N ARG A 655 34.44 -57.64 -38.85
CA ARG A 655 34.32 -56.59 -39.85
C ARG A 655 33.55 -55.44 -39.23
N LYS A 656 34.27 -54.36 -38.91
CA LYS A 656 33.69 -53.23 -38.18
C LYS A 656 33.08 -52.24 -39.16
N GLU A 657 31.90 -51.71 -38.82
CA GLU A 657 31.28 -50.70 -39.64
C GLU A 657 32.00 -49.36 -39.51
N ILE A 658 32.30 -48.74 -40.65
CA ILE A 658 32.90 -47.42 -40.70
C ILE A 658 31.95 -46.51 -41.49
N LEU A 659 31.58 -45.39 -40.88
CA LEU A 659 30.69 -44.41 -41.50
C LEU A 659 31.46 -43.18 -41.92
N VAL A 660 31.15 -42.67 -43.11
CA VAL A 660 31.73 -41.42 -43.58
C VAL A 660 30.58 -40.48 -43.90
N TYR A 661 30.62 -39.27 -43.31
CA TYR A 661 29.62 -38.23 -43.56
C TYR A 661 30.26 -37.22 -44.50
N SER A 662 29.71 -37.12 -45.70
CA SER A 662 30.32 -36.35 -46.78
C SER A 662 29.22 -35.92 -47.74
N ASN A 663 29.42 -34.78 -48.36
CA ASN A 663 28.55 -34.35 -49.46
C ASN A 663 29.16 -34.65 -50.82
N CYS A 664 30.27 -35.39 -50.85
CA CYS A 664 30.90 -35.76 -52.11
C CYS A 664 30.05 -36.78 -52.86
N ASP A 665 30.25 -36.82 -54.18
CA ASP A 665 29.47 -37.74 -55.00
C ASP A 665 29.92 -39.18 -54.81
N GLU A 666 31.22 -39.41 -54.68
CA GLU A 666 31.74 -40.74 -54.41
C GLU A 666 32.95 -40.64 -53.50
N VAL A 667 33.13 -41.67 -52.68
CA VAL A 667 34.20 -41.72 -51.69
C VAL A 667 34.88 -43.09 -51.76
N GLU A 668 36.21 -43.09 -51.69
CA GLU A 668 36.99 -44.31 -51.52
C GLU A 668 37.55 -44.36 -50.10
N LEU A 669 37.40 -45.51 -49.45
CA LEU A 669 37.93 -45.72 -48.10
C LEU A 669 39.18 -46.58 -48.16
N PHE A 670 40.18 -46.22 -47.36
CA PHE A 670 41.40 -46.99 -47.21
C PHE A 670 41.58 -47.32 -45.73
N VAL A 671 41.81 -48.59 -45.42
CA VAL A 671 42.12 -49.02 -44.06
C VAL A 671 43.51 -49.61 -44.08
N ASN A 672 44.43 -48.96 -43.36
CA ASN A 672 45.84 -49.34 -43.33
C ASN A 672 46.42 -49.42 -44.74
N GLY A 673 46.04 -48.45 -45.58
CA GLY A 673 46.57 -48.32 -46.92
C GLY A 673 45.93 -49.18 -47.97
N VAL A 674 45.03 -50.10 -47.61
CA VAL A 674 44.37 -50.99 -48.55
C VAL A 674 42.98 -50.46 -48.86
N SER A 675 42.70 -50.23 -50.14
CA SER A 675 41.40 -49.72 -50.56
C SER A 675 40.30 -50.72 -50.20
N GLN A 676 39.19 -50.19 -49.71
CA GLN A 676 38.01 -50.98 -49.41
C GLN A 676 36.90 -50.74 -50.44
N GLY A 677 37.20 -50.05 -51.52
CA GLY A 677 36.24 -49.83 -52.58
C GLY A 677 35.61 -48.45 -52.54
N VAL A 678 35.11 -48.03 -53.69
CA VAL A 678 34.42 -46.75 -53.86
C VAL A 678 32.93 -46.96 -53.65
N LYS A 679 32.28 -46.01 -52.99
CA LYS A 679 30.83 -46.03 -52.83
C LYS A 679 30.26 -44.70 -53.31
N ARG A 680 29.05 -44.76 -53.87
CA ARG A 680 28.38 -43.58 -54.39
C ARG A 680 27.39 -43.07 -53.34
N ARG A 681 27.35 -41.75 -53.17
CA ARG A 681 26.50 -41.18 -52.14
C ARG A 681 25.04 -41.27 -52.55
N ASN A 682 24.20 -41.73 -51.63
CA ASN A 682 22.76 -41.83 -51.85
C ASN A 682 22.07 -41.68 -50.50
N SER A 683 21.46 -40.50 -50.28
CA SER A 683 20.86 -40.18 -48.98
C SER A 683 19.92 -41.27 -48.48
N GLN A 684 19.15 -41.88 -49.39
CA GLN A 684 18.17 -42.86 -48.96
C GLN A 684 18.78 -44.22 -48.60
N ASP A 685 20.05 -44.44 -48.91
CA ASP A 685 20.73 -45.68 -48.53
C ASP A 685 21.34 -45.51 -47.13
N TYR A 686 20.47 -45.62 -46.12
CA TYR A 686 20.78 -45.36 -44.72
C TYR A 686 21.55 -46.53 -44.11
N PRO A 687 22.56 -46.27 -43.25
CA PRO A 687 23.03 -44.96 -42.78
C PRO A 687 24.18 -44.39 -43.60
N ALA A 688 24.50 -43.12 -43.31
CA ALA A 688 25.64 -42.44 -43.93
C ALA A 688 25.47 -42.27 -45.43
N ALA A 689 24.23 -42.26 -45.91
CA ALA A 689 23.95 -41.99 -47.31
C ALA A 689 24.77 -42.89 -48.23
N GLY A 690 24.87 -44.17 -47.84
CA GLY A 690 25.57 -45.16 -48.62
C GLY A 690 27.06 -45.19 -48.44
N LEU A 691 27.64 -44.23 -47.72
CA LEU A 691 29.10 -44.17 -47.57
C LEU A 691 29.49 -44.89 -46.27
N ARG A 692 29.24 -46.19 -46.28
CA ARG A 692 29.59 -47.04 -45.16
C ARG A 692 30.31 -48.27 -45.65
N TRP A 693 31.22 -48.77 -44.81
CA TRP A 693 32.03 -49.94 -45.13
C TRP A 693 32.06 -50.85 -43.90
N ASN A 694 32.36 -52.13 -44.14
CA ASN A 694 32.61 -53.07 -43.04
C ASN A 694 34.01 -53.66 -43.25
N CYS A 695 34.93 -53.32 -42.35
CA CYS A 695 36.35 -53.59 -42.55
C CYS A 695 36.96 -54.22 -41.31
N VAL A 696 38.00 -55.02 -41.55
CA VAL A 696 38.75 -55.65 -40.46
C VAL A 696 39.77 -54.66 -39.93
N TYR A 697 39.77 -54.46 -38.61
CA TYR A 697 40.81 -53.69 -37.93
C TYR A 697 41.89 -54.64 -37.43
N GLN A 698 43.13 -54.21 -37.49
CA GLN A 698 44.22 -54.97 -36.87
C GLN A 698 44.28 -54.64 -35.38
N GLU A 699 44.52 -55.68 -34.57
CA GLU A 699 44.76 -55.45 -33.15
C GLU A 699 45.92 -54.49 -33.00
N GLY A 700 45.69 -53.41 -32.27
CA GLY A 700 46.65 -52.33 -32.25
C GLY A 700 46.13 -51.12 -33.00
N MET A 701 47.07 -50.33 -33.52
CA MET A 701 46.74 -49.05 -34.14
C MET A 701 46.38 -49.25 -35.62
N ASN A 702 45.38 -48.50 -36.08
CA ASN A 702 44.91 -48.56 -37.46
C ASN A 702 44.78 -47.15 -37.99
N GLU A 703 45.00 -46.99 -39.30
CA GLU A 703 44.81 -45.70 -39.95
C GLU A 703 43.74 -45.81 -41.01
N ILE A 704 42.71 -44.97 -40.91
CA ILE A 704 41.56 -44.95 -41.81
C ILE A 704 41.63 -43.67 -42.64
N ARG A 705 41.56 -43.81 -43.97
CA ARG A 705 41.62 -42.66 -44.85
C ARG A 705 40.45 -42.71 -45.83
N ALA A 706 39.87 -41.55 -46.11
CA ALA A 706 38.73 -41.42 -47.01
C ALA A 706 39.02 -40.30 -48.00
N VAL A 707 38.76 -40.55 -49.27
CA VAL A 707 38.96 -39.58 -50.33
C VAL A 707 37.64 -39.45 -51.07
N GLY A 708 37.17 -38.20 -51.21
CA GLY A 708 35.91 -37.93 -51.87
C GLY A 708 36.13 -36.96 -53.01
N VAL A 709 35.26 -37.04 -54.00
CA VAL A 709 35.28 -36.11 -55.13
C VAL A 709 33.87 -35.58 -55.34
N LYS A 710 33.75 -34.28 -55.58
CA LYS A 710 32.49 -33.66 -55.95
C LYS A 710 32.65 -33.19 -57.39
N LYS A 711 31.90 -33.82 -58.30
CA LYS A 711 32.11 -33.62 -59.73
C LYS A 711 31.79 -32.20 -60.16
N LYS A 712 30.73 -31.61 -59.59
CA LYS A 712 30.32 -30.25 -59.95
C LYS A 712 31.46 -29.26 -59.75
N GLU A 713 32.21 -29.40 -58.67
CA GLU A 713 33.31 -28.51 -58.36
C GLU A 713 34.66 -28.99 -58.90
N LYS A 714 34.73 -30.21 -59.45
CA LYS A 714 36.00 -30.81 -59.84
C LYS A 714 37.00 -30.75 -58.68
N LYS A 715 36.50 -31.13 -57.50
CA LYS A 715 37.22 -30.94 -56.25
C LYS A 715 37.36 -32.26 -55.52
N GLU A 716 38.54 -32.47 -54.92
CA GLU A 716 38.83 -33.66 -54.12
C GLU A 716 39.12 -33.24 -52.69
N VAL A 717 38.56 -33.98 -51.73
CA VAL A 717 38.79 -33.73 -50.31
C VAL A 717 39.12 -35.06 -49.65
N SER A 718 39.86 -34.99 -48.55
CA SER A 718 40.27 -36.20 -47.85
C SER A 718 40.16 -36.00 -46.35
N ASP A 719 40.04 -37.11 -45.64
CA ASP A 719 40.05 -37.15 -44.19
C ASP A 719 40.85 -38.37 -43.77
N VAL A 720 41.43 -38.29 -42.58
CA VAL A 720 42.19 -39.40 -42.03
C VAL A 720 42.02 -39.41 -40.52
N ILE A 721 41.83 -40.60 -39.96
CA ILE A 721 41.82 -40.76 -38.52
C ILE A 721 42.70 -41.95 -38.16
N ARG A 722 43.14 -41.98 -36.91
CA ARG A 722 43.87 -43.11 -36.35
C ARG A 722 43.06 -43.69 -35.21
N GLN A 723 42.91 -45.00 -35.18
CA GLN A 723 42.15 -45.67 -34.13
C GLN A 723 42.85 -46.95 -33.71
N GLU A 724 42.91 -47.18 -32.40
CA GLU A 724 43.34 -48.44 -31.85
C GLU A 724 42.17 -49.42 -31.85
N TYR A 725 42.48 -50.71 -31.95
CA TYR A 725 41.46 -51.76 -31.90
C TYR A 725 41.84 -52.73 -30.80
N GLN A 726 40.90 -52.99 -29.88
CA GLN A 726 41.17 -53.83 -28.72
C GLN A 726 40.31 -55.08 -28.78
N THR A 727 40.97 -56.24 -28.74
CA THR A 727 40.24 -57.50 -28.74
C THR A 727 40.03 -58.06 -27.34
N ALA A 728 40.81 -57.62 -26.35
CA ALA A 728 40.66 -58.11 -24.99
C ALA A 728 39.33 -57.66 -24.40
N LYS A 729 38.63 -58.59 -23.77
CA LYS A 729 37.41 -58.25 -23.06
C LYS A 729 37.75 -57.75 -21.66
N TRP A 730 36.87 -56.91 -21.10
CA TRP A 730 37.14 -56.31 -19.79
C TRP A 730 36.07 -56.71 -18.78
N ASP A 731 36.47 -56.76 -17.51
CA ASP A 731 35.60 -57.00 -16.37
C ASP A 731 35.15 -55.65 -15.80
N LYS A 732 34.55 -55.65 -14.61
CA LYS A 732 34.10 -54.39 -14.03
C LYS A 732 35.30 -53.53 -13.64
N GLU A 733 35.02 -52.24 -13.45
CA GLU A 733 36.07 -51.28 -13.12
C GLU A 733 36.70 -51.63 -11.78
N ALA A 734 38.02 -51.50 -11.72
CA ALA A 734 38.76 -51.89 -10.52
C ALA A 734 39.66 -50.76 -10.03
N ALA A 735 40.14 -49.92 -10.95
CA ALA A 735 41.10 -48.89 -10.59
C ALA A 735 41.04 -47.76 -11.60
N CYS A 736 41.55 -46.61 -11.18
CA CYS A 736 41.77 -45.47 -12.06
C CYS A 736 43.27 -45.37 -12.29
N GLN A 737 43.68 -45.45 -13.54
CA GLN A 737 45.07 -45.25 -13.91
C GLN A 737 45.19 -43.82 -14.43
N VAL A 738 46.04 -43.03 -13.80
CA VAL A 738 46.12 -41.59 -14.03
C VAL A 738 47.50 -41.30 -14.59
N SER A 739 47.55 -40.52 -15.66
CA SER A 739 48.82 -40.24 -16.28
C SER A 739 48.81 -38.87 -16.90
N LEU A 740 50.01 -38.32 -17.07
CA LEU A 740 50.20 -37.08 -17.81
C LEU A 740 50.23 -37.43 -19.31
N LEU A 741 49.21 -36.99 -20.04
CA LEU A 741 49.07 -37.38 -21.43
C LEU A 741 49.91 -36.51 -22.35
N SER A 742 49.93 -35.21 -22.09
CA SER A 742 50.68 -34.27 -22.90
C SER A 742 50.76 -32.97 -22.13
N GLU A 743 51.58 -32.05 -22.64
CA GLU A 743 51.74 -30.74 -22.01
C GLU A 743 51.90 -29.69 -23.10
N GLU A 744 51.41 -28.49 -22.79
CA GLU A 744 51.51 -27.36 -23.72
C GLU A 744 51.80 -26.12 -22.87
N GLY A 745 53.05 -25.69 -22.88
CA GLY A 745 53.44 -24.56 -22.06
C GLY A 745 53.23 -24.87 -20.59
N ASP A 746 52.50 -23.98 -19.91
CA ASP A 746 52.22 -24.11 -18.48
C ASP A 746 51.03 -25.02 -18.20
N THR A 747 50.44 -25.60 -19.23
CA THR A 747 49.25 -26.42 -19.10
C THR A 747 49.60 -27.89 -19.27
N ALA A 748 49.01 -28.72 -18.44
CA ALA A 748 49.16 -30.16 -18.50
C ALA A 748 47.81 -30.79 -18.81
N LEU A 749 47.80 -31.80 -19.67
CA LEU A 749 46.61 -32.57 -19.99
C LEU A 749 46.70 -33.89 -19.25
N VAL A 750 45.76 -34.12 -18.33
CA VAL A 750 45.78 -35.30 -17.48
C VAL A 750 44.72 -36.28 -17.99
N GLN A 751 45.07 -37.55 -18.04
CA GLN A 751 44.18 -38.60 -18.50
C GLN A 751 43.91 -39.60 -17.39
N VAL A 752 42.64 -39.98 -17.25
CA VAL A 752 42.22 -41.05 -16.37
C VAL A 752 41.71 -42.18 -17.25
N GLN A 753 42.14 -43.39 -16.98
CA GLN A 753 41.63 -44.56 -17.68
C GLN A 753 41.16 -45.57 -16.63
N LEU A 754 39.89 -45.94 -16.70
CA LEU A 754 39.38 -47.00 -15.84
C LEU A 754 39.82 -48.35 -16.38
N ILE A 755 40.36 -49.20 -15.50
CA ILE A 755 40.84 -50.52 -15.90
C ILE A 755 40.29 -51.56 -14.94
N ASP A 756 40.26 -52.81 -15.41
CA ASP A 756 39.74 -53.88 -14.57
C ASP A 756 40.87 -54.52 -13.77
N LYS A 757 40.51 -55.57 -13.03
CA LYS A 757 41.45 -56.25 -12.14
C LYS A 757 42.63 -56.86 -12.88
N ASN A 758 42.51 -57.05 -14.20
CA ASN A 758 43.60 -57.58 -15.03
C ASN A 758 44.31 -56.49 -15.80
N GLY A 759 44.00 -55.23 -15.51
CA GLY A 759 44.66 -54.15 -16.22
C GLY A 759 44.08 -53.83 -17.58
N ILE A 760 42.92 -54.39 -17.92
CA ILE A 760 42.31 -54.17 -19.23
C ILE A 760 41.45 -52.90 -19.19
N ARG A 761 41.55 -52.07 -20.24
CA ARG A 761 40.73 -50.86 -20.29
C ARG A 761 39.24 -51.20 -20.35
N CYS A 762 38.46 -50.55 -19.48
CA CYS A 762 37.00 -50.74 -19.45
C CYS A 762 36.37 -49.79 -20.45
N LEU A 763 36.33 -50.22 -21.70
CA LEU A 763 35.98 -49.31 -22.77
C LEU A 763 34.50 -48.94 -22.83
N SER A 764 33.63 -49.59 -22.06
CA SER A 764 32.22 -49.23 -22.04
C SER A 764 31.84 -48.49 -20.75
N SER A 765 32.82 -48.14 -19.92
CA SER A 765 32.51 -47.55 -18.63
C SER A 765 32.00 -46.10 -18.78
N LYS A 766 30.97 -45.79 -18.03
CA LYS A 766 30.43 -44.43 -17.91
C LYS A 766 30.60 -43.89 -16.49
N LYS A 767 31.46 -44.51 -15.69
CA LYS A 767 31.55 -44.18 -14.27
C LYS A 767 31.97 -42.73 -14.05
N GLN A 768 31.39 -42.09 -13.04
CA GLN A 768 31.76 -40.71 -12.77
C GLN A 768 33.13 -40.64 -12.12
N ILE A 769 33.93 -39.68 -12.58
CA ILE A 769 35.28 -39.42 -12.09
C ILE A 769 35.31 -38.04 -11.47
N THR A 770 36.00 -37.89 -10.34
CA THR A 770 36.16 -36.61 -9.67
C THR A 770 37.63 -36.24 -9.62
N PHE A 771 37.96 -35.04 -10.08
CA PHE A 771 39.32 -34.50 -10.03
C PHE A 771 39.46 -33.51 -8.88
N GLU A 772 40.58 -33.57 -8.19
CA GLU A 772 40.94 -32.58 -7.17
C GLU A 772 42.41 -32.23 -7.35
N ILE A 773 42.79 -31.06 -6.89
CA ILE A 773 44.19 -30.64 -6.99
C ILE A 773 44.58 -29.91 -5.71
N ALA A 774 45.82 -30.13 -5.26
CA ALA A 774 46.39 -29.42 -4.14
C ALA A 774 47.78 -28.96 -4.55
N GLY A 775 48.09 -27.70 -4.30
CA GLY A 775 49.38 -27.15 -4.69
C GLY A 775 49.25 -25.90 -5.52
N ASP A 776 50.25 -25.66 -6.37
CA ASP A 776 50.34 -24.38 -7.07
C ASP A 776 49.36 -24.29 -8.24
N GLY A 777 48.93 -25.42 -8.79
CA GLY A 777 48.12 -25.41 -9.99
C GLY A 777 46.63 -25.31 -9.73
N SER A 778 45.88 -25.20 -10.84
CA SER A 778 44.43 -25.19 -10.75
C SER A 778 43.84 -25.98 -11.91
N LEU A 779 42.72 -26.64 -11.62
CA LEU A 779 41.97 -27.34 -12.65
C LEU A 779 41.35 -26.33 -13.59
N ILE A 780 41.40 -26.61 -14.89
CA ILE A 780 40.62 -25.85 -15.86
C ILE A 780 39.27 -26.55 -15.94
N CYS A 781 38.39 -26.18 -15.02
CA CYS A 781 37.11 -26.87 -14.87
C CYS A 781 35.95 -25.89 -14.91
N ASN A 782 34.74 -26.39 -14.68
CA ASN A 782 33.53 -25.57 -14.71
C ASN A 782 33.36 -24.87 -16.06
N LEU A 783 33.74 -25.55 -17.14
CA LEU A 783 33.49 -25.09 -18.49
C LEU A 783 32.20 -25.66 -19.08
N GLY A 784 31.63 -26.68 -18.45
CA GLY A 784 30.47 -27.32 -19.02
C GLY A 784 30.76 -28.18 -20.24
N THR A 785 31.97 -28.72 -20.34
CA THR A 785 32.39 -29.60 -21.43
C THR A 785 32.92 -30.89 -20.83
N SER A 786 32.91 -31.96 -21.63
CA SER A 786 33.31 -33.26 -21.10
C SER A 786 34.79 -33.34 -20.75
N THR A 787 35.61 -32.42 -21.24
CA THR A 787 37.03 -32.32 -20.88
C THR A 787 37.33 -31.07 -20.05
N GLY A 788 36.29 -30.38 -19.57
CA GLY A 788 36.46 -29.20 -18.75
C GLY A 788 35.59 -29.26 -17.51
N SER A 789 35.50 -30.44 -16.89
CA SER A 789 34.62 -30.68 -15.74
C SER A 789 35.40 -31.45 -14.68
N ARG A 790 35.36 -30.95 -13.44
CA ARG A 790 36.03 -31.64 -12.34
C ARG A 790 35.21 -32.81 -11.80
N LYS A 791 33.94 -32.89 -12.12
CA LYS A 791 33.15 -34.12 -11.93
C LYS A 791 32.49 -34.45 -13.26
N VAL A 792 32.77 -35.63 -13.79
CA VAL A 792 32.34 -35.94 -15.16
C VAL A 792 32.28 -37.45 -15.33
N GLN A 793 31.29 -37.92 -16.07
CA GLN A 793 31.23 -39.33 -16.41
C GLN A 793 32.30 -39.69 -17.44
N ALA A 794 32.89 -40.87 -17.29
CA ALA A 794 33.90 -41.30 -18.25
C ALA A 794 33.28 -41.45 -19.63
N TYR A 795 34.10 -41.26 -20.65
CA TYR A 795 33.74 -41.56 -22.01
C TYR A 795 34.61 -42.73 -22.48
N ASN A 796 33.97 -43.89 -22.64
CA ASN A 796 34.68 -45.13 -22.98
C ASN A 796 35.81 -45.40 -21.97
N GLY A 797 35.47 -45.25 -20.70
CA GLY A 797 36.37 -45.54 -19.60
C GLY A 797 37.44 -44.50 -19.37
N ARG A 798 37.38 -43.36 -20.06
CA ARG A 798 38.41 -42.34 -20.04
C ARG A 798 37.83 -41.01 -19.57
N ALA A 799 38.68 -40.17 -18.98
CA ALA A 799 38.33 -38.78 -18.66
C ALA A 799 39.58 -37.94 -18.78
N LEU A 800 39.45 -36.74 -19.35
CA LEU A 800 40.56 -35.82 -19.49
C LEU A 800 40.24 -34.50 -18.81
N ILE A 801 41.27 -33.82 -18.31
CA ILE A 801 41.13 -32.46 -17.83
C ILE A 801 42.46 -31.75 -18.00
N ARG A 802 42.40 -30.45 -18.25
CA ARG A 802 43.62 -29.65 -18.35
C ARG A 802 43.89 -28.98 -17.00
N ILE A 803 45.19 -28.85 -16.69
CA ILE A 803 45.65 -28.26 -15.44
C ILE A 803 46.53 -27.07 -15.77
N LYS A 804 46.23 -25.92 -15.18
CA LYS A 804 47.13 -24.77 -15.22
C LYS A 804 48.17 -24.93 -14.11
N ARG A 805 49.42 -25.17 -14.47
CA ARG A 805 50.40 -25.53 -13.45
C ARG A 805 50.91 -24.35 -12.65
N ASN A 806 50.77 -23.14 -13.19
CA ASN A 806 51.24 -21.91 -12.54
C ASN A 806 52.73 -21.96 -12.23
N GLU A 807 53.50 -22.65 -13.08
CA GLU A 807 54.95 -22.75 -12.98
C GLU A 807 55.41 -23.38 -11.66
N GLY A 808 54.54 -24.17 -11.04
CA GLY A 808 54.86 -24.75 -9.75
C GLY A 808 54.57 -26.24 -9.71
N ASN A 809 54.36 -26.78 -8.51
CA ASN A 809 54.14 -28.20 -8.33
C ASN A 809 52.76 -28.43 -7.74
N SER A 810 52.12 -29.52 -8.16
CA SER A 810 50.80 -29.89 -7.66
C SER A 810 50.72 -31.41 -7.57
N VAL A 811 49.74 -31.86 -6.80
CA VAL A 811 49.30 -33.25 -6.81
C VAL A 811 47.82 -33.28 -7.16
N VAL A 812 47.46 -34.09 -8.13
CA VAL A 812 46.09 -34.30 -8.55
C VAL A 812 45.59 -35.59 -7.91
N ALA A 813 44.37 -35.54 -7.36
CA ALA A 813 43.70 -36.74 -6.87
C ALA A 813 42.54 -37.07 -7.80
N VAL A 814 42.32 -38.36 -8.02
CA VAL A 814 41.25 -38.84 -8.87
C VAL A 814 40.41 -39.82 -8.06
N LYS A 815 39.13 -39.51 -7.89
CA LYS A 815 38.24 -40.31 -7.07
C LYS A 815 37.15 -40.89 -7.95
N SER A 816 36.68 -42.07 -7.55
CA SER A 816 35.56 -42.71 -8.22
C SER A 816 34.95 -43.69 -7.22
N GLU A 817 33.62 -43.72 -7.16
CA GLU A 817 32.93 -44.41 -6.09
C GLU A 817 33.31 -45.89 -6.05
N GLY A 818 33.71 -46.35 -4.86
CA GLY A 818 34.07 -47.74 -4.66
C GLY A 818 35.45 -48.14 -5.18
N LEU A 819 36.18 -47.23 -5.78
CA LEU A 819 37.52 -47.49 -6.26
C LEU A 819 38.52 -46.74 -5.39
N PRO A 820 39.74 -47.27 -5.23
CA PRO A 820 40.75 -46.53 -4.49
C PRO A 820 41.05 -45.21 -5.17
N THR A 821 41.25 -44.18 -4.35
CA THR A 821 41.64 -42.89 -4.90
C THR A 821 43.05 -42.97 -5.47
N ALA A 822 43.26 -42.36 -6.63
CA ALA A 822 44.54 -42.38 -7.30
C ALA A 822 45.12 -40.98 -7.34
N PHE A 823 46.45 -40.91 -7.44
CA PHE A 823 47.16 -39.64 -7.34
C PHE A 823 48.16 -39.50 -8.49
N LEU A 824 48.38 -38.27 -8.91
CA LEU A 824 49.36 -37.95 -9.94
C LEU A 824 50.12 -36.71 -9.52
N GLU A 825 51.44 -36.81 -9.45
CA GLU A 825 52.26 -35.65 -9.20
C GLU A 825 52.48 -34.89 -10.50
N LEU A 826 52.37 -33.58 -10.44
CA LEU A 826 52.68 -32.72 -11.57
C LEU A 826 53.83 -31.84 -11.11
N LYS A 827 55.02 -32.12 -11.61
CA LYS A 827 56.17 -31.31 -11.29
C LYS A 827 56.35 -30.36 -12.45
N SER A 828 56.90 -29.18 -12.18
CA SER A 828 57.05 -28.22 -13.26
C SER A 828 58.47 -28.24 -13.83
N ASN B 29 -33.80 -9.64 -24.30
CA ASN B 29 -33.28 -10.17 -23.03
C ASN B 29 -32.76 -9.04 -22.13
N LYS B 30 -33.10 -7.80 -22.52
CA LYS B 30 -32.61 -6.57 -21.91
C LYS B 30 -33.76 -5.88 -21.17
N ILE B 31 -33.59 -5.66 -19.87
CA ILE B 31 -34.67 -5.14 -19.03
C ILE B 31 -34.21 -3.83 -18.38
N ARG B 32 -34.87 -2.71 -18.72
CA ARG B 32 -34.55 -1.46 -18.04
C ARG B 32 -35.03 -1.53 -16.60
N LEU B 33 -34.12 -1.33 -15.65
CA LEU B 33 -34.46 -1.34 -14.23
C LEU B 33 -34.86 0.07 -13.82
N THR B 34 -36.15 0.39 -13.95
CA THR B 34 -36.59 1.73 -13.61
C THR B 34 -37.38 1.82 -12.32
N ASN B 35 -38.08 0.76 -11.92
CA ASN B 35 -39.01 0.85 -10.79
C ASN B 35 -38.43 0.24 -9.53
N ASN B 36 -39.01 0.64 -8.40
CA ASN B 36 -38.76 0.02 -7.09
C ASN B 36 -37.35 0.29 -6.60
N TRP B 37 -36.87 1.51 -6.77
CA TRP B 37 -35.58 1.94 -6.24
C TRP B 37 -35.78 2.89 -5.07
N GLU B 38 -34.79 2.93 -4.18
CA GLU B 38 -34.71 3.96 -3.16
C GLU B 38 -33.36 4.64 -3.25
N TYR B 39 -33.33 5.92 -2.91
CA TYR B 39 -32.16 6.77 -3.06
C TYR B 39 -31.83 7.42 -1.73
N LEU B 40 -30.55 7.48 -1.40
CA LEU B 40 -30.08 8.17 -0.21
C LEU B 40 -29.00 9.17 -0.60
N LYS B 41 -29.21 10.44 -0.31
CA LYS B 41 -28.16 11.44 -0.45
C LYS B 41 -27.17 11.28 0.69
N GLY B 42 -25.90 11.09 0.35
CA GLY B 42 -24.86 10.94 1.35
C GLY B 42 -24.35 9.51 1.42
N ASP B 43 -23.27 9.34 2.18
CA ASP B 43 -22.60 8.05 2.23
C ASP B 43 -23.15 7.18 3.36
N LEU B 44 -22.96 5.88 3.20
CA LEU B 44 -23.18 4.88 4.24
C LEU B 44 -21.85 4.58 4.92
N GLY B 45 -21.93 4.00 6.12
CA GLY B 45 -20.71 3.63 6.79
C GLY B 45 -20.06 2.36 6.28
N GLY B 46 -20.72 1.68 5.36
CA GLY B 46 -20.27 0.42 4.80
C GLY B 46 -21.46 -0.29 4.17
N ILE B 47 -21.15 -1.26 3.31
CA ILE B 47 -22.22 -1.94 2.57
C ILE B 47 -23.23 -2.60 3.53
N TRP B 48 -22.79 -3.01 4.71
CA TRP B 48 -23.73 -3.64 5.64
C TRP B 48 -24.93 -2.73 5.93
N GLU B 49 -24.73 -1.41 5.98
CA GLU B 49 -25.86 -0.54 6.27
C GLU B 49 -26.95 -0.61 5.21
N ALA B 50 -26.61 -0.97 3.98
CA ALA B 50 -27.59 -1.04 2.90
C ALA B 50 -28.46 -2.28 2.97
N VAL B 51 -27.98 -3.36 3.58
CA VAL B 51 -28.64 -4.66 3.51
C VAL B 51 -28.95 -5.24 4.88
N ARG B 52 -28.58 -4.58 5.98
CA ARG B 52 -28.80 -5.17 7.29
C ARG B 52 -30.29 -5.13 7.66
N PRO B 53 -30.72 -6.01 8.56
CA PRO B 53 -32.11 -5.94 9.04
C PRO B 53 -32.38 -4.62 9.73
N ALA B 54 -33.58 -4.08 9.52
CA ALA B 54 -33.96 -2.78 10.07
C ALA B 54 -35.43 -2.81 10.48
N ALA B 55 -35.70 -2.73 11.79
CA ALA B 55 -37.07 -2.68 12.28
C ALA B 55 -37.61 -1.25 12.21
N PRO B 56 -38.92 -1.08 12.04
CA PRO B 56 -39.49 0.28 12.02
C PRO B 56 -39.19 1.03 13.31
N GLY B 57 -38.81 2.31 13.17
CA GLY B 57 -38.52 3.10 14.34
C GLY B 57 -37.22 2.79 15.02
N SER B 58 -36.40 1.92 14.46
CA SER B 58 -35.11 1.58 15.03
C SER B 58 -34.03 2.56 14.58
N SER B 59 -32.85 2.42 15.18
CA SER B 59 -31.70 3.22 14.76
C SER B 59 -31.33 2.91 13.32
N GLU B 60 -31.55 1.67 12.87
CA GLU B 60 -31.28 1.28 11.51
C GLU B 60 -32.22 1.93 10.50
N ALA B 61 -33.38 2.42 10.95
CA ALA B 61 -34.40 2.99 10.06
C ALA B 61 -34.11 4.43 9.68
N VAL B 62 -33.02 5.02 10.19
CA VAL B 62 -32.50 6.28 9.67
C VAL B 62 -31.09 5.99 9.18
N PRO B 63 -30.57 6.72 8.18
CA PRO B 63 -31.24 7.83 7.48
C PRO B 63 -32.41 7.33 6.64
N ILE B 64 -33.34 8.22 6.35
CA ILE B 64 -34.53 7.88 5.59
C ILE B 64 -34.22 7.98 4.12
N TRP B 65 -34.54 6.93 3.36
CA TRP B 65 -34.31 6.88 1.92
C TRP B 65 -35.54 7.41 1.18
N GLN B 66 -35.33 7.79 -0.08
CA GLN B 66 -36.40 8.33 -0.92
C GLN B 66 -36.74 7.39 -2.06
N PRO B 67 -38.00 6.97 -2.23
CA PRO B 67 -38.34 6.15 -3.40
C PRO B 67 -38.19 6.94 -4.68
N VAL B 68 -37.55 6.33 -5.68
CA VAL B 68 -37.30 6.99 -6.95
C VAL B 68 -37.55 6.01 -8.08
N THR B 69 -37.77 6.56 -9.28
CA THR B 69 -37.78 5.82 -10.51
C THR B 69 -36.50 6.16 -11.28
N LEU B 70 -35.84 5.15 -11.83
CA LEU B 70 -34.66 5.51 -12.63
C LEU B 70 -35.08 5.86 -14.06
N PRO B 71 -34.29 6.67 -14.80
CA PRO B 71 -33.02 7.28 -14.38
C PRO B 71 -33.21 8.37 -13.35
N HIS B 72 -32.18 8.64 -12.56
CA HIS B 72 -32.26 9.57 -11.45
C HIS B 72 -30.95 10.33 -11.35
N CYS B 73 -31.04 11.62 -11.02
CA CYS B 73 -29.84 12.44 -10.84
C CYS B 73 -29.90 13.11 -9.48
N PHE B 74 -28.77 13.09 -8.74
CA PHE B 74 -28.67 13.73 -7.43
C PHE B 74 -29.15 15.17 -7.47
N ASN B 75 -29.00 15.82 -8.62
CA ASN B 75 -29.02 17.27 -8.71
C ASN B 75 -30.23 17.78 -9.46
N ALA B 76 -31.30 16.96 -9.51
CA ALA B 76 -32.51 17.33 -10.24
C ALA B 76 -33.05 18.69 -9.81
N GLU B 77 -32.93 19.01 -8.53
CA GLU B 77 -33.39 20.30 -8.02
C GLU B 77 -32.25 21.23 -7.62
N ASP B 78 -31.17 20.74 -6.98
CA ASP B 78 -30.24 21.69 -6.40
C ASP B 78 -29.28 22.30 -7.43
N ALA B 79 -29.23 21.77 -8.65
CA ALA B 79 -28.37 22.39 -9.66
C ALA B 79 -28.83 23.82 -9.98
N VAL B 80 -30.14 24.06 -10.02
CA VAL B 80 -30.66 25.39 -10.33
C VAL B 80 -31.26 26.09 -9.12
N ASP B 81 -31.37 25.43 -7.97
CA ASP B 81 -31.82 26.13 -6.79
C ASP B 81 -30.90 27.32 -6.55
N PRO B 82 -31.44 28.53 -6.42
CA PRO B 82 -30.57 29.72 -6.39
C PRO B 82 -29.78 29.91 -5.11
N ASP B 83 -30.07 29.15 -4.05
CA ASP B 83 -29.50 29.42 -2.74
C ASP B 83 -28.51 28.36 -2.26
N VAL B 84 -28.16 27.38 -3.10
CA VAL B 84 -27.26 26.32 -2.65
C VAL B 84 -26.27 25.98 -3.75
N ASN B 85 -25.08 25.54 -3.32
CA ASN B 85 -24.13 24.91 -4.22
C ASN B 85 -24.63 23.50 -4.55
N TYR B 86 -24.63 23.12 -5.83
CA TYR B 86 -25.15 21.79 -6.16
C TYR B 86 -24.29 20.71 -5.50
N TYR B 87 -24.95 19.60 -5.18
CA TYR B 87 -24.32 18.56 -4.37
C TYR B 87 -23.32 17.77 -5.20
N GLU B 88 -22.08 17.73 -4.71
CA GLU B 88 -21.01 16.91 -5.28
C GLU B 88 -20.52 16.00 -4.16
N GLY B 89 -20.95 14.75 -4.18
CA GLY B 89 -20.62 13.82 -3.12
C GLY B 89 -21.21 12.45 -3.38
N PRO B 90 -21.14 11.57 -2.39
CA PRO B 90 -21.65 10.21 -2.57
C PRO B 90 -23.14 10.13 -2.32
N GLY B 91 -23.75 9.12 -2.94
CA GLY B 91 -25.14 8.81 -2.73
C GLY B 91 -25.35 7.36 -3.07
N TRP B 92 -26.44 6.80 -2.57
CA TRP B 92 -26.67 5.37 -2.72
C TRP B 92 -28.03 5.07 -3.31
N TYR B 93 -28.10 3.94 -4.01
CA TYR B 93 -29.34 3.39 -4.53
C TYR B 93 -29.49 1.94 -4.09
N LYS B 94 -30.72 1.50 -3.84
CA LYS B 94 -30.90 0.09 -3.56
C LYS B 94 -32.21 -0.41 -4.15
N THR B 95 -32.20 -1.67 -4.58
CA THR B 95 -33.37 -2.34 -5.12
C THR B 95 -33.28 -3.81 -4.76
N LEU B 96 -34.39 -4.51 -4.98
CA LEU B 96 -34.45 -5.96 -4.86
C LEU B 96 -34.74 -6.54 -6.24
N LEU B 97 -33.85 -7.40 -6.73
CA LEU B 97 -33.94 -7.92 -8.09
C LEU B 97 -34.63 -9.27 -8.08
N ALA B 98 -35.61 -9.44 -8.95
CA ALA B 98 -36.22 -10.74 -9.22
C ALA B 98 -35.48 -11.39 -10.40
N ILE B 99 -34.74 -12.47 -10.13
CA ILE B 99 -33.87 -13.07 -11.13
C ILE B 99 -34.55 -14.28 -11.77
N ASP B 100 -34.56 -14.33 -13.11
CA ASP B 100 -35.06 -15.50 -13.84
C ASP B 100 -34.36 -15.52 -15.20
N ASN B 101 -33.24 -16.21 -15.28
CA ASN B 101 -32.44 -16.26 -16.50
C ASN B 101 -33.04 -17.27 -17.48
N PRO B 102 -33.42 -16.86 -18.69
CA PRO B 102 -33.97 -17.83 -19.65
C PRO B 102 -32.93 -18.74 -20.29
N TYR B 103 -31.64 -18.43 -20.20
CA TYR B 103 -30.61 -19.24 -20.85
C TYR B 103 -30.04 -20.28 -19.90
N ARG B 104 -29.78 -21.47 -20.42
CA ARG B 104 -29.14 -22.52 -19.65
C ARG B 104 -27.69 -22.14 -19.36
N ASN B 105 -27.30 -22.19 -18.08
CA ASN B 105 -25.95 -21.84 -17.68
C ASN B 105 -25.59 -20.43 -18.16
N GLY B 106 -26.58 -19.54 -18.16
CA GLY B 106 -26.41 -18.23 -18.74
C GLY B 106 -25.73 -17.25 -17.79
N ARG B 107 -25.54 -16.04 -18.29
CA ARG B 107 -24.92 -14.95 -17.54
C ARG B 107 -25.95 -13.90 -17.16
N ILE B 108 -25.69 -13.22 -16.04
CA ILE B 108 -26.50 -12.09 -15.60
C ILE B 108 -25.59 -10.88 -15.59
N VAL B 109 -25.93 -9.85 -16.36
CA VAL B 109 -25.07 -8.69 -16.54
C VAL B 109 -25.85 -7.42 -16.22
N LEU B 110 -25.23 -6.52 -15.46
CA LEU B 110 -25.74 -5.18 -15.29
C LEU B 110 -25.04 -4.28 -16.29
N ASP B 111 -25.81 -3.61 -17.15
CA ASP B 111 -25.29 -2.82 -18.26
C ASP B 111 -25.66 -1.37 -17.98
N PHE B 112 -24.65 -0.54 -17.70
CA PHE B 112 -24.84 0.86 -17.35
C PHE B 112 -24.67 1.72 -18.60
N ASP B 113 -25.76 2.37 -19.04
CA ASP B 113 -25.62 3.36 -20.11
C ASP B 113 -24.73 4.52 -19.68
N GLY B 114 -24.65 4.78 -18.37
CA GLY B 114 -23.84 5.86 -17.85
C GLY B 114 -24.25 6.26 -16.45
N ALA B 115 -23.28 6.57 -15.58
CA ALA B 115 -23.56 6.95 -14.20
C ALA B 115 -22.45 7.87 -13.71
N GLY B 116 -22.78 8.89 -12.93
CA GLY B 116 -21.81 9.90 -12.51
C GLY B 116 -21.48 9.83 -11.03
N GLN B 117 -20.19 9.95 -10.68
CA GLN B 117 -19.05 9.92 -11.61
C GLN B 117 -18.20 8.66 -11.32
N LYS B 118 -18.05 8.35 -10.04
CA LYS B 118 -17.40 7.13 -9.57
C LYS B 118 -18.47 6.23 -9.00
N THR B 119 -18.54 4.98 -9.47
CA THR B 119 -19.62 4.08 -9.11
C THR B 119 -19.09 2.77 -8.56
N ASP B 120 -19.72 2.26 -7.50
CA ASP B 120 -19.37 0.95 -6.94
C ASP B 120 -20.64 0.14 -6.81
N VAL B 121 -20.56 -1.14 -7.18
CA VAL B 121 -21.74 -1.99 -7.33
C VAL B 121 -21.61 -3.17 -6.37
N TYR B 122 -22.69 -3.47 -5.63
CA TYR B 122 -22.70 -4.54 -4.65
C TYR B 122 -23.90 -5.45 -4.85
N VAL B 123 -23.65 -6.75 -4.79
CA VAL B 123 -24.71 -7.76 -4.68
C VAL B 123 -24.64 -8.30 -3.26
N TYR B 124 -25.72 -8.09 -2.49
CA TYR B 124 -25.70 -8.27 -1.04
C TYR B 124 -24.49 -7.53 -0.48
N THR B 125 -23.55 -8.22 0.19
CA THR B 125 -22.38 -7.56 0.77
C THR B 125 -21.13 -7.64 -0.10
N THR B 126 -21.22 -8.21 -1.30
CA THR B 126 -20.04 -8.44 -2.14
C THR B 126 -19.86 -7.33 -3.17
N HIS B 127 -18.69 -6.72 -3.19
CA HIS B 127 -18.35 -5.74 -4.21
C HIS B 127 -18.12 -6.46 -5.53
N VAL B 128 -18.90 -6.13 -6.56
CA VAL B 128 -18.82 -6.85 -7.83
C VAL B 128 -18.26 -6.00 -8.95
N GLY B 129 -18.16 -4.69 -8.80
CA GLY B 129 -17.64 -3.88 -9.89
C GLY B 129 -17.54 -2.43 -9.48
N SER B 130 -16.73 -1.70 -10.24
CA SER B 130 -16.53 -0.27 -10.01
C SER B 130 -16.18 0.39 -11.34
N HIS B 131 -16.36 1.70 -11.40
CA HIS B 131 -16.11 2.44 -12.63
C HIS B 131 -15.80 3.89 -12.28
N VAL B 132 -14.85 4.49 -13.02
CA VAL B 132 -14.59 5.92 -12.87
C VAL B 132 -14.79 6.55 -14.25
N GLY B 133 -15.78 7.42 -14.36
CA GLY B 133 -16.12 8.02 -15.64
C GLY B 133 -17.62 8.18 -15.74
N GLY B 134 -18.08 9.41 -15.95
CA GLY B 134 -19.51 9.63 -15.87
C GLY B 134 -20.27 9.45 -17.15
N TYR B 135 -19.59 9.18 -18.27
CA TYR B 135 -20.18 9.36 -19.58
C TYR B 135 -19.98 8.19 -20.53
N ASP B 136 -19.11 7.23 -20.20
CA ASP B 136 -18.98 6.02 -20.99
C ASP B 136 -19.87 4.91 -20.43
N SER B 137 -20.19 3.95 -21.29
CA SER B 137 -20.97 2.79 -20.90
C SER B 137 -20.04 1.72 -20.33
N TRP B 138 -20.57 0.88 -19.44
CA TRP B 138 -19.75 -0.17 -18.82
C TRP B 138 -20.68 -1.22 -18.24
N ASN B 139 -20.14 -2.39 -17.92
CA ASN B 139 -21.04 -3.41 -17.41
C ASN B 139 -20.34 -4.29 -16.38
N VAL B 140 -21.15 -5.03 -15.62
CA VAL B 140 -20.68 -5.90 -14.54
C VAL B 140 -21.40 -7.23 -14.66
N ASP B 141 -20.62 -8.32 -14.76
CA ASP B 141 -21.18 -9.67 -14.73
C ASP B 141 -21.38 -10.08 -13.27
N ILE B 142 -22.63 -10.27 -12.86
CA ILE B 142 -22.96 -10.60 -11.46
C ILE B 142 -23.41 -12.05 -11.30
N THR B 143 -23.17 -12.89 -12.32
CA THR B 143 -23.63 -14.29 -12.29
C THR B 143 -23.20 -15.01 -11.02
N ASP B 144 -21.90 -14.96 -10.72
CA ASP B 144 -21.36 -15.75 -9.62
C ASP B 144 -21.85 -15.23 -8.27
N ALA B 145 -21.92 -13.90 -8.12
CA ALA B 145 -22.39 -13.31 -6.87
C ALA B 145 -23.86 -13.63 -6.62
N VAL B 146 -24.68 -13.59 -7.67
CA VAL B 146 -26.10 -13.94 -7.51
C VAL B 146 -26.24 -15.40 -7.07
N LYS B 147 -25.50 -16.31 -7.72
CA LYS B 147 -25.55 -17.72 -7.33
C LYS B 147 -25.15 -17.90 -5.88
N ALA B 148 -24.03 -17.29 -5.49
CA ALA B 148 -23.56 -17.44 -4.11
C ALA B 148 -24.57 -16.88 -3.13
N PHE B 149 -25.19 -15.74 -3.46
CA PHE B 149 -26.17 -15.19 -2.53
C PHE B 149 -27.39 -16.09 -2.42
N LEU B 150 -27.94 -16.52 -3.57
CA LEU B 150 -29.16 -17.31 -3.55
C LEU B 150 -28.96 -18.67 -2.87
N GLY B 151 -27.74 -19.17 -2.85
CA GLY B 151 -27.40 -20.40 -2.18
C GLY B 151 -27.05 -20.24 -0.71
N SER B 152 -27.15 -19.04 -0.17
CA SER B 152 -26.72 -18.76 1.20
C SER B 152 -27.89 -18.73 2.17
N LYS B 153 -27.55 -18.83 3.45
CA LYS B 153 -28.58 -18.72 4.49
C LYS B 153 -29.19 -17.33 4.52
N ASP B 154 -28.48 -16.32 4.03
CA ASP B 154 -28.98 -14.95 4.05
C ASP B 154 -30.07 -14.70 3.03
N ALA B 155 -30.24 -15.59 2.05
CA ALA B 155 -31.21 -15.35 0.98
C ALA B 155 -32.65 -15.39 1.49
N GLU B 156 -32.92 -16.20 2.53
CA GLU B 156 -34.30 -16.37 2.99
C GLU B 156 -34.96 -15.04 3.34
N ARG B 157 -34.25 -14.17 4.07
CA ARG B 157 -34.86 -12.93 4.54
C ARG B 157 -35.20 -11.98 3.40
N PHE B 158 -34.64 -12.19 2.21
CA PHE B 158 -34.96 -11.38 1.05
C PHE B 158 -36.00 -12.04 0.16
N LYS B 159 -36.53 -13.19 0.59
CA LYS B 159 -37.75 -13.78 0.03
C LYS B 159 -37.61 -14.09 -1.46
N GLY B 160 -36.44 -14.60 -1.86
CA GLY B 160 -36.24 -14.99 -3.24
C GLY B 160 -35.70 -13.91 -4.14
N LYS B 161 -35.67 -12.66 -3.70
CA LYS B 161 -35.07 -11.59 -4.48
C LYS B 161 -33.62 -11.38 -4.06
N VAL B 162 -32.89 -10.63 -4.88
CA VAL B 162 -31.47 -10.39 -4.67
C VAL B 162 -31.27 -8.90 -4.40
N PRO B 163 -30.69 -8.49 -3.27
CA PRO B 163 -30.48 -7.06 -3.02
C PRO B 163 -29.32 -6.53 -3.83
N LEU B 164 -29.56 -5.43 -4.55
CA LEU B 164 -28.57 -4.73 -5.35
C LEU B 164 -28.44 -3.32 -4.77
N SER B 165 -27.23 -2.93 -4.41
CA SER B 165 -26.94 -1.62 -3.83
C SER B 165 -25.83 -1.00 -4.66
N ILE B 166 -25.98 0.27 -5.00
CA ILE B 166 -25.06 0.96 -5.90
C ILE B 166 -24.69 2.30 -5.28
N ARG B 167 -23.40 2.57 -5.20
CA ARG B 167 -22.91 3.85 -4.70
C ARG B 167 -22.43 4.66 -5.89
N CYS B 168 -22.95 5.88 -6.03
CA CYS B 168 -22.44 6.82 -7.02
C CYS B 168 -21.84 8.01 -6.28
N ASP B 169 -20.78 8.58 -6.85
CA ASP B 169 -20.04 9.64 -6.18
C ASP B 169 -19.61 10.66 -7.23
N ASN B 170 -20.12 11.90 -7.12
CA ASN B 170 -19.64 13.00 -7.95
C ASN B 170 -18.90 14.04 -7.12
N SER B 171 -18.21 13.60 -6.07
CA SER B 171 -17.30 14.47 -5.31
C SER B 171 -16.37 15.21 -6.25
N ARG B 172 -16.08 16.47 -5.92
CA ARG B 172 -15.03 17.18 -6.64
C ARG B 172 -13.71 16.41 -6.58
N ASP B 173 -12.98 16.39 -7.69
CA ASP B 173 -11.74 15.62 -7.72
C ASP B 173 -10.85 16.23 -8.79
N LEU B 174 -9.77 16.91 -8.39
CA LEU B 174 -8.88 17.54 -9.37
C LEU B 174 -8.17 16.54 -10.26
N GLU B 175 -8.02 15.29 -9.82
CA GLU B 175 -7.36 14.24 -10.59
C GLU B 175 -8.34 13.41 -11.39
N MET B 176 -9.55 13.93 -11.63
CA MET B 176 -10.55 13.24 -12.41
C MET B 176 -11.09 14.22 -13.43
N ILE B 177 -11.26 13.79 -14.68
CA ILE B 177 -11.89 14.68 -15.67
C ILE B 177 -13.39 14.42 -15.64
N PRO B 178 -14.24 15.43 -15.91
CA PRO B 178 -13.87 16.81 -16.27
C PRO B 178 -13.53 17.67 -15.07
N SER B 179 -13.05 18.87 -15.36
CA SER B 179 -12.68 19.83 -14.32
C SER B 179 -13.90 20.56 -13.79
N ASP B 180 -13.90 20.82 -12.47
CA ASP B 180 -14.92 21.68 -11.89
C ASP B 180 -14.81 23.13 -12.35
N LEU B 181 -13.79 23.50 -13.13
CA LEU B 181 -13.81 24.81 -13.78
C LEU B 181 -14.79 24.86 -14.95
N ALA B 182 -15.25 23.70 -15.41
CA ALA B 182 -16.08 23.63 -16.62
C ALA B 182 -17.42 24.32 -16.40
N ASP B 183 -18.00 24.78 -17.51
CA ASP B 183 -19.28 25.49 -17.54
C ASP B 183 -20.48 24.55 -17.62
N PHE B 184 -20.46 23.45 -16.87
CA PHE B 184 -21.61 22.53 -16.77
C PHE B 184 -21.48 21.76 -15.47
N ASN B 185 -22.61 21.21 -15.02
CA ASN B 185 -22.61 20.44 -13.79
C ASN B 185 -21.97 19.08 -14.01
N ILE B 186 -21.14 18.67 -13.05
CA ILE B 186 -20.57 17.34 -13.06
C ILE B 186 -21.54 16.51 -12.22
N TYR B 187 -22.55 15.97 -12.88
CA TYR B 187 -23.70 15.45 -12.19
C TYR B 187 -23.39 14.11 -11.52
N GLY B 188 -24.22 13.74 -10.55
CA GLY B 188 -24.09 12.48 -9.85
C GLY B 188 -25.34 11.62 -9.98
N GLY B 189 -25.14 10.31 -9.97
CA GLY B 189 -26.26 9.38 -9.85
C GLY B 189 -26.44 8.48 -11.05
N LEU B 190 -27.46 7.65 -10.95
CA LEU B 190 -27.78 6.66 -12.00
C LEU B 190 -28.63 7.35 -13.06
N TYR B 191 -28.02 8.31 -13.76
CA TYR B 191 -28.80 9.24 -14.57
C TYR B 191 -28.99 8.79 -16.02
N ARG B 192 -28.44 7.65 -16.42
CA ARG B 192 -28.82 6.98 -17.66
C ARG B 192 -29.31 5.58 -17.31
N TYR B 193 -30.04 4.97 -18.23
CA TYR B 193 -30.67 3.68 -17.97
C TYR B 193 -29.67 2.65 -17.47
N LEU B 194 -30.12 1.87 -16.49
CA LEU B 194 -29.41 0.68 -16.06
C LEU B 194 -30.24 -0.52 -16.49
N ASN B 195 -29.62 -1.44 -17.20
CA ASN B 195 -30.26 -2.58 -17.81
C ASN B 195 -29.80 -3.88 -17.16
N LEU B 196 -30.75 -4.77 -16.91
CA LEU B 196 -30.44 -6.15 -16.55
C LEU B 196 -30.45 -6.96 -17.85
N VAL B 197 -29.33 -7.63 -18.13
CA VAL B 197 -29.15 -8.33 -19.40
C VAL B 197 -28.87 -9.80 -19.11
N TYR B 198 -29.74 -10.68 -19.59
CA TYR B 198 -29.48 -12.11 -19.56
C TYR B 198 -28.79 -12.53 -20.85
N LEU B 199 -27.72 -13.32 -20.72
CA LEU B 199 -26.95 -13.78 -21.86
C LEU B 199 -26.80 -15.30 -21.83
N PRO B 200 -26.64 -15.93 -23.01
CA PRO B 200 -26.22 -17.33 -23.01
C PRO B 200 -24.73 -17.45 -22.68
N GLU B 201 -24.17 -18.67 -22.74
CA GLU B 201 -22.76 -18.85 -22.41
C GLU B 201 -21.87 -17.98 -23.30
N VAL B 202 -22.14 -17.94 -24.60
CA VAL B 202 -21.29 -17.27 -25.58
C VAL B 202 -22.05 -16.10 -26.19
N SER B 203 -21.49 -14.90 -26.09
CA SER B 203 -22.11 -13.70 -26.65
C SER B 203 -21.01 -12.79 -27.20
N PHE B 204 -21.41 -11.61 -27.64
CA PHE B 204 -20.51 -10.64 -28.22
C PHE B 204 -20.24 -9.53 -27.22
N GLU B 205 -18.96 -9.29 -26.93
CA GLU B 205 -18.60 -8.15 -26.09
C GLU B 205 -18.59 -6.87 -26.91
N GLN B 206 -18.10 -6.90 -28.14
CA GLN B 206 -18.11 -5.76 -29.05
C GLN B 206 -18.32 -6.30 -30.45
N ILE B 207 -19.05 -5.53 -31.26
CA ILE B 207 -19.17 -5.80 -32.68
C ILE B 207 -18.69 -4.55 -33.39
N HIS B 208 -17.65 -4.71 -34.22
CA HIS B 208 -17.10 -3.59 -34.97
C HIS B 208 -17.34 -3.80 -36.45
N LEU B 209 -18.05 -2.84 -37.05
CA LEU B 209 -18.38 -2.87 -38.47
C LEU B 209 -17.48 -1.83 -39.11
N GLU B 210 -16.41 -2.30 -39.75
CA GLU B 210 -15.45 -1.39 -40.37
C GLU B 210 -15.89 -1.23 -41.81
N SER B 211 -16.54 -0.12 -42.08
CA SER B 211 -17.07 0.14 -43.42
C SER B 211 -16.34 1.32 -44.02
N SER B 212 -16.02 1.19 -45.29
CA SER B 212 -15.39 2.28 -46.03
C SER B 212 -16.06 2.36 -47.40
N LEU B 213 -16.10 3.58 -47.92
CA LEU B 213 -16.74 3.88 -49.19
C LEU B 213 -15.70 4.59 -50.04
N SER B 214 -15.43 4.06 -51.23
CA SER B 214 -14.45 4.71 -52.08
C SER B 214 -14.93 6.10 -52.45
N SER B 215 -14.00 6.93 -52.91
CA SER B 215 -14.34 8.30 -53.28
C SER B 215 -15.38 8.32 -54.41
N ASN B 216 -15.27 7.39 -55.36
CA ASN B 216 -16.23 7.40 -56.46
C ASN B 216 -17.60 6.89 -56.04
N LEU B 217 -17.78 6.53 -54.77
CA LEU B 217 -19.02 6.13 -54.12
C LEU B 217 -19.59 4.82 -54.65
N LYS B 218 -18.86 4.08 -55.48
CA LYS B 218 -19.44 2.90 -56.10
C LYS B 218 -18.99 1.60 -55.48
N GLU B 219 -18.02 1.63 -54.59
CA GLU B 219 -17.54 0.42 -53.93
C GLU B 219 -17.51 0.65 -52.44
N GLY B 220 -18.27 -0.17 -51.72
CA GLY B 220 -18.25 -0.17 -50.26
C GLY B 220 -17.57 -1.44 -49.79
N ILE B 221 -16.77 -1.33 -48.74
CA ILE B 221 -16.09 -2.48 -48.13
C ILE B 221 -16.57 -2.56 -46.70
N LEU B 222 -16.98 -3.75 -46.28
CA LEU B 222 -17.37 -3.99 -44.89
C LEU B 222 -16.54 -5.14 -44.35
N LYS B 223 -15.86 -4.89 -43.23
CA LYS B 223 -15.22 -5.94 -42.46
C LYS B 223 -16.00 -6.09 -41.16
N VAL B 224 -16.40 -7.31 -40.84
CA VAL B 224 -17.18 -7.60 -39.65
C VAL B 224 -16.24 -8.25 -38.65
N LYS B 225 -15.91 -7.52 -37.58
CA LYS B 225 -15.04 -8.02 -36.52
C LYS B 225 -15.79 -8.04 -35.21
N THR B 226 -15.43 -8.96 -34.35
CA THR B 226 -16.14 -9.02 -33.08
C THR B 226 -15.19 -9.43 -31.99
N SER B 227 -15.54 -9.06 -30.76
CA SER B 227 -14.89 -9.55 -29.56
C SER B 227 -15.90 -10.41 -28.83
N PHE B 228 -15.52 -11.65 -28.54
CA PHE B 228 -16.43 -12.57 -27.89
C PHE B 228 -16.37 -12.45 -26.37
N TYR B 229 -17.51 -12.66 -25.73
CA TYR B 229 -17.59 -12.85 -24.29
C TYR B 229 -17.85 -14.34 -24.06
N ASN B 230 -16.89 -15.02 -23.44
CA ASN B 230 -16.91 -16.48 -23.41
C ASN B 230 -16.33 -16.98 -22.08
N PRO B 231 -16.97 -16.67 -20.95
CA PRO B 231 -16.39 -17.05 -19.65
C PRO B 231 -16.31 -18.54 -19.41
N GLU B 232 -17.14 -19.35 -20.07
CA GLU B 232 -17.07 -20.79 -19.89
C GLU B 232 -16.06 -21.45 -20.83
N ASP B 233 -15.39 -20.67 -21.69
CA ASP B 233 -14.34 -21.19 -22.57
C ASP B 233 -14.88 -22.28 -23.50
N ILE B 234 -16.09 -22.06 -24.03
CA ILE B 234 -16.60 -22.91 -25.09
C ILE B 234 -15.60 -22.87 -26.25
N ARG B 235 -15.26 -24.05 -26.78
CA ARG B 235 -14.17 -24.11 -27.76
C ARG B 235 -14.61 -23.81 -29.18
N LYS B 236 -15.85 -24.10 -29.52
CA LYS B 236 -16.31 -23.91 -30.90
C LYS B 236 -17.74 -23.39 -30.90
N ALA B 237 -18.06 -22.63 -31.94
CA ALA B 237 -19.43 -22.19 -32.14
C ALA B 237 -19.63 -22.01 -33.63
N ASP B 238 -20.89 -22.01 -34.05
CA ASP B 238 -21.25 -21.68 -35.44
C ASP B 238 -21.77 -20.25 -35.45
N VAL B 239 -21.16 -19.39 -36.27
CA VAL B 239 -21.50 -17.98 -36.30
C VAL B 239 -22.00 -17.63 -37.69
N THR B 240 -23.21 -17.08 -37.76
CA THR B 240 -23.80 -16.62 -39.00
C THR B 240 -23.71 -15.11 -39.06
N VAL B 241 -23.24 -14.58 -40.18
CA VAL B 241 -23.18 -13.15 -40.45
C VAL B 241 -24.09 -12.86 -41.62
N SER B 242 -25.08 -12.01 -41.42
CA SER B 242 -25.98 -11.59 -42.49
C SER B 242 -26.04 -10.07 -42.54
N VAL B 243 -26.05 -9.52 -43.74
CA VAL B 243 -26.09 -8.07 -43.93
C VAL B 243 -27.31 -7.74 -44.77
N TYR B 244 -28.12 -6.79 -44.29
CA TYR B 244 -29.33 -6.36 -44.97
C TYR B 244 -29.22 -4.89 -45.35
N ASP B 245 -29.83 -4.51 -46.49
CA ASP B 245 -29.76 -3.13 -46.95
C ASP B 245 -30.86 -2.32 -46.27
N VAL B 246 -31.02 -1.06 -46.69
CA VAL B 246 -31.94 -0.14 -46.00
C VAL B 246 -33.37 -0.64 -46.07
N ASP B 247 -33.72 -1.40 -47.09
CA ASP B 247 -35.05 -1.97 -47.22
C ASP B 247 -35.17 -3.34 -46.56
N ARG B 248 -34.16 -3.72 -45.76
CA ARG B 248 -34.10 -5.02 -45.11
C ARG B 248 -33.97 -6.18 -46.09
N LYS B 249 -33.37 -5.93 -47.26
CA LYS B 249 -33.14 -7.08 -48.12
C LYS B 249 -31.72 -7.60 -47.96
N PRO B 250 -31.53 -8.93 -47.97
CA PRO B 250 -30.20 -9.48 -47.70
C PRO B 250 -29.25 -9.19 -48.85
N VAL B 251 -28.05 -8.75 -48.51
CA VAL B 251 -26.99 -8.58 -49.51
C VAL B 251 -25.82 -9.51 -49.26
N PHE B 252 -25.78 -10.19 -48.11
CA PHE B 252 -24.69 -11.11 -47.76
C PHE B 252 -25.18 -12.01 -46.64
N SER B 253 -24.82 -13.29 -46.71
CA SER B 253 -25.07 -14.19 -45.60
C SER B 253 -24.07 -15.34 -45.67
N LYS B 254 -23.43 -15.63 -44.55
CA LYS B 254 -22.44 -16.70 -44.49
C LYS B 254 -22.38 -17.23 -43.07
N THR B 255 -22.28 -18.55 -42.95
CA THR B 255 -22.11 -19.18 -41.66
C THR B 255 -20.68 -19.68 -41.54
N LEU B 256 -20.02 -19.34 -40.44
CA LEU B 256 -18.70 -19.85 -40.14
C LEU B 256 -18.85 -21.00 -39.16
N GLU B 257 -18.52 -22.20 -39.60
CA GLU B 257 -18.74 -23.39 -38.78
C GLU B 257 -17.52 -23.65 -37.92
N GLY B 258 -17.76 -23.88 -36.64
CA GLY B 258 -16.67 -24.28 -35.74
C GLY B 258 -15.60 -23.22 -35.56
N ILE B 259 -15.99 -21.95 -35.54
CA ILE B 259 -15.04 -20.89 -35.27
C ILE B 259 -14.70 -20.87 -33.78
N LEU B 260 -13.52 -20.35 -33.46
CA LEU B 260 -13.13 -20.19 -32.06
C LEU B 260 -13.77 -18.92 -31.50
N PRO B 261 -14.75 -19.04 -30.62
CA PRO B 261 -15.46 -17.84 -30.12
C PRO B 261 -14.74 -17.23 -28.93
N LEU B 262 -13.52 -16.75 -29.16
CA LEU B 262 -12.66 -16.30 -28.07
C LEU B 262 -11.86 -15.10 -28.54
N GLY B 263 -11.84 -14.05 -27.73
CA GLY B 263 -11.05 -12.89 -28.07
C GLY B 263 -11.59 -12.21 -29.32
N ASP B 264 -10.67 -11.61 -30.09
CA ASP B 264 -11.03 -10.88 -31.31
C ASP B 264 -11.01 -11.81 -32.52
N GLN B 265 -12.04 -11.69 -33.37
CA GLN B 265 -12.10 -12.49 -34.58
C GLN B 265 -12.65 -11.66 -35.72
N LEU B 266 -12.01 -11.79 -36.89
CA LEU B 266 -12.55 -11.29 -38.14
C LEU B 266 -13.54 -12.29 -38.70
N LEU B 267 -14.81 -11.90 -38.83
CA LEU B 267 -15.85 -12.83 -39.24
C LEU B 267 -16.13 -12.78 -40.73
N ALA B 268 -16.00 -11.62 -41.36
CA ALA B 268 -16.38 -11.50 -42.76
C ALA B 268 -15.74 -10.25 -43.34
N LYS B 269 -15.42 -10.32 -44.63
CA LYS B 269 -14.94 -9.19 -45.39
C LYS B 269 -15.63 -9.23 -46.74
N MET B 270 -16.28 -8.13 -47.11
CA MET B 270 -17.12 -8.17 -48.30
C MET B 270 -17.10 -6.84 -49.02
N LYS B 271 -17.36 -6.89 -50.32
CA LYS B 271 -17.47 -5.70 -51.15
C LYS B 271 -18.91 -5.59 -51.60
N ILE B 272 -19.53 -4.44 -51.33
CA ILE B 272 -20.90 -4.16 -51.73
C ILE B 272 -20.83 -3.15 -52.86
N LYS B 273 -21.30 -3.55 -54.03
CA LYS B 273 -21.33 -2.65 -55.18
C LYS B 273 -22.54 -1.75 -55.12
N ASN B 274 -22.34 -0.48 -55.48
CA ASN B 274 -23.40 0.51 -55.47
C ASN B 274 -24.22 0.50 -54.17
N PRO B 275 -23.53 0.65 -53.02
CA PRO B 275 -24.28 0.65 -51.76
C PRO B 275 -25.18 1.86 -51.69
N VAL B 276 -26.30 1.71 -50.98
CA VAL B 276 -27.16 2.84 -50.67
C VAL B 276 -26.45 3.70 -49.64
N LEU B 277 -26.34 4.99 -49.93
CA LEU B 277 -25.50 5.89 -49.14
C LEU B 277 -26.28 6.53 -47.99
N TRP B 278 -25.60 6.71 -46.86
CA TRP B 278 -26.12 7.49 -45.75
C TRP B 278 -25.91 8.96 -46.02
N ASP B 279 -26.96 9.76 -45.80
CA ASP B 279 -26.95 11.19 -46.09
C ASP B 279 -27.74 11.93 -45.03
N VAL B 280 -27.45 13.22 -44.87
CA VAL B 280 -28.16 13.99 -43.84
C VAL B 280 -29.60 14.25 -44.23
N ASP B 281 -29.91 14.29 -45.53
CA ASP B 281 -31.30 14.46 -45.91
C ASP B 281 -32.03 13.14 -46.06
N VAL B 282 -31.33 12.09 -46.47
CA VAL B 282 -31.91 10.77 -46.60
C VAL B 282 -31.04 9.79 -45.82
N PRO B 283 -31.17 9.75 -44.49
CA PRO B 283 -30.37 8.81 -43.68
C PRO B 283 -30.87 7.38 -43.89
N GLN B 284 -29.99 6.54 -44.44
CA GLN B 284 -30.32 5.14 -44.70
C GLN B 284 -29.21 4.27 -44.14
N LEU B 285 -29.59 3.19 -43.45
CA LEU B 285 -28.66 2.33 -42.75
C LEU B 285 -28.76 0.90 -43.24
N TYR B 286 -27.64 0.20 -43.22
CA TYR B 286 -27.56 -1.25 -43.37
C TYR B 286 -27.63 -1.88 -41.99
N THR B 287 -27.96 -3.17 -41.95
CA THR B 287 -28.03 -3.90 -40.69
C THR B 287 -27.20 -5.17 -40.79
N CYS B 288 -26.34 -5.39 -39.80
CA CYS B 288 -25.57 -6.62 -39.70
C CYS B 288 -26.18 -7.45 -38.59
N GLU B 289 -26.56 -8.68 -38.91
CA GLU B 289 -27.21 -9.58 -37.95
C GLU B 289 -26.26 -10.75 -37.68
N LEU B 290 -25.91 -10.95 -36.42
CA LEU B 290 -24.96 -11.98 -36.01
C LEU B 290 -25.66 -13.00 -35.11
N THR B 291 -25.45 -14.28 -35.39
CA THR B 291 -26.02 -15.35 -34.60
C THR B 291 -24.88 -16.26 -34.14
N VAL B 292 -24.88 -16.62 -32.85
CA VAL B 292 -23.89 -17.56 -32.29
C VAL B 292 -24.64 -18.79 -31.85
N LYS B 293 -24.27 -19.95 -32.39
CA LYS B 293 -24.95 -21.20 -32.13
C LYS B 293 -23.98 -22.21 -31.52
N THR B 294 -24.44 -22.87 -30.47
CA THR B 294 -23.80 -24.06 -29.92
C THR B 294 -24.91 -25.07 -29.69
N PRO B 295 -24.58 -26.30 -29.29
CA PRO B 295 -25.65 -27.22 -28.88
C PRO B 295 -26.54 -26.69 -27.78
N ASP B 296 -26.08 -25.70 -27.03
CA ASP B 296 -26.83 -25.20 -25.87
C ASP B 296 -27.38 -23.80 -26.07
N GLN B 297 -27.30 -23.24 -27.27
CA GLN B 297 -27.75 -21.86 -27.44
C GLN B 297 -27.94 -21.51 -28.91
N THR B 298 -28.86 -20.56 -29.14
CA THR B 298 -28.97 -19.83 -30.40
C THR B 298 -29.21 -18.37 -30.03
N PHE B 299 -28.22 -17.51 -30.30
CA PHE B 299 -28.23 -16.14 -29.82
C PHE B 299 -28.03 -15.19 -31.00
N THR B 300 -28.97 -14.27 -31.20
CA THR B 300 -28.92 -13.34 -32.32
C THR B 300 -28.94 -11.90 -31.83
N THR B 301 -28.07 -11.07 -32.40
CA THR B 301 -28.13 -9.63 -32.14
C THR B 301 -27.85 -8.90 -33.45
N GLU B 302 -28.13 -7.60 -33.47
CA GLU B 302 -27.89 -6.86 -34.70
C GLU B 302 -27.28 -5.50 -34.39
N GLU B 303 -26.61 -4.97 -35.41
CA GLU B 303 -25.90 -3.71 -35.31
C GLU B 303 -26.04 -2.99 -36.63
N ARG B 304 -26.30 -1.69 -36.58
CA ARG B 304 -26.51 -0.91 -37.79
C ARG B 304 -25.24 -0.13 -38.13
N PHE B 305 -25.13 0.22 -39.41
CA PHE B 305 -24.03 1.02 -39.93
C PHE B 305 -24.52 1.65 -41.22
N GLY B 306 -23.75 2.58 -41.76
CA GLY B 306 -24.09 3.20 -43.02
C GLY B 306 -22.84 3.45 -43.84
N PHE B 307 -23.03 3.53 -45.17
CA PHE B 307 -21.96 3.85 -46.10
C PHE B 307 -22.00 5.34 -46.43
N ARG B 308 -20.89 6.03 -46.21
CA ARG B 308 -20.81 7.42 -46.64
C ARG B 308 -19.35 7.82 -46.71
N HIS B 309 -19.05 8.72 -47.63
CA HIS B 309 -17.70 9.23 -47.82
C HIS B 309 -17.66 10.63 -47.25
N THR B 310 -16.64 10.92 -46.44
CA THR B 310 -16.48 12.24 -45.86
C THR B 310 -15.09 12.76 -46.19
N GLU B 311 -14.99 14.07 -46.38
CA GLU B 311 -13.67 14.64 -46.70
C GLU B 311 -13.60 16.08 -46.25
N PHE B 312 -12.57 16.39 -45.52
CA PHE B 312 -12.21 17.76 -45.18
C PHE B 312 -11.16 18.19 -46.20
N LYS B 313 -11.44 19.28 -46.90
CA LYS B 313 -10.50 19.79 -47.90
C LYS B 313 -9.46 20.65 -47.21
N ASP B 314 -8.20 20.47 -47.62
CA ASP B 314 -7.12 21.31 -47.14
C ASP B 314 -7.44 22.78 -47.42
N LYS B 315 -7.49 23.59 -46.36
CA LYS B 315 -7.83 25.01 -46.46
C LYS B 315 -9.14 25.20 -47.22
N GLY B 316 -10.07 24.27 -47.03
CA GLY B 316 -11.31 24.29 -47.76
C GLY B 316 -12.46 23.72 -46.95
N PRO B 317 -13.56 23.45 -47.62
CA PRO B 317 -14.79 23.05 -46.91
C PRO B 317 -14.91 21.56 -46.68
N PHE B 318 -16.12 21.11 -46.37
CA PHE B 318 -16.40 19.72 -46.01
C PHE B 318 -17.29 19.11 -47.08
N PHE B 319 -16.98 17.88 -47.47
CA PHE B 319 -17.71 17.16 -48.52
C PHE B 319 -18.29 15.87 -47.97
N LEU B 320 -19.60 15.68 -48.17
CA LEU B 320 -20.26 14.43 -47.84
C LEU B 320 -20.67 13.76 -49.15
N ASN B 321 -20.18 12.55 -49.39
CA ASN B 321 -20.53 11.79 -50.59
C ASN B 321 -20.22 12.59 -51.85
N GLY B 322 -19.06 13.24 -51.86
CA GLY B 322 -18.57 13.94 -53.03
C GLY B 322 -19.20 15.28 -53.32
N LYS B 323 -20.00 15.83 -52.42
CA LYS B 323 -20.62 17.13 -52.61
C LYS B 323 -20.36 18.00 -51.40
N ARG B 324 -20.09 19.28 -51.63
CA ARG B 324 -19.86 20.19 -50.52
C ARG B 324 -21.12 20.27 -49.66
N LEU B 325 -20.93 20.15 -48.34
CA LEU B 325 -22.02 20.26 -47.39
C LEU B 325 -21.63 21.25 -46.31
N LEU B 326 -22.34 22.36 -46.22
CA LEU B 326 -22.12 23.29 -45.11
C LEU B 326 -22.71 22.69 -43.83
N LEU B 327 -21.88 22.45 -42.83
CA LEU B 327 -22.37 21.89 -41.57
C LEU B 327 -23.20 22.93 -40.83
N ARG B 328 -24.46 22.59 -40.57
CA ARG B 328 -25.42 23.48 -39.91
C ARG B 328 -25.62 22.92 -38.51
N GLY B 329 -24.83 23.42 -37.56
CA GLY B 329 -24.65 22.66 -36.33
C GLY B 329 -25.23 23.28 -35.07
N THR B 330 -25.35 22.46 -34.02
CA THR B 330 -25.67 22.90 -32.69
C THR B 330 -24.88 22.01 -31.71
N HIS B 331 -25.15 22.18 -30.43
CA HIS B 331 -24.62 21.33 -29.37
C HIS B 331 -25.76 20.92 -28.44
N ARG B 332 -25.50 19.94 -27.59
CA ARG B 332 -26.44 19.68 -26.51
C ARG B 332 -25.68 19.15 -25.32
N HIS B 333 -26.18 19.49 -24.12
CA HIS B 333 -25.81 18.83 -22.87
C HIS B 333 -26.92 17.86 -22.48
N GLU B 334 -26.55 16.81 -21.75
CA GLU B 334 -27.52 15.91 -21.13
C GLU B 334 -28.02 16.57 -19.87
N ASP B 335 -29.08 17.37 -20.01
CA ASP B 335 -29.63 18.16 -18.93
C ASP B 335 -31.03 18.60 -19.33
N HIS B 336 -31.97 18.54 -18.39
CA HIS B 336 -33.34 18.92 -18.74
C HIS B 336 -34.09 19.39 -17.49
N ALA B 337 -35.08 20.24 -17.73
CA ALA B 337 -35.87 20.80 -16.63
C ALA B 337 -36.46 19.69 -15.77
N GLY B 338 -36.33 19.84 -14.46
CA GLY B 338 -36.91 18.93 -13.52
C GLY B 338 -36.12 17.67 -13.25
N VAL B 339 -35.18 17.29 -14.11
CA VAL B 339 -34.53 15.99 -13.99
C VAL B 339 -33.01 16.04 -14.08
N ALA B 340 -32.44 17.21 -14.40
CA ALA B 340 -30.99 17.36 -14.61
C ALA B 340 -30.57 16.33 -15.66
N GLN B 341 -29.54 15.51 -15.41
CA GLN B 341 -29.06 14.61 -16.46
C GLN B 341 -29.98 13.43 -16.72
N ALA B 342 -30.94 13.14 -15.84
CA ALA B 342 -31.75 11.92 -15.96
C ALA B 342 -32.90 12.09 -16.98
N MET B 343 -32.53 12.32 -18.24
CA MET B 343 -33.52 12.40 -19.31
C MET B 343 -33.98 11.01 -19.73
N THR B 344 -35.26 10.89 -20.08
CA THR B 344 -35.78 9.63 -20.58
C THR B 344 -35.58 9.51 -22.09
N GLU B 345 -35.77 8.30 -22.60
CA GLU B 345 -35.69 8.12 -24.05
C GLU B 345 -36.70 9.01 -24.78
N ASP B 346 -37.91 9.14 -24.23
CA ASP B 346 -38.94 9.97 -24.89
C ASP B 346 -38.50 11.44 -24.93
N MET B 347 -37.89 11.93 -23.86
CA MET B 347 -37.40 13.30 -23.86
C MET B 347 -36.33 13.48 -24.92
N MET B 348 -35.41 12.51 -25.03
CA MET B 348 -34.34 12.59 -26.02
C MET B 348 -34.90 12.59 -27.43
N ARG B 349 -35.89 11.74 -27.69
CA ARG B 349 -36.52 11.69 -29.01
C ARG B 349 -37.17 13.02 -29.36
N ARG B 350 -37.88 13.63 -28.41
CA ARG B 350 -38.50 14.92 -28.66
C ARG B 350 -37.46 16.00 -28.96
N GLU B 351 -36.38 16.03 -28.17
CA GLU B 351 -35.35 17.06 -28.39
C GLU B 351 -34.68 16.90 -29.75
N MET B 352 -34.31 15.67 -30.11
CA MET B 352 -33.59 15.48 -31.37
C MET B 352 -34.50 15.75 -32.55
N ARG B 353 -35.79 15.43 -32.43
CA ARG B 353 -36.74 15.78 -33.48
C ARG B 353 -36.86 17.30 -33.63
N MET B 354 -36.89 18.03 -32.50
CA MET B 354 -36.94 19.49 -32.55
C MET B 354 -35.73 20.05 -33.29
N MET B 355 -34.55 19.47 -33.06
CA MET B 355 -33.35 19.89 -33.78
C MET B 355 -33.50 19.66 -35.28
N LYS B 356 -33.90 18.44 -35.66
CA LYS B 356 -34.07 18.12 -37.07
C LYS B 356 -35.08 19.06 -37.72
N ASP B 357 -36.19 19.33 -37.03
CA ASP B 357 -37.20 20.26 -37.56
C ASP B 357 -36.68 21.69 -37.67
N MET B 358 -35.58 22.02 -36.99
CA MET B 358 -34.95 23.33 -37.11
C MET B 358 -33.94 23.39 -38.26
N GLY B 359 -33.65 22.26 -38.89
CA GLY B 359 -32.70 22.22 -39.99
C GLY B 359 -31.30 21.80 -39.64
N VAL B 360 -31.07 21.35 -38.41
CA VAL B 360 -29.73 20.91 -38.01
C VAL B 360 -29.28 19.72 -38.85
N ASN B 361 -28.00 19.74 -39.26
CA ASN B 361 -27.39 18.55 -39.86
C ASN B 361 -26.09 18.15 -39.18
N PHE B 362 -25.72 18.80 -38.07
CA PHE B 362 -24.45 18.56 -37.41
C PHE B 362 -24.60 18.87 -35.92
N ILE B 363 -23.99 18.05 -35.08
CA ILE B 363 -24.02 18.33 -33.64
C ILE B 363 -22.70 17.93 -33.02
N ARG B 364 -22.20 18.76 -32.11
CA ARG B 364 -21.13 18.39 -31.20
C ARG B 364 -21.79 18.09 -29.86
N LEU B 365 -21.56 16.89 -29.35
CA LEU B 365 -22.35 16.37 -28.23
C LEU B 365 -21.82 16.89 -26.89
N GLY B 366 -21.81 18.21 -26.76
CA GLY B 366 -21.32 18.81 -25.53
C GLY B 366 -19.86 18.45 -25.33
N HIS B 367 -19.48 18.20 -24.07
CA HIS B 367 -18.08 17.95 -23.76
C HIS B 367 -17.82 16.51 -23.33
N TYR B 368 -18.65 15.56 -23.75
CA TYR B 368 -18.49 14.19 -23.26
C TYR B 368 -19.27 13.25 -24.15
N GLN B 369 -18.97 11.96 -23.99
CA GLN B 369 -19.73 10.91 -24.64
C GLN B 369 -21.17 10.94 -24.15
N GLN B 370 -22.10 10.75 -25.08
CA GLN B 370 -23.50 10.85 -24.71
C GLN B 370 -24.19 9.50 -24.88
N SER B 371 -25.40 9.43 -24.33
CA SER B 371 -26.22 8.23 -24.40
C SER B 371 -26.26 7.66 -25.81
N GLU B 372 -26.18 6.32 -25.91
CA GLU B 372 -26.28 5.72 -27.23
C GLU B 372 -27.64 5.97 -27.88
N ILE B 373 -28.68 6.27 -27.10
CA ILE B 373 -29.96 6.68 -27.68
C ILE B 373 -29.76 7.91 -28.58
N ILE B 374 -28.94 8.86 -28.14
CA ILE B 374 -28.66 10.05 -28.92
C ILE B 374 -27.95 9.68 -30.22
N LEU B 375 -26.93 8.82 -30.13
CA LEU B 375 -26.19 8.46 -31.34
C LEU B 375 -27.07 7.73 -32.34
N ASP B 376 -27.92 6.82 -31.86
CA ASP B 376 -28.88 6.17 -32.75
C ASP B 376 -29.81 7.19 -33.41
N LEU B 377 -30.23 8.21 -32.65
CA LEU B 377 -31.11 9.23 -33.22
C LEU B 377 -30.38 10.06 -34.28
N CYS B 378 -29.10 10.34 -34.08
CA CYS B 378 -28.34 11.06 -35.10
C CYS B 378 -28.21 10.22 -36.38
N ASP B 379 -27.96 8.91 -36.23
CA ASP B 379 -27.93 8.02 -37.40
C ASP B 379 -29.26 8.04 -38.15
N GLU B 380 -30.37 8.01 -37.41
CA GLU B 380 -31.69 7.87 -38.03
C GLU B 380 -32.23 9.17 -38.59
N LEU B 381 -31.86 10.31 -37.99
CA LEU B 381 -32.38 11.61 -38.40
C LEU B 381 -31.51 12.33 -39.40
N GLY B 382 -30.24 11.91 -39.57
CA GLY B 382 -29.33 12.55 -40.49
C GLY B 382 -28.58 13.74 -39.90
N ILE B 383 -27.92 13.53 -38.77
CA ILE B 383 -27.19 14.59 -38.07
C ILE B 383 -25.77 14.08 -37.84
N LEU B 384 -24.79 14.71 -38.51
CA LEU B 384 -23.39 14.34 -38.31
C LEU B 384 -22.93 14.72 -36.90
N VAL B 385 -21.89 14.04 -36.42
CA VAL B 385 -21.55 14.11 -34.99
C VAL B 385 -20.06 14.35 -34.77
N TRP B 386 -19.77 15.29 -33.86
CA TRP B 386 -18.48 15.43 -33.17
C TRP B 386 -18.70 15.02 -31.72
N GLU B 387 -17.95 14.03 -31.24
CA GLU B 387 -18.08 13.54 -29.87
C GLU B 387 -16.70 13.51 -29.23
N GLU B 388 -16.58 14.05 -28.00
CA GLU B 388 -15.27 14.27 -27.38
C GLU B 388 -15.23 13.70 -25.95
N ILE B 389 -14.01 13.56 -25.45
CA ILE B 389 -13.82 13.17 -24.05
C ILE B 389 -13.88 14.42 -23.20
N PRO B 390 -14.26 14.32 -21.92
CA PRO B 390 -14.40 15.53 -21.10
C PRO B 390 -13.11 16.03 -20.50
N TRP B 391 -12.02 16.02 -21.28
CA TRP B 391 -10.79 16.71 -20.87
C TRP B 391 -11.04 18.18 -21.17
N CYS B 392 -11.64 18.88 -20.19
CA CYS B 392 -12.28 20.17 -20.42
C CYS B 392 -11.84 21.14 -19.33
N ARG B 393 -10.80 21.94 -19.66
CA ARG B 393 -10.19 22.97 -18.78
C ARG B 393 -9.31 22.41 -17.66
N GLY B 394 -8.41 23.25 -17.13
CA GLY B 394 -7.76 23.02 -15.85
C GLY B 394 -6.26 22.71 -15.95
N GLY B 395 -5.80 22.22 -17.09
CA GLY B 395 -4.41 21.79 -17.22
C GLY B 395 -4.27 20.30 -17.46
N LEU B 396 -3.45 19.62 -16.65
CA LEU B 396 -3.17 18.21 -16.86
C LEU B 396 -2.78 17.59 -15.52
N GLY B 397 -3.47 16.52 -15.11
CA GLY B 397 -3.22 15.87 -13.83
C GLY B 397 -2.18 14.80 -13.93
N GLY B 398 -2.16 13.93 -12.92
CA GLY B 398 -1.16 12.90 -12.78
C GLY B 398 -1.52 11.62 -13.50
N ASP B 399 -0.98 10.50 -13.01
CA ASP B 399 -1.10 9.23 -13.73
C ASP B 399 -2.54 8.73 -13.79
N VAL B 400 -3.30 8.89 -12.70
CA VAL B 400 -4.69 8.42 -12.69
C VAL B 400 -5.55 9.25 -13.66
N TYR B 401 -5.36 10.56 -13.63
CA TYR B 401 -6.03 11.49 -14.55
C TYR B 401 -5.76 11.12 -16.01
N LYS B 402 -4.48 10.92 -16.36
CA LYS B 402 -4.14 10.55 -17.73
C LYS B 402 -4.72 9.19 -18.10
N LYS B 403 -4.70 8.24 -17.16
CA LYS B 403 -5.26 6.93 -17.46
C LYS B 403 -6.77 7.01 -17.73
N GLN B 404 -7.47 7.88 -17.00
CA GLN B 404 -8.90 8.05 -17.25
C GLN B 404 -9.14 8.64 -18.63
N ALA B 405 -8.36 9.64 -19.02
CA ALA B 405 -8.56 10.25 -20.34
C ALA B 405 -8.33 9.22 -21.44
N ARG B 406 -7.25 8.43 -21.35
CA ARG B 406 -7.00 7.38 -22.33
C ARG B 406 -8.14 6.38 -22.37
N ARG B 407 -8.58 5.92 -21.19
CA ARG B 407 -9.66 4.93 -21.12
C ARG B 407 -10.96 5.47 -21.70
N MET B 408 -11.32 6.70 -21.36
CA MET B 408 -12.57 7.23 -21.88
C MET B 408 -12.48 7.47 -23.38
N LEU B 409 -11.32 7.85 -23.90
CA LEU B 409 -11.19 8.00 -25.35
C LEU B 409 -11.34 6.66 -26.06
N ALA B 410 -10.64 5.63 -25.57
CA ALA B 410 -10.77 4.31 -26.15
C ALA B 410 -12.20 3.80 -26.04
N ASN B 411 -12.82 3.97 -24.86
CA ASN B 411 -14.20 3.49 -24.69
C ASN B 411 -15.14 4.19 -25.66
N MET B 412 -14.99 5.50 -25.82
CA MET B 412 -15.89 6.25 -26.72
C MET B 412 -15.77 5.75 -28.15
N ILE B 413 -14.53 5.59 -28.63
CA ILE B 413 -14.31 5.18 -30.00
C ILE B 413 -14.78 3.74 -30.21
N VAL B 414 -14.41 2.85 -29.29
CA VAL B 414 -14.82 1.46 -29.40
C VAL B 414 -16.33 1.34 -29.36
N GLN B 415 -16.97 2.08 -28.45
CA GLN B 415 -18.41 1.91 -28.25
C GLN B 415 -19.23 2.56 -29.35
N HIS B 416 -18.77 3.67 -29.91
CA HIS B 416 -19.58 4.41 -30.88
C HIS B 416 -19.04 4.30 -32.29
N HIS B 417 -18.08 3.38 -32.51
CA HIS B 417 -17.38 3.24 -33.78
C HIS B 417 -18.30 3.05 -34.98
N ASN B 418 -19.42 2.35 -34.80
CA ASN B 418 -20.21 1.96 -35.95
C ASN B 418 -21.16 3.03 -36.45
N HIS B 419 -21.38 4.10 -35.70
CA HIS B 419 -22.39 5.10 -36.08
C HIS B 419 -21.93 5.88 -37.29
N PRO B 420 -22.61 5.81 -38.42
CA PRO B 420 -22.17 6.61 -39.58
C PRO B 420 -22.22 8.10 -39.30
N ALA B 421 -23.03 8.54 -38.34
CA ALA B 421 -23.11 9.96 -38.03
C ALA B 421 -21.76 10.54 -37.61
N VAL B 422 -20.93 9.74 -36.91
CA VAL B 422 -19.73 10.30 -36.30
C VAL B 422 -18.67 10.55 -37.38
N ILE B 423 -18.17 11.78 -37.43
CA ILE B 423 -17.05 12.15 -38.29
C ILE B 423 -15.85 12.64 -37.52
N ILE B 424 -15.99 13.02 -36.25
CA ILE B 424 -14.89 13.61 -35.47
C ILE B 424 -14.88 13.01 -34.06
N TRP B 425 -13.69 12.57 -33.61
CA TRP B 425 -13.47 12.28 -32.20
C TRP B 425 -12.70 13.45 -31.59
N GLY B 426 -13.30 14.10 -30.60
CA GLY B 426 -12.67 15.25 -29.96
C GLY B 426 -11.83 14.82 -28.77
N LEU B 427 -10.69 15.48 -28.60
CA LEU B 427 -9.75 15.14 -27.54
C LEU B 427 -9.82 16.09 -26.35
N GLY B 428 -10.55 17.20 -26.45
CA GLY B 428 -10.59 18.10 -25.32
C GLY B 428 -11.07 19.49 -25.71
N ASN B 429 -11.38 20.26 -24.67
CA ASN B 429 -11.95 21.59 -24.88
C ASN B 429 -11.28 22.55 -23.93
N GLU B 430 -10.84 23.70 -24.46
CA GLU B 430 -10.24 24.78 -23.67
C GLU B 430 -9.14 24.26 -22.75
N ASN B 431 -8.24 23.47 -23.32
CA ASN B 431 -7.14 22.92 -22.54
C ASN B 431 -6.04 23.96 -22.28
N ASP B 432 -6.20 25.18 -22.78
CA ASP B 432 -5.34 26.30 -22.38
C ASP B 432 -5.84 26.99 -21.12
N TRP B 433 -6.91 26.49 -20.52
CA TRP B 433 -7.51 27.11 -19.35
C TRP B 433 -6.84 26.55 -18.10
N PRO B 434 -6.09 27.36 -17.34
CA PRO B 434 -5.31 26.81 -16.21
C PRO B 434 -6.04 26.82 -14.88
N ASN B 435 -5.35 26.32 -13.85
CA ASN B 435 -5.57 26.57 -12.41
C ASN B 435 -6.24 25.43 -11.64
N ASP B 436 -6.31 24.23 -12.21
CA ASP B 436 -6.63 23.07 -11.37
C ASP B 436 -5.38 22.52 -10.66
N PHE B 437 -4.20 23.00 -11.02
CA PHE B 437 -2.95 22.56 -10.41
C PHE B 437 -2.08 23.78 -10.15
N ASN B 438 -1.11 23.63 -9.26
CA ASN B 438 -0.22 24.75 -8.97
C ASN B 438 0.83 24.94 -10.06
N THR B 439 0.81 24.14 -11.12
CA THR B 439 1.65 24.34 -12.30
C THR B 439 0.80 24.23 -13.55
N PHE B 440 1.31 24.82 -14.63
CA PHE B 440 0.68 24.71 -15.95
C PHE B 440 1.81 24.55 -16.96
N ASP B 441 1.87 23.41 -17.60
CA ASP B 441 3.01 23.05 -18.44
C ASP B 441 2.49 22.82 -19.86
N LYS B 442 2.67 23.81 -20.72
CA LYS B 442 2.20 23.69 -22.10
C LYS B 442 2.81 22.47 -22.79
N SER B 443 4.09 22.21 -22.50
CA SER B 443 4.76 21.11 -23.19
C SER B 443 4.19 19.76 -22.75
N ALA B 444 3.85 19.63 -21.46
CA ALA B 444 3.25 18.36 -21.00
C ALA B 444 1.86 18.16 -21.58
N ILE B 445 1.10 19.25 -21.74
CA ILE B 445 -0.21 19.18 -22.38
C ILE B 445 -0.08 18.77 -23.83
N ARG B 446 0.88 19.36 -24.56
CA ARG B 446 1.11 18.97 -25.95
C ARG B 446 1.48 17.50 -26.06
N ALA B 447 2.40 17.05 -25.20
CA ALA B 447 2.86 15.67 -25.28
C ALA B 447 1.71 14.70 -25.08
N PHE B 448 0.84 14.98 -24.10
CA PHE B 448 -0.29 14.10 -23.84
C PHE B 448 -1.35 14.24 -24.93
N MET B 449 -1.58 15.46 -25.43
CA MET B 449 -2.51 15.61 -26.55
C MET B 449 -2.07 14.80 -27.77
N LYS B 450 -0.77 14.80 -28.09
CA LYS B 450 -0.31 14.01 -29.23
C LYS B 450 -0.44 12.52 -28.97
N GLU B 451 -0.24 12.09 -27.72
CA GLU B 451 -0.45 10.68 -27.38
C GLU B 451 -1.90 10.26 -27.64
N LEU B 452 -2.86 11.09 -27.21
CA LEU B 452 -4.27 10.80 -27.44
C LEU B 452 -4.58 10.80 -28.94
N HIS B 453 -4.07 11.80 -29.66
CA HIS B 453 -4.26 11.85 -31.10
C HIS B 453 -3.73 10.57 -31.76
N ASP B 454 -2.53 10.15 -31.40
CA ASP B 454 -1.96 8.94 -32.01
C ASP B 454 -2.78 7.70 -31.66
N MET B 455 -3.29 7.64 -30.43
CA MET B 455 -4.10 6.52 -30.01
C MET B 455 -5.43 6.48 -30.76
N ALA B 456 -6.08 7.63 -30.90
CA ALA B 456 -7.32 7.67 -31.69
C ALA B 456 -7.09 7.14 -33.10
N HIS B 457 -5.99 7.53 -33.73
CA HIS B 457 -5.71 7.05 -35.08
C HIS B 457 -5.37 5.57 -35.14
N ARG B 458 -4.74 5.02 -34.10
CA ARG B 458 -4.55 3.58 -34.06
C ARG B 458 -5.88 2.86 -33.93
N LEU B 459 -6.80 3.42 -33.16
CA LEU B 459 -8.10 2.78 -32.93
C LEU B 459 -9.03 2.93 -34.13
N ASP B 460 -9.01 4.08 -34.79
CA ASP B 460 -9.98 4.36 -35.83
C ASP B 460 -9.40 5.46 -36.74
N ASP B 461 -8.69 5.03 -37.78
CA ASP B 461 -8.12 6.02 -38.68
C ASP B 461 -9.10 6.52 -39.74
N THR B 462 -10.37 6.11 -39.70
CA THR B 462 -11.34 6.60 -40.66
C THR B 462 -11.99 7.91 -40.23
N ARG B 463 -11.70 8.39 -39.03
CA ARG B 463 -12.29 9.63 -38.56
C ARG B 463 -11.21 10.63 -38.19
N MET B 464 -11.59 11.89 -38.10
CA MET B 464 -10.68 12.97 -37.78
C MET B 464 -10.68 13.22 -36.29
N THR B 465 -9.50 13.53 -35.75
CA THR B 465 -9.43 14.04 -34.38
C THR B 465 -9.61 15.56 -34.39
N ALA B 466 -10.03 16.10 -33.26
CA ALA B 466 -10.18 17.54 -33.13
C ALA B 466 -10.08 17.95 -31.67
N ILE B 467 -9.83 19.24 -31.48
CA ILE B 467 -10.00 19.92 -30.20
C ILE B 467 -10.61 21.29 -30.48
N ARG B 468 -11.03 21.95 -29.40
CA ARG B 468 -11.52 23.32 -29.43
C ARG B 468 -10.70 24.17 -28.46
N ARG B 469 -10.21 25.29 -28.96
CA ARG B 469 -9.55 26.37 -28.19
C ARG B 469 -8.38 25.87 -27.34
N CYS B 470 -7.29 25.57 -28.04
CA CYS B 470 -6.01 25.44 -27.38
C CYS B 470 -4.97 25.76 -28.46
N GLU B 471 -4.66 27.06 -28.60
CA GLU B 471 -3.89 27.48 -29.76
C GLU B 471 -2.53 26.80 -29.78
N PHE B 472 -1.93 26.57 -28.61
CA PHE B 472 -0.61 25.94 -28.62
C PHE B 472 -0.65 24.44 -28.92
N CYS B 473 -1.82 23.86 -29.17
CA CYS B 473 -1.93 22.50 -29.68
C CYS B 473 -2.52 22.42 -31.08
N ASN B 474 -2.63 23.54 -31.79
CA ASN B 474 -3.41 23.52 -33.03
C ASN B 474 -2.69 22.80 -34.17
N ASP B 475 -1.43 22.39 -34.00
CA ASP B 475 -0.70 21.63 -35.01
C ASP B 475 -0.82 20.12 -34.80
N ILE B 476 -1.47 19.68 -33.73
CA ILE B 476 -1.48 18.27 -33.36
C ILE B 476 -2.65 17.53 -33.99
N VAL B 477 -3.85 18.11 -33.97
CA VAL B 477 -5.06 17.39 -34.34
C VAL B 477 -5.37 17.52 -35.83
N ASP B 478 -6.26 16.67 -36.33
CA ASP B 478 -6.68 16.74 -37.73
C ASP B 478 -7.51 17.98 -38.01
N VAL B 479 -8.46 18.30 -37.12
CA VAL B 479 -9.44 19.37 -37.32
C VAL B 479 -9.38 20.29 -36.11
N TYR B 480 -9.39 21.60 -36.32
CA TYR B 480 -9.22 22.51 -35.20
C TYR B 480 -10.33 23.55 -35.16
N SER B 481 -10.83 23.83 -33.95
CA SER B 481 -11.76 24.93 -33.74
C SER B 481 -11.15 25.95 -32.79
N PRO B 482 -11.08 27.21 -33.19
CA PRO B 482 -10.75 28.27 -32.25
C PRO B 482 -11.98 28.69 -31.47
N SER B 483 -11.83 29.73 -30.65
CA SER B 483 -12.95 30.38 -29.99
C SER B 483 -13.33 31.62 -30.80
N ILE B 484 -14.56 31.64 -31.32
CA ILE B 484 -15.07 32.78 -32.09
C ILE B 484 -16.46 33.09 -31.56
N TRP B 485 -16.57 34.12 -30.72
CA TRP B 485 -17.86 34.52 -30.15
C TRP B 485 -18.19 35.95 -30.58
N ALA B 486 -18.23 36.19 -31.89
CA ALA B 486 -18.40 37.55 -32.38
C ALA B 486 -19.74 38.11 -31.95
N GLY B 487 -19.71 39.30 -31.35
CA GLY B 487 -20.92 39.93 -30.89
C GLY B 487 -21.41 39.45 -29.54
N TRP B 488 -20.70 38.52 -28.89
CA TRP B 488 -21.09 38.17 -27.53
C TRP B 488 -19.93 38.44 -26.57
N TYR B 489 -18.98 37.53 -26.47
CA TYR B 489 -17.89 37.79 -25.54
C TYR B 489 -16.89 38.82 -26.06
N ARG B 490 -16.87 39.10 -27.35
CA ARG B 490 -15.90 40.06 -27.87
C ARG B 490 -16.35 40.61 -29.23
N GLY B 491 -15.90 41.83 -29.51
CA GLY B 491 -16.14 42.43 -30.81
C GLY B 491 -17.63 42.68 -31.04
N VAL B 492 -17.99 42.72 -32.33
CA VAL B 492 -19.36 42.86 -32.77
C VAL B 492 -19.64 41.71 -33.72
N PHE B 493 -20.92 41.35 -33.87
CA PHE B 493 -21.16 40.15 -34.68
C PHE B 493 -20.83 40.36 -36.16
N THR B 494 -20.72 41.61 -36.63
CA THR B 494 -20.27 41.86 -38.00
C THR B 494 -18.79 41.50 -38.21
N ASP B 495 -18.06 41.16 -37.13
CA ASP B 495 -16.68 40.67 -37.21
C ASP B 495 -16.61 39.17 -37.52
N TYR B 496 -17.77 38.50 -37.57
CA TYR B 496 -17.79 37.04 -37.63
C TYR B 496 -17.03 36.50 -38.85
N LYS B 497 -17.34 37.00 -40.05
CA LYS B 497 -16.73 36.43 -41.25
C LYS B 497 -15.23 36.66 -41.25
N SER B 498 -14.81 37.84 -40.84
CA SER B 498 -13.38 38.18 -40.84
C SER B 498 -12.59 37.29 -39.88
N ILE B 499 -13.11 37.10 -38.67
CA ILE B 499 -12.40 36.25 -37.72
C ILE B 499 -12.34 34.81 -38.23
N SER B 500 -13.46 34.32 -38.79
CA SER B 500 -13.48 32.95 -39.31
C SER B 500 -12.47 32.77 -40.43
N GLU B 501 -12.40 33.75 -41.35
CA GLU B 501 -11.44 33.70 -42.46
C GLU B 501 -10.00 33.69 -41.95
N GLN B 502 -9.69 34.54 -40.99
CA GLN B 502 -8.34 34.57 -40.45
C GLN B 502 -7.99 33.24 -39.80
N GLU B 503 -8.91 32.69 -39.02
CA GLU B 503 -8.64 31.47 -38.26
C GLU B 503 -8.51 30.26 -39.17
N MET B 504 -9.33 30.21 -40.23
CA MET B 504 -9.25 29.05 -41.11
C MET B 504 -7.88 28.95 -41.77
N GLN B 505 -7.20 30.09 -41.96
CA GLN B 505 -5.88 30.08 -42.60
C GLN B 505 -4.78 29.54 -41.69
N LYS B 506 -5.03 29.47 -40.38
CA LYS B 506 -4.00 29.04 -39.44
C LYS B 506 -3.86 27.54 -39.34
N VAL B 507 -4.81 26.76 -39.86
CA VAL B 507 -4.81 25.32 -39.68
C VAL B 507 -5.16 24.66 -41.01
N LYS B 508 -4.85 23.37 -41.12
CA LYS B 508 -5.17 22.65 -42.35
C LYS B 508 -6.68 22.47 -42.51
N HIS B 509 -7.37 22.10 -41.42
CA HIS B 509 -8.81 21.86 -41.44
C HIS B 509 -9.44 22.63 -40.29
N PHE B 510 -10.28 23.60 -40.63
CA PHE B 510 -10.94 24.51 -39.69
C PHE B 510 -12.41 24.13 -39.60
N LEU B 511 -12.93 24.08 -38.37
CA LEU B 511 -14.35 23.82 -38.15
C LEU B 511 -14.75 24.60 -36.90
N HIS B 512 -15.71 25.50 -37.01
CA HIS B 512 -15.99 26.45 -35.93
C HIS B 512 -17.08 25.88 -35.02
N VAL B 513 -16.72 25.42 -33.82
CA VAL B 513 -17.73 24.99 -32.86
C VAL B 513 -17.78 26.00 -31.70
N GLU B 514 -19.02 26.42 -31.38
CA GLU B 514 -19.48 27.34 -30.33
C GLU B 514 -19.53 28.79 -30.79
N TRP B 515 -20.75 29.32 -30.84
CA TRP B 515 -21.01 30.74 -31.02
C TRP B 515 -22.45 30.99 -30.61
N GLY B 516 -22.80 32.27 -30.48
CA GLY B 516 -24.15 32.60 -30.09
C GLY B 516 -24.20 33.68 -29.05
N GLY B 517 -25.27 33.69 -28.23
CA GLY B 517 -25.38 34.67 -27.16
C GLY B 517 -26.53 34.31 -26.25
N ASP B 518 -26.47 34.83 -25.03
CA ASP B 518 -27.50 34.54 -24.04
C ASP B 518 -28.76 35.35 -24.31
N SER B 519 -29.91 34.71 -24.11
CA SER B 519 -31.17 35.45 -24.07
C SER B 519 -32.05 34.88 -22.96
N HIS B 520 -32.45 35.77 -22.04
CA HIS B 520 -33.43 35.50 -20.99
C HIS B 520 -34.79 35.36 -21.65
N ALA B 521 -35.29 34.12 -21.74
CA ALA B 521 -36.51 33.89 -22.50
C ALA B 521 -37.63 34.80 -21.98
N ARG B 522 -38.31 35.48 -22.90
CA ARG B 522 -39.42 36.41 -22.72
C ARG B 522 -38.93 37.83 -22.42
N ARG B 523 -37.62 38.08 -22.39
CA ARG B 523 -37.11 39.44 -22.28
C ARG B 523 -36.82 39.98 -23.68
N HIS B 524 -37.31 41.18 -23.97
CA HIS B 524 -37.12 41.78 -25.29
C HIS B 524 -36.58 43.19 -25.10
N SER B 525 -36.10 43.80 -26.18
CA SER B 525 -35.50 45.11 -26.04
C SER B 525 -35.75 45.95 -27.28
N GLU B 526 -36.25 47.18 -27.08
CA GLU B 526 -36.40 48.12 -28.18
C GLU B 526 -35.06 48.62 -28.68
N ASP B 527 -34.04 48.66 -27.80
CA ASP B 527 -32.71 49.12 -28.17
C ASP B 527 -32.08 48.27 -29.26
N ALA B 528 -32.43 46.99 -29.33
CA ALA B 528 -31.86 46.11 -30.35
C ALA B 528 -32.37 46.42 -31.75
N PHE B 529 -33.48 47.15 -31.88
CA PHE B 529 -34.11 47.34 -33.18
C PHE B 529 -33.76 48.68 -33.80
N TYR B 530 -33.85 48.69 -35.13
CA TYR B 530 -33.66 49.90 -35.93
C TYR B 530 -35.01 50.60 -36.03
N ASN B 531 -35.34 51.35 -34.99
CA ASN B 531 -36.61 52.07 -34.91
C ASN B 531 -36.37 53.49 -35.43
N LEU B 532 -37.36 54.04 -36.12
CA LEU B 532 -37.24 55.33 -36.79
C LEU B 532 -38.15 56.35 -36.12
N LYS B 533 -37.55 57.42 -35.63
CA LYS B 533 -38.29 58.43 -34.87
C LYS B 533 -39.00 59.39 -35.83
N ASP B 560 -26.35 46.11 -27.75
CA ASP B 560 -27.64 46.66 -28.11
C ASP B 560 -28.76 45.74 -27.61
N GLY B 561 -29.02 45.80 -26.30
CA GLY B 561 -30.01 44.95 -25.70
C GLY B 561 -29.50 43.54 -25.43
N ASP B 562 -28.27 43.43 -24.94
CA ASP B 562 -27.70 42.11 -24.65
C ASP B 562 -28.48 41.44 -23.53
N TRP B 563 -28.54 40.11 -23.62
CA TRP B 563 -29.35 39.18 -22.84
C TRP B 563 -30.84 39.29 -23.16
N SER B 564 -31.26 40.17 -24.08
CA SER B 564 -32.63 40.10 -24.59
C SER B 564 -32.68 39.13 -25.77
N GLU B 565 -33.86 38.55 -26.02
CA GLU B 565 -34.01 37.77 -27.25
C GLU B 565 -33.84 38.63 -28.48
N SER B 566 -34.16 39.93 -28.37
CA SER B 566 -34.14 40.81 -29.54
C SER B 566 -32.73 40.95 -30.11
N TYR B 567 -31.72 40.99 -29.24
CA TYR B 567 -30.35 41.07 -29.74
C TYR B 567 -29.90 39.74 -30.34
N VAL B 568 -30.17 38.63 -29.66
CA VAL B 568 -29.61 37.38 -30.16
C VAL B 568 -30.24 36.96 -31.49
N VAL B 569 -31.51 37.31 -31.76
CA VAL B 569 -32.04 36.96 -33.08
C VAL B 569 -31.24 37.65 -34.17
N ARG B 570 -30.83 38.90 -33.92
CA ARG B 570 -30.07 39.63 -34.93
C ARG B 570 -28.68 39.04 -35.11
N LEU B 571 -28.06 38.62 -33.99
CA LEU B 571 -26.74 38.01 -34.07
C LEU B 571 -26.78 36.72 -34.87
N ILE B 572 -27.79 35.88 -34.63
CA ILE B 572 -27.91 34.62 -35.36
C ILE B 572 -28.20 34.89 -36.82
N ASP B 573 -29.16 35.77 -37.09
CA ASP B 573 -29.50 36.20 -38.44
C ASP B 573 -28.25 36.57 -39.23
N TRP B 574 -27.42 37.43 -38.65
CA TRP B 574 -26.19 37.85 -39.32
C TRP B 574 -25.26 36.68 -39.63
N HIS B 575 -24.98 35.85 -38.63
CA HIS B 575 -24.10 34.70 -38.88
C HIS B 575 -24.62 33.86 -40.03
N LEU B 576 -25.93 33.56 -40.05
CA LEU B 576 -26.43 32.64 -41.07
C LEU B 576 -26.38 33.25 -42.47
N LYS B 577 -26.65 34.54 -42.59
CA LYS B 577 -26.56 35.12 -43.92
C LYS B 577 -25.10 35.25 -44.38
N GLU B 578 -24.16 35.48 -43.44
CA GLU B 578 -22.75 35.48 -43.81
C GLU B 578 -22.33 34.11 -44.33
N GLN B 579 -22.84 33.04 -43.71
CA GLN B 579 -22.43 31.70 -44.12
C GLN B 579 -22.84 31.37 -45.55
N GLU B 580 -23.86 32.05 -46.08
CA GLU B 580 -24.20 31.86 -47.49
C GLU B 580 -23.16 32.43 -48.44
N THR B 581 -22.21 33.24 -47.95
CA THR B 581 -21.19 33.84 -48.79
C THR B 581 -19.79 33.30 -48.48
N MET B 582 -19.71 32.15 -47.80
CA MET B 582 -18.44 31.59 -47.35
C MET B 582 -18.30 30.19 -47.93
N PRO B 583 -17.99 30.06 -49.23
CA PRO B 583 -17.96 28.72 -49.84
C PRO B 583 -16.82 27.85 -49.35
N TRP B 584 -15.79 28.44 -48.74
CA TRP B 584 -14.66 27.69 -48.22
C TRP B 584 -14.94 27.08 -46.85
N LEU B 585 -16.08 27.39 -46.24
CA LEU B 585 -16.34 27.09 -44.85
C LEU B 585 -16.82 25.66 -44.67
N THR B 586 -16.15 24.89 -43.81
CA THR B 586 -16.66 23.58 -43.45
C THR B 586 -18.05 23.69 -42.83
N GLY B 587 -18.18 24.52 -41.80
CA GLY B 587 -19.46 24.72 -41.14
C GLY B 587 -19.23 25.22 -39.73
N THR B 588 -20.33 25.33 -38.98
CA THR B 588 -20.28 25.80 -37.60
C THR B 588 -21.29 25.06 -36.76
N ALA B 589 -21.16 25.20 -35.44
CA ALA B 589 -22.15 24.66 -34.52
C ALA B 589 -22.44 25.72 -33.46
N TYR B 590 -23.70 26.18 -33.45
CA TYR B 590 -24.19 27.10 -32.42
C TYR B 590 -24.08 26.44 -31.04
N TRP B 591 -23.81 27.25 -30.01
CA TRP B 591 -23.74 26.73 -28.63
C TRP B 591 -24.79 27.34 -27.71
N PRO B 592 -25.73 26.57 -27.12
CA PRO B 592 -26.16 25.19 -27.37
C PRO B 592 -27.56 25.21 -27.98
N PHE B 593 -28.13 24.03 -28.24
CA PHE B 593 -29.53 23.99 -28.66
C PHE B 593 -30.46 24.45 -27.55
N LYS B 594 -30.23 23.96 -26.33
CA LYS B 594 -31.18 24.14 -25.23
C LYS B 594 -30.48 24.71 -24.01
N ASP B 595 -31.12 25.70 -23.36
CA ASP B 595 -30.61 26.21 -22.09
C ASP B 595 -30.26 25.03 -21.16
N PHE B 596 -29.17 25.16 -20.42
CA PHE B 596 -28.75 24.08 -19.51
C PHE B 596 -28.13 24.68 -18.27
N SER B 597 -28.09 23.88 -17.18
CA SER B 597 -27.61 24.38 -15.91
C SER B 597 -26.08 24.36 -15.87
N THR B 598 -25.50 25.35 -15.18
CA THR B 598 -24.05 25.42 -14.98
C THR B 598 -23.78 25.95 -13.58
N PRO B 599 -22.83 25.37 -12.85
CA PRO B 599 -22.60 25.79 -11.47
C PRO B 599 -21.83 27.10 -11.36
N VAL B 600 -21.24 27.60 -12.44
CA VAL B 600 -20.35 28.74 -12.34
C VAL B 600 -21.06 30.05 -12.68
N ARG B 601 -22.38 30.04 -12.84
CA ARG B 601 -23.12 31.27 -13.19
C ARG B 601 -24.27 31.52 -12.21
N PRO B 602 -23.96 31.70 -10.91
CA PRO B 602 -25.03 31.90 -9.93
C PRO B 602 -25.86 33.15 -10.18
N ASP B 603 -25.32 34.13 -10.90
CA ASP B 603 -25.98 35.42 -11.03
C ASP B 603 -26.63 35.63 -12.38
N ASN B 604 -26.79 34.58 -13.19
CA ASN B 604 -27.48 34.74 -14.45
C ASN B 604 -28.95 35.09 -14.22
N PRO B 605 -29.61 35.70 -15.22
CA PRO B 605 -31.02 36.08 -15.04
C PRO B 605 -31.90 34.95 -14.53
N VAL B 606 -31.70 33.75 -15.07
CA VAL B 606 -32.08 32.52 -14.38
C VAL B 606 -30.83 32.01 -13.69
N PRO B 607 -30.78 32.01 -12.36
CA PRO B 607 -29.56 31.57 -11.67
C PRO B 607 -29.14 30.19 -12.11
N TYR B 608 -27.83 30.02 -12.32
CA TYR B 608 -27.21 28.72 -12.59
C TYR B 608 -27.68 28.11 -13.90
N VAL B 609 -28.06 28.92 -14.88
CA VAL B 609 -28.45 28.40 -16.18
C VAL B 609 -27.72 29.19 -17.25
N ASN B 610 -27.06 28.48 -18.17
CA ASN B 610 -26.52 29.06 -19.38
C ASN B 610 -27.69 29.28 -20.34
N GLN B 611 -28.00 30.53 -20.65
CA GLN B 611 -29.22 30.85 -21.39
C GLN B 611 -28.94 31.15 -22.85
N LYS B 612 -27.89 30.53 -23.42
CA LYS B 612 -27.63 30.75 -24.83
C LYS B 612 -28.47 29.88 -25.75
N GLY B 613 -29.29 28.98 -25.20
CA GLY B 613 -30.08 28.10 -26.04
C GLY B 613 -31.06 28.87 -26.91
N VAL B 614 -31.47 28.22 -28.01
CA VAL B 614 -32.60 28.70 -28.79
C VAL B 614 -33.90 28.03 -28.36
N VAL B 615 -33.82 27.12 -27.37
CA VAL B 615 -34.94 26.45 -26.76
C VAL B 615 -34.75 26.54 -25.25
N GLU B 616 -35.84 26.73 -24.50
CA GLU B 616 -35.75 26.77 -23.04
C GLU B 616 -35.48 25.38 -22.49
N ARG B 617 -35.08 25.33 -21.22
CA ARG B 617 -34.67 24.08 -20.60
C ARG B 617 -35.81 23.07 -20.50
N ASP B 618 -37.06 23.50 -20.71
CA ASP B 618 -38.22 22.62 -20.71
C ASP B 618 -38.76 22.33 -22.12
N PHE B 619 -37.99 22.64 -23.17
CA PHE B 619 -38.31 22.46 -24.61
C PHE B 619 -39.10 23.62 -25.22
N THR B 620 -39.45 24.65 -24.47
CA THR B 620 -40.18 25.77 -25.08
C THR B 620 -39.28 26.51 -26.07
N PRO B 621 -39.63 26.60 -27.35
CA PRO B 621 -38.77 27.34 -28.28
C PRO B 621 -38.72 28.81 -27.94
N LYS B 622 -37.52 29.40 -28.05
CA LYS B 622 -37.36 30.84 -27.99
C LYS B 622 -37.57 31.44 -29.38
N GLU B 623 -37.54 32.77 -29.44
CA GLU B 623 -37.69 33.42 -30.73
C GLU B 623 -36.57 33.02 -31.69
N SER B 624 -35.39 32.74 -31.16
CA SER B 624 -34.22 32.40 -31.97
C SER B 624 -34.35 31.06 -32.68
N TYR B 625 -35.19 30.16 -32.17
CA TYR B 625 -35.41 28.88 -32.86
C TYR B 625 -35.90 29.11 -34.28
N TYR B 626 -36.80 30.07 -34.47
CA TYR B 626 -37.41 30.34 -35.76
C TYR B 626 -36.47 31.05 -36.72
N VAL B 627 -35.45 31.73 -36.20
CA VAL B 627 -34.43 32.29 -37.10
C VAL B 627 -33.73 31.16 -37.82
N PHE B 628 -33.18 30.21 -37.07
CA PHE B 628 -32.55 29.04 -37.68
C PHE B 628 -33.49 28.33 -38.62
N GLN B 629 -34.73 28.10 -38.17
CA GLN B 629 -35.67 27.33 -38.98
C GLN B 629 -35.95 28.03 -40.30
N SER B 630 -36.01 29.37 -40.29
CA SER B 630 -36.34 30.11 -41.51
C SER B 630 -35.20 30.06 -42.53
N TYR B 631 -33.96 29.88 -42.07
CA TYR B 631 -32.81 29.79 -42.96
C TYR B 631 -32.52 28.36 -43.42
N TRP B 632 -32.88 27.36 -42.62
CA TRP B 632 -32.30 26.04 -42.75
C TRP B 632 -33.28 24.97 -43.20
N THR B 633 -34.56 25.29 -43.35
CA THR B 633 -35.57 24.30 -43.72
C THR B 633 -36.38 24.79 -44.92
N GLU B 634 -37.00 23.81 -45.60
CA GLU B 634 -37.89 24.07 -46.71
C GLU B 634 -39.37 24.01 -46.36
N LYS B 635 -39.74 23.31 -45.29
CA LYS B 635 -41.16 23.24 -44.95
C LYS B 635 -41.65 24.66 -44.64
N PRO B 636 -42.68 25.14 -45.35
CA PRO B 636 -43.08 26.55 -45.22
C PRO B 636 -43.43 26.91 -43.78
N MET B 637 -42.85 28.00 -43.30
CA MET B 637 -43.16 28.51 -41.97
C MET B 637 -43.07 30.03 -42.01
N ILE B 638 -43.62 30.65 -40.97
CA ILE B 638 -43.62 32.10 -40.87
C ILE B 638 -43.77 32.46 -39.41
N HIS B 639 -42.92 33.37 -38.93
CA HIS B 639 -42.90 33.68 -37.51
C HIS B 639 -42.61 35.17 -37.36
N ILE B 640 -43.63 35.93 -36.92
CA ILE B 640 -43.39 37.31 -36.54
C ILE B 640 -42.64 37.35 -35.22
N TYR B 641 -41.56 38.14 -35.17
CA TYR B 641 -40.84 38.25 -33.91
C TYR B 641 -41.74 38.87 -32.85
N GLY B 642 -41.75 38.28 -31.65
CA GLY B 642 -42.39 38.91 -30.53
C GLY B 642 -43.58 38.18 -29.96
N HIS B 643 -43.66 36.86 -30.13
CA HIS B 643 -44.76 36.10 -29.54
C HIS B 643 -44.82 36.24 -28.02
N THR B 644 -43.67 36.37 -27.36
CA THR B 644 -43.63 36.55 -25.91
C THR B 644 -43.26 37.97 -25.50
N TRP B 645 -43.58 38.95 -26.35
CA TRP B 645 -43.25 40.36 -26.11
C TRP B 645 -44.56 41.12 -25.98
N PRO B 646 -45.12 41.24 -24.79
CA PRO B 646 -46.47 41.80 -24.69
C PRO B 646 -46.56 43.32 -24.86
N VAL B 647 -45.54 44.07 -24.47
CA VAL B 647 -45.62 45.53 -24.48
C VAL B 647 -44.35 46.11 -25.10
N ARG B 648 -44.49 46.71 -26.26
CA ARG B 648 -43.45 47.52 -26.88
C ARG B 648 -43.55 48.97 -26.38
N TRP B 649 -42.54 49.78 -26.69
CA TRP B 649 -42.54 51.15 -26.17
C TRP B 649 -41.74 52.09 -27.06
N GLY B 650 -41.99 53.38 -26.88
CA GLY B 650 -41.30 54.41 -27.63
C GLY B 650 -42.19 55.64 -27.78
N GLY B 651 -41.80 56.50 -28.73
CA GLY B 651 -42.54 57.72 -28.97
C GLY B 651 -43.82 57.47 -29.75
N LYS B 652 -44.74 58.43 -29.64
CA LYS B 652 -46.04 58.29 -30.30
C LYS B 652 -45.92 58.14 -31.82
N ASP B 653 -45.05 58.90 -32.47
CA ASP B 653 -44.98 58.81 -33.92
C ASP B 653 -43.82 57.95 -34.42
N ASP B 654 -43.20 57.17 -33.55
CA ASP B 654 -42.08 56.33 -33.95
C ASP B 654 -42.49 55.26 -34.96
N ARG B 655 -41.65 55.03 -35.96
CA ARG B 655 -41.86 53.92 -36.89
C ARG B 655 -41.08 52.72 -36.35
N LYS B 656 -41.79 51.75 -35.79
CA LYS B 656 -41.14 50.63 -35.10
C LYS B 656 -40.77 49.53 -36.07
N GLU B 657 -39.57 48.96 -35.89
CA GLU B 657 -39.14 47.86 -36.74
C GLU B 657 -39.85 46.58 -36.35
N ILE B 658 -40.39 45.89 -37.35
CA ILE B 658 -41.03 44.60 -37.17
C ILE B 658 -40.29 43.59 -38.03
N LEU B 659 -39.83 42.50 -37.42
CA LEU B 659 -39.11 41.45 -38.13
C LEU B 659 -39.99 40.22 -38.30
N VAL B 660 -39.93 39.62 -39.48
CA VAL B 660 -40.60 38.34 -39.72
C VAL B 660 -39.56 37.35 -40.16
N TYR B 661 -39.49 36.21 -39.47
CA TYR B 661 -38.56 35.15 -39.83
C TYR B 661 -39.35 34.07 -40.56
N SER B 662 -39.05 33.89 -41.84
CA SER B 662 -39.84 33.04 -42.70
C SER B 662 -38.96 32.51 -43.82
N ASN B 663 -39.26 31.30 -44.28
CA ASN B 663 -38.64 30.78 -45.49
C ASN B 663 -39.54 30.96 -46.71
N CYS B 664 -40.65 31.69 -46.56
CA CYS B 664 -41.51 31.96 -47.70
C CYS B 664 -40.83 32.91 -48.70
N ASP B 665 -41.26 32.83 -49.96
CA ASP B 665 -40.67 33.67 -51.01
C ASP B 665 -41.10 35.11 -50.89
N GLU B 666 -42.34 35.35 -50.46
CA GLU B 666 -42.80 36.71 -50.22
C GLU B 666 -43.74 36.70 -49.03
N VAL B 667 -43.76 37.81 -48.31
CA VAL B 667 -44.60 37.97 -47.13
C VAL B 667 -45.28 39.33 -47.17
N GLU B 668 -46.56 39.36 -46.86
CA GLU B 668 -47.28 40.61 -46.65
C GLU B 668 -47.55 40.78 -45.15
N LEU B 669 -47.22 41.95 -44.63
CA LEU B 669 -47.44 42.31 -43.23
C LEU B 669 -48.65 43.21 -43.12
N PHE B 670 -49.46 43.00 -42.08
CA PHE B 670 -50.61 43.83 -41.77
C PHE B 670 -50.48 44.33 -40.35
N VAL B 671 -50.68 45.63 -40.14
CA VAL B 671 -50.70 46.20 -38.79
C VAL B 671 -52.09 46.78 -38.55
N ASN B 672 -52.80 46.23 -37.56
CA ASN B 672 -54.18 46.62 -37.28
C ASN B 672 -55.04 46.51 -38.53
N GLY B 673 -54.83 45.43 -39.30
CA GLY B 673 -55.60 45.14 -40.48
C GLY B 673 -55.20 45.88 -41.75
N VAL B 674 -54.28 46.83 -41.67
CA VAL B 674 -53.87 47.65 -42.82
C VAL B 674 -52.59 47.06 -43.40
N SER B 675 -52.60 46.73 -44.69
CA SER B 675 -51.41 46.18 -45.32
C SER B 675 -50.27 47.18 -45.31
N GLN B 676 -49.07 46.69 -44.97
CA GLN B 676 -47.85 47.48 -45.01
C GLN B 676 -46.98 47.14 -46.21
N GLY B 677 -47.49 46.33 -47.13
CA GLY B 677 -46.81 46.00 -48.35
C GLY B 677 -46.21 44.60 -48.33
N VAL B 678 -46.02 44.07 -49.54
CA VAL B 678 -45.43 42.75 -49.74
C VAL B 678 -43.92 42.93 -49.91
N LYS B 679 -43.13 42.05 -49.27
CA LYS B 679 -41.67 42.05 -49.43
C LYS B 679 -41.21 40.65 -49.83
N ARG B 680 -40.15 40.59 -50.64
CA ARG B 680 -39.60 39.35 -51.12
C ARG B 680 -38.43 38.95 -50.26
N ARG B 681 -38.32 37.66 -49.97
CA ARG B 681 -37.24 37.20 -49.10
C ARG B 681 -35.91 37.27 -49.85
N ASN B 682 -34.89 37.83 -49.19
CA ASN B 682 -33.56 37.93 -49.75
C ASN B 682 -32.57 37.90 -48.59
N SER B 683 -31.92 36.75 -48.38
CA SER B 683 -31.09 36.56 -47.19
C SER B 683 -30.07 37.69 -47.00
N GLN B 684 -29.49 38.18 -48.08
CA GLN B 684 -28.43 39.18 -47.93
C GLN B 684 -28.96 40.57 -47.56
N ASP B 685 -30.28 40.78 -47.65
CA ASP B 685 -30.89 42.05 -47.25
C ASP B 685 -31.19 41.97 -45.75
N TYR B 686 -30.14 42.15 -44.96
CA TYR B 686 -30.15 41.99 -43.51
C TYR B 686 -30.78 43.21 -42.84
N PRO B 687 -31.57 43.04 -41.77
CA PRO B 687 -31.94 41.78 -41.10
C PRO B 687 -33.23 41.18 -41.63
N ALA B 688 -33.50 39.95 -41.19
CA ALA B 688 -34.73 39.21 -41.49
C ALA B 688 -34.86 38.88 -42.97
N ALA B 689 -33.74 38.80 -43.68
CA ALA B 689 -33.75 38.38 -45.08
C ALA B 689 -34.75 39.21 -45.89
N GLY B 690 -34.75 40.52 -45.66
CA GLY B 690 -35.61 41.45 -46.38
C GLY B 690 -37.02 41.54 -45.85
N LEU B 691 -37.43 40.64 -44.96
CA LEU B 691 -38.81 40.61 -44.47
C LEU B 691 -38.91 41.43 -43.18
N ARG B 692 -38.67 42.74 -43.33
CA ARG B 692 -38.78 43.68 -42.24
C ARG B 692 -39.56 44.92 -42.69
N TRP B 693 -40.23 45.53 -41.72
CA TRP B 693 -41.04 46.72 -41.96
C TRP B 693 -40.80 47.71 -40.82
N ASN B 694 -41.06 48.99 -41.08
CA ASN B 694 -41.08 50.00 -40.02
C ASN B 694 -42.47 50.63 -40.00
N CYS B 695 -43.21 50.40 -38.91
CA CYS B 695 -44.62 50.72 -38.84
C CYS B 695 -44.95 51.44 -37.54
N VAL B 696 -45.96 52.30 -37.61
CA VAL B 696 -46.45 53.02 -36.43
C VAL B 696 -47.37 52.11 -35.64
N TYR B 697 -47.10 51.99 -34.35
CA TYR B 697 -47.99 51.32 -33.42
C TYR B 697 -48.91 52.35 -32.78
N GLN B 698 -50.13 51.93 -32.51
CA GLN B 698 -51.07 52.74 -31.72
C GLN B 698 -50.75 52.58 -30.23
N GLU B 699 -50.74 53.69 -29.50
CA GLU B 699 -50.70 53.58 -28.04
C GLU B 699 -51.89 52.75 -27.59
N GLY B 700 -51.64 51.65 -26.88
CA GLY B 700 -52.66 50.65 -26.62
C GLY B 700 -52.41 49.35 -27.38
N MET B 701 -53.45 48.60 -27.68
CA MET B 701 -53.30 47.27 -28.26
C MET B 701 -53.21 47.29 -29.78
N ASN B 702 -52.36 46.42 -30.33
CA ASN B 702 -52.13 46.32 -31.77
C ASN B 702 -52.14 44.86 -32.19
N GLU B 703 -52.61 44.61 -33.40
CA GLU B 703 -52.58 43.26 -33.97
C GLU B 703 -51.67 43.27 -35.18
N ILE B 704 -50.65 42.42 -35.16
CA ILE B 704 -49.70 42.30 -36.25
C ILE B 704 -49.93 40.95 -36.91
N ARG B 705 -50.17 40.95 -38.23
CA ARG B 705 -50.45 39.74 -38.97
C ARG B 705 -49.54 39.64 -40.20
N ALA B 706 -49.07 38.44 -40.52
CA ALA B 706 -48.17 38.22 -41.65
C ALA B 706 -48.66 37.04 -42.46
N VAL B 707 -48.69 37.18 -43.79
CA VAL B 707 -49.12 36.11 -44.68
C VAL B 707 -48.00 35.86 -45.69
N GLY B 708 -47.57 34.61 -45.80
CA GLY B 708 -46.49 34.26 -46.70
C GLY B 708 -46.88 33.13 -47.64
N VAL B 709 -46.22 33.10 -48.79
CA VAL B 709 -46.41 32.02 -49.74
C VAL B 709 -45.04 31.47 -50.13
N LYS B 710 -44.96 30.14 -50.24
CA LYS B 710 -43.77 29.45 -50.74
C LYS B 710 -44.17 28.76 -52.04
N LYS B 711 -43.61 29.23 -53.16
CA LYS B 711 -44.08 28.81 -54.47
C LYS B 711 -43.81 27.34 -54.76
N LYS B 712 -42.60 26.85 -54.43
CA LYS B 712 -42.29 25.46 -54.74
C LYS B 712 -43.29 24.51 -54.09
N GLU B 713 -43.70 24.80 -52.86
CA GLU B 713 -44.66 23.95 -52.15
C GLU B 713 -46.08 24.34 -52.45
N LYS B 714 -46.30 25.46 -53.15
CA LYS B 714 -47.63 26.00 -53.45
C LYS B 714 -48.47 26.12 -52.18
N LYS B 715 -47.87 26.65 -51.12
CA LYS B 715 -48.47 26.67 -49.80
C LYS B 715 -48.49 28.11 -49.27
N GLU B 716 -49.57 28.45 -48.58
CA GLU B 716 -49.70 29.74 -47.91
C GLU B 716 -49.77 29.51 -46.42
N VAL B 717 -49.03 30.33 -45.65
CA VAL B 717 -48.98 30.22 -44.19
C VAL B 717 -49.12 31.61 -43.60
N SER B 718 -49.59 31.68 -42.34
CA SER B 718 -49.81 32.96 -41.70
C SER B 718 -49.41 32.90 -40.23
N ASP B 719 -49.15 34.09 -39.66
CA ASP B 719 -48.88 34.22 -38.23
C ASP B 719 -49.56 35.48 -37.75
N VAL B 720 -49.89 35.52 -36.46
CA VAL B 720 -50.51 36.71 -35.88
C VAL B 720 -50.06 36.84 -34.43
N ILE B 721 -49.76 38.07 -34.02
CA ILE B 721 -49.46 38.36 -32.62
C ILE B 721 -50.22 39.62 -32.23
N ARG B 722 -50.39 39.79 -30.93
CA ARG B 722 -50.96 41.02 -30.38
C ARG B 722 -49.89 41.64 -29.47
N GLN B 723 -49.69 42.94 -29.60
CA GLN B 723 -48.72 43.62 -28.75
C GLN B 723 -49.29 44.97 -28.34
N GLU B 724 -49.12 45.31 -27.07
CA GLU B 724 -49.44 46.64 -26.60
C GLU B 724 -48.26 47.56 -26.89
N TYR B 725 -48.55 48.85 -27.02
CA TYR B 725 -47.54 49.87 -27.24
C TYR B 725 -47.68 50.93 -26.16
N GLN B 726 -46.60 51.22 -25.44
CA GLN B 726 -46.62 52.15 -24.33
C GLN B 726 -45.76 53.36 -24.65
N THR B 727 -46.36 54.55 -24.59
CA THR B 727 -45.60 55.77 -24.78
C THR B 727 -45.20 56.44 -23.48
N ALA B 728 -45.84 56.10 -22.36
CA ALA B 728 -45.50 56.71 -21.09
C ALA B 728 -44.10 56.27 -20.64
N LYS B 729 -43.30 57.24 -20.20
CA LYS B 729 -41.99 56.92 -19.63
C LYS B 729 -42.14 56.55 -18.16
N TRP B 730 -41.21 55.72 -17.67
CA TRP B 730 -41.25 55.24 -16.30
C TRP B 730 -40.03 55.71 -15.53
N ASP B 731 -40.23 55.91 -14.24
CA ASP B 731 -39.18 56.25 -13.29
C ASP B 731 -38.65 54.94 -12.70
N LYS B 732 -37.88 55.04 -11.62
CA LYS B 732 -37.34 53.82 -11.02
C LYS B 732 -38.46 52.95 -10.45
N GLU B 733 -38.15 51.68 -10.28
CA GLU B 733 -39.12 50.72 -9.76
C GLU B 733 -39.54 51.15 -8.36
N ALA B 734 -40.84 51.03 -8.10
CA ALA B 734 -41.38 51.49 -6.83
C ALA B 734 -42.20 50.42 -6.12
N ALA B 735 -42.80 49.51 -6.89
CA ALA B 735 -43.71 48.54 -6.28
C ALA B 735 -43.86 47.33 -7.18
N CYS B 736 -44.29 46.22 -6.58
CA CYS B 736 -44.64 45.01 -7.29
C CYS B 736 -46.15 44.84 -7.26
N GLN B 737 -46.74 44.77 -8.43
CA GLN B 737 -48.17 44.52 -8.60
C GLN B 737 -48.34 43.04 -8.95
N VAL B 738 -49.11 42.31 -8.14
CA VAL B 738 -49.19 40.85 -8.22
C VAL B 738 -50.63 40.45 -8.50
N SER B 739 -50.84 39.55 -9.45
CA SER B 739 -52.20 39.18 -9.82
C SER B 739 -52.23 37.73 -10.31
N LEU B 740 -53.42 37.15 -10.24
CA LEU B 740 -53.68 35.85 -10.85
C LEU B 740 -53.96 36.03 -12.33
N LEU B 741 -53.06 35.53 -13.18
CA LEU B 741 -53.20 35.76 -14.62
C LEU B 741 -54.14 34.74 -15.24
N SER B 742 -54.07 33.49 -14.81
CA SER B 742 -54.94 32.46 -15.34
C SER B 742 -54.86 31.26 -14.40
N GLU B 743 -55.77 30.31 -14.61
CA GLU B 743 -55.76 29.08 -13.84
C GLU B 743 -56.17 27.94 -14.75
N GLU B 744 -55.58 26.77 -14.52
CA GLU B 744 -55.85 25.58 -15.30
C GLU B 744 -55.86 24.39 -14.35
N GLY B 745 -57.05 23.89 -14.04
CA GLY B 745 -57.16 22.79 -13.09
C GLY B 745 -56.66 23.23 -11.72
N ASP B 746 -55.72 22.47 -11.17
CA ASP B 746 -55.20 22.76 -9.84
C ASP B 746 -54.04 23.76 -9.85
N THR B 747 -53.66 24.29 -11.01
CA THR B 747 -52.51 25.18 -11.11
C THR B 747 -52.95 26.62 -11.39
N ALA B 748 -52.27 27.56 -10.74
CA ALA B 748 -52.50 28.98 -10.92
C ALA B 748 -51.24 29.62 -11.52
N LEU B 749 -51.44 30.54 -12.45
CA LEU B 749 -50.35 31.30 -13.05
C LEU B 749 -50.36 32.70 -12.45
N VAL B 750 -49.29 33.04 -11.74
CA VAL B 750 -49.19 34.30 -11.03
C VAL B 750 -48.27 35.22 -11.81
N GLN B 751 -48.67 36.49 -11.93
CA GLN B 751 -47.90 37.49 -12.67
C GLN B 751 -47.50 38.61 -11.73
N VAL B 752 -46.26 39.06 -11.87
CA VAL B 752 -45.71 40.22 -11.19
C VAL B 752 -45.39 41.29 -12.22
N GLN B 753 -45.76 42.54 -11.94
CA GLN B 753 -45.38 43.68 -12.77
C GLN B 753 -44.75 44.74 -11.89
N LEU B 754 -43.51 45.12 -12.22
CA LEU B 754 -42.84 46.22 -11.52
C LEU B 754 -43.35 47.56 -12.07
N ILE B 755 -43.70 48.48 -11.17
CA ILE B 755 -44.24 49.78 -11.57
C ILE B 755 -43.51 50.88 -10.80
N ASP B 756 -43.55 52.09 -11.35
CA ASP B 756 -42.91 53.23 -10.71
C ASP B 756 -43.90 53.92 -9.77
N LYS B 757 -43.46 55.04 -9.18
CA LYS B 757 -44.25 55.74 -8.16
C LYS B 757 -45.57 56.26 -8.71
N ASN B 758 -45.70 56.39 -10.02
CA ASN B 758 -46.95 56.82 -10.65
C ASN B 758 -47.74 55.66 -11.24
N GLY B 759 -47.33 54.43 -10.95
CA GLY B 759 -48.06 53.29 -11.48
C GLY B 759 -47.73 52.91 -12.90
N ILE B 760 -46.69 53.48 -13.48
CA ILE B 760 -46.31 53.18 -14.87
C ILE B 760 -45.45 51.92 -14.89
N ARG B 761 -45.71 51.04 -15.86
CA ARG B 761 -44.92 49.81 -15.97
C ARG B 761 -43.47 50.12 -16.30
N CYS B 762 -42.54 49.50 -15.55
CA CYS B 762 -41.10 49.68 -15.77
C CYS B 762 -40.64 48.65 -16.80
N LEU B 763 -40.84 48.98 -18.09
CA LEU B 763 -40.69 47.98 -19.14
C LEU B 763 -39.24 47.61 -19.45
N SER B 764 -38.26 48.33 -18.91
CA SER B 764 -36.86 47.98 -19.13
C SER B 764 -36.24 47.35 -17.89
N SER B 765 -37.04 47.09 -16.86
CA SER B 765 -36.49 46.61 -15.60
C SER B 765 -35.99 45.18 -15.73
N LYS B 766 -34.81 44.92 -15.15
CA LYS B 766 -34.22 43.59 -15.05
C LYS B 766 -34.12 43.15 -13.60
N LYS B 767 -34.84 43.82 -12.71
CA LYS B 767 -34.70 43.64 -11.27
C LYS B 767 -35.06 42.21 -10.85
N GLN B 768 -34.31 41.67 -9.89
CA GLN B 768 -34.59 40.30 -9.44
C GLN B 768 -35.86 40.28 -8.59
N ILE B 769 -36.69 39.27 -8.83
CA ILE B 769 -37.93 39.07 -8.12
C ILE B 769 -37.82 37.74 -7.39
N THR B 770 -38.30 37.69 -6.15
CA THR B 770 -38.29 36.46 -5.35
C THR B 770 -39.71 36.06 -4.97
N PHE B 771 -40.09 34.82 -5.28
CA PHE B 771 -41.39 34.27 -4.90
C PHE B 771 -41.26 33.40 -3.67
N GLU B 772 -42.23 33.51 -2.76
CA GLU B 772 -42.38 32.60 -1.62
C GLU B 772 -43.84 32.24 -1.49
N ILE B 773 -44.11 31.09 -0.87
CA ILE B 773 -45.48 30.64 -0.68
C ILE B 773 -45.61 30.04 0.71
N ALA B 774 -46.75 30.26 1.35
CA ALA B 774 -47.06 29.65 2.63
C ALA B 774 -48.48 29.10 2.54
N GLY B 775 -48.68 27.86 2.97
CA GLY B 775 -49.99 27.25 2.90
C GLY B 775 -49.98 25.93 2.13
N ASP B 776 -51.13 25.62 1.53
CA ASP B 776 -51.31 24.29 0.96
C ASP B 776 -50.58 24.10 -0.36
N GLY B 777 -50.32 25.18 -1.10
CA GLY B 777 -49.76 25.05 -2.43
C GLY B 777 -48.23 25.01 -2.44
N SER B 778 -47.69 24.83 -3.63
CA SER B 778 -46.23 24.85 -3.79
C SER B 778 -45.88 25.56 -5.10
N LEU B 779 -44.75 26.27 -5.08
CA LEU B 779 -44.24 26.88 -6.30
C LEU B 779 -43.77 25.80 -7.27
N ILE B 780 -44.07 25.98 -8.54
CA ILE B 780 -43.48 25.15 -9.60
C ILE B 780 -42.20 25.88 -9.99
N CYS B 781 -41.13 25.59 -9.23
CA CYS B 781 -39.88 26.31 -9.38
C CYS B 781 -38.72 25.35 -9.59
N ASN B 782 -37.51 25.89 -9.60
CA ASN B 782 -36.29 25.12 -9.81
C ASN B 782 -36.35 24.31 -11.11
N LEU B 783 -36.95 24.90 -12.15
CA LEU B 783 -36.94 24.30 -13.47
C LEU B 783 -35.80 24.80 -14.34
N GLY B 784 -35.11 25.87 -13.96
CA GLY B 784 -34.11 26.44 -14.82
C GLY B 784 -34.67 27.18 -16.02
N THR B 785 -35.90 27.69 -15.90
CA THR B 785 -36.57 28.48 -16.94
C THR B 785 -37.01 29.81 -16.35
N SER B 786 -37.20 30.80 -17.22
CA SER B 786 -37.54 32.14 -16.74
C SER B 786 -38.92 32.22 -16.11
N THR B 787 -39.80 31.25 -16.35
CA THR B 787 -41.11 31.18 -15.69
C THR B 787 -41.21 30.01 -14.73
N GLY B 788 -40.08 29.37 -14.41
CA GLY B 788 -40.07 28.28 -13.45
C GLY B 788 -38.96 28.47 -12.44
N SER B 789 -38.81 29.70 -11.94
CA SER B 789 -37.72 30.06 -11.04
C SER B 789 -38.26 30.89 -9.88
N ARG B 790 -37.93 30.48 -8.66
CA ARG B 790 -38.40 31.25 -7.52
C ARG B 790 -37.53 32.48 -7.25
N LYS B 791 -36.34 32.57 -7.84
CA LYS B 791 -35.60 33.82 -7.90
C LYS B 791 -35.24 34.05 -9.37
N VAL B 792 -35.66 35.18 -9.94
CA VAL B 792 -35.51 35.38 -11.37
C VAL B 792 -35.47 36.88 -11.65
N GLN B 793 -34.64 37.27 -12.63
CA GLN B 793 -34.66 38.66 -13.08
C GLN B 793 -35.93 38.92 -13.90
N ALA B 794 -36.49 40.12 -13.73
CA ALA B 794 -37.67 40.48 -14.50
C ALA B 794 -37.35 40.48 -15.99
N TYR B 795 -38.36 40.18 -16.79
CA TYR B 795 -38.27 40.36 -18.24
C TYR B 795 -39.24 41.47 -18.60
N ASN B 796 -38.67 42.62 -18.96
CA ASN B 796 -39.45 43.83 -19.21
C ASN B 796 -40.36 44.14 -18.03
N GLY B 797 -39.79 44.06 -16.83
CA GLY B 797 -40.50 44.41 -15.61
C GLY B 797 -41.53 43.39 -15.15
N ARG B 798 -41.57 42.22 -15.78
CA ARG B 798 -42.57 41.20 -15.50
C ARG B 798 -41.89 39.94 -14.97
N ALA B 799 -42.63 39.15 -14.20
CA ALA B 799 -42.19 37.81 -13.84
C ALA B 799 -43.43 36.95 -13.66
N LEU B 800 -43.37 35.72 -14.15
CA LEU B 800 -44.45 34.76 -14.03
C LEU B 800 -43.93 33.53 -13.31
N ILE B 801 -44.82 32.87 -12.57
CA ILE B 801 -44.55 31.55 -12.01
C ILE B 801 -45.87 30.82 -11.86
N ARG B 802 -45.84 29.50 -11.99
CA ARG B 802 -47.01 28.67 -11.76
C ARG B 802 -46.98 28.10 -10.35
N ILE B 803 -48.17 27.97 -9.75
CA ILE B 803 -48.36 27.43 -8.41
C ILE B 803 -49.25 26.22 -8.50
N LYS B 804 -48.81 25.11 -7.90
CA LYS B 804 -49.66 23.94 -7.70
C LYS B 804 -50.48 24.17 -6.44
N ARG B 805 -51.79 24.34 -6.59
CA ARG B 805 -52.60 24.76 -5.44
C ARG B 805 -52.91 23.62 -4.47
N ASN B 806 -52.81 22.36 -4.90
CA ASN B 806 -53.11 21.19 -4.07
C ASN B 806 -54.51 21.26 -3.47
N GLU B 807 -55.44 21.86 -4.22
CA GLU B 807 -56.85 21.94 -3.84
C GLU B 807 -57.05 22.67 -2.51
N GLY B 808 -56.11 23.55 -2.15
CA GLY B 808 -56.19 24.24 -0.88
C GLY B 808 -56.00 25.74 -1.01
N ASN B 809 -55.60 26.37 0.08
CA ASN B 809 -55.43 27.82 0.13
C ASN B 809 -53.98 28.16 0.40
N SER B 810 -53.51 29.23 -0.22
CA SER B 810 -52.13 29.65 -0.04
C SER B 810 -52.06 31.17 -0.10
N VAL B 811 -50.97 31.71 0.43
CA VAL B 811 -50.59 33.10 0.21
C VAL B 811 -49.21 33.11 -0.42
N VAL B 812 -49.09 33.81 -1.55
CA VAL B 812 -47.82 34.02 -2.24
C VAL B 812 -47.28 35.39 -1.86
N ALA B 813 -46.00 35.45 -1.52
CA ALA B 813 -45.29 36.70 -1.27
C ALA B 813 -44.32 36.95 -2.42
N VAL B 814 -44.19 38.21 -2.81
CA VAL B 814 -43.31 38.60 -3.92
C VAL B 814 -42.38 39.67 -3.38
N LYS B 815 -41.08 39.39 -3.41
CA LYS B 815 -40.08 40.28 -2.84
C LYS B 815 -39.15 40.80 -3.93
N SER B 816 -38.66 42.02 -3.71
CA SER B 816 -37.66 42.62 -4.58
C SER B 816 -36.91 43.66 -3.76
N GLU B 817 -35.59 43.72 -3.94
CA GLU B 817 -34.75 44.49 -3.03
C GLU B 817 -35.16 45.96 -3.02
N GLY B 818 -35.39 46.49 -1.82
CA GLY B 818 -35.75 47.88 -1.63
C GLY B 818 -37.20 48.24 -1.90
N LEU B 819 -38.02 47.27 -2.35
CA LEU B 819 -39.42 47.53 -2.62
C LEU B 819 -40.28 46.85 -1.55
N PRO B 820 -41.47 47.38 -1.25
CA PRO B 820 -42.35 46.70 -0.31
C PRO B 820 -42.75 45.34 -0.86
N THR B 821 -42.77 44.36 0.04
CA THR B 821 -43.21 43.02 -0.32
C THR B 821 -44.70 43.00 -0.61
N ALA B 822 -45.09 42.25 -1.64
CA ALA B 822 -46.47 42.17 -2.07
C ALA B 822 -46.99 40.75 -1.86
N PHE B 823 -48.31 40.64 -1.72
CA PHE B 823 -48.93 39.37 -1.39
C PHE B 823 -50.11 39.11 -2.30
N LEU B 824 -50.34 37.84 -2.59
CA LEU B 824 -51.48 37.40 -3.38
C LEU B 824 -52.09 36.18 -2.71
N GLU B 825 -53.37 36.26 -2.41
CA GLU B 825 -54.08 35.13 -1.85
C GLU B 825 -54.50 34.20 -2.97
N LEU B 826 -54.29 32.89 -2.80
CA LEU B 826 -54.72 31.88 -3.76
C LEU B 826 -55.66 30.90 -3.07
N LYS B 827 -56.94 30.95 -3.42
CA LYS B 827 -57.94 30.03 -2.91
C LYS B 827 -58.33 29.01 -3.98
N SER B 828 -58.83 27.87 -3.52
CA SER B 828 -59.29 26.84 -4.45
C SER B 828 -60.80 26.82 -4.56
N PRO C 26 -1.59 28.13 28.78
CA PRO C 26 -1.20 29.45 29.29
C PRO C 26 -1.95 30.59 28.58
N ALA C 27 -2.78 31.33 29.33
CA ALA C 27 -3.68 32.31 28.73
C ALA C 27 -2.93 33.34 27.89
N MET C 28 -1.74 33.75 28.34
CA MET C 28 -0.98 34.77 27.61
C MET C 28 -0.53 34.27 26.25
N ASN C 29 -0.26 32.97 26.12
CA ASN C 29 0.25 32.38 24.88
C ASN C 29 -0.82 31.74 24.02
N LYS C 30 -2.04 31.55 24.55
CA LYS C 30 -3.10 30.77 23.93
C LYS C 30 -4.19 31.70 23.40
N ILE C 31 -4.42 31.64 22.09
CA ILE C 31 -5.30 32.57 21.38
C ILE C 31 -6.42 31.79 20.72
N ARG C 32 -7.66 32.01 21.15
CA ARG C 32 -8.78 31.36 20.49
C ARG C 32 -8.97 31.94 19.11
N LEU C 33 -8.96 31.08 18.08
CA LEU C 33 -9.18 31.53 16.71
C LEU C 33 -10.68 31.48 16.43
N THR C 34 -11.38 32.59 16.68
CA THR C 34 -12.81 32.57 16.50
C THR C 34 -13.31 33.33 15.28
N ASN C 35 -12.61 34.37 14.84
CA ASN C 35 -13.13 35.26 13.82
C ASN C 35 -12.47 34.99 12.47
N ASN C 36 -13.13 35.46 11.42
CA ASN C 36 -12.55 35.52 10.08
C ASN C 36 -12.33 34.14 9.49
N TRP C 37 -13.29 33.26 9.69
CA TRP C 37 -13.32 31.95 9.07
C TRP C 37 -14.42 31.90 8.00
N GLU C 38 -14.22 31.02 7.03
CA GLU C 38 -15.26 30.65 6.08
C GLU C 38 -15.44 29.14 6.07
N TYR C 39 -16.67 28.71 5.79
CA TYR C 39 -17.05 27.31 5.89
C TYR C 39 -17.70 26.85 4.61
N LEU C 40 -17.34 25.66 4.15
CA LEU C 40 -17.95 25.06 2.97
C LEU C 40 -18.47 23.68 3.33
N LYS C 41 -19.77 23.49 3.21
CA LYS C 41 -20.33 22.15 3.32
C LYS C 41 -19.99 21.36 2.07
N GLY C 42 -19.30 20.24 2.21
CA GLY C 42 -18.90 19.41 1.10
C GLY C 42 -17.39 19.42 0.90
N ASP C 43 -16.94 18.54 0.01
CA ASP C 43 -15.51 18.34 -0.18
C ASP C 43 -14.97 19.22 -1.31
N LEU C 44 -13.66 19.47 -1.24
CA LEU C 44 -12.93 20.06 -2.35
C LEU C 44 -12.28 18.96 -3.17
N GLY C 45 -11.90 19.30 -4.41
CA GLY C 45 -11.19 18.34 -5.27
C GLY C 45 -9.71 18.17 -4.93
N GLY C 46 -9.20 18.93 -3.99
CA GLY C 46 -7.80 18.92 -3.60
C GLY C 46 -7.48 20.22 -2.91
N ILE C 47 -6.39 20.20 -2.13
CA ILE C 47 -6.04 21.39 -1.35
C ILE C 47 -5.86 22.62 -2.24
N TRP C 48 -5.45 22.43 -3.49
CA TRP C 48 -5.27 23.60 -4.37
C TRP C 48 -6.55 24.42 -4.46
N GLU C 49 -7.72 23.78 -4.39
CA GLU C 49 -8.95 24.56 -4.51
C GLU C 49 -9.12 25.53 -3.34
N ALA C 50 -8.53 25.23 -2.18
CA ALA C 50 -8.70 26.14 -1.05
C ALA C 50 -7.83 27.38 -1.13
N VAL C 51 -6.70 27.31 -1.85
CA VAL C 51 -5.71 28.38 -1.81
C VAL C 51 -5.39 28.97 -3.17
N ARG C 52 -5.99 28.45 -4.25
CA ARG C 52 -5.63 28.94 -5.58
C ARG C 52 -6.18 30.34 -5.83
N PRO C 53 -5.54 31.10 -6.72
CA PRO C 53 -6.10 32.41 -7.09
C PRO C 53 -7.49 32.25 -7.66
N ALA C 54 -8.39 33.16 -7.29
CA ALA C 54 -9.79 33.10 -7.70
C ALA C 54 -10.29 34.52 -7.94
N ALA C 55 -10.58 34.84 -9.20
CA ALA C 55 -11.15 36.15 -9.50
C ALA C 55 -12.67 36.15 -9.29
N PRO C 56 -13.25 37.30 -8.94
CA PRO C 56 -14.71 37.37 -8.85
C PRO C 56 -15.36 37.03 -10.18
N GLY C 57 -16.44 36.27 -10.11
CA GLY C 57 -17.15 35.84 -11.30
C GLY C 57 -16.48 34.74 -12.10
N SER C 58 -15.37 34.17 -11.63
CA SER C 58 -14.68 33.09 -12.32
C SER C 58 -15.24 31.74 -11.88
N SER C 59 -14.78 30.68 -12.56
CA SER C 59 -15.14 29.33 -12.15
C SER C 59 -14.61 28.99 -10.75
N GLU C 60 -13.47 29.59 -10.36
CA GLU C 60 -12.92 29.37 -9.03
C GLU C 60 -13.77 30.01 -7.93
N ALA C 61 -14.65 30.94 -8.28
CA ALA C 61 -15.46 31.63 -7.28
C ALA C 61 -16.65 30.82 -6.81
N VAL C 62 -16.88 29.63 -7.37
CA VAL C 62 -17.87 28.71 -6.81
C VAL C 62 -17.09 27.44 -6.46
N PRO C 63 -17.55 26.64 -5.48
CA PRO C 63 -18.73 26.87 -4.65
C PRO C 63 -18.57 28.07 -3.74
N ILE C 64 -19.69 28.61 -3.28
CA ILE C 64 -19.69 29.78 -2.43
C ILE C 64 -19.58 29.35 -0.97
N TRP C 65 -18.63 29.96 -0.26
CA TRP C 65 -18.38 29.66 1.15
C TRP C 65 -19.21 30.57 2.05
N GLN C 66 -19.37 30.13 3.30
CA GLN C 66 -20.15 30.88 4.27
C GLN C 66 -19.26 31.44 5.37
N PRO C 67 -19.29 32.74 5.63
CA PRO C 67 -18.53 33.28 6.78
C PRO C 67 -19.10 32.75 8.09
N VAL C 68 -18.20 32.31 8.99
CA VAL C 68 -18.61 31.75 10.27
C VAL C 68 -17.69 32.26 11.38
N THR C 69 -18.19 32.17 12.60
CA THR C 69 -17.38 32.40 13.79
C THR C 69 -17.20 31.06 14.48
N LEU C 70 -15.96 30.77 14.92
CA LEU C 70 -15.82 29.51 15.63
C LEU C 70 -16.13 29.70 17.11
N PRO C 71 -16.56 28.63 17.81
CA PRO C 71 -16.78 27.27 17.31
C PRO C 71 -17.99 27.16 16.42
N HIS C 72 -17.97 26.14 15.56
CA HIS C 72 -18.97 25.95 14.53
C HIS C 72 -19.23 24.46 14.35
N CYS C 73 -20.47 24.10 14.12
CA CYS C 73 -20.86 22.71 13.87
C CYS C 73 -21.62 22.62 12.55
N PHE C 74 -21.28 21.61 11.73
CA PHE C 74 -21.99 21.38 10.46
C PHE C 74 -23.50 21.35 10.66
N ASN C 75 -23.95 20.90 11.83
CA ASN C 75 -25.32 20.44 12.02
C ASN C 75 -26.12 21.35 12.94
N ALA C 76 -25.71 22.61 13.09
CA ALA C 76 -26.41 23.54 13.96
C ALA C 76 -27.90 23.61 13.65
N GLU C 77 -28.28 23.48 12.37
CA GLU C 77 -29.69 23.50 12.00
C GLU C 77 -30.24 22.15 11.56
N ASP C 78 -29.49 21.38 10.75
CA ASP C 78 -30.13 20.22 10.13
C ASP C 78 -30.28 19.03 11.09
N ALA C 79 -29.68 19.07 12.27
CA ALA C 79 -29.87 17.99 13.24
C ALA C 79 -31.32 17.93 13.70
N VAL C 80 -31.95 19.09 13.92
CA VAL C 80 -33.33 19.14 14.39
C VAL C 80 -34.32 19.56 13.30
N ASP C 81 -33.85 19.95 12.12
CA ASP C 81 -34.78 20.21 11.03
C ASP C 81 -35.60 18.95 10.75
N PRO C 82 -36.93 19.03 10.78
CA PRO C 82 -37.76 17.81 10.73
C PRO C 82 -37.78 17.11 9.39
N ASP C 83 -37.27 17.73 8.32
CA ASP C 83 -37.49 17.22 6.98
C ASP C 83 -36.22 16.69 6.30
N VAL C 84 -35.09 16.60 7.02
CA VAL C 84 -33.85 16.13 6.40
C VAL C 84 -33.08 15.25 7.37
N ASN C 85 -32.30 14.32 6.81
CA ASN C 85 -31.29 13.59 7.57
C ASN C 85 -30.11 14.52 7.83
N TYR C 86 -29.61 14.56 9.07
CA TYR C 86 -28.49 15.45 9.36
C TYR C 86 -27.26 15.07 8.53
N TYR C 87 -26.45 16.08 8.20
CA TYR C 87 -25.35 15.90 7.26
C TYR C 87 -24.21 15.15 7.96
N GLU C 88 -23.79 14.04 7.35
CA GLU C 88 -22.62 13.29 7.74
C GLU C 88 -21.71 13.21 6.52
N GLY C 89 -20.67 14.02 6.49
CA GLY C 89 -19.80 14.09 5.33
C GLY C 89 -18.72 15.11 5.55
N PRO C 90 -17.96 15.41 4.50
CA PRO C 90 -16.85 16.36 4.65
C PRO C 90 -17.28 17.82 4.55
N GLY C 91 -16.50 18.67 5.20
CA GLY C 91 -16.67 20.11 5.09
C GLY C 91 -15.33 20.76 5.34
N TRP C 92 -15.19 22.00 4.88
CA TRP C 92 -13.90 22.68 4.93
C TRP C 92 -14.03 24.01 5.63
N TYR C 93 -12.94 24.42 6.27
CA TYR C 93 -12.79 25.75 6.86
C TYR C 93 -11.52 26.39 6.33
N LYS C 94 -11.55 27.70 6.15
CA LYS C 94 -10.31 28.39 5.79
C LYS C 94 -10.27 29.76 6.44
N THR C 95 -9.05 30.18 6.77
CA THR C 95 -8.79 31.49 7.33
C THR C 95 -7.40 31.92 6.88
N LEU C 96 -7.09 33.19 7.10
CA LEU C 96 -5.75 33.72 6.89
C LEU C 96 -5.21 34.14 8.24
N LEU C 97 -4.10 33.54 8.64
CA LEU C 97 -3.54 33.74 9.96
C LEU C 97 -2.47 34.83 9.90
N ALA C 98 -2.56 35.79 10.80
CA ALA C 98 -1.49 36.77 11.01
C ALA C 98 -0.59 36.21 12.10
N ILE C 99 0.63 35.81 11.72
CA ILE C 99 1.55 35.12 12.62
C ILE C 99 2.58 36.11 13.15
N ASP C 100 2.77 36.10 14.47
CA ASP C 100 3.81 36.93 15.11
C ASP C 100 4.20 36.23 16.41
N ASN C 101 5.21 35.38 16.33
CA ASN C 101 5.64 34.63 17.51
C ASN C 101 6.47 35.54 18.39
N PRO C 102 6.05 35.80 19.63
CA PRO C 102 6.85 36.68 20.51
C PRO C 102 8.10 36.03 21.06
N TYR C 103 8.26 34.71 20.96
CA TYR C 103 9.43 34.05 21.52
C TYR C 103 10.53 33.92 20.47
N ARG C 104 11.76 34.11 20.91
CA ARG C 104 12.89 33.91 20.02
C ARG C 104 13.00 32.43 19.69
N ASN C 105 13.04 32.13 18.39
CA ASN C 105 13.18 30.77 17.91
C ASN C 105 12.06 29.88 18.46
N GLY C 106 10.86 30.44 18.55
CA GLY C 106 9.75 29.76 19.20
C GLY C 106 9.04 28.77 18.30
N ARG C 107 8.02 28.13 18.89
CA ARG C 107 7.16 27.20 18.18
C ARG C 107 5.78 27.80 17.98
N ILE C 108 5.13 27.39 16.87
CA ILE C 108 3.75 27.76 16.56
C ILE C 108 2.93 26.48 16.52
N VAL C 109 1.92 26.37 17.39
CA VAL C 109 1.13 25.15 17.54
C VAL C 109 -0.36 25.46 17.39
N LEU C 110 -1.06 24.61 16.64
CA LEU C 110 -2.52 24.61 16.60
C LEU C 110 -3.02 23.59 17.61
N ASP C 111 -3.83 24.04 18.57
CA ASP C 111 -4.27 23.19 19.68
C ASP C 111 -5.78 23.05 19.57
N PHE C 112 -6.24 21.84 19.27
CA PHE C 112 -7.65 21.54 19.08
C PHE C 112 -8.27 21.01 20.37
N ASP C 113 -9.22 21.76 20.95
CA ASP C 113 -10.01 21.20 22.06
C ASP C 113 -10.83 19.99 21.60
N GLY C 114 -11.19 19.94 20.31
CA GLY C 114 -11.97 18.84 19.76
C GLY C 114 -12.63 19.19 18.44
N ALA C 115 -12.68 18.25 17.49
CA ALA C 115 -13.25 18.49 16.17
C ALA C 115 -13.79 17.17 15.62
N GLY C 116 -14.92 17.20 14.93
CA GLY C 116 -15.61 15.99 14.51
C GLY C 116 -15.61 15.79 12.99
N GLN C 117 -15.31 14.57 12.55
CA GLN C 117 -14.82 13.45 13.37
C GLN C 117 -13.39 13.10 12.93
N LYS C 118 -13.14 13.15 11.62
CA LYS C 118 -11.82 12.99 11.02
C LYS C 118 -11.37 14.35 10.49
N THR C 119 -10.19 14.79 10.91
CA THR C 119 -9.73 16.13 10.59
C THR C 119 -8.37 16.10 9.91
N ASP C 120 -8.21 16.93 8.88
CA ASP C 120 -6.94 17.11 8.18
C ASP C 120 -6.64 18.60 8.08
N VAL C 121 -5.38 18.95 8.33
CA VAL C 121 -4.95 20.33 8.51
C VAL C 121 -3.90 20.66 7.46
N TYR C 122 -4.04 21.82 6.82
CA TYR C 122 -3.11 22.24 5.78
C TYR C 122 -2.61 23.66 6.04
N VAL C 123 -1.31 23.87 5.88
CA VAL C 123 -0.73 25.20 5.80
C VAL C 123 -0.34 25.41 4.35
N TYR C 124 -0.98 26.39 3.70
CA TYR C 124 -0.94 26.51 2.23
C TYR C 124 -1.26 25.15 1.60
N THR C 125 -0.38 24.60 0.80
CA THR C 125 -0.68 23.32 0.16
C THR C 125 -0.11 22.12 0.92
N THR C 126 0.50 22.33 2.08
CA THR C 126 1.20 21.27 2.79
C THR C 126 0.30 20.68 3.87
N HIS C 127 0.09 19.37 3.81
CA HIS C 127 -0.62 18.65 4.86
C HIS C 127 0.27 18.58 6.11
N VAL C 128 -0.18 19.14 7.23
CA VAL C 128 0.64 19.18 8.44
C VAL C 128 0.10 18.32 9.57
N GLY C 129 -1.12 17.81 9.49
CA GLY C 129 -1.60 16.98 10.57
C GLY C 129 -2.96 16.41 10.25
N SER C 130 -3.28 15.32 10.97
CA SER C 130 -4.56 14.68 10.81
C SER C 130 -4.95 14.01 12.13
N HIS C 131 -6.24 13.77 12.30
CA HIS C 131 -6.71 13.20 13.55
C HIS C 131 -8.01 12.46 13.29
N VAL C 132 -8.19 11.32 13.95
CA VAL C 132 -9.45 10.59 13.91
C VAL C 132 -9.97 10.43 15.33
N GLY C 133 -11.11 11.05 15.62
CA GLY C 133 -11.68 11.03 16.95
C GLY C 133 -12.28 12.39 17.24
N GLY C 134 -13.58 12.44 17.54
CA GLY C 134 -14.23 13.72 17.61
C GLY C 134 -14.21 14.39 18.96
N TYR C 135 -13.63 13.74 19.97
CA TYR C 135 -13.86 14.14 21.35
C TYR C 135 -12.62 14.25 22.20
N ASP C 136 -11.45 13.80 21.72
CA ASP C 136 -10.19 14.01 22.43
C ASP C 136 -9.49 15.25 21.88
N SER C 137 -8.64 15.84 22.71
CA SER C 137 -7.85 17.00 22.32
C SER C 137 -6.59 16.54 21.60
N TRP C 138 -6.06 17.41 20.72
CA TRP C 138 -4.85 17.08 19.97
C TRP C 138 -4.25 18.37 19.43
N ASN C 139 -2.99 18.30 19.03
CA ASN C 139 -2.33 19.51 18.54
C ASN C 139 -1.37 19.20 17.40
N VAL C 140 -0.98 20.27 16.70
CA VAL C 140 -0.12 20.19 15.52
C VAL C 140 0.90 21.32 15.61
N ASP C 141 2.18 20.98 15.56
CA ASP C 141 3.25 21.98 15.47
C ASP C 141 3.41 22.38 14.00
N ILE C 142 3.09 23.63 13.67
CA ILE C 142 3.14 24.08 12.29
C ILE C 142 4.32 25.02 12.04
N THR C 143 5.28 25.07 12.96
CA THR C 143 6.40 26.00 12.88
C THR C 143 7.11 25.94 11.53
N ASP C 144 7.51 24.72 11.12
CA ASP C 144 8.33 24.59 9.91
C ASP C 144 7.53 24.92 8.66
N ALA C 145 6.26 24.50 8.61
CA ALA C 145 5.44 24.79 7.43
C ALA C 145 5.19 26.30 7.30
N VAL C 146 4.98 26.97 8.43
CA VAL C 146 4.82 28.43 8.42
C VAL C 146 6.09 29.09 7.89
N LYS C 147 7.24 28.66 8.39
CA LYS C 147 8.52 29.21 7.92
C LYS C 147 8.71 28.97 6.42
N ALA C 148 8.45 27.74 5.96
CA ALA C 148 8.62 27.44 4.55
C ALA C 148 7.68 28.27 3.68
N PHE C 149 6.44 28.47 4.13
CA PHE C 149 5.51 29.27 3.36
C PHE C 149 5.95 30.73 3.30
N LEU C 150 6.30 31.30 4.45
CA LEU C 150 6.63 32.72 4.48
C LEU C 150 7.87 33.05 3.66
N GLY C 151 8.75 32.07 3.47
CA GLY C 151 9.93 32.24 2.64
C GLY C 151 9.76 31.95 1.16
N SER C 152 8.55 31.66 0.70
CA SER C 152 8.30 31.23 -0.67
C SER C 152 7.77 32.38 -1.54
N LYS C 153 7.85 32.18 -2.86
CA LYS C 153 7.29 33.16 -3.78
C LYS C 153 5.77 33.25 -3.63
N ASP C 154 5.13 32.20 -3.13
CA ASP C 154 3.68 32.21 -3.00
C ASP C 154 3.20 33.09 -1.84
N ALA C 155 4.09 33.47 -0.92
CA ALA C 155 3.64 34.21 0.24
C ALA C 155 3.17 35.62 -0.13
N GLU C 156 3.75 36.20 -1.18
CA GLU C 156 3.44 37.58 -1.53
C GLU C 156 1.95 37.78 -1.75
N ARG C 157 1.30 36.87 -2.48
CA ARG C 157 -0.11 37.08 -2.80
C ARG C 157 -1.01 37.02 -1.58
N PHE C 158 -0.53 36.50 -0.45
CA PHE C 158 -1.34 36.46 0.77
C PHE C 158 -1.04 37.61 1.73
N LYS C 159 -0.17 38.55 1.35
CA LYS C 159 -0.05 39.85 2.02
C LYS C 159 0.41 39.71 3.47
N GLY C 160 1.36 38.83 3.72
CA GLY C 160 1.89 38.66 5.05
C GLY C 160 1.14 37.67 5.91
N LYS C 161 -0.03 37.19 5.46
CA LYS C 161 -0.82 36.22 6.20
C LYS C 161 -0.49 34.80 5.74
N VAL C 162 -0.91 33.82 6.54
CA VAL C 162 -0.63 32.41 6.27
C VAL C 162 -1.96 31.71 6.05
N PRO C 163 -2.19 31.07 4.90
CA PRO C 163 -3.48 30.40 4.70
C PRO C 163 -3.53 29.08 5.48
N LEU C 164 -4.58 28.94 6.28
CA LEU C 164 -4.84 27.73 7.05
C LEU C 164 -6.18 27.16 6.57
N SER C 165 -6.16 25.90 6.12
CA SER C 165 -7.34 25.23 5.61
C SER C 165 -7.48 23.93 6.37
N ILE C 166 -8.70 23.62 6.81
CA ILE C 166 -8.95 22.47 7.65
C ILE C 166 -10.15 21.73 7.09
N ARG C 167 -9.98 20.42 6.87
CA ARG C 167 -11.05 19.54 6.43
C ARG C 167 -11.53 18.75 7.63
N CYS C 168 -12.83 18.80 7.91
CA CYS C 168 -13.45 17.96 8.92
C CYS C 168 -14.47 17.06 8.24
N ASP C 169 -14.61 15.85 8.75
CA ASP C 169 -15.42 14.84 8.08
C ASP C 169 -16.13 14.01 9.15
N ASN C 170 -17.46 14.07 9.18
CA ASN C 170 -18.26 13.17 10.01
C ASN C 170 -19.06 12.20 9.17
N SER C 171 -18.54 11.78 8.01
CA SER C 171 -19.16 10.70 7.24
C SER C 171 -19.42 9.48 8.13
N ARG C 172 -20.52 8.79 7.87
CA ARG C 172 -20.78 7.51 8.52
C ARG C 172 -19.63 6.55 8.25
N ASP C 173 -19.25 5.77 9.26
CA ASP C 173 -18.11 4.88 9.11
C ASP C 173 -18.27 3.77 10.15
N LEU C 174 -18.58 2.56 9.70
CA LEU C 174 -18.78 1.44 10.61
C LEU C 174 -17.49 1.06 11.33
N GLU C 175 -16.32 1.41 10.78
CA GLU C 175 -15.04 1.10 11.37
C GLU C 175 -14.50 2.25 12.22
N MET C 176 -15.37 3.16 12.64
CA MET C 176 -15.00 4.29 13.50
C MET C 176 -16.03 4.37 14.62
N ILE C 177 -15.58 4.62 15.84
CA ILE C 177 -16.52 4.82 16.95
C ILE C 177 -16.76 6.32 17.06
N PRO C 178 -17.95 6.76 17.49
CA PRO C 178 -19.08 5.91 17.87
C PRO C 178 -19.89 5.35 16.70
N SER C 179 -20.85 4.50 17.03
CA SER C 179 -21.72 3.90 16.03
C SER C 179 -22.87 4.83 15.68
N ASP C 180 -23.27 4.84 14.40
CA ASP C 180 -24.48 5.55 14.01
C ASP C 180 -25.75 4.92 14.57
N LEU C 181 -25.66 3.77 15.24
CA LEU C 181 -26.81 3.24 15.98
C LEU C 181 -27.09 4.03 17.24
N ALA C 182 -26.15 4.87 17.66
CA ALA C 182 -26.25 5.59 18.92
C ALA C 182 -27.37 6.63 18.87
N ASP C 183 -27.89 6.94 20.05
CA ASP C 183 -28.98 7.91 20.27
C ASP C 183 -28.48 9.33 20.42
N PHE C 184 -27.50 9.73 19.59
CA PHE C 184 -27.03 11.11 19.55
C PHE C 184 -26.39 11.36 18.19
N ASN C 185 -26.30 12.63 17.82
CA ASN C 185 -25.70 13.00 16.55
C ASN C 185 -24.19 12.87 16.63
N ILE C 186 -23.59 12.25 15.60
CA ILE C 186 -22.15 12.20 15.45
C ILE C 186 -21.80 13.43 14.63
N TYR C 187 -21.57 14.53 15.34
CA TYR C 187 -21.52 15.86 14.77
C TYR C 187 -20.23 16.07 13.99
N GLY C 188 -20.25 17.05 13.08
CA GLY C 188 -19.09 17.39 12.29
C GLY C 188 -18.69 18.85 12.51
N GLY C 189 -17.40 19.11 12.40
CA GLY C 189 -16.91 20.48 12.33
C GLY C 189 -15.99 20.85 13.48
N LEU C 190 -15.54 22.10 13.43
CA LEU C 190 -14.64 22.66 14.44
C LEU C 190 -15.47 23.18 15.62
N TYR C 191 -16.11 22.23 16.32
CA TYR C 191 -17.17 22.59 17.27
C TYR C 191 -16.68 22.83 18.69
N ARG C 192 -15.39 22.66 18.97
CA ARG C 192 -14.77 23.14 20.19
C ARG C 192 -13.65 24.09 19.81
N TYR C 193 -13.25 24.94 20.75
CA TYR C 193 -12.27 25.98 20.46
C TYR C 193 -11.02 25.41 19.80
N LEU C 194 -10.54 26.15 18.79
CA LEU C 194 -9.24 25.94 18.16
C LEU C 194 -8.34 27.09 18.60
N ASN C 195 -7.19 26.76 19.16
CA ASN C 195 -6.31 27.74 19.77
C ASN C 195 -5.02 27.85 18.98
N LEU C 196 -4.53 29.07 18.81
CA LEU C 196 -3.18 29.31 18.34
C LEU C 196 -2.28 29.49 19.56
N VAL C 197 -1.23 28.68 19.68
CA VAL C 197 -0.37 28.66 20.86
C VAL C 197 1.06 28.97 20.44
N TYR C 198 1.60 30.08 20.93
CA TYR C 198 3.02 30.38 20.76
C TYR C 198 3.81 29.81 21.92
N LEU C 199 4.91 29.14 21.61
CA LEU C 199 5.75 28.55 22.65
C LEU C 199 7.18 29.02 22.49
N PRO C 200 7.93 29.11 23.58
CA PRO C 200 9.38 29.32 23.47
C PRO C 200 10.08 28.04 23.06
N GLU C 201 11.42 28.04 23.07
CA GLU C 201 12.19 26.85 22.68
C GLU C 201 11.84 25.64 23.54
N VAL C 202 11.74 25.83 24.85
CA VAL C 202 11.54 24.74 25.79
C VAL C 202 10.21 24.95 26.48
N SER C 203 9.34 23.94 26.42
CA SER C 203 8.05 24.00 27.08
C SER C 203 7.70 22.62 27.62
N PHE C 204 6.50 22.51 28.19
CA PHE C 204 6.03 21.27 28.80
C PHE C 204 5.02 20.62 27.87
N GLU C 205 5.31 19.38 27.48
CA GLU C 205 4.37 18.64 26.65
C GLU C 205 3.27 17.98 27.48
N GLN C 206 3.63 17.48 28.67
CA GLN C 206 2.68 16.86 29.58
C GLN C 206 3.03 17.28 30.99
N ILE C 207 2.00 17.50 31.82
CA ILE C 207 2.17 17.67 33.27
C ILE C 207 1.26 16.67 33.96
N HIS C 208 1.83 15.76 34.74
CA HIS C 208 1.07 14.72 35.42
C HIS C 208 1.22 14.87 36.92
N LEU C 209 0.09 15.02 37.61
CA LEU C 209 0.08 15.19 39.06
C LEU C 209 -0.51 13.93 39.68
N GLU C 210 0.35 13.12 40.30
CA GLU C 210 -0.06 11.91 40.99
C GLU C 210 -0.29 12.23 42.45
N SER C 211 -1.56 12.22 42.87
CA SER C 211 -1.91 12.51 44.25
C SER C 211 -2.53 11.28 44.90
N SER C 212 -2.18 11.05 46.16
CA SER C 212 -2.80 9.99 46.96
C SER C 212 -3.02 10.52 48.37
N LEU C 213 -4.03 9.97 49.05
CA LEU C 213 -4.46 10.46 50.36
C LEU C 213 -4.47 9.27 51.32
N SER C 214 -3.74 9.41 52.45
CA SER C 214 -3.51 8.36 53.45
C SER C 214 -4.78 7.80 54.10
N SER C 215 -4.57 6.82 54.97
CA SER C 215 -5.67 6.10 55.60
C SER C 215 -6.61 7.04 56.35
N ASN C 216 -6.06 7.81 57.28
CA ASN C 216 -6.81 8.73 58.12
C ASN C 216 -7.15 10.05 57.44
N LEU C 217 -6.85 10.21 56.14
CA LEU C 217 -7.08 11.43 55.38
C LEU C 217 -6.14 12.53 55.85
N LYS C 218 -5.14 12.22 56.69
CA LYS C 218 -4.31 13.25 57.32
C LYS C 218 -2.95 13.41 56.66
N GLU C 219 -2.59 12.57 55.69
CA GLU C 219 -1.33 12.70 54.96
C GLU C 219 -1.61 12.59 53.47
N GLY C 220 -1.21 13.60 52.71
CA GLY C 220 -1.32 13.59 51.25
C GLY C 220 0.06 13.50 50.60
N ILE C 221 0.11 12.78 49.48
CA ILE C 221 1.34 12.64 48.71
C ILE C 221 1.09 13.16 47.30
N LEU C 222 2.00 14.01 46.80
CA LEU C 222 1.92 14.53 45.43
C LEU C 222 3.24 14.27 44.71
N LYS C 223 3.17 13.63 43.54
CA LYS C 223 4.30 13.47 42.64
C LYS C 223 4.06 14.33 41.40
N VAL C 224 5.02 15.18 41.06
CA VAL C 224 4.92 16.08 39.92
C VAL C 224 5.84 15.56 38.82
N LYS C 225 5.25 15.06 37.74
CA LYS C 225 5.98 14.52 36.60
C LYS C 225 5.69 15.32 35.35
N THR C 226 6.69 15.44 34.48
CA THR C 226 6.49 16.21 33.27
C THR C 226 7.27 15.60 32.13
N SER C 227 6.80 15.90 30.91
CA SER C 227 7.49 15.63 29.66
C SER C 227 7.79 16.95 28.97
N PHE C 228 9.06 17.16 28.60
CA PHE C 228 9.47 18.40 27.96
C PHE C 228 9.29 18.36 26.45
N TYR C 229 8.98 19.53 25.88
CA TYR C 229 9.01 19.74 24.43
C TYR C 229 10.23 20.60 24.14
N ASN C 230 11.23 20.04 23.46
CA ASN C 230 12.55 20.67 23.37
C ASN C 230 13.16 20.38 22.00
N PRO C 231 12.54 20.89 20.92
CA PRO C 231 13.02 20.57 19.57
C PRO C 231 14.41 21.11 19.25
N GLU C 232 14.87 22.15 19.94
CA GLU C 232 16.21 22.70 19.70
C GLU C 232 17.29 22.00 20.53
N ASP C 233 16.92 21.03 21.36
CA ASP C 233 17.89 20.24 22.12
C ASP C 233 18.70 21.13 23.08
N ILE C 234 18.01 22.06 23.75
CA ILE C 234 18.64 22.79 24.85
C ILE C 234 19.10 21.81 25.91
N ARG C 235 20.35 21.94 26.36
CA ARG C 235 20.93 20.93 27.24
C ARG C 235 20.59 21.15 28.72
N LYS C 236 20.35 22.39 29.14
CA LYS C 236 20.16 22.68 30.55
C LYS C 236 19.08 23.73 30.72
N ALA C 237 18.34 23.64 31.82
CA ALA C 237 17.35 24.66 32.17
C ALA C 237 17.17 24.68 33.68
N ASP C 238 16.64 25.79 34.19
CA ASP C 238 16.23 25.89 35.58
C ASP C 238 14.72 25.76 35.66
N VAL C 239 14.23 24.81 36.46
CA VAL C 239 12.81 24.52 36.53
C VAL C 239 12.32 24.74 37.96
N THR C 240 11.28 25.58 38.09
CA THR C 240 10.65 25.85 39.37
C THR C 240 9.31 25.13 39.46
N VAL C 241 9.10 24.44 40.58
CA VAL C 241 7.85 23.76 40.89
C VAL C 241 7.24 24.45 42.10
N SER C 242 6.02 24.98 41.94
CA SER C 242 5.29 25.60 43.03
C SER C 242 3.90 25.00 43.12
N VAL C 243 3.43 24.76 44.35
CA VAL C 243 2.10 24.24 44.60
C VAL C 243 1.37 25.25 45.47
N TYR C 244 0.18 25.67 45.03
CA TYR C 244 -0.66 26.65 45.71
C TYR C 244 -1.98 26.01 46.13
N ASP C 245 -2.55 26.53 47.22
CA ASP C 245 -3.83 26.04 47.73
C ASP C 245 -5.00 26.77 47.06
N VAL C 246 -6.19 26.62 47.65
CA VAL C 246 -7.42 27.15 47.05
C VAL C 246 -7.37 28.66 46.88
N ASP C 247 -6.58 29.36 47.71
CA ASP C 247 -6.43 30.81 47.58
C ASP C 247 -5.30 31.20 46.66
N ARG C 248 -4.68 30.24 46.00
CA ARG C 248 -3.47 30.48 45.23
C ARG C 248 -2.35 31.01 46.12
N LYS C 249 -2.32 30.57 47.40
CA LYS C 249 -1.12 30.86 48.19
C LYS C 249 -0.24 29.61 48.31
N PRO C 250 1.08 29.80 48.29
CA PRO C 250 2.01 28.66 48.17
C PRO C 250 2.10 27.78 49.41
N VAL C 251 2.12 26.47 49.17
CA VAL C 251 2.44 25.49 50.20
C VAL C 251 3.75 24.79 49.93
N PHE C 252 4.33 24.97 48.74
CA PHE C 252 5.58 24.29 48.37
C PHE C 252 6.22 25.05 47.20
N SER C 253 7.53 25.17 47.24
CA SER C 253 8.23 25.77 46.10
C SER C 253 9.66 25.23 46.08
N LYS C 254 10.14 24.87 44.88
CA LYS C 254 11.47 24.33 44.71
C LYS C 254 11.98 24.64 43.31
N THR C 255 13.23 25.06 43.20
CA THR C 255 13.86 25.29 41.91
C THR C 255 14.91 24.21 41.68
N LEU C 256 14.83 23.55 40.52
CA LEU C 256 15.84 22.56 40.11
C LEU C 256 16.78 23.25 39.13
N GLU C 257 18.03 23.43 39.52
CA GLU C 257 18.98 24.19 38.72
C GLU C 257 19.71 23.26 37.76
N GLY C 258 19.79 23.65 36.49
CA GLY C 258 20.55 22.90 35.52
C GLY C 258 20.02 21.52 35.22
N ILE C 259 18.69 21.34 35.25
CA ILE C 259 18.10 20.06 34.90
C ILE C 259 18.14 19.88 33.38
N LEU C 260 18.12 18.62 32.94
CA LEU C 260 18.04 18.30 31.54
C LEU C 260 16.59 18.37 31.06
N PRO C 261 16.22 19.39 30.26
CA PRO C 261 14.82 19.57 29.87
C PRO C 261 14.48 18.78 28.60
N LEU C 262 14.56 17.46 28.70
CA LEU C 262 14.42 16.58 27.55
C LEU C 262 13.67 15.33 27.98
N GLY C 263 12.61 14.98 27.26
CA GLY C 263 11.89 13.78 27.69
C GLY C 263 11.20 13.94 29.04
N ASP C 264 11.13 12.83 29.78
CA ASP C 264 10.44 12.77 31.07
C ASP C 264 11.34 13.16 32.23
N GLN C 265 10.80 13.93 33.17
CA GLN C 265 11.52 14.23 34.40
C GLN C 265 10.56 14.21 35.58
N LEU C 266 10.96 13.54 36.66
CA LEU C 266 10.27 13.65 37.94
C LEU C 266 10.77 14.93 38.60
N LEU C 267 9.87 15.89 38.81
CA LEU C 267 10.29 17.18 39.31
C LEU C 267 10.20 17.29 40.83
N ALA C 268 9.25 16.61 41.45
CA ALA C 268 9.06 16.74 42.89
C ALA C 268 8.21 15.60 43.42
N LYS C 269 8.50 15.23 44.65
CA LYS C 269 7.65 14.33 45.42
C LYS C 269 7.56 14.92 46.81
N MET C 270 6.35 15.15 47.30
CA MET C 270 6.20 15.87 48.56
C MET C 270 5.04 15.30 49.35
N LYS C 271 5.14 15.42 50.66
CA LYS C 271 4.10 14.99 51.59
C LYS C 271 3.47 16.23 52.18
N ILE C 272 2.16 16.32 52.06
CA ILE C 272 1.39 17.44 52.58
C ILE C 272 0.66 16.92 53.80
N LYS C 273 0.98 17.46 54.98
CA LYS C 273 0.27 17.07 56.19
C LYS C 273 -1.04 17.84 56.29
N ASN C 274 -2.09 17.14 56.71
CA ASN C 274 -3.42 17.71 56.83
C ASN C 274 -3.83 18.47 55.57
N PRO C 275 -3.84 17.81 54.41
CA PRO C 275 -4.22 18.51 53.18
C PRO C 275 -5.69 18.92 53.21
N VAL C 276 -5.98 20.01 52.53
CA VAL C 276 -7.36 20.41 52.32
C VAL C 276 -8.01 19.45 51.33
N LEU C 277 -9.15 18.87 51.71
CA LEU C 277 -9.75 17.83 50.90
C LEU C 277 -10.74 18.41 49.90
N TRP C 278 -10.80 17.79 48.72
CA TRP C 278 -11.83 18.13 47.74
C TRP C 278 -13.11 17.40 48.10
N ASP C 279 -14.23 18.11 48.09
CA ASP C 279 -15.53 17.57 48.48
C ASP C 279 -16.59 18.14 47.56
N VAL C 280 -17.72 17.43 47.43
CA VAL C 280 -18.78 17.90 46.54
C VAL C 280 -19.47 19.14 47.09
N ASP C 281 -19.46 19.31 48.42
CA ASP C 281 -20.04 20.52 49.00
C ASP C 281 -19.02 21.63 49.16
N VAL C 282 -17.76 21.28 49.42
CA VAL C 282 -16.69 22.28 49.53
C VAL C 282 -15.58 21.87 48.56
N PRO C 283 -15.75 22.13 47.26
CA PRO C 283 -14.70 21.76 46.30
C PRO C 283 -13.50 22.68 46.45
N GLN C 284 -12.36 22.12 46.83
CA GLN C 284 -11.16 22.91 47.02
C GLN C 284 -10.05 22.26 46.22
N LEU C 285 -9.33 23.07 45.47
CA LEU C 285 -8.33 22.61 44.51
C LEU C 285 -6.97 23.17 44.89
N TYR C 286 -5.94 22.39 44.60
CA TYR C 286 -4.58 22.91 44.58
C TYR C 286 -4.17 23.22 43.14
N THR C 287 -3.15 24.06 43.00
CA THR C 287 -2.61 24.40 41.69
C THR C 287 -1.12 24.13 41.68
N CYS C 288 -0.64 23.42 40.65
CA CYS C 288 0.78 23.20 40.46
C CYS C 288 1.25 24.07 39.30
N GLU C 289 2.22 24.95 39.57
CA GLU C 289 2.72 25.92 38.62
C GLU C 289 4.16 25.59 38.28
N LEU C 290 4.46 25.40 37.00
CA LEU C 290 5.78 25.02 36.55
C LEU C 290 6.37 26.12 35.70
N THR C 291 7.63 26.47 35.94
CA THR C 291 8.34 27.48 35.17
C THR C 291 9.64 26.88 34.65
N VAL C 292 9.93 27.08 33.36
CA VAL C 292 11.19 26.62 32.79
C VAL C 292 11.94 27.81 32.23
N LYS C 293 13.15 28.03 32.71
CA LYS C 293 13.96 29.19 32.34
C LYS C 293 15.26 28.79 31.68
N THR C 294 15.62 29.51 30.63
CA THR C 294 16.94 29.46 30.01
C THR C 294 17.41 30.90 29.90
N PRO C 295 18.64 31.16 29.44
CA PRO C 295 19.02 32.56 29.16
C PRO C 295 18.09 33.27 28.19
N ASP C 296 17.31 32.54 27.40
CA ASP C 296 16.47 33.13 26.36
C ASP C 296 14.98 33.03 26.63
N GLN C 297 14.57 32.59 27.82
CA GLN C 297 13.13 32.39 28.00
C GLN C 297 12.79 32.25 29.47
N THR C 298 11.56 32.62 29.79
CA THR C 298 10.92 32.27 31.06
C THR C 298 9.50 31.85 30.72
N PHE C 299 9.18 30.58 30.92
CA PHE C 299 7.89 30.04 30.47
C PHE C 299 7.19 29.36 31.63
N THR C 300 5.97 29.81 31.94
CA THR C 300 5.21 29.30 33.07
C THR C 300 3.88 28.71 32.61
N THR C 301 3.53 27.54 33.14
CA THR C 301 2.20 27.00 32.93
C THR C 301 1.75 26.34 34.23
N GLU C 302 0.47 26.01 34.32
CA GLU C 302 -0.05 25.47 35.56
C GLU C 302 -1.08 24.38 35.30
N GLU C 303 -1.32 23.56 36.33
CA GLU C 303 -2.29 22.48 36.28
C GLU C 303 -2.91 22.34 37.67
N ARG C 304 -4.20 22.08 37.75
CA ARG C 304 -4.87 21.94 39.04
C ARG C 304 -5.08 20.47 39.39
N PHE C 305 -5.27 20.22 40.70
CA PHE C 305 -5.53 18.88 41.19
C PHE C 305 -6.21 18.99 42.55
N GLY C 306 -6.65 17.84 43.08
CA GLY C 306 -7.28 17.80 44.39
C GLY C 306 -6.91 16.54 45.14
N PHE C 307 -7.00 16.61 46.47
CA PHE C 307 -6.84 15.46 47.36
C PHE C 307 -8.23 14.96 47.77
N ARG C 308 -8.52 13.69 47.51
CA ARG C 308 -9.76 13.11 48.02
C ARG C 308 -9.67 11.59 47.96
N HIS C 309 -10.35 10.95 48.91
CA HIS C 309 -10.40 9.50 49.01
C HIS C 309 -11.76 9.00 48.57
N THR C 310 -11.77 8.01 47.68
CA THR C 310 -13.01 7.43 47.18
C THR C 310 -12.99 5.94 47.40
N GLU C 311 -14.16 5.36 47.68
CA GLU C 311 -14.21 3.93 47.90
C GLU C 311 -15.59 3.41 47.52
N PHE C 312 -15.63 2.41 46.64
CA PHE C 312 -16.84 1.66 46.38
C PHE C 312 -16.81 0.44 47.28
N LYS C 313 -17.85 0.27 48.10
CA LYS C 313 -17.90 -0.86 49.01
C LYS C 313 -18.43 -2.10 48.29
N ASP C 314 -17.84 -3.25 48.59
N ASP C 314 -17.83 -3.25 48.59
CA ASP C 314 -18.29 -4.53 48.04
CA ASP C 314 -18.31 -4.52 48.03
C ASP C 314 -19.76 -4.76 48.38
C ASP C 314 -19.78 -4.73 48.38
N LYS C 315 -20.60 -4.88 47.34
CA LYS C 315 -22.05 -5.05 47.52
C LYS C 315 -22.63 -3.95 48.41
N GLY C 316 -22.08 -2.75 48.30
CA GLY C 316 -22.46 -1.67 49.17
C GLY C 316 -22.42 -0.32 48.48
N PRO C 317 -22.44 0.75 49.28
CA PRO C 317 -22.57 2.10 48.71
C PRO C 317 -21.20 2.71 48.41
N PHE C 318 -21.20 4.04 48.22
CA PHE C 318 -20.03 4.81 47.81
C PHE C 318 -19.66 5.79 48.92
N PHE C 319 -18.36 5.90 49.20
CA PHE C 319 -17.82 6.73 50.27
C PHE C 319 -16.88 7.77 49.69
N LEU C 320 -17.09 9.02 50.07
CA LEU C 320 -16.19 10.12 49.72
C LEU C 320 -15.58 10.63 51.02
N ASN C 321 -14.25 10.56 51.10
CA ASN C 321 -13.51 11.03 52.27
C ASN C 321 -14.01 10.35 53.55
N GLY C 322 -14.30 9.06 53.44
CA GLY C 322 -14.65 8.24 54.59
C GLY C 322 -16.08 8.34 55.06
N LYS C 323 -16.96 8.99 54.31
CA LYS C 323 -18.38 9.09 54.67
C LYS C 323 -19.22 8.70 53.45
N ARG C 324 -20.31 7.98 53.71
CA ARG C 324 -21.20 7.57 52.63
C ARG C 324 -21.76 8.79 51.94
N LEU C 325 -21.74 8.76 50.60
CA LEU C 325 -22.30 9.83 49.78
C LEU C 325 -23.21 9.20 48.74
N LEU C 326 -24.51 9.52 48.80
CA LEU C 326 -25.41 9.09 47.75
C LEU C 326 -25.12 9.92 46.50
N LEU C 327 -24.71 9.26 45.41
CA LEU C 327 -24.46 9.98 44.17
C LEU C 327 -25.77 10.44 43.57
N ARG C 328 -25.93 11.75 43.43
CA ARG C 328 -27.14 12.41 42.92
C ARG C 328 -26.79 12.89 41.51
N GLY C 329 -27.08 12.07 40.53
CA GLY C 329 -26.42 12.25 39.24
C GLY C 329 -27.30 12.70 38.10
N THR C 330 -26.65 13.17 37.04
CA THR C 330 -27.28 13.45 35.76
C THR C 330 -26.30 13.07 34.66
N HIS C 331 -26.65 13.39 33.41
CA HIS C 331 -25.77 13.27 32.25
C HIS C 331 -25.88 14.56 31.45
N ARG C 332 -24.96 14.75 30.51
CA ARG C 332 -25.16 15.82 29.53
C ARG C 332 -24.52 15.40 28.22
N HIS C 333 -25.11 15.86 27.12
CA HIS C 333 -24.47 15.81 25.81
C HIS C 333 -23.92 17.19 25.48
N GLU C 334 -22.88 17.23 24.65
CA GLU C 334 -22.41 18.50 24.10
C GLU C 334 -23.32 18.86 22.94
N ASP C 335 -24.40 19.58 23.25
CA ASP C 335 -25.42 19.91 22.27
C ASP C 335 -26.27 21.05 22.82
N HIS C 336 -26.61 22.03 21.99
CA HIS C 336 -27.41 23.15 22.50
C HIS C 336 -28.19 23.79 21.38
N ALA C 337 -29.31 24.42 21.73
CA ALA C 337 -30.16 25.06 20.75
C ALA C 337 -29.39 26.09 19.93
N GLY C 338 -29.59 26.05 18.62
CA GLY C 338 -28.99 27.01 17.72
C GLY C 338 -27.56 26.69 17.30
N VAL C 339 -26.85 25.85 18.03
CA VAL C 339 -25.42 25.69 17.75
C VAL C 339 -24.97 24.24 17.67
N ALA C 340 -25.87 23.29 17.98
CA ALA C 340 -25.50 21.86 18.04
C ALA C 340 -24.31 21.73 18.99
N GLN C 341 -23.22 21.06 18.61
CA GLN C 341 -22.13 20.83 19.54
C GLN C 341 -21.29 22.08 19.82
N ALA C 342 -21.42 23.15 19.03
CA ALA C 342 -20.53 24.31 19.15
C ALA C 342 -20.96 25.25 20.29
N MET C 343 -20.92 24.72 21.51
CA MET C 343 -21.21 25.52 22.69
C MET C 343 -20.02 26.40 23.05
N THR C 344 -20.31 27.62 23.52
CA THR C 344 -19.29 28.53 24.00
C THR C 344 -19.00 28.25 25.47
N GLU C 345 -17.89 28.80 25.96
CA GLU C 345 -17.56 28.68 27.38
C GLU C 345 -18.66 29.27 28.26
N ASP C 346 -19.23 30.40 27.86
CA ASP C 346 -20.28 31.01 28.67
C ASP C 346 -21.50 30.10 28.76
N MET C 347 -21.85 29.43 27.66
CA MET C 347 -22.98 28.49 27.69
C MET C 347 -22.69 27.32 28.61
N MET C 348 -21.46 26.79 28.53
CA MET C 348 -21.12 25.67 29.39
C MET C 348 -21.18 26.07 30.86
N ARG C 349 -20.67 27.26 31.19
CA ARG C 349 -20.70 27.73 32.57
C ARG C 349 -22.13 27.83 33.10
N ARG C 350 -23.03 28.39 32.29
CA ARG C 350 -24.42 28.52 32.72
C ARG C 350 -25.05 27.16 32.95
N GLU C 351 -24.80 26.20 32.06
CA GLU C 351 -25.41 24.88 32.21
C GLU C 351 -24.94 24.19 33.49
N MET C 352 -23.63 24.23 33.74
CA MET C 352 -23.10 23.52 34.90
C MET C 352 -23.55 24.20 36.19
N ARG C 353 -23.66 25.52 36.18
CA ARG C 353 -24.19 26.22 37.35
C ARG C 353 -25.63 25.80 37.61
N MET C 354 -26.43 25.68 36.55
CA MET C 354 -27.81 25.22 36.68
C MET C 354 -27.88 23.84 37.33
N MET C 355 -26.97 22.94 36.94
CA MET C 355 -26.90 21.61 37.56
C MET C 355 -26.57 21.70 39.04
N LYS C 356 -25.52 22.44 39.37
CA LYS C 356 -25.13 22.58 40.77
C LYS C 356 -26.28 23.13 41.61
N ASP C 357 -26.98 24.14 41.09
CA ASP C 357 -28.12 24.73 41.80
C ASP C 357 -29.29 23.75 41.95
N MET C 358 -29.32 22.68 41.16
CA MET C 358 -30.34 21.64 41.28
C MET C 358 -29.99 20.58 42.32
N GLY C 359 -28.77 20.60 42.86
CA GLY C 359 -28.34 19.61 43.82
C GLY C 359 -27.49 18.48 43.26
N VAL C 360 -27.12 18.55 41.97
CA VAL C 360 -26.27 17.52 41.38
C VAL C 360 -24.93 17.44 42.09
N ASN C 361 -24.46 16.22 42.37
CA ASN C 361 -23.09 15.99 42.84
C ASN C 361 -22.35 14.96 41.99
N PHE C 362 -22.95 14.52 40.88
CA PHE C 362 -22.37 13.46 40.05
C PHE C 362 -22.85 13.63 38.62
N ILE C 363 -21.96 13.40 37.66
CA ILE C 363 -22.34 13.46 36.25
C ILE C 363 -21.57 12.39 35.49
N ARG C 364 -22.27 11.73 34.59
CA ARG C 364 -21.67 10.90 33.54
C ARG C 364 -21.74 11.71 32.25
N LEU C 365 -20.58 11.94 31.63
CA LEU C 365 -20.47 12.95 30.58
C LEU C 365 -20.91 12.40 29.22
N GLY C 366 -22.14 11.89 29.19
CA GLY C 366 -22.61 11.30 27.95
C GLY C 366 -21.76 10.12 27.57
N HIS C 367 -21.51 9.97 26.26
CA HIS C 367 -20.80 8.81 25.75
C HIS C 367 -19.42 9.15 25.21
N TYR C 368 -18.78 10.22 25.69
CA TYR C 368 -17.49 10.57 25.10
C TYR C 368 -16.78 11.56 26.00
N GLN C 369 -15.48 11.72 25.73
CA GLN C 369 -14.71 12.74 26.42
C GLN C 369 -15.30 14.11 26.10
N GLN C 370 -15.39 14.97 27.11
CA GLN C 370 -16.00 16.28 26.87
C GLN C 370 -14.95 17.37 27.02
N SER C 371 -15.32 18.57 26.59
CA SER C 371 -14.46 19.73 26.67
C SER C 371 -13.81 19.86 28.04
N GLU C 372 -12.53 20.23 28.06
CA GLU C 372 -11.87 20.42 29.34
C GLU C 372 -12.51 21.53 30.17
N ILE C 373 -13.20 22.47 29.51
CA ILE C 373 -13.97 23.46 30.26
C ILE C 373 -14.98 22.78 31.18
N ILE C 374 -15.64 21.73 30.69
CA ILE C 374 -16.60 21.01 31.53
C ILE C 374 -15.91 20.36 32.71
N LEU C 375 -14.76 19.71 32.47
CA LEU C 375 -14.07 19.06 33.58
C LEU C 375 -13.61 20.08 34.61
N ASP C 376 -13.08 21.22 34.17
CA ASP C 376 -12.68 22.26 35.11
C ASP C 376 -13.87 22.73 35.94
N LEU C 377 -15.04 22.86 35.33
CA LEU C 377 -16.24 23.27 36.06
C LEU C 377 -16.69 22.22 37.07
N CYS C 378 -16.58 20.93 36.73
CA CYS C 378 -16.89 19.89 37.71
C CYS C 378 -15.96 19.95 38.91
N ASP C 379 -14.67 20.19 38.66
CA ASP C 379 -13.70 20.38 39.75
C ASP C 379 -14.11 21.56 40.64
N GLU C 380 -14.53 22.66 40.01
CA GLU C 380 -14.78 23.90 40.76
C GLU C 380 -16.12 23.87 41.46
N LEU C 381 -17.10 23.20 40.89
CA LEU C 381 -18.45 23.20 41.44
C LEU C 381 -18.69 22.03 42.37
N GLY C 382 -17.87 20.98 42.33
CA GLY C 382 -18.05 19.83 43.22
C GLY C 382 -18.98 18.79 42.64
N ILE C 383 -18.66 18.32 41.44
CA ILE C 383 -19.49 17.34 40.75
C ILE C 383 -18.58 16.19 40.34
N LEU C 384 -18.78 15.02 40.95
CA LEU C 384 -18.01 13.84 40.60
C LEU C 384 -18.32 13.41 39.17
N VAL C 385 -17.37 12.71 38.52
CA VAL C 385 -17.42 12.50 37.07
C VAL C 385 -17.15 11.04 36.70
N TRP C 386 -18.00 10.51 35.83
CA TRP C 386 -17.76 9.30 35.04
C TRP C 386 -17.61 9.78 33.59
N GLU C 387 -16.46 9.48 32.98
CA GLU C 387 -16.20 9.89 31.61
C GLU C 387 -15.79 8.66 30.81
N GLU C 388 -16.35 8.47 29.62
CA GLU C 388 -16.16 7.23 28.89
C GLU C 388 -15.74 7.49 27.44
N ILE C 389 -15.22 6.44 26.80
CA ILE C 389 -14.92 6.49 25.36
C ILE C 389 -16.19 6.17 24.59
N PRO C 390 -16.31 6.64 23.34
CA PRO C 390 -17.56 6.43 22.61
C PRO C 390 -17.65 5.08 21.93
N TRP C 391 -17.24 4.00 22.60
CA TRP C 391 -17.53 2.66 22.10
C TRP C 391 -18.97 2.38 22.50
N CYS C 392 -19.90 2.81 21.64
CA CYS C 392 -21.31 2.95 22.01
C CYS C 392 -22.15 2.26 20.94
N ARG C 393 -22.51 0.99 21.23
CA ARG C 393 -23.34 0.13 20.37
C ARG C 393 -22.60 -0.41 19.15
N GLY C 394 -23.12 -1.50 18.57
CA GLY C 394 -22.80 -1.93 17.24
C GLY C 394 -22.03 -3.24 17.16
N GLY C 395 -21.29 -3.60 18.22
CA GLY C 395 -20.44 -4.78 18.16
C GLY C 395 -18.97 -4.42 18.27
N LEU C 396 -18.17 -4.88 17.32
CA LEU C 396 -16.73 -4.66 17.39
C LEU C 396 -16.15 -4.72 15.99
N GLY C 397 -15.40 -3.68 15.60
CA GLY C 397 -14.80 -3.61 14.29
C GLY C 397 -13.41 -4.22 14.20
N GLY C 398 -12.69 -3.85 13.14
CA GLY C 398 -11.37 -4.40 12.84
C GLY C 398 -10.24 -3.65 13.52
N ASP C 399 -9.06 -3.73 12.92
CA ASP C 399 -7.85 -3.22 13.57
C ASP C 399 -7.87 -1.70 13.71
N VAL C 400 -8.39 -0.98 12.71
CA VAL C 400 -8.44 0.48 12.81
C VAL C 400 -9.41 0.91 13.91
N TYR C 401 -10.57 0.28 13.95
CA TYR C 401 -11.57 0.51 15.00
C TYR C 401 -10.98 0.29 16.39
N LYS C 402 -10.32 -0.85 16.59
CA LYS C 402 -9.73 -1.14 17.90
C LYS C 402 -8.62 -0.15 18.22
N LYS C 403 -7.80 0.20 17.23
CA LYS C 403 -6.74 1.16 17.48
C LYS C 403 -7.31 2.50 17.91
N GLN C 404 -8.43 2.92 17.29
CA GLN C 404 -9.05 4.19 17.68
C GLN C 404 -9.55 4.13 19.12
N ALA C 405 -10.22 3.04 19.50
CA ALA C 405 -10.72 2.94 20.87
C ALA C 405 -9.59 2.99 21.88
N ARG C 406 -8.52 2.22 21.63
CA ARG C 406 -7.35 2.27 22.51
C ARG C 406 -6.79 3.68 22.59
N ARG C 407 -6.66 4.33 21.44
CA ARG C 407 -6.08 5.67 21.41
C ARG C 407 -6.93 6.67 22.17
N MET C 408 -8.25 6.61 21.96
CA MET C 408 -9.12 7.57 22.64
C MET C 408 -9.18 7.30 24.14
N LEU C 409 -9.09 6.04 24.55
CA LEU C 409 -9.04 5.75 25.99
C LEU C 409 -7.76 6.32 26.60
N ALA C 410 -6.61 6.05 25.98
CA ALA C 410 -5.35 6.57 26.50
C ALA C 410 -5.36 8.08 26.51
N ASN C 411 -5.86 8.70 25.43
CA ASN C 411 -5.90 10.16 25.38
C ASN C 411 -6.77 10.72 26.50
N MET C 412 -7.93 10.12 26.72
CA MET C 412 -8.84 10.64 27.74
C MET C 412 -8.21 10.57 29.13
N ILE C 413 -7.60 9.44 29.45
CA ILE C 413 -7.00 9.28 30.78
C ILE C 413 -5.79 10.19 30.94
N VAL C 414 -4.92 10.22 29.94
CA VAL C 414 -3.75 11.09 29.99
C VAL C 414 -4.17 12.55 30.10
N GLN C 415 -5.16 12.96 29.31
CA GLN C 415 -5.53 14.36 29.28
C GLN C 415 -6.30 14.79 30.51
N HIS C 416 -7.12 13.91 31.09
CA HIS C 416 -7.99 14.32 32.20
C HIS C 416 -7.57 13.73 33.55
N HIS C 417 -6.38 13.12 33.60
CA HIS C 417 -5.89 12.43 34.79
C HIS C 417 -5.88 13.32 36.02
N ASN C 418 -5.61 14.61 35.86
CA ASN C 418 -5.39 15.46 37.02
C ASN C 418 -6.69 15.94 37.67
N HIS C 419 -7.84 15.79 37.02
CA HIS C 419 -9.10 16.31 37.57
C HIS C 419 -9.57 15.51 38.79
N PRO C 420 -9.65 16.10 39.99
CA PRO C 420 -10.16 15.33 41.15
C PRO C 420 -11.60 14.88 41.00
N ALA C 421 -12.41 15.59 40.19
CA ALA C 421 -13.80 15.19 39.99
C ALA C 421 -13.92 13.76 39.46
N VAL C 422 -12.97 13.32 38.62
CA VAL C 422 -13.15 12.05 37.93
C VAL C 422 -12.94 10.89 38.90
N ILE C 423 -13.93 9.99 38.97
CA ILE C 423 -13.79 8.75 39.73
C ILE C 423 -13.89 7.51 38.86
N ILE C 424 -14.40 7.62 37.64
CA ILE C 424 -14.64 6.45 36.79
C ILE C 424 -14.22 6.75 35.36
N TRP C 425 -13.45 5.84 34.76
CA TRP C 425 -13.22 5.83 33.33
C TRP C 425 -14.13 4.78 32.72
N GLY C 426 -15.04 5.20 31.85
CA GLY C 426 -15.98 4.28 31.23
C GLY C 426 -15.39 3.72 29.95
N LEU C 427 -15.66 2.42 29.70
CA LEU C 427 -15.11 1.76 28.53
C LEU C 427 -16.12 1.59 27.39
N GLY C 428 -17.40 1.90 27.61
CA GLY C 428 -18.37 1.71 26.55
C GLY C 428 -19.77 1.60 27.11
N ASN C 429 -20.73 1.73 26.19
CA ASN C 429 -22.15 1.75 26.51
C ASN C 429 -22.90 0.84 25.56
N GLU C 430 -23.75 -0.01 26.12
CA GLU C 430 -24.61 -0.90 25.33
C GLU C 430 -23.82 -1.65 24.28
N ASN C 431 -22.72 -2.26 24.73
CA ASN C 431 -21.90 -3.03 23.81
C ASN C 431 -22.50 -4.38 23.49
N ASP C 432 -23.63 -4.72 24.09
CA ASP C 432 -24.41 -5.87 23.66
C ASP C 432 -25.38 -5.54 22.52
N TRP C 433 -25.35 -4.31 22.01
CA TRP C 433 -26.28 -3.86 20.97
C TRP C 433 -25.67 -4.17 19.60
N PRO C 434 -26.21 -5.10 18.83
CA PRO C 434 -25.54 -5.55 17.61
C PRO C 434 -25.91 -4.77 16.36
N ASN C 435 -25.32 -5.18 15.23
CA ASN C 435 -25.77 -4.93 13.85
C ASN C 435 -25.03 -3.83 13.10
N ASP C 436 -23.88 -3.36 13.60
CA ASP C 436 -23.00 -2.62 12.70
C ASP C 436 -22.16 -3.56 11.85
N PHE C 437 -22.20 -4.86 12.13
CA PHE C 437 -21.44 -5.85 11.39
C PHE C 437 -22.33 -7.05 11.17
N ASN C 438 -21.99 -7.85 10.18
CA ASN C 438 -22.77 -9.05 9.93
C ASN C 438 -22.39 -10.18 10.89
N THR C 439 -21.49 -9.92 11.84
CA THR C 439 -21.21 -10.86 12.91
C THR C 439 -21.24 -10.15 14.25
N PHE C 440 -21.47 -10.93 15.31
CA PHE C 440 -21.45 -10.44 16.68
C PHE C 440 -20.80 -11.54 17.51
N ASP C 441 -19.63 -11.26 18.05
CA ASP C 441 -18.82 -12.28 18.73
C ASP C 441 -18.61 -11.83 20.18
N LYS C 442 -19.39 -12.41 21.11
CA LYS C 442 -19.29 -12.00 22.51
C LYS C 442 -17.88 -12.20 23.05
N SER C 443 -17.20 -13.28 22.65
CA SER C 443 -15.87 -13.56 23.16
C SER C 443 -14.86 -12.51 22.69
N ALA C 444 -15.00 -12.06 21.45
CA ALA C 444 -14.11 -11.02 20.96
C ALA C 444 -14.37 -9.69 21.67
N ILE C 445 -15.64 -9.40 21.94
CA ILE C 445 -15.96 -8.18 22.68
C ILE C 445 -15.39 -8.26 24.10
N ARG C 446 -15.54 -9.41 24.76
CA ARG C 446 -14.94 -9.58 26.08
C ARG C 446 -13.43 -9.38 26.04
N ALA C 447 -12.76 -9.98 25.05
CA ALA C 447 -11.29 -9.89 25.00
C ALA C 447 -10.84 -8.44 24.85
N PHE C 448 -11.51 -7.68 23.99
CA PHE C 448 -11.10 -6.30 23.79
C PHE C 448 -11.50 -5.45 25.00
N MET C 449 -12.65 -5.73 25.59
CA MET C 449 -13.06 -5.00 26.80
C MET C 449 -12.03 -5.20 27.91
N LYS C 450 -11.54 -6.43 28.08
CA LYS C 450 -10.56 -6.66 29.12
C LYS C 450 -9.23 -5.99 28.79
N GLU C 451 -8.86 -5.92 27.50
CA GLU C 451 -7.65 -5.19 27.13
C GLU C 451 -7.78 -3.71 27.51
N LEU C 452 -8.93 -3.09 27.21
CA LEU C 452 -9.16 -1.69 27.57
C LEU C 452 -9.13 -1.50 29.08
N HIS C 453 -9.83 -2.37 29.81
CA HIS C 453 -9.78 -2.32 31.27
C HIS C 453 -8.33 -2.39 31.78
N ASP C 454 -7.55 -3.33 31.25
CA ASP C 454 -6.16 -3.46 31.69
C ASP C 454 -5.36 -2.21 31.35
N MET C 455 -5.61 -1.61 30.18
CA MET C 455 -4.89 -0.40 29.80
C MET C 455 -5.21 0.74 30.76
N ALA C 456 -6.49 0.90 31.10
CA ALA C 456 -6.87 1.94 32.04
C ALA C 456 -6.14 1.78 33.37
N HIS C 457 -6.08 0.56 33.88
CA HIS C 457 -5.39 0.37 35.15
C HIS C 457 -3.89 0.53 35.04
N ARG C 458 -3.30 0.19 33.88
CA ARG C 458 -1.87 0.46 33.70
C ARG C 458 -1.60 1.95 33.72
N LEU C 459 -2.48 2.74 33.10
CA LEU C 459 -2.28 4.18 33.03
C LEU C 459 -2.65 4.88 34.33
N ASP C 460 -3.68 4.38 35.02
CA ASP C 460 -4.20 5.12 36.17
C ASP C 460 -4.93 4.12 37.08
N ASP C 461 -4.19 3.59 38.04
CA ASP C 461 -4.78 2.63 38.97
C ASP C 461 -5.53 3.29 40.11
N THR C 462 -5.65 4.62 40.12
CA THR C 462 -6.40 5.28 41.18
C THR C 462 -7.89 5.42 40.91
N ARG C 463 -8.38 5.02 39.73
CA ARG C 463 -9.79 5.19 39.42
C ARG C 463 -10.39 3.85 39.01
N MET C 464 -11.72 3.77 39.06
CA MET C 464 -12.45 2.58 38.67
C MET C 464 -12.82 2.62 37.19
N THR C 465 -12.82 1.45 36.55
CA THR C 465 -13.41 1.33 35.22
C THR C 465 -14.88 0.95 35.33
N ALA C 466 -15.64 1.28 34.30
CA ALA C 466 -17.05 0.91 34.26
C ALA C 466 -17.53 0.77 32.83
N ILE C 467 -18.65 0.06 32.68
CA ILE C 467 -19.44 0.04 31.46
C ILE C 467 -20.91 0.07 31.88
N ARG C 468 -21.76 0.31 30.89
CA ARG C 468 -23.20 0.27 31.05
C ARG C 468 -23.81 -0.72 30.06
N ARG C 469 -24.67 -1.60 30.58
CA ARG C 469 -25.50 -2.53 29.83
C ARG C 469 -24.71 -3.38 28.83
N CYS C 470 -23.95 -4.30 29.41
CA CYS C 470 -23.40 -5.40 28.62
C CYS C 470 -23.21 -6.54 29.62
N GLU C 471 -24.28 -7.31 29.84
CA GLU C 471 -24.26 -8.27 30.93
C GLU C 471 -23.17 -9.31 30.76
N PHE C 472 -22.89 -9.71 29.52
CA PHE C 472 -21.86 -10.73 29.34
C PHE C 472 -20.44 -10.20 29.55
N CYS C 473 -20.29 -8.91 29.87
CA CYS C 473 -19.02 -8.33 30.29
C CYS C 473 -19.02 -7.84 31.74
N ASN C 474 -20.04 -8.18 32.54
CA ASN C 474 -20.18 -7.55 33.84
C ASN C 474 -19.16 -8.05 34.86
N ASP C 475 -18.36 -9.04 34.51
CA ASP C 475 -17.28 -9.51 35.37
C ASP C 475 -15.95 -8.84 35.05
N ILE C 476 -15.89 -8.00 34.03
CA ILE C 476 -14.61 -7.46 33.58
C ILE C 476 -14.26 -6.15 34.28
N VAL C 477 -15.22 -5.23 34.41
CA VAL C 477 -14.96 -3.88 34.89
C VAL C 477 -15.09 -3.81 36.41
N ASP C 478 -14.59 -2.72 36.99
CA ASP C 478 -14.71 -2.48 38.43
C ASP C 478 -16.14 -2.19 38.86
N VAL C 479 -16.84 -1.31 38.11
CA VAL C 479 -18.17 -0.79 38.46
C VAL C 479 -19.10 -1.05 37.29
N TYR C 480 -20.31 -1.51 37.57
CA TYR C 480 -21.22 -1.90 36.49
C TYR C 480 -22.59 -1.26 36.65
N SER C 481 -23.14 -0.77 35.53
CA SER C 481 -24.52 -0.31 35.47
C SER C 481 -25.32 -1.20 34.52
N PRO C 482 -26.43 -1.77 34.97
CA PRO C 482 -27.35 -2.41 34.04
C PRO C 482 -28.25 -1.35 33.43
N SER C 483 -29.25 -1.77 32.65
CA SER C 483 -30.30 -0.88 32.17
C SER C 483 -31.51 -0.99 33.09
N ILE C 484 -31.87 0.11 33.75
CA ILE C 484 -33.06 0.15 34.60
C ILE C 484 -33.84 1.41 34.21
N TRP C 485 -34.86 1.24 33.37
CA TRP C 485 -35.71 2.36 32.95
C TRP C 485 -37.15 2.13 33.42
N ALA C 486 -37.33 1.96 34.73
CA ALA C 486 -38.64 1.59 35.27
C ALA C 486 -39.66 2.69 35.04
N GLY C 487 -40.82 2.31 34.51
CA GLY C 487 -41.85 3.28 34.21
C GLY C 487 -41.64 4.01 32.91
N TRP C 488 -40.58 3.69 32.16
CA TRP C 488 -40.42 4.31 30.84
C TRP C 488 -40.30 3.24 29.76
N TYR C 489 -39.09 2.75 29.51
CA TYR C 489 -38.93 1.76 28.46
C TYR C 489 -39.49 0.41 28.85
N ARG C 490 -39.68 0.16 30.14
CA ARG C 490 -40.24 -1.12 30.57
C ARG C 490 -40.84 -0.99 31.96
N GLY C 491 -41.93 -1.73 32.18
CA GLY C 491 -42.51 -1.86 33.50
C GLY C 491 -43.13 -0.58 34.06
N VAL C 492 -43.23 -0.55 35.39
CA VAL C 492 -43.85 0.55 36.10
C VAL C 492 -42.81 1.15 37.05
N PHE C 493 -42.92 2.46 37.31
CA PHE C 493 -41.83 3.05 38.08
C PHE C 493 -41.85 2.62 39.55
N THR C 494 -42.96 2.06 40.03
CA THR C 494 -42.98 1.53 41.41
C THR C 494 -42.18 0.23 41.57
N ASP C 495 -41.71 -0.38 40.48
CA ASP C 495 -40.77 -1.50 40.57
C ASP C 495 -39.31 -1.04 40.66
N TYR C 496 -39.05 0.26 40.69
CA TYR C 496 -37.68 0.75 40.64
C TYR C 496 -36.81 0.13 41.72
N LYS C 497 -37.26 0.16 42.97
CA LYS C 497 -36.40 -0.30 44.07
C LYS C 497 -36.14 -1.80 43.97
N SER C 498 -37.18 -2.60 43.74
CA SER C 498 -37.00 -4.05 43.71
C SER C 498 -36.12 -4.47 42.53
N ILE C 499 -36.28 -3.84 41.37
CA ILE C 499 -35.37 -4.14 40.27
C ILE C 499 -33.95 -3.77 40.66
N SER C 500 -33.77 -2.61 41.28
CA SER C 500 -32.44 -2.20 41.69
C SER C 500 -31.86 -3.19 42.70
N GLU C 501 -32.69 -3.68 43.62
CA GLU C 501 -32.21 -4.67 44.58
C GLU C 501 -31.72 -5.94 43.89
N GLN C 502 -32.48 -6.43 42.90
CA GLN C 502 -32.06 -7.64 42.19
C GLN C 502 -30.77 -7.39 41.42
N GLU C 503 -30.66 -6.24 40.75
CA GLU C 503 -29.51 -5.98 39.89
C GLU C 503 -28.25 -5.77 40.69
N MET C 504 -28.33 -5.06 41.83
CA MET C 504 -27.11 -4.79 42.58
C MET C 504 -26.45 -6.07 43.06
N GLN C 505 -27.23 -7.15 43.26
CA GLN C 505 -26.66 -8.41 43.76
C GLN C 505 -25.84 -9.14 42.71
N LYS C 506 -25.94 -8.76 41.43
CA LYS C 506 -25.24 -9.47 40.38
C LYS C 506 -23.77 -9.07 40.26
N VAL C 507 -23.36 -7.96 40.86
CA VAL C 507 -22.04 -7.40 40.62
C VAL C 507 -21.45 -6.92 41.92
N LYS C 508 -20.13 -6.77 41.94
CA LYS C 508 -19.44 -6.31 43.14
C LYS C 508 -19.77 -4.87 43.47
N HIS C 509 -19.75 -3.99 42.46
CA HIS C 509 -20.03 -2.57 42.64
C HIS C 509 -21.08 -2.18 41.62
N PHE C 510 -22.27 -1.82 42.11
CA PHE C 510 -23.41 -1.46 41.29
C PHE C 510 -23.56 0.06 41.34
N LEU C 511 -23.75 0.67 40.16
CA LEU C 511 -23.99 2.10 40.06
C LEU C 511 -24.94 2.29 38.89
N HIS C 512 -26.10 2.87 39.14
CA HIS C 512 -27.18 2.89 38.17
C HIS C 512 -27.10 4.18 37.36
N VAL C 513 -26.66 4.09 36.11
CA VAL C 513 -26.67 5.27 35.23
C VAL C 513 -27.71 5.07 34.15
N GLU C 514 -28.54 6.12 33.97
CA GLU C 514 -29.64 6.28 33.01
C GLU C 514 -30.96 5.79 33.58
N TRP C 515 -31.88 6.73 33.80
CA TRP C 515 -33.28 6.48 34.09
C TRP C 515 -34.02 7.78 33.82
N GLY C 516 -35.34 7.70 33.77
CA GLY C 516 -36.13 8.90 33.55
C GLY C 516 -37.28 8.71 32.58
N GLY C 517 -37.69 9.78 31.91
CA GLY C 517 -38.75 9.70 30.93
C GLY C 517 -38.87 10.99 30.15
N ASP C 518 -39.45 10.87 28.97
CA ASP C 518 -39.61 12.04 28.11
C ASP C 518 -40.77 12.91 28.57
N SER C 519 -40.59 14.23 28.51
CA SER C 519 -41.72 15.15 28.67
C SER C 519 -41.61 16.26 27.63
N HIS C 520 -42.66 16.39 26.83
CA HIS C 520 -42.83 17.50 25.89
C HIS C 520 -43.09 18.77 26.69
N ALA C 521 -42.08 19.65 26.80
CA ALA C 521 -42.17 20.80 27.68
C ALA C 521 -43.42 21.62 27.37
N ARG C 522 -44.15 21.99 28.43
CA ARG C 522 -45.39 22.75 28.44
C ARG C 522 -46.59 21.85 28.22
N ARG C 523 -46.41 20.53 28.06
CA ARG C 523 -47.54 19.61 27.99
C ARG C 523 -47.83 19.05 29.36
N HIS C 524 -49.08 19.13 29.77
CA HIS C 524 -49.50 18.69 31.10
C HIS C 524 -50.73 17.79 30.96
N SER C 525 -51.13 17.13 32.05
CA SER C 525 -52.25 16.22 31.98
C SER C 525 -52.99 16.17 33.30
N GLU C 526 -54.34 16.21 33.23
CA GLU C 526 -55.13 16.00 34.44
C GLU C 526 -55.08 14.54 34.90
N ASP C 527 -54.97 13.58 33.97
CA ASP C 527 -54.74 12.18 34.35
C ASP C 527 -53.43 11.70 33.74
N ALA C 528 -52.33 11.81 34.49
CA ALA C 528 -51.04 11.41 33.93
C ALA C 528 -50.95 9.91 33.62
N PHE C 529 -51.80 9.08 34.23
CA PHE C 529 -51.74 7.63 34.06
C PHE C 529 -52.84 7.10 33.15
N TYR C 530 -53.40 7.94 32.26
CA TYR C 530 -54.66 7.59 31.61
C TYR C 530 -54.51 6.40 30.67
N ASN C 531 -53.61 6.47 29.70
CA ASN C 531 -53.46 5.36 28.75
C ASN C 531 -52.32 4.43 29.13
N LEU C 532 -52.18 4.11 30.41
CA LEU C 532 -51.11 3.22 30.86
C LEU C 532 -51.71 1.98 31.50
N LYS C 533 -52.78 1.46 30.91
CA LYS C 533 -53.52 0.34 31.49
C LYS C 533 -52.95 -1.01 31.09
N ASN C 534 -52.31 -1.11 29.93
CA ASN C 534 -51.81 -2.39 29.47
C ASN C 534 -50.42 -2.72 30.00
N ILE C 535 -49.78 -1.81 30.73
CA ILE C 535 -48.40 -2.01 31.15
C ILE C 535 -48.36 -2.98 32.32
N GLU C 536 -47.44 -3.95 32.26
CA GLU C 536 -47.35 -5.04 33.22
C GLU C 536 -46.19 -4.82 34.18
N ALA C 537 -46.45 -4.96 35.47
CA ALA C 537 -45.43 -4.83 36.49
C ALA C 537 -44.74 -6.18 36.75
N GLY C 538 -43.64 -6.12 37.52
CA GLY C 538 -42.99 -7.31 38.03
C GLY C 538 -42.12 -8.06 37.06
N LYS C 539 -42.00 -7.61 35.81
CA LYS C 539 -41.24 -8.33 34.79
C LYS C 539 -40.10 -7.47 34.23
N GLY C 540 -39.38 -6.79 35.12
CA GLY C 540 -38.20 -6.04 34.74
C GLY C 540 -38.49 -4.60 34.32
N GLY C 541 -37.41 -3.83 34.21
CA GLY C 541 -37.48 -2.44 33.80
C GLY C 541 -36.32 -2.08 32.90
N ASP C 542 -35.71 -3.09 32.27
CA ASP C 542 -34.58 -2.87 31.38
C ASP C 542 -35.05 -2.57 29.96
N GLU C 543 -34.35 -1.66 29.29
CA GLU C 543 -34.62 -1.40 27.88
C GLU C 543 -34.02 -2.53 27.06
N ARG C 544 -34.87 -3.20 26.28
CA ARG C 544 -34.43 -4.24 25.37
C ARG C 544 -34.69 -3.78 23.94
N ALA C 545 -34.28 -4.63 22.99
CA ALA C 545 -34.38 -4.30 21.57
C ALA C 545 -35.83 -4.00 21.20
N GLY C 546 -36.05 -2.84 20.56
CA GLY C 546 -37.35 -2.40 20.14
C GLY C 546 -38.04 -1.45 21.10
N ASP C 547 -37.64 -1.43 22.38
CA ASP C 547 -38.31 -0.60 23.37
C ASP C 547 -38.20 0.89 23.01
N ALA C 548 -37.02 1.33 22.55
CA ALA C 548 -36.83 2.75 22.25
C ALA C 548 -37.70 3.22 21.09
N SER C 549 -38.08 2.30 20.19
CA SER C 549 -38.90 2.66 19.05
C SER C 549 -40.32 3.04 19.49
N LEU C 550 -40.95 3.92 18.71
CA LEU C 550 -42.34 4.28 18.97
C LEU C 550 -43.33 3.28 18.37
N TYR C 551 -42.85 2.19 17.75
CA TYR C 551 -43.70 1.22 17.08
C TYR C 551 -43.41 -0.18 17.60
N GLY C 552 -44.42 -1.03 17.56
CA GLY C 552 -44.25 -2.40 18.02
C GLY C 552 -44.01 -2.49 19.52
N GLY C 553 -43.53 -3.66 19.94
CA GLY C 553 -43.17 -3.88 21.32
C GLY C 553 -44.34 -3.98 22.29
N VAL C 554 -44.06 -4.39 23.53
CA VAL C 554 -45.08 -4.57 24.56
C VAL C 554 -45.47 -3.20 25.10
N PRO C 555 -46.64 -3.07 25.74
CA PRO C 555 -47.04 -1.76 26.26
C PRO C 555 -46.02 -1.22 27.25
N ARG C 556 -45.77 0.08 27.16
CA ARG C 556 -44.72 0.74 27.92
C ARG C 556 -45.00 2.23 27.84
N ALA C 557 -44.68 2.95 28.93
CA ALA C 557 -45.01 4.38 28.95
C ALA C 557 -44.30 5.13 27.83
N SER C 558 -43.11 4.68 27.44
CA SER C 558 -42.40 5.36 26.36
C SER C 558 -43.23 5.40 25.07
N ARG C 559 -44.00 4.34 24.81
CA ARG C 559 -44.85 4.30 23.63
C ARG C 559 -46.28 4.75 23.91
N ASP C 560 -46.80 4.46 25.10
CA ASP C 560 -48.22 4.67 25.40
C ASP C 560 -48.50 5.93 26.22
N GLY C 561 -47.50 6.49 26.88
CA GLY C 561 -47.74 7.68 27.67
C GLY C 561 -48.03 8.89 26.81
N ASP C 562 -48.67 9.88 27.43
CA ASP C 562 -48.94 11.14 26.75
C ASP C 562 -47.69 12.02 26.63
N TRP C 563 -46.55 11.61 27.23
CA TRP C 563 -45.33 12.40 27.21
C TRP C 563 -45.51 13.75 27.90
N SER C 564 -46.40 13.81 28.88
CA SER C 564 -46.62 15.02 29.65
C SER C 564 -45.54 15.21 30.71
N GLU C 565 -45.33 16.47 31.10
CA GLU C 565 -44.52 16.74 32.28
C GLU C 565 -45.15 16.15 33.53
N SER C 566 -46.48 16.02 33.56
CA SER C 566 -47.16 15.53 34.76
C SER C 566 -46.75 14.11 35.09
N TYR C 567 -46.55 13.27 34.07
CA TYR C 567 -46.11 11.91 34.32
C TYR C 567 -44.67 11.87 34.79
N VAL C 568 -43.77 12.59 34.12
CA VAL C 568 -42.37 12.44 34.50
C VAL C 568 -42.10 13.04 35.88
N VAL C 569 -42.85 14.09 36.25
CA VAL C 569 -42.67 14.65 37.58
C VAL C 569 -42.97 13.59 38.63
N ARG C 570 -44.02 12.79 38.40
CA ARG C 570 -44.37 11.75 39.38
C ARG C 570 -43.36 10.60 39.33
N LEU C 571 -42.86 10.28 38.14
CA LEU C 571 -41.84 9.23 38.02
C LEU C 571 -40.57 9.62 38.77
N ILE C 572 -40.13 10.87 38.61
CA ILE C 572 -38.93 11.34 39.28
C ILE C 572 -39.15 11.40 40.79
N ASP C 573 -40.27 12.01 41.20
CA ASP C 573 -40.64 12.07 42.61
C ASP C 573 -40.50 10.69 43.26
N TRP C 574 -41.09 9.67 42.63
CA TRP C 574 -41.03 8.32 43.18
C TRP C 574 -39.60 7.83 43.32
N HIS C 575 -38.81 7.94 42.25
CA HIS C 575 -37.41 7.48 42.32
C HIS C 575 -36.67 8.13 43.48
N LEU C 576 -36.83 9.44 43.65
CA LEU C 576 -36.03 10.15 44.65
C LEU C 576 -36.45 9.77 46.07
N LYS C 577 -37.74 9.57 46.29
CA LYS C 577 -38.14 9.17 47.64
C LYS C 577 -37.76 7.73 47.93
N GLU C 578 -37.75 6.85 46.92
CA GLU C 578 -37.24 5.50 47.13
C GLU C 578 -35.76 5.50 47.49
N GLN C 579 -34.98 6.38 46.86
CA GLN C 579 -33.55 6.37 47.11
C GLN C 579 -33.21 6.72 48.56
N GLU C 580 -34.11 7.43 49.26
CA GLU C 580 -33.89 7.69 50.69
C GLU C 580 -34.00 6.43 51.54
N THR C 581 -34.50 5.33 50.98
CA THR C 581 -34.66 4.08 51.72
C THR C 581 -33.76 2.98 51.18
N MET C 582 -32.69 3.32 50.48
CA MET C 582 -31.81 2.33 49.85
C MET C 582 -30.39 2.57 50.39
N PRO C 583 -30.11 2.13 51.62
CA PRO C 583 -28.82 2.49 52.24
C PRO C 583 -27.61 1.84 51.58
N TRP C 584 -27.81 0.75 50.82
CA TRP C 584 -26.74 0.06 50.11
C TRP C 584 -26.37 0.71 48.78
N LEU C 585 -27.10 1.74 48.37
CA LEU C 585 -27.02 2.27 47.01
C LEU C 585 -25.86 3.25 46.87
N THR C 586 -24.98 2.98 45.91
CA THR C 586 -23.95 3.96 45.57
C THR C 586 -24.61 5.27 45.13
N GLY C 587 -25.51 5.19 44.16
CA GLY C 587 -26.20 6.35 43.64
C GLY C 587 -26.73 6.07 42.24
N THR C 588 -27.29 7.12 41.63
CA THR C 588 -27.83 7.01 40.30
C THR C 588 -27.55 8.28 39.52
N ALA C 589 -27.75 8.21 38.20
CA ALA C 589 -27.67 9.38 37.33
C ALA C 589 -28.85 9.37 36.37
N TYR C 590 -29.70 10.40 36.50
CA TYR C 590 -30.80 10.64 35.57
C TYR C 590 -30.27 10.88 34.16
N TRP C 591 -31.03 10.44 33.14
CA TRP C 591 -30.64 10.67 31.73
C TRP C 591 -31.66 11.53 31.00
N PRO C 592 -31.30 12.74 30.50
CA PRO C 592 -30.13 13.58 30.73
C PRO C 592 -30.52 14.85 31.49
N PHE C 593 -29.58 15.77 31.73
CA PHE C 593 -29.96 17.04 32.32
C PHE C 593 -30.81 17.86 31.35
N LYS C 594 -30.38 17.95 30.09
CA LYS C 594 -30.96 18.87 29.12
C LYS C 594 -31.36 18.11 27.85
N ASP C 595 -32.55 18.43 27.33
CA ASP C 595 -32.99 17.91 26.02
C ASP C 595 -31.86 18.05 25.01
N PHE C 596 -31.70 17.05 24.15
CA PHE C 596 -30.62 17.10 23.17
C PHE C 596 -31.07 16.43 21.89
N SER C 597 -30.41 16.77 20.79
CA SER C 597 -30.84 16.25 19.49
C SER C 597 -30.31 14.85 19.25
N THR C 598 -31.13 14.02 18.60
CA THR C 598 -30.72 12.65 18.24
C THR C 598 -31.28 12.32 16.87
N PRO C 599 -30.48 11.67 16.02
CA PRO C 599 -30.94 11.40 14.64
C PRO C 599 -31.93 10.26 14.54
N VAL C 600 -32.11 9.45 15.58
CA VAL C 600 -32.92 8.25 15.44
C VAL C 600 -34.37 8.43 15.92
N ARG C 601 -34.78 9.66 16.24
CA ARG C 601 -36.14 9.90 16.73
C ARG C 601 -36.86 10.97 15.90
N PRO C 602 -37.08 10.72 14.61
CA PRO C 602 -37.74 11.74 13.77
C PRO C 602 -39.17 12.04 14.18
N ASP C 603 -39.83 11.16 14.91
CA ASP C 603 -41.25 11.29 15.19
C ASP C 603 -41.54 11.76 16.61
N ASN C 604 -40.54 12.21 17.35
CA ASN C 604 -40.79 12.70 18.69
C ASN C 604 -41.62 13.99 18.63
N PRO C 605 -42.30 14.32 19.74
CA PRO C 605 -43.10 15.56 19.78
C PRO C 605 -42.34 16.81 19.36
N VAL C 606 -41.08 16.94 19.77
CA VAL C 606 -40.11 17.77 19.05
C VAL C 606 -39.29 16.83 18.16
N PRO C 607 -39.42 16.89 16.85
CA PRO C 607 -38.67 15.95 15.99
C PRO C 607 -37.17 16.00 16.26
N TYR C 608 -36.55 14.82 16.29
CA TYR C 608 -35.10 14.66 16.40
C TYR C 608 -34.55 15.21 17.71
N VAL C 609 -35.33 15.19 18.77
CA VAL C 609 -34.85 15.61 20.08
C VAL C 609 -35.26 14.56 21.11
N ASN C 610 -34.29 14.12 21.90
CA ASN C 610 -34.57 13.29 23.08
C ASN C 610 -35.06 14.22 24.18
N GLN C 611 -36.33 14.08 24.57
CA GLN C 611 -36.96 15.07 25.44
C GLN C 611 -37.03 14.61 26.90
N LYS C 612 -36.08 13.77 27.32
CA LYS C 612 -36.04 13.32 28.69
C LYS C 612 -35.42 14.33 29.64
N GLY C 613 -34.90 15.45 29.13
CA GLY C 613 -34.27 16.41 30.00
C GLY C 613 -35.23 17.01 31.02
N VAL C 614 -34.65 17.49 32.13
CA VAL C 614 -35.40 18.34 33.05
C VAL C 614 -35.19 19.80 32.71
N VAL C 615 -34.41 20.10 31.68
CA VAL C 615 -34.21 21.44 31.16
C VAL C 615 -34.37 21.36 29.64
N GLU C 616 -34.99 22.37 29.05
CA GLU C 616 -35.13 22.38 27.59
C GLU C 616 -33.78 22.68 26.93
N ARG C 617 -33.72 22.43 25.62
CA ARG C 617 -32.46 22.52 24.87
C ARG C 617 -31.90 23.94 24.82
N ASP C 618 -32.69 24.95 25.21
CA ASP C 618 -32.26 26.35 25.29
C ASP C 618 -32.05 26.83 26.73
N PHE C 619 -31.99 25.92 27.70
CA PHE C 619 -31.79 26.15 29.15
C PHE C 619 -33.08 26.47 29.92
N THR C 620 -34.24 26.52 29.28
CA THR C 620 -35.46 26.79 30.05
C THR C 620 -35.77 25.62 30.96
N PRO C 621 -35.86 25.81 32.28
CA PRO C 621 -36.18 24.69 33.16
C PRO C 621 -37.58 24.14 32.89
N LYS C 622 -37.70 22.81 32.92
CA LYS C 622 -39.00 22.16 32.95
C LYS C 622 -39.49 22.06 34.40
N GLU C 623 -40.74 21.64 34.58
CA GLU C 623 -41.26 21.50 35.94
C GLU C 623 -40.46 20.46 36.73
N SER C 624 -39.90 19.46 36.04
CA SER C 624 -39.14 18.39 36.70
C SER C 624 -37.83 18.89 37.30
N TYR C 625 -37.30 20.00 36.82
CA TYR C 625 -36.11 20.59 37.44
C TYR C 625 -36.35 20.83 38.92
N TYR C 626 -37.54 21.34 39.27
CA TYR C 626 -37.81 21.71 40.66
C TYR C 626 -38.07 20.51 41.56
N VAL C 627 -38.45 19.37 40.99
CA VAL C 627 -38.56 18.15 41.78
C VAL C 627 -37.19 17.76 42.31
N PHE C 628 -36.19 17.64 41.42
CA PHE C 628 -34.84 17.36 41.88
C PHE C 628 -34.39 18.40 42.90
N GLN C 629 -34.62 19.68 42.61
CA GLN C 629 -34.12 20.73 43.47
C GLN C 629 -34.73 20.64 44.88
N SER C 630 -36.00 20.25 44.97
CA SER C 630 -36.68 20.19 46.26
C SER C 630 -36.18 19.04 47.12
N TYR C 631 -35.67 17.99 46.49
CA TYR C 631 -35.11 16.83 47.19
C TYR C 631 -33.64 16.97 47.51
N TRP C 632 -32.89 17.73 46.71
CA TRP C 632 -31.43 17.65 46.68
C TRP C 632 -30.71 18.89 47.21
N THR C 633 -31.44 19.95 47.58
CA THR C 633 -30.82 21.20 47.99
C THR C 633 -31.36 21.65 49.35
N GLU C 634 -30.59 22.49 50.02
CA GLU C 634 -31.01 23.09 51.28
C GLU C 634 -31.43 24.55 51.15
N LYS C 635 -30.97 25.25 50.13
CA LYS C 635 -31.38 26.64 49.95
C LYS C 635 -32.89 26.68 49.78
N PRO C 636 -33.61 27.42 50.63
CA PRO C 636 -35.07 27.35 50.61
C PRO C 636 -35.65 27.71 49.26
N MET C 637 -36.53 26.86 48.77
CA MET C 637 -37.21 27.10 47.51
C MET C 637 -38.61 26.51 47.63
N ILE C 638 -39.47 26.92 46.71
CA ILE C 638 -40.85 26.45 46.71
C ILE C 638 -41.38 26.60 45.30
N HIS C 639 -42.00 25.55 44.78
CA HIS C 639 -42.44 25.55 43.39
C HIS C 639 -43.78 24.83 43.29
N ILE C 640 -44.84 25.59 43.04
CA ILE C 640 -46.13 25.00 42.74
C ILE C 640 -46.05 24.36 41.36
N TYR C 641 -46.45 23.09 41.25
CA TYR C 641 -46.46 22.46 39.94
C TYR C 641 -47.45 23.16 39.04
N GLY C 642 -47.02 23.49 37.81
CA GLY C 642 -47.93 24.00 36.79
C GLY C 642 -47.66 25.41 36.31
N HIS C 643 -46.41 25.87 36.43
CA HIS C 643 -46.07 27.20 35.93
C HIS C 643 -46.34 27.34 34.45
N THR C 644 -46.17 26.28 33.66
CA THR C 644 -46.42 26.32 32.22
C THR C 644 -47.70 25.60 31.85
N TRP C 645 -48.65 25.54 32.77
CA TRP C 645 -49.94 24.87 32.58
C TRP C 645 -51.03 25.93 32.69
N PRO C 646 -51.43 26.57 31.58
CA PRO C 646 -52.34 27.73 31.69
C PRO C 646 -53.80 27.37 31.93
N VAL C 647 -54.26 26.22 31.44
CA VAL C 647 -55.68 25.88 31.51
C VAL C 647 -55.84 24.47 32.06
N ARG C 648 -56.35 24.36 33.28
CA ARG C 648 -56.74 23.07 33.85
C ARG C 648 -58.18 22.77 33.43
N TRP C 649 -58.63 21.55 33.69
CA TRP C 649 -59.95 21.17 33.25
C TRP C 649 -60.52 20.07 34.13
N GLY C 650 -61.81 19.85 33.97
CA GLY C 650 -62.53 18.82 34.69
C GLY C 650 -63.98 19.23 34.88
N GLY C 651 -64.66 18.49 35.75
CA GLY C 651 -66.04 18.79 36.05
C GLY C 651 -66.19 19.94 37.02
N LYS C 652 -67.37 20.55 36.97
CA LYS C 652 -67.70 21.61 37.93
C LYS C 652 -67.65 21.06 39.35
N ASP C 653 -66.99 21.80 40.24
CA ASP C 653 -66.79 21.45 41.65
C ASP C 653 -65.89 20.23 41.86
N ASP C 654 -65.18 19.77 40.84
CA ASP C 654 -64.18 18.73 41.03
C ASP C 654 -63.07 19.23 41.94
N ARG C 655 -62.57 18.35 42.81
CA ARG C 655 -61.45 18.68 43.68
C ARG C 655 -60.17 18.35 42.94
N LYS C 656 -59.42 19.37 42.54
CA LYS C 656 -58.23 19.17 41.73
C LYS C 656 -56.99 19.03 42.61
N GLU C 657 -56.15 18.08 42.25
CA GLU C 657 -54.90 17.86 42.98
C GLU C 657 -53.91 18.97 42.67
N ILE C 658 -53.33 19.55 43.71
CA ILE C 658 -52.27 20.55 43.56
C ILE C 658 -51.03 20.04 44.27
N LEU C 659 -49.92 19.95 43.53
CA LEU C 659 -48.64 19.49 44.08
C LEU C 659 -47.70 20.68 44.25
N VAL C 660 -46.98 20.70 45.36
CA VAL C 660 -45.95 21.71 45.61
C VAL C 660 -44.64 21.00 45.87
N TYR C 661 -43.60 21.36 45.11
CA TYR C 661 -42.27 20.80 45.28
C TYR C 661 -41.42 21.84 46.00
N SER C 662 -41.03 21.52 47.24
CA SER C 662 -40.39 22.44 48.15
C SER C 662 -39.51 21.64 49.10
N ASN C 663 -38.40 22.25 49.52
CA ASN C 663 -37.60 21.69 50.60
C ASN C 663 -37.90 22.34 51.94
N CYS C 664 -38.94 23.17 52.01
CA CYS C 664 -39.34 23.79 53.27
C CYS C 664 -39.91 22.74 54.23
N ASP C 665 -39.88 23.07 55.53
CA ASP C 665 -40.39 22.14 56.53
C ASP C 665 -41.91 22.09 56.50
N GLU C 666 -42.55 23.23 56.27
CA GLU C 666 -44.00 23.31 56.21
C GLU C 666 -44.39 24.28 55.13
N VAL C 667 -45.51 24.01 54.47
CA VAL C 667 -46.03 24.87 53.41
C VAL C 667 -47.52 25.06 53.65
N GLU C 668 -47.97 26.31 53.51
CA GLU C 668 -49.40 26.63 53.50
C GLU C 668 -49.79 26.97 52.07
N LEU C 669 -50.89 26.40 51.60
CA LEU C 669 -51.42 26.69 50.28
C LEU C 669 -52.63 27.62 50.38
N PHE C 670 -52.71 28.58 49.46
CA PHE C 670 -53.85 29.48 49.35
C PHE C 670 -54.39 29.38 47.93
N VAL C 671 -55.70 29.22 47.80
CA VAL C 671 -56.37 29.19 46.50
C VAL C 671 -57.37 30.34 46.48
N ASN C 672 -57.13 31.32 45.61
CA ASN C 672 -57.94 32.54 45.56
C ASN C 672 -58.01 33.23 46.92
N GLY C 673 -56.87 33.29 47.60
CA GLY C 673 -56.76 33.99 48.88
C GLY C 673 -57.24 33.21 50.09
N VAL C 674 -57.84 32.04 49.89
CA VAL C 674 -58.39 31.25 50.98
C VAL C 674 -57.40 30.15 51.36
N SER C 675 -56.98 30.13 52.62
CA SER C 675 -56.03 29.11 53.07
C SER C 675 -56.64 27.72 52.94
N GLN C 676 -55.83 26.78 52.47
CA GLN C 676 -56.21 25.37 52.38
C GLN C 676 -55.51 24.54 53.44
N GLY C 677 -54.85 25.17 54.40
CA GLY C 677 -54.22 24.48 55.50
C GLY C 677 -52.71 24.33 55.31
N VAL C 678 -52.03 24.14 56.43
CA VAL C 678 -50.60 23.92 56.45
C VAL C 678 -50.33 22.42 56.34
N LYS C 679 -49.31 22.05 55.56
CA LYS C 679 -48.88 20.66 55.50
C LYS C 679 -47.38 20.58 55.75
N ARG C 680 -46.97 19.50 56.41
CA ARG C 680 -45.59 19.27 56.78
C ARG C 680 -44.94 18.38 55.74
N ARG C 681 -43.70 18.70 55.39
CA ARG C 681 -42.99 17.95 54.35
C ARG C 681 -42.53 16.61 54.91
N ASN C 682 -42.77 15.54 54.15
CA ASN C 682 -42.34 14.19 54.52
C ASN C 682 -42.11 13.42 53.23
N SER C 683 -40.84 13.19 52.87
CA SER C 683 -40.50 12.60 51.58
C SER C 683 -41.27 11.32 51.31
N GLN C 684 -41.48 10.50 52.34
CA GLN C 684 -42.12 9.22 52.11
C GLN C 684 -43.62 9.32 51.93
N ASP C 685 -44.21 10.49 52.20
CA ASP C 685 -45.64 10.69 51.97
C ASP C 685 -45.83 11.12 50.52
N TYR C 686 -45.73 10.13 49.62
CA TYR C 686 -45.74 10.32 48.18
C TYR C 686 -47.16 10.55 47.70
N PRO C 687 -47.39 11.44 46.72
CA PRO C 687 -46.38 12.26 46.02
C PRO C 687 -46.17 13.63 46.65
N ALA C 688 -45.14 14.34 46.16
CA ALA C 688 -44.85 15.71 46.56
C ALA C 688 -44.45 15.80 48.03
N ALA C 689 -43.93 14.71 48.59
CA ALA C 689 -43.40 14.71 49.95
C ALA C 689 -44.44 15.28 50.93
N GLY C 690 -45.70 14.92 50.73
CA GLY C 690 -46.77 15.36 51.59
C GLY C 690 -47.31 16.75 51.30
N LEU C 691 -46.68 17.51 50.40
CA LEU C 691 -47.12 18.88 50.10
C LEU C 691 -48.07 18.86 48.92
N ARG C 692 -49.23 18.23 49.16
CA ARG C 692 -50.27 18.17 48.16
C ARG C 692 -51.61 18.51 48.80
N TRP C 693 -52.49 19.09 47.98
CA TRP C 693 -53.82 19.51 48.39
C TRP C 693 -54.78 19.09 47.30
N ASN C 694 -56.06 18.96 47.65
CA ASN C 694 -57.13 18.73 46.69
C ASN C 694 -58.14 19.86 46.86
N CYS C 695 -58.24 20.73 45.85
CA CYS C 695 -58.97 21.98 45.98
C CYS C 695 -59.88 22.18 44.79
N VAL C 696 -60.98 22.89 45.02
CA VAL C 696 -61.92 23.24 43.95
C VAL C 696 -61.40 24.47 43.23
N TYR C 697 -61.35 24.39 41.91
CA TYR C 697 -61.09 25.55 41.07
C TYR C 697 -62.41 26.14 40.61
N GLN C 698 -62.48 27.48 40.59
CA GLN C 698 -63.64 28.11 39.99
C GLN C 698 -63.46 28.20 38.48
N GLU C 699 -64.54 27.98 37.74
CA GLU C 699 -64.52 28.19 36.30
C GLU C 699 -64.04 29.60 35.97
N GLY C 700 -63.01 29.69 35.12
CA GLY C 700 -62.33 30.94 34.91
C GLY C 700 -60.96 30.93 35.55
N MET C 701 -60.46 32.10 35.93
CA MET C 701 -59.10 32.24 36.41
C MET C 701 -59.00 32.00 37.91
N ASN C 702 -57.89 31.39 38.31
CA ASN C 702 -57.61 31.08 39.71
C ASN C 702 -56.19 31.51 40.04
N GLU C 703 -55.96 31.91 41.28
CA GLU C 703 -54.63 32.23 41.74
C GLU C 703 -54.28 31.30 42.89
N ILE C 704 -53.19 30.53 42.72
CA ILE C 704 -52.70 29.58 43.70
C ILE C 704 -51.40 30.12 44.27
N ARG C 705 -51.34 30.23 45.59
CA ARG C 705 -50.16 30.76 46.25
C ARG C 705 -49.72 29.79 47.35
N ALA C 706 -48.41 29.62 47.47
CA ALA C 706 -47.84 28.70 48.45
C ALA C 706 -46.76 29.45 49.22
N VAL C 707 -46.80 29.31 50.55
CA VAL C 707 -45.83 29.95 51.42
C VAL C 707 -45.20 28.86 52.28
N GLY C 708 -43.88 28.79 52.27
CA GLY C 708 -43.15 27.78 53.01
C GLY C 708 -42.17 28.44 53.95
N VAL C 709 -41.85 27.73 55.03
CA VAL C 709 -40.86 28.19 55.98
C VAL C 709 -39.88 27.05 56.22
N LYS C 710 -38.60 27.40 56.28
CA LYS C 710 -37.54 26.44 56.57
C LYS C 710 -36.94 26.83 57.92
N LYS C 711 -37.12 25.95 58.92
CA LYS C 711 -36.76 26.29 60.30
C LYS C 711 -35.25 26.46 60.46
N LYS C 712 -34.46 25.59 59.82
CA LYS C 712 -33.00 25.68 59.94
C LYS C 712 -32.48 27.04 59.50
N GLU C 713 -33.02 27.58 58.41
CA GLU C 713 -32.60 28.88 57.90
C GLU C 713 -33.39 30.04 58.45
N LYS C 714 -34.49 29.77 59.19
CA LYS C 714 -35.40 30.82 59.68
C LYS C 714 -35.84 31.73 58.53
N LYS C 715 -36.18 31.12 57.40
CA LYS C 715 -36.47 31.83 56.16
C LYS C 715 -37.83 31.41 55.62
N GLU C 716 -38.55 32.35 55.05
CA GLU C 716 -39.83 32.10 54.41
C GLU C 716 -39.73 32.42 52.92
N VAL C 717 -40.29 31.56 52.09
CA VAL C 717 -40.31 31.76 50.64
C VAL C 717 -41.70 31.48 50.11
N SER C 718 -42.04 32.08 48.98
CA SER C 718 -43.37 31.94 48.42
C SER C 718 -43.30 31.76 46.91
N ASP C 719 -44.37 31.18 46.37
CA ASP C 719 -44.57 31.00 44.95
C ASP C 719 -46.03 31.31 44.63
N VAL C 720 -46.28 31.72 43.40
CA VAL C 720 -47.65 32.01 42.97
C VAL C 720 -47.75 31.67 41.49
N ILE C 721 -48.87 31.05 41.11
CA ILE C 721 -49.21 30.82 39.72
C ILE C 721 -50.66 31.19 39.50
N ARG C 722 -51.01 31.45 38.25
CA ARG C 722 -52.39 31.69 37.84
C ARG C 722 -52.76 30.64 36.80
N GLN C 723 -53.96 30.06 36.95
CA GLN C 723 -54.44 29.04 36.05
C GLN C 723 -55.92 29.23 35.75
N GLU C 724 -56.28 29.07 34.48
CA GLU C 724 -57.68 29.00 34.09
C GLU C 724 -58.21 27.59 34.33
N TYR C 725 -59.50 27.49 34.60
CA TYR C 725 -60.17 26.22 34.79
C TYR C 725 -61.34 26.12 33.82
N GLN C 726 -61.38 25.06 33.03
CA GLN C 726 -62.37 24.88 31.98
C GLN C 726 -63.22 23.66 32.28
N THR C 727 -64.53 23.85 32.32
CA THR C 727 -65.46 22.74 32.51
C THR C 727 -66.08 22.24 31.22
N ALA C 728 -66.02 23.01 30.15
CA ALA C 728 -66.60 22.56 28.89
C ALA C 728 -65.82 21.39 28.33
N LYS C 729 -66.53 20.37 27.88
CA LYS C 729 -65.91 19.25 27.20
C LYS C 729 -65.72 19.59 25.72
N TRP C 730 -64.72 18.98 25.10
CA TRP C 730 -64.40 19.26 23.70
C TRP C 730 -64.58 18.03 22.84
N ASP C 731 -64.91 18.28 21.57
CA ASP C 731 -65.02 17.25 20.55
C ASP C 731 -63.67 17.13 19.82
N LYS C 732 -63.64 16.43 18.69
CA LYS C 732 -62.39 16.27 17.96
C LYS C 732 -61.94 17.63 17.39
N GLU C 733 -60.65 17.71 17.09
CA GLU C 733 -60.10 18.96 16.58
C GLU C 733 -60.76 19.32 15.26
N ALA C 734 -61.12 20.59 15.11
CA ALA C 734 -61.84 21.02 13.92
C ALA C 734 -61.15 22.19 13.22
N ALA C 735 -60.43 23.01 13.96
CA ALA C 735 -59.81 24.18 13.35
C ALA C 735 -58.63 24.64 14.18
N CYS C 736 -57.75 25.39 13.53
CA CYS C 736 -56.63 26.05 14.19
C CYS C 736 -56.91 27.54 14.28
N GLN C 737 -56.95 28.04 15.50
CA GLN C 737 -57.13 29.46 15.75
C GLN C 737 -55.77 30.08 16.04
N VAL C 738 -55.38 31.07 15.24
CA VAL C 738 -54.02 31.58 15.24
C VAL C 738 -54.06 33.07 15.58
N SER C 739 -53.21 33.50 16.50
CA SER C 739 -53.26 34.88 16.93
C SER C 739 -51.88 35.37 17.30
N LEU C 740 -51.72 36.69 17.27
CA LEU C 740 -50.51 37.35 17.77
C LEU C 740 -50.65 37.48 19.28
N LEU C 741 -49.84 36.74 20.01
CA LEU C 741 -49.95 36.70 21.47
C LEU C 741 -49.18 37.84 22.13
N SER C 742 -48.01 38.17 21.59
CA SER C 742 -47.18 39.21 22.20
C SER C 742 -46.14 39.65 21.19
N GLU C 743 -45.52 40.78 21.47
CA GLU C 743 -44.44 41.25 20.60
C GLU C 743 -43.40 41.94 21.48
N GLU C 744 -42.14 41.83 21.06
CA GLU C 744 -41.01 42.41 21.76
C GLU C 744 -40.03 42.89 20.70
N GLY C 745 -39.98 44.20 20.49
CA GLY C 745 -39.08 44.72 19.46
C GLY C 745 -39.49 44.19 18.11
N ASP C 746 -38.54 43.57 17.40
CA ASP C 746 -38.80 43.01 16.09
C ASP C 746 -39.35 41.59 16.15
N THR C 747 -39.56 41.03 17.34
CA THR C 747 -39.99 39.64 17.48
C THR C 747 -41.46 39.57 17.82
N ALA C 748 -42.17 38.65 17.17
CA ALA C 748 -43.59 38.41 17.42
C ALA C 748 -43.77 37.00 17.96
N LEU C 749 -44.63 36.83 18.96
CA LEU C 749 -44.96 35.51 19.50
C LEU C 749 -46.32 35.12 18.97
N VAL C 750 -46.36 34.04 18.21
CA VAL C 750 -47.56 33.57 17.54
C VAL C 750 -48.09 32.35 18.28
N GLN C 751 -49.40 32.32 18.49
CA GLN C 751 -50.04 31.23 19.21
C GLN C 751 -51.06 30.53 18.32
N VAL C 752 -51.06 29.21 18.36
CA VAL C 752 -52.06 28.38 17.72
C VAL C 752 -52.87 27.69 18.81
N GLN C 753 -54.19 27.69 18.67
CA GLN C 753 -55.06 26.94 19.57
C GLN C 753 -55.97 26.06 18.76
N LEU C 754 -55.92 24.75 19.02
CA LEU C 754 -56.83 23.82 18.39
C LEU C 754 -58.18 23.85 19.10
N ILE C 755 -59.25 23.97 18.30
CA ILE C 755 -60.62 24.06 18.80
C ILE C 755 -61.48 23.05 18.04
N ASP C 756 -62.59 22.68 18.66
CA ASP C 756 -63.52 21.75 18.04
C ASP C 756 -64.56 22.51 17.22
N LYS C 757 -65.50 21.76 16.63
CA LYS C 757 -66.50 22.36 15.75
C LYS C 757 -67.36 23.38 16.49
N ASN C 758 -67.36 23.35 17.82
CA ASN C 758 -68.12 24.29 18.61
C ASN C 758 -67.27 25.41 19.21
N GLY C 759 -65.98 25.48 18.86
CA GLY C 759 -65.09 26.51 19.37
C GLY C 759 -64.49 26.25 20.74
N ILE C 760 -64.63 25.05 21.28
CA ILE C 760 -64.10 24.75 22.59
C ILE C 760 -62.64 24.31 22.44
N ARG C 761 -61.78 24.81 23.31
CA ARG C 761 -60.36 24.45 23.26
C ARG C 761 -60.17 22.95 23.49
N CYS C 762 -59.41 22.30 22.61
CA CYS C 762 -59.12 20.87 22.72
C CYS C 762 -57.90 20.69 23.62
N LEU C 763 -58.15 20.68 24.93
CA LEU C 763 -57.06 20.76 25.90
C LEU C 763 -56.25 19.48 26.01
N SER C 764 -56.69 18.38 25.41
CA SER C 764 -55.90 17.15 25.45
C SER C 764 -55.25 16.83 24.10
N SER C 765 -55.34 17.74 23.13
CA SER C 765 -54.85 17.45 21.79
C SER C 765 -53.32 17.38 21.78
N LYS C 766 -52.80 16.39 21.06
CA LYS C 766 -51.38 16.24 20.80
C LYS C 766 -51.06 16.39 19.31
N LYS C 767 -52.00 16.96 18.55
CA LYS C 767 -51.90 16.98 17.09
C LYS C 767 -50.70 17.80 16.62
N GLN C 768 -50.03 17.30 15.57
CA GLN C 768 -48.87 18.01 15.04
C GLN C 768 -49.31 19.27 14.29
N ILE C 769 -48.58 20.36 14.53
CA ILE C 769 -48.82 21.66 13.92
C ILE C 769 -47.59 21.99 13.07
N THR C 770 -47.83 22.50 11.87
CA THR C 770 -46.75 22.90 10.97
C THR C 770 -46.88 24.39 10.69
N PHE C 771 -45.79 25.13 10.91
CA PHE C 771 -45.71 26.56 10.62
C PHE C 771 -44.97 26.79 9.32
N GLU C 772 -45.46 27.74 8.51
CA GLU C 772 -44.76 28.22 7.33
C GLU C 772 -44.87 29.74 7.33
N ILE C 773 -43.93 30.40 6.65
CA ILE C 773 -43.97 31.85 6.55
C ILE C 773 -43.59 32.24 5.13
N ALA C 774 -44.22 33.31 4.62
CA ALA C 774 -43.87 33.91 3.34
C ALA C 774 -43.79 35.41 3.54
N GLY C 775 -42.72 36.02 3.05
CA GLY C 775 -42.54 37.45 3.19
C GLY C 775 -41.23 37.79 3.86
N ASP C 776 -41.22 38.93 4.56
CA ASP C 776 -39.98 39.50 5.06
C ASP C 776 -39.43 38.78 6.27
N GLY C 777 -40.30 38.14 7.07
CA GLY C 777 -39.87 37.58 8.34
C GLY C 777 -39.34 36.15 8.23
N SER C 778 -38.87 35.64 9.36
CA SER C 778 -38.42 34.26 9.39
C SER C 778 -38.85 33.62 10.70
N LEU C 779 -39.17 32.33 10.63
CA LEU C 779 -39.50 31.58 11.83
C LEU C 779 -38.27 31.40 12.68
N ILE C 780 -38.43 31.57 13.99
CA ILE C 780 -37.35 31.21 14.93
C ILE C 780 -37.58 29.74 15.25
N CYS C 781 -37.09 28.89 14.37
CA CYS C 781 -37.36 27.46 14.42
C CYS C 781 -36.05 26.69 14.46
N ASN C 782 -36.15 25.37 14.39
CA ASN C 782 -34.98 24.49 14.42
C ASN C 782 -34.11 24.75 15.65
N LEU C 783 -34.76 25.04 16.78
CA LEU C 783 -34.07 25.13 18.06
C LEU C 783 -34.12 23.82 18.85
N GLY C 784 -34.97 22.87 18.45
CA GLY C 784 -35.12 21.66 19.23
C GLY C 784 -35.86 21.86 20.54
N THR C 785 -36.76 22.85 20.60
CA THR C 785 -37.59 23.14 21.76
C THR C 785 -39.06 23.16 21.34
N SER C 786 -39.95 22.98 22.31
CA SER C 786 -41.38 22.89 21.98
C SER C 786 -41.95 24.23 21.50
N THR C 787 -41.26 25.33 21.76
CA THR C 787 -41.67 26.63 21.25
C THR C 787 -40.72 27.17 20.17
N GLY C 788 -39.83 26.31 19.65
CA GLY C 788 -38.88 26.70 18.63
C GLY C 788 -38.79 25.70 17.51
N SER C 789 -39.94 25.16 17.10
CA SER C 789 -39.99 24.09 16.11
C SER C 789 -41.08 24.42 15.09
N ARG C 790 -40.73 24.36 13.81
CA ARG C 790 -41.73 24.64 12.79
C ARG C 790 -42.64 23.45 12.53
N LYS C 791 -42.26 22.26 13.00
CA LYS C 791 -43.19 21.13 13.08
C LYS C 791 -43.11 20.62 14.51
N VAL C 792 -44.25 20.60 15.20
CA VAL C 792 -44.26 20.31 16.64
C VAL C 792 -45.64 19.80 17.04
N GLN C 793 -45.66 18.85 17.96
CA GLN C 793 -46.94 18.41 18.53
C GLN C 793 -47.48 19.46 19.48
N ALA C 794 -48.80 19.64 19.46
CA ALA C 794 -49.41 20.58 20.38
C ALA C 794 -49.19 20.14 21.83
N TYR C 795 -49.13 21.12 22.73
CA TYR C 795 -49.15 20.88 24.17
C TYR C 795 -50.47 21.42 24.71
N ASN C 796 -51.35 20.49 25.09
CA ASN C 796 -52.71 20.82 25.53
C ASN C 796 -53.43 21.71 24.50
N GLY C 797 -53.36 21.28 23.24
CA GLY C 797 -54.05 21.94 22.14
C GLY C 797 -53.43 23.24 21.69
N ARG C 798 -52.25 23.59 22.18
CA ARG C 798 -51.63 24.87 21.93
C ARG C 798 -50.26 24.67 21.27
N ALA C 799 -49.83 25.66 20.48
CA ALA C 799 -48.47 25.67 19.98
C ALA C 799 -48.04 27.12 19.82
N LEU C 800 -46.79 27.41 20.21
CA LEU C 800 -46.23 28.75 20.13
C LEU C 800 -44.96 28.71 19.27
N ILE C 801 -44.70 29.80 18.56
CA ILE C 801 -43.42 29.99 17.87
C ILE C 801 -43.18 31.49 17.77
N ARG C 802 -41.91 31.86 17.77
CA ARG C 802 -41.51 33.25 17.59
C ARG C 802 -41.13 33.50 16.13
N ILE C 803 -41.42 34.71 15.66
CA ILE C 803 -41.10 35.15 14.31
C ILE C 803 -40.23 36.40 14.42
N LYS C 804 -39.10 36.38 13.73
CA LYS C 804 -38.30 37.58 13.55
C LYS C 804 -38.88 38.34 12.37
N ARG C 805 -39.47 39.49 12.61
CA ARG C 805 -40.22 40.17 11.55
C ARG C 805 -39.34 40.86 10.53
N ASN C 806 -38.08 41.15 10.87
CA ASN C 806 -37.13 41.83 9.98
C ASN C 806 -37.68 43.17 9.54
N GLU C 807 -38.43 43.82 10.42
CA GLU C 807 -39.01 45.15 10.19
C GLU C 807 -39.92 45.20 8.96
N GLY C 808 -40.49 44.07 8.57
CA GLY C 808 -41.33 43.99 7.40
C GLY C 808 -42.66 43.28 7.61
N ASN C 809 -43.22 42.77 6.52
CA ASN C 809 -44.54 42.13 6.53
C ASN C 809 -44.42 40.66 6.14
N SER C 810 -45.21 39.82 6.79
CA SER C 810 -45.20 38.40 6.49
C SER C 810 -46.60 37.85 6.68
N VAL C 811 -46.84 36.68 6.10
CA VAL C 811 -48.02 35.89 6.38
C VAL C 811 -47.54 34.54 6.90
N VAL C 812 -48.05 34.15 8.06
CA VAL C 812 -47.76 32.83 8.64
C VAL C 812 -48.93 31.93 8.31
N ALA C 813 -48.61 30.73 7.83
CA ALA C 813 -49.61 29.70 7.59
C ALA C 813 -49.45 28.62 8.66
N VAL C 814 -50.57 28.05 9.09
CA VAL C 814 -50.56 27.01 10.12
C VAL C 814 -51.35 25.82 9.59
N LYS C 815 -50.68 24.68 9.48
CA LYS C 815 -51.26 23.48 8.89
C LYS C 815 -51.36 22.38 9.94
N SER C 816 -52.36 21.54 9.79
CA SER C 816 -52.57 20.38 10.64
C SER C 816 -53.40 19.39 9.85
N GLU C 817 -53.02 18.10 9.93
CA GLU C 817 -53.56 17.11 9.01
C GLU C 817 -55.08 17.03 9.12
N GLY C 818 -55.75 17.15 7.98
CA GLY C 818 -57.20 17.06 7.95
C GLY C 818 -57.93 18.29 8.41
N LEU C 819 -57.23 19.33 8.84
CA LEU C 819 -57.87 20.56 9.26
C LEU C 819 -57.62 21.64 8.22
N PRO C 820 -58.52 22.63 8.12
CA PRO C 820 -58.25 23.75 7.21
C PRO C 820 -57.02 24.52 7.65
N THR C 821 -56.19 24.88 6.69
CA THR C 821 -55.03 25.72 6.99
C THR C 821 -55.48 27.11 7.39
N ALA C 822 -54.84 27.66 8.41
CA ALA C 822 -55.14 28.98 8.92
C ALA C 822 -53.97 29.92 8.67
N PHE C 823 -54.28 31.21 8.60
CA PHE C 823 -53.31 32.22 8.21
C PHE C 823 -53.32 33.38 9.19
N LEU C 824 -52.15 33.98 9.38
CA LEU C 824 -52.01 35.17 10.22
C LEU C 824 -51.08 36.13 9.52
N GLU C 825 -51.55 37.36 9.31
CA GLU C 825 -50.72 38.43 8.79
C GLU C 825 -49.94 39.07 9.91
N LEU C 826 -48.65 39.31 9.67
CA LEU C 826 -47.77 40.02 10.59
C LEU C 826 -47.27 41.28 9.91
N LYS C 827 -47.69 42.43 10.40
CA LYS C 827 -47.19 43.71 9.93
C LYS C 827 -46.20 44.26 10.94
N SER C 828 -45.29 45.11 10.47
CA SER C 828 -44.34 45.75 11.37
C SER C 828 -44.75 47.21 11.62
N LYS D 24 5.67 -18.99 25.44
CA LYS D 24 5.81 -18.34 26.74
C LYS D 24 6.54 -19.23 27.74
N VAL D 25 6.01 -19.33 28.96
CA VAL D 25 6.63 -20.09 30.04
C VAL D 25 5.89 -21.43 30.17
N PRO D 26 6.52 -22.58 29.86
CA PRO D 26 5.86 -23.87 30.09
C PRO D 26 6.67 -24.80 30.99
N ALA D 27 6.95 -26.03 30.52
CA ALA D 27 7.63 -27.04 31.33
C ALA D 27 8.01 -28.27 30.50
N MET D 28 7.22 -29.35 30.66
CA MET D 28 7.44 -30.60 29.94
C MET D 28 6.73 -30.64 28.58
N ASN D 29 6.01 -29.59 28.22
CA ASN D 29 5.26 -29.49 26.98
C ASN D 29 6.03 -28.75 25.89
N LYS D 30 7.32 -28.49 26.16
CA LYS D 30 8.19 -27.69 25.30
C LYS D 30 9.17 -28.62 24.60
N ILE D 31 9.14 -28.62 23.28
CA ILE D 31 9.86 -29.57 22.47
C ILE D 31 10.81 -28.82 21.55
N ARG D 32 12.11 -29.02 21.73
CA ARG D 32 13.06 -28.42 20.81
C ARG D 32 12.96 -29.10 19.45
N LEU D 33 12.71 -28.33 18.41
CA LEU D 33 12.63 -28.87 17.05
C LEU D 33 14.04 -28.87 16.46
N THR D 34 14.76 -29.96 16.63
CA THR D 34 16.13 -29.99 16.16
C THR D 34 16.35 -30.89 14.95
N ASN D 35 15.57 -31.95 14.78
CA ASN D 35 15.84 -32.94 13.75
C ASN D 35 14.92 -32.79 12.53
N ASN D 36 15.38 -33.35 11.39
CA ASN D 36 14.55 -33.49 10.20
C ASN D 36 14.22 -32.13 9.56
N TRP D 37 15.21 -31.25 9.52
CA TRP D 37 15.11 -29.98 8.82
C TRP D 37 15.96 -29.99 7.56
N GLU D 38 15.56 -29.18 6.59
CA GLU D 38 16.38 -28.90 5.43
C GLU D 38 16.55 -27.41 5.26
N TYR D 39 17.69 -27.01 4.72
CA TYR D 39 18.09 -25.61 4.61
C TYR D 39 18.41 -25.29 3.16
N LEU D 40 17.95 -24.14 2.69
CA LEU D 40 18.28 -23.63 1.36
C LEU D 40 18.87 -22.24 1.50
N LYS D 41 20.13 -22.06 1.08
CA LYS D 41 20.70 -20.74 0.98
C LYS D 41 20.10 -20.02 -0.22
N GLY D 42 19.48 -18.88 0.02
CA GLY D 42 18.86 -18.13 -1.06
C GLY D 42 17.34 -18.20 -0.99
N ASP D 43 16.71 -17.42 -1.86
CA ASP D 43 15.27 -17.26 -1.77
C ASP D 43 14.54 -18.25 -2.65
N LEU D 44 13.28 -18.51 -2.30
CA LEU D 44 12.34 -19.20 -3.16
C LEU D 44 11.52 -18.18 -3.95
N GLY D 45 10.91 -18.65 -5.03
CA GLY D 45 10.06 -17.74 -5.81
C GLY D 45 8.68 -17.47 -5.24
N GLY D 46 8.34 -18.14 -4.14
CA GLY D 46 7.05 -18.06 -3.49
C GLY D 46 6.88 -19.28 -2.61
N ILE D 47 5.96 -19.18 -1.65
CA ILE D 47 5.80 -20.27 -0.67
C ILE D 47 5.43 -21.58 -1.36
N TRP D 48 4.76 -21.51 -2.51
CA TRP D 48 4.40 -22.74 -3.20
C TRP D 48 5.61 -23.63 -3.51
N GLU D 49 6.77 -23.02 -3.77
CA GLU D 49 7.94 -23.84 -4.08
C GLU D 49 8.38 -24.69 -2.89
N ALA D 50 8.05 -24.28 -1.67
CA ALA D 50 8.44 -25.06 -0.52
C ALA D 50 7.57 -26.29 -0.29
N VAL D 51 6.33 -26.28 -0.80
CA VAL D 51 5.33 -27.29 -0.46
C VAL D 51 4.75 -27.99 -1.68
N ARG D 52 5.11 -27.61 -2.90
CA ARG D 52 4.50 -28.20 -4.07
C ARG D 52 4.97 -29.65 -4.28
N PRO D 53 4.17 -30.47 -4.96
CA PRO D 53 4.64 -31.82 -5.30
C PRO D 53 5.90 -31.76 -6.16
N ALA D 54 6.83 -32.68 -5.90
CA ALA D 54 8.11 -32.72 -6.59
C ALA D 54 8.51 -34.17 -6.78
N ALA D 55 8.52 -34.63 -8.02
CA ALA D 55 8.97 -35.98 -8.34
C ALA D 55 10.48 -36.02 -8.45
N PRO D 56 11.10 -37.16 -8.14
CA PRO D 56 12.56 -37.26 -8.29
C PRO D 56 12.98 -37.01 -9.73
N GLY D 57 14.05 -36.22 -9.89
CA GLY D 57 14.53 -35.89 -11.22
C GLY D 57 13.73 -34.85 -11.96
N SER D 58 12.74 -34.23 -11.33
CA SER D 58 11.91 -33.20 -11.97
C SER D 58 12.54 -31.82 -11.81
N SER D 59 11.95 -30.82 -12.49
CA SER D 59 12.41 -29.45 -12.31
C SER D 59 12.18 -28.97 -10.88
N GLU D 60 11.14 -29.49 -10.22
CA GLU D 60 10.86 -29.14 -8.83
C GLU D 60 11.90 -29.69 -7.86
N ALA D 61 12.69 -30.67 -8.28
CA ALA D 61 13.68 -31.32 -7.43
C ALA D 61 14.97 -30.52 -7.28
N VAL D 62 15.09 -29.38 -7.96
CA VAL D 62 16.14 -28.39 -7.74
C VAL D 62 15.45 -27.08 -7.36
N PRO D 63 16.09 -26.20 -6.58
CA PRO D 63 17.43 -26.40 -6.01
C PRO D 63 17.46 -27.51 -4.97
N ILE D 64 18.65 -28.04 -4.71
CA ILE D 64 18.84 -29.11 -3.76
C ILE D 64 19.03 -28.50 -2.38
N TRP D 65 18.23 -28.95 -1.41
CA TRP D 65 18.33 -28.47 -0.06
C TRP D 65 19.35 -29.29 0.73
N GLN D 66 19.83 -28.73 1.83
CA GLN D 66 20.82 -29.42 2.66
C GLN D 66 20.20 -29.90 3.95
N PRO D 67 20.26 -31.15 4.30
CA PRO D 67 19.75 -31.58 5.59
C PRO D 67 20.57 -30.95 6.71
N VAL D 68 19.87 -30.42 7.73
CA VAL D 68 20.53 -29.77 8.87
C VAL D 68 19.83 -30.18 10.16
N THR D 69 20.57 -30.06 11.27
CA THR D 69 20.04 -30.17 12.61
C THR D 69 20.03 -28.78 13.22
N LEU D 70 18.89 -28.38 13.83
CA LEU D 70 18.87 -27.05 14.45
C LEU D 70 19.44 -27.12 15.85
N PRO D 71 19.98 -26.00 16.38
CA PRO D 71 20.09 -24.67 15.78
C PRO D 71 21.11 -24.63 14.64
N HIS D 72 20.91 -23.67 13.74
CA HIS D 72 21.68 -23.59 12.51
C HIS D 72 21.90 -22.13 12.17
N CYS D 73 23.08 -21.83 11.63
CA CYS D 73 23.42 -20.48 11.20
C CYS D 73 23.90 -20.51 9.76
N PHE D 74 23.40 -19.56 8.94
CA PHE D 74 23.83 -19.47 7.54
C PHE D 74 25.34 -19.43 7.41
N ASN D 75 26.02 -18.88 8.42
CA ASN D 75 27.39 -18.42 8.31
C ASN D 75 28.36 -19.27 9.13
N ALA D 76 27.98 -20.52 9.41
CA ALA D 76 28.82 -21.39 10.22
C ALA D 76 30.23 -21.50 9.67
N GLU D 77 30.37 -21.46 8.35
CA GLU D 77 31.66 -21.54 7.71
C GLU D 77 32.10 -20.25 7.04
N ASP D 78 31.19 -19.53 6.36
CA ASP D 78 31.68 -18.43 5.53
C ASP D 78 32.02 -17.17 6.33
N ALA D 79 31.65 -17.09 7.62
CA ALA D 79 32.06 -15.92 8.40
C ALA D 79 33.58 -15.86 8.56
N VAL D 80 34.22 -17.01 8.72
CA VAL D 80 35.68 -17.04 8.91
C VAL D 80 36.40 -17.56 7.69
N ASP D 81 35.70 -18.06 6.69
CA ASP D 81 36.38 -18.45 5.46
C ASP D 81 37.16 -17.25 4.93
N PRO D 82 38.47 -17.39 4.69
CA PRO D 82 39.29 -16.22 4.39
C PRO D 82 39.04 -15.61 3.01
N ASP D 83 38.32 -16.28 2.11
CA ASP D 83 38.25 -15.84 0.71
C ASP D 83 36.89 -15.31 0.28
N VAL D 84 35.93 -15.17 1.20
CA VAL D 84 34.59 -14.75 0.82
C VAL D 84 34.05 -13.76 1.85
N ASN D 85 33.19 -12.85 1.37
CA ASN D 85 32.34 -12.04 2.25
C ASN D 85 31.24 -12.95 2.81
N TYR D 86 31.01 -12.88 4.13
CA TYR D 86 29.97 -13.73 4.70
C TYR D 86 28.60 -13.39 4.12
N TYR D 87 27.75 -14.41 4.05
CA TYR D 87 26.47 -14.27 3.36
C TYR D 87 25.49 -13.46 4.20
N GLU D 88 24.95 -12.40 3.60
CA GLU D 88 23.88 -11.60 4.18
C GLU D 88 22.74 -11.60 3.16
N GLY D 89 21.72 -12.40 3.42
CA GLY D 89 20.65 -12.55 2.46
C GLY D 89 19.60 -13.50 2.99
N PRO D 90 18.66 -13.87 2.15
CA PRO D 90 17.59 -14.78 2.59
C PRO D 90 18.00 -16.25 2.53
N GLY D 91 17.34 -17.04 3.34
CA GLY D 91 17.49 -18.47 3.31
C GLY D 91 16.25 -19.10 3.89
N TRP D 92 16.02 -20.35 3.53
CA TRP D 92 14.78 -21.02 3.91
C TRP D 92 15.07 -22.29 4.71
N TYR D 93 14.13 -22.63 5.61
CA TYR D 93 14.14 -23.90 6.31
C TYR D 93 12.79 -24.58 6.10
N LYS D 94 12.78 -25.90 6.00
CA LYS D 94 11.49 -26.58 5.95
C LYS D 94 11.57 -27.88 6.74
N THR D 95 10.43 -28.25 7.34
CA THR D 95 10.28 -29.52 8.02
C THR D 95 8.83 -29.96 7.85
N LEU D 96 8.57 -31.22 8.17
CA LEU D 96 7.21 -31.72 8.25
C LEU D 96 6.95 -31.97 9.73
N LEU D 97 6.03 -31.21 10.31
CA LEU D 97 5.82 -31.24 11.75
C LEU D 97 4.88 -32.36 12.09
N ALA D 98 5.29 -33.19 13.04
CA ALA D 98 4.43 -34.23 13.59
C ALA D 98 3.70 -33.64 14.79
N ILE D 99 2.43 -33.29 14.60
CA ILE D 99 1.68 -32.59 15.64
C ILE D 99 0.72 -33.57 16.30
N ASP D 100 0.74 -33.59 17.63
CA ASP D 100 -0.21 -34.38 18.41
C ASP D 100 -0.29 -33.69 19.77
N ASN D 101 -1.24 -32.79 19.92
CA ASN D 101 -1.31 -31.97 21.13
C ASN D 101 -1.82 -32.79 22.29
N PRO D 102 -1.07 -32.91 23.39
CA PRO D 102 -1.54 -33.70 24.53
C PRO D 102 -2.67 -33.04 25.31
N TYR D 103 -2.94 -31.76 25.08
CA TYR D 103 -4.00 -31.06 25.80
C TYR D 103 -5.30 -31.07 25.02
N ARG D 104 -6.41 -31.21 25.75
CA ARG D 104 -7.73 -31.15 25.15
C ARG D 104 -8.02 -29.73 24.67
N ASN D 105 -8.38 -29.58 23.39
CA ASN D 105 -8.64 -28.28 22.80
C ASN D 105 -7.45 -27.34 22.99
N GLY D 106 -6.24 -27.89 22.91
CA GLY D 106 -5.05 -27.12 23.24
C GLY D 106 -4.56 -26.25 22.09
N ARG D 107 -3.52 -25.48 22.40
CA ARG D 107 -2.91 -24.57 21.45
C ARG D 107 -1.56 -25.10 21.03
N ILE D 108 -1.16 -24.75 19.81
CA ILE D 108 0.14 -25.09 19.24
C ILE D 108 0.88 -23.78 19.02
N VAL D 109 2.00 -23.59 19.71
CA VAL D 109 2.74 -22.34 19.61
C VAL D 109 4.16 -22.66 19.17
N LEU D 110 4.66 -21.90 18.20
CA LEU D 110 6.07 -21.92 17.84
C LEU D 110 6.77 -20.81 18.62
N ASP D 111 7.76 -21.19 19.41
CA ASP D 111 8.43 -20.27 20.32
C ASP D 111 9.88 -20.14 19.88
N PHE D 112 10.23 -18.97 19.35
CA PHE D 112 11.58 -18.72 18.81
C PHE D 112 12.45 -18.11 19.91
N ASP D 113 13.48 -18.84 20.36
CA ASP D 113 14.47 -18.23 21.26
C ASP D 113 15.18 -17.07 20.57
N GLY D 114 15.29 -17.12 19.24
CA GLY D 114 15.94 -16.05 18.49
C GLY D 114 16.33 -16.51 17.10
N ALA D 115 16.15 -15.64 16.10
CA ALA D 115 16.41 -15.97 14.71
C ALA D 115 16.80 -14.69 13.97
N GLY D 116 17.76 -14.78 13.06
CA GLY D 116 18.35 -13.60 12.42
C GLY D 116 18.04 -13.52 10.93
N GLN D 117 17.66 -12.32 10.47
CA GLN D 117 17.34 -11.14 11.27
C GLN D 117 15.84 -10.80 11.09
N LYS D 118 15.35 -10.95 9.87
CA LYS D 118 13.95 -10.85 9.54
C LYS D 118 13.44 -12.25 9.23
N THR D 119 12.37 -12.67 9.90
CA THR D 119 11.89 -14.03 9.77
C THR D 119 10.42 -14.00 9.37
N ASP D 120 10.03 -14.90 8.47
CA ASP D 120 8.64 -15.08 8.07
C ASP D 120 8.32 -16.57 8.15
N VAL D 121 7.14 -16.88 8.70
CA VAL D 121 6.78 -18.24 9.06
C VAL D 121 5.54 -18.64 8.28
N TYR D 122 5.56 -19.84 7.69
CA TYR D 122 4.46 -20.33 6.89
C TYR D 122 4.01 -21.71 7.36
N VAL D 123 2.71 -21.88 7.46
CA VAL D 123 2.07 -23.19 7.64
C VAL D 123 1.37 -23.53 6.33
N TYR D 124 1.84 -24.57 5.65
CA TYR D 124 1.50 -24.82 4.26
C TYR D 124 1.72 -23.53 3.48
N THR D 125 0.69 -22.97 2.83
CA THR D 125 0.86 -21.75 2.04
C THR D 125 0.45 -20.49 2.80
N THR D 126 0.12 -20.59 4.09
CA THR D 126 -0.41 -19.47 4.84
C THR D 126 0.70 -18.81 5.65
N HIS D 127 0.87 -17.52 5.43
CA HIS D 127 1.80 -16.72 6.23
C HIS D 127 1.19 -16.50 7.62
N VAL D 128 1.86 -17.00 8.67
CA VAL D 128 1.30 -16.96 10.03
C VAL D 128 2.04 -16.03 10.95
N GLY D 129 3.21 -15.53 10.57
CA GLY D 129 3.91 -14.64 11.49
C GLY D 129 5.16 -14.10 10.85
N SER D 130 5.62 -12.99 11.41
CA SER D 130 6.84 -12.35 10.94
C SER D 130 7.47 -11.62 12.12
N HIS D 131 8.77 -11.39 12.01
CA HIS D 131 9.51 -10.76 13.09
C HIS D 131 10.73 -10.06 12.49
N VAL D 132 11.05 -8.89 13.01
CA VAL D 132 12.28 -8.18 12.64
C VAL D 132 13.07 -7.93 13.91
N GLY D 133 14.24 -8.54 14.01
CA GLY D 133 15.06 -8.44 15.20
C GLY D 133 15.70 -9.78 15.46
N GLY D 134 17.03 -9.82 15.51
CA GLY D 134 17.70 -11.10 15.59
C GLY D 134 17.94 -11.65 16.97
N TYR D 135 17.55 -10.94 18.02
CA TYR D 135 18.05 -11.24 19.36
C TYR D 135 16.99 -11.32 20.43
N ASP D 136 15.75 -10.90 20.15
CA ASP D 136 14.66 -11.05 21.08
C ASP D 136 13.88 -12.32 20.77
N SER D 137 13.20 -12.84 21.79
CA SER D 137 12.32 -14.00 21.62
C SER D 137 10.94 -13.54 21.16
N TRP D 138 10.22 -14.42 20.47
CA TRP D 138 8.90 -14.12 19.94
C TRP D 138 8.23 -15.45 19.64
N ASN D 139 6.91 -15.42 19.49
CA ASN D 139 6.20 -16.67 19.25
C ASN D 139 5.02 -16.45 18.32
N VAL D 140 4.51 -17.57 17.77
CA VAL D 140 3.39 -17.57 16.84
C VAL D 140 2.46 -18.71 17.24
N ASP D 141 1.20 -18.40 17.51
CA ASP D 141 0.19 -19.45 17.73
C ASP D 141 -0.28 -19.93 16.35
N ILE D 142 0.01 -21.19 16.01
CA ILE D 142 -0.33 -21.70 14.70
C ILE D 142 -1.53 -22.64 14.75
N THR D 143 -2.27 -22.64 15.86
CA THR D 143 -3.41 -23.55 16.03
C THR D 143 -4.38 -23.44 14.86
N ASP D 144 -4.81 -22.21 14.52
CA ASP D 144 -5.85 -22.05 13.50
C ASP D 144 -5.35 -22.44 12.12
N ALA D 145 -4.12 -22.07 11.78
CA ALA D 145 -3.60 -22.44 10.46
C ALA D 145 -3.44 -23.94 10.32
N VAL D 146 -2.97 -24.60 11.39
CA VAL D 146 -2.85 -26.06 11.34
C VAL D 146 -4.20 -26.69 11.10
N LYS D 147 -5.22 -26.25 11.84
CA LYS D 147 -6.57 -26.79 11.65
C LYS D 147 -7.04 -26.58 10.21
N ALA D 148 -6.86 -25.38 9.68
CA ALA D 148 -7.31 -25.11 8.31
C ALA D 148 -6.58 -26.00 7.31
N PHE D 149 -5.27 -26.19 7.51
CA PHE D 149 -4.53 -27.07 6.62
C PHE D 149 -5.01 -28.51 6.71
N LEU D 150 -5.18 -29.00 7.94
CA LEU D 150 -5.53 -30.40 8.10
C LEU D 150 -6.91 -30.70 7.53
N GLY D 151 -7.79 -29.70 7.46
CA GLY D 151 -9.11 -29.89 6.91
C GLY D 151 -9.19 -29.78 5.40
N SER D 152 -8.07 -29.55 4.71
CA SER D 152 -8.05 -29.32 3.28
C SER D 152 -7.71 -30.60 2.52
N LYS D 153 -8.05 -30.60 1.22
CA LYS D 153 -7.72 -31.75 0.39
C LYS D 153 -6.21 -31.92 0.23
N ASP D 154 -5.45 -30.86 0.40
CA ASP D 154 -4.01 -30.92 0.25
C ASP D 154 -3.32 -31.68 1.37
N ALA D 155 -4.00 -31.95 2.49
CA ALA D 155 -3.33 -32.55 3.64
C ALA D 155 -2.88 -34.00 3.38
N GLU D 156 -3.62 -34.75 2.53
CA GLU D 156 -3.34 -36.16 2.29
C GLU D 156 -1.89 -36.38 1.89
N ARG D 157 -1.38 -35.51 1.04
CA ARG D 157 -0.07 -35.66 0.45
C ARG D 157 1.06 -35.60 1.47
N PHE D 158 0.81 -35.02 2.64
CA PHE D 158 1.84 -34.87 3.66
C PHE D 158 1.74 -35.94 4.73
N LYS D 159 0.86 -36.91 4.55
CA LYS D 159 0.87 -38.15 5.34
C LYS D 159 0.70 -37.87 6.82
N GLY D 160 -0.18 -36.90 7.12
CA GLY D 160 -0.53 -36.56 8.49
C GLY D 160 0.35 -35.51 9.13
N LYS D 161 1.46 -35.15 8.50
CA LYS D 161 2.29 -34.10 9.05
C LYS D 161 1.91 -32.74 8.47
N VAL D 162 2.45 -31.68 9.05
CA VAL D 162 2.13 -30.31 8.67
C VAL D 162 3.40 -29.65 8.15
N PRO D 163 3.43 -29.15 6.91
CA PRO D 163 4.65 -28.51 6.42
C PRO D 163 4.82 -27.15 7.06
N LEU D 164 5.98 -26.94 7.66
CA LEU D 164 6.38 -25.69 8.27
C LEU D 164 7.56 -25.19 7.45
N SER D 165 7.44 -23.98 6.92
CA SER D 165 8.51 -23.40 6.12
C SER D 165 8.81 -22.03 6.73
N ILE D 166 10.10 -21.73 6.91
CA ILE D 166 10.51 -20.52 7.60
C ILE D 166 11.57 -19.85 6.73
N ARG D 167 11.37 -18.57 6.45
CA ARG D 167 12.34 -17.78 5.72
C ARG D 167 13.06 -16.90 6.73
N CYS D 168 14.39 -16.95 6.75
CA CYS D 168 15.19 -16.04 7.54
C CYS D 168 16.02 -15.19 6.60
N ASP D 169 16.26 -13.94 6.99
CA ASP D 169 16.89 -12.98 6.09
C ASP D 169 17.82 -12.09 6.91
N ASN D 170 19.11 -12.16 6.64
CA ASN D 170 20.05 -11.23 7.23
C ASN D 170 20.66 -10.32 6.17
N SER D 171 19.88 -9.97 5.14
CA SER D 171 20.33 -8.97 4.19
C SER D 171 20.78 -7.73 4.93
N ARG D 172 21.82 -7.09 4.41
CA ARG D 172 22.22 -5.78 4.91
C ARG D 172 21.03 -4.83 4.81
N ASP D 173 20.87 -3.97 5.81
CA ASP D 173 19.74 -3.05 5.82
C ASP D 173 20.11 -1.86 6.70
N LEU D 174 20.32 -0.70 6.09
CA LEU D 174 20.69 0.48 6.86
C LEU D 174 19.58 0.93 7.81
N GLU D 175 18.34 0.54 7.55
CA GLU D 175 17.20 0.94 8.37
C GLU D 175 16.84 -0.11 9.40
N MET D 176 17.77 -1.01 9.72
CA MET D 176 17.59 -2.04 10.71
C MET D 176 18.82 -2.07 11.62
N ILE D 177 18.60 -2.20 12.93
CA ILE D 177 19.74 -2.36 13.83
C ILE D 177 20.01 -3.84 14.00
N PRO D 178 21.27 -4.28 14.19
CA PRO D 178 22.47 -3.43 14.27
C PRO D 178 23.00 -2.99 12.90
N SER D 179 23.99 -2.11 12.93
CA SER D 179 24.64 -1.59 11.74
C SER D 179 25.73 -2.53 11.25
N ASP D 180 25.85 -2.65 9.93
CA ASP D 180 26.96 -3.39 9.34
C ASP D 180 28.31 -2.72 9.58
N LEU D 181 28.34 -1.53 10.16
CA LEU D 181 29.62 -0.99 10.60
C LEU D 181 30.14 -1.68 11.85
N ALA D 182 29.29 -2.45 12.52
CA ALA D 182 29.67 -3.06 13.78
C ALA D 182 30.75 -4.12 13.58
N ASP D 183 31.50 -4.35 14.65
CA ASP D 183 32.63 -5.31 14.71
C ASP D 183 32.16 -6.71 15.07
N PHE D 184 31.05 -7.18 14.48
CA PHE D 184 30.60 -8.55 14.66
C PHE D 184 29.69 -8.89 13.49
N ASN D 185 29.53 -10.18 13.24
CA ASN D 185 28.68 -10.64 12.16
C ASN D 185 27.21 -10.48 12.53
N ILE D 186 26.43 -9.96 11.57
CA ILE D 186 24.98 -9.89 11.71
C ILE D 186 24.46 -11.18 11.09
N TYR D 187 24.36 -12.21 11.92
CA TYR D 187 24.21 -13.57 11.45
C TYR D 187 22.79 -13.83 10.97
N GLY D 188 22.64 -14.89 10.18
CA GLY D 188 21.35 -15.28 9.66
C GLY D 188 21.00 -16.70 10.05
N GLY D 189 19.70 -16.96 10.22
CA GLY D 189 19.17 -18.31 10.33
C GLY D 189 18.54 -18.59 11.68
N LEU D 190 18.11 -19.85 11.83
CA LEU D 190 17.45 -20.34 13.04
C LEU D 190 18.50 -20.74 14.06
N TYR D 191 19.25 -19.74 14.53
CA TYR D 191 20.47 -20.01 15.27
C TYR D 191 20.28 -20.12 16.78
N ARG D 192 19.05 -19.93 17.28
CA ARG D 192 18.70 -20.33 18.64
C ARG D 192 17.54 -21.29 18.53
N TYR D 193 17.34 -22.08 19.60
CA TYR D 193 16.33 -23.13 19.57
C TYR D 193 14.97 -22.60 19.15
N LEU D 194 14.30 -23.41 18.34
CA LEU D 194 12.91 -23.19 17.98
C LEU D 194 12.12 -24.28 18.70
N ASN D 195 11.14 -23.87 19.49
CA ASN D 195 10.41 -24.78 20.35
C ASN D 195 8.99 -24.94 19.85
N LEU D 196 8.51 -26.18 19.84
CA LEU D 196 7.10 -26.45 19.69
C LEU D 196 6.51 -26.50 21.09
N VAL D 197 5.55 -25.64 21.36
CA VAL D 197 4.99 -25.51 22.71
C VAL D 197 3.53 -25.88 22.64
N TYR D 198 3.16 -26.97 23.30
CA TYR D 198 1.76 -27.31 23.46
C TYR D 198 1.23 -26.67 24.73
N LEU D 199 0.07 -26.03 24.62
CA LEU D 199 -0.56 -25.37 25.75
C LEU D 199 -1.99 -25.87 25.90
N PRO D 200 -2.51 -25.88 27.13
CA PRO D 200 -3.96 -26.11 27.31
C PRO D 200 -4.73 -24.87 26.92
N GLU D 201 -6.05 -24.88 27.13
CA GLU D 201 -6.90 -23.73 26.77
C GLU D 201 -6.43 -22.45 27.44
N VAL D 202 -6.10 -22.52 28.73
CA VAL D 202 -5.75 -21.33 29.50
C VAL D 202 -4.32 -21.49 29.96
N SER D 203 -3.47 -20.51 29.63
CA SER D 203 -2.08 -20.55 30.05
C SER D 203 -1.65 -19.12 30.40
N PHE D 204 -0.36 -18.98 30.70
CA PHE D 204 0.22 -17.69 31.07
C PHE D 204 1.00 -17.15 29.88
N GLU D 205 0.65 -15.94 29.44
CA GLU D 205 1.39 -15.24 28.40
C GLU D 205 2.62 -14.55 28.94
N GLN D 206 2.52 -13.97 30.14
CA GLN D 206 3.62 -13.29 30.81
C GLN D 206 3.51 -13.58 32.30
N ILE D 207 4.65 -13.80 32.94
CA ILE D 207 4.73 -13.87 34.41
C ILE D 207 5.80 -12.88 34.85
N HIS D 208 5.41 -11.87 35.60
CA HIS D 208 6.36 -10.86 36.09
C HIS D 208 6.43 -10.92 37.60
N LEU D 209 7.62 -11.13 38.13
CA LEU D 209 7.87 -11.22 39.57
C LEU D 209 8.59 -9.95 39.98
N GLU D 210 7.88 -9.04 40.62
CA GLU D 210 8.48 -7.79 41.11
C GLU D 210 8.97 -8.02 42.52
N SER D 211 10.28 -8.06 42.71
CA SER D 211 10.87 -8.25 44.02
C SER D 211 11.60 -6.98 44.44
N SER D 212 11.47 -6.63 45.72
CA SER D 212 12.15 -5.49 46.32
C SER D 212 12.62 -5.89 47.71
N LEU D 213 13.67 -5.23 48.18
CA LEU D 213 14.32 -5.58 49.42
C LEU D 213 14.43 -4.33 50.29
N SER D 214 13.92 -4.40 51.51
CA SER D 214 13.86 -3.26 52.43
C SER D 214 15.25 -2.69 52.72
N SER D 215 15.24 -1.55 53.43
CA SER D 215 16.49 -0.83 53.69
C SER D 215 17.51 -1.71 54.42
N ASN D 216 17.10 -2.36 55.51
CA ASN D 216 18.02 -3.20 56.28
C ASN D 216 18.21 -4.60 55.69
N LEU D 217 17.58 -4.89 54.54
CA LEU D 217 17.66 -6.17 53.84
C LEU D 217 16.98 -7.34 54.54
N LYS D 218 16.18 -7.09 55.57
CA LYS D 218 15.55 -8.19 56.30
C LYS D 218 14.10 -8.39 55.87
N GLU D 219 13.58 -7.54 54.98
CA GLU D 219 12.21 -7.65 54.49
C GLU D 219 12.21 -7.60 52.97
N GLY D 220 11.67 -8.66 52.35
CA GLY D 220 11.49 -8.74 50.91
C GLY D 220 10.01 -8.69 50.56
N ILE D 221 9.71 -8.05 49.44
CA ILE D 221 8.36 -7.94 48.93
C ILE D 221 8.33 -8.59 47.57
N LEU D 222 7.34 -9.45 47.33
CA LEU D 222 7.16 -10.08 46.02
C LEU D 222 5.74 -9.79 45.55
N LYS D 223 5.62 -9.21 44.36
CA LYS D 223 4.35 -9.05 43.67
C LYS D 223 4.37 -9.96 42.46
N VAL D 224 3.37 -10.81 42.33
CA VAL D 224 3.27 -11.78 41.25
C VAL D 224 2.20 -11.26 40.29
N LYS D 225 2.62 -10.84 39.11
CA LYS D 225 1.69 -10.33 38.10
C LYS D 225 1.76 -11.23 36.87
N THR D 226 0.61 -11.40 36.23
CA THR D 226 0.57 -12.28 35.08
C THR D 226 -0.40 -11.73 34.04
N SER D 227 -0.17 -12.15 32.79
CA SER D 227 -1.09 -11.94 31.69
C SER D 227 -1.52 -13.31 31.20
N PHE D 228 -2.83 -13.54 31.10
CA PHE D 228 -3.34 -14.84 30.67
C PHE D 228 -3.42 -14.92 29.16
N TYR D 229 -3.20 -16.12 28.64
CA TYR D 229 -3.49 -16.44 27.24
C TYR D 229 -4.73 -17.34 27.26
N ASN D 230 -5.82 -16.83 26.71
CA ASN D 230 -7.13 -17.45 26.87
C ASN D 230 -7.95 -17.26 25.60
N PRO D 231 -7.51 -17.84 24.48
CA PRO D 231 -8.22 -17.63 23.21
C PRO D 231 -9.62 -18.24 23.18
N GLU D 232 -9.93 -19.22 24.03
CA GLU D 232 -11.26 -19.80 24.07
C GLU D 232 -12.22 -19.05 24.99
N ASP D 233 -11.76 -18.00 25.65
CA ASP D 233 -12.63 -17.15 26.48
C ASP D 233 -13.26 -17.94 27.63
N ILE D 234 -12.46 -18.82 28.26
CA ILE D 234 -12.88 -19.47 29.50
C ILE D 234 -13.14 -18.39 30.56
N ARG D 235 -14.28 -18.48 31.26
CA ARG D 235 -14.69 -17.38 32.13
C ARG D 235 -14.11 -17.45 33.53
N LYS D 236 -13.78 -18.64 34.03
CA LYS D 236 -13.32 -18.79 35.40
C LYS D 236 -12.24 -19.86 35.47
N ALA D 237 -11.32 -19.67 36.41
CA ALA D 237 -10.31 -20.68 36.69
C ALA D 237 -9.91 -20.57 38.15
N ASP D 238 -9.30 -21.63 38.66
CA ASP D 238 -8.69 -21.61 39.98
C ASP D 238 -7.19 -21.50 39.78
N VAL D 239 -6.57 -20.48 40.36
CA VAL D 239 -5.15 -20.21 40.18
C VAL D 239 -4.47 -20.32 41.54
N THR D 240 -3.44 -21.17 41.61
CA THR D 240 -2.63 -21.32 42.82
C THR D 240 -1.27 -20.68 42.60
N VAL D 241 -0.84 -19.87 43.57
CA VAL D 241 0.49 -19.27 43.58
C VAL D 241 1.23 -19.85 44.78
N SER D 242 2.37 -20.50 44.53
CA SER D 242 3.20 -21.04 45.61
C SER D 242 4.63 -20.57 45.42
N VAL D 243 5.29 -20.23 46.53
CA VAL D 243 6.67 -19.78 46.51
C VAL D 243 7.52 -20.72 47.35
N TYR D 244 8.62 -21.19 46.78
CA TYR D 244 9.53 -22.08 47.47
C TYR D 244 10.86 -21.38 47.67
N ASP D 245 11.52 -21.71 48.78
CA ASP D 245 12.78 -21.06 49.11
C ASP D 245 13.93 -21.79 48.41
N VAL D 246 15.16 -21.37 48.73
CA VAL D 246 16.35 -21.88 48.05
C VAL D 246 16.51 -23.38 48.27
N ASP D 247 15.96 -23.92 49.33
CA ASP D 247 15.97 -25.37 49.58
C ASP D 247 14.76 -26.06 48.98
N ARG D 248 13.96 -25.34 48.19
CA ARG D 248 12.72 -25.86 47.60
C ARG D 248 11.70 -26.22 48.67
N LYS D 249 11.72 -25.51 49.80
CA LYS D 249 10.65 -25.68 50.78
C LYS D 249 9.60 -24.58 50.60
N PRO D 250 8.32 -24.91 50.72
CA PRO D 250 7.27 -23.89 50.48
C PRO D 250 7.25 -22.86 51.61
N VAL D 251 7.20 -21.59 51.23
CA VAL D 251 7.06 -20.51 52.19
C VAL D 251 5.77 -19.73 52.03
N PHE D 252 5.03 -19.95 50.94
CA PHE D 252 3.80 -19.22 50.69
C PHE D 252 2.98 -20.03 49.70
N SER D 253 1.67 -20.08 49.94
CA SER D 253 0.76 -20.71 48.99
C SER D 253 -0.61 -20.09 49.15
N LYS D 254 -1.23 -19.75 48.04
CA LYS D 254 -2.56 -19.16 48.05
C LYS D 254 -3.25 -19.58 46.76
N THR D 255 -4.52 -19.97 46.90
CA THR D 255 -5.34 -20.30 45.75
C THR D 255 -6.43 -19.25 45.58
N LEU D 256 -6.51 -18.68 44.38
CA LEU D 256 -7.56 -17.73 44.04
C LEU D 256 -8.63 -18.51 43.27
N GLU D 257 -9.81 -18.65 43.86
CA GLU D 257 -10.87 -19.48 43.30
C GLU D 257 -11.78 -18.63 42.41
N GLY D 258 -12.07 -19.13 41.21
CA GLY D 258 -13.01 -18.46 40.34
C GLY D 258 -12.52 -17.12 39.84
N ILE D 259 -11.22 -16.98 39.61
CA ILE D 259 -10.69 -15.76 39.03
C ILE D 259 -10.99 -15.73 37.54
N LEU D 260 -11.05 -14.51 36.98
CA LEU D 260 -11.20 -14.35 35.53
C LEU D 260 -9.83 -14.50 34.88
N PRO D 261 -9.57 -15.59 34.16
CA PRO D 261 -8.24 -15.82 33.58
C PRO D 261 -8.11 -15.16 32.21
N LEU D 262 -8.19 -13.84 32.18
CA LEU D 262 -8.23 -13.08 30.94
C LEU D 262 -7.43 -11.80 31.12
N GLY D 263 -6.49 -11.53 30.22
CA GLY D 263 -5.72 -10.29 30.37
C GLY D 263 -4.84 -10.30 31.61
N ASP D 264 -4.65 -9.10 32.18
CA ASP D 264 -3.74 -8.92 33.31
C ASP D 264 -4.43 -9.23 34.63
N GLN D 265 -3.69 -9.91 35.53
CA GLN D 265 -4.18 -10.12 36.89
C GLN D 265 -3.00 -10.06 37.85
N LEU D 266 -3.19 -9.33 38.96
CA LEU D 266 -2.26 -9.41 40.09
C LEU D 266 -2.67 -10.60 40.94
N LEU D 267 -1.77 -11.58 41.06
CA LEU D 267 -2.13 -12.84 41.71
C LEU D 267 -1.77 -12.86 43.18
N ALA D 268 -0.70 -12.17 43.58
CA ALA D 268 -0.27 -12.27 44.96
C ALA D 268 0.66 -11.11 45.28
N LYS D 269 0.60 -10.68 46.53
CA LYS D 269 1.55 -9.72 47.07
C LYS D 269 1.95 -10.27 48.43
N MET D 270 3.24 -10.42 48.66
CA MET D 270 3.65 -11.09 49.87
C MET D 270 4.95 -10.49 50.39
N LYS D 271 5.13 -10.61 51.70
CA LYS D 271 6.30 -10.14 52.41
C LYS D 271 7.04 -11.31 53.01
N ILE D 272 8.33 -11.42 52.72
CA ILE D 272 9.18 -12.48 53.28
C ILE D 272 10.13 -11.82 54.27
N LYS D 273 10.03 -12.22 55.54
CA LYS D 273 10.97 -11.74 56.54
C LYS D 273 12.25 -12.57 56.43
N ASN D 274 13.39 -11.91 56.61
CA ASN D 274 14.71 -12.55 56.51
C ASN D 274 14.86 -13.34 55.23
N PRO D 275 14.64 -12.75 54.07
CA PRO D 275 14.79 -13.52 52.82
C PRO D 275 16.25 -13.91 52.62
N VAL D 276 16.45 -15.06 51.99
CA VAL D 276 17.79 -15.45 51.57
C VAL D 276 18.21 -14.62 50.36
N LEU D 277 19.37 -13.98 50.45
CA LEU D 277 19.77 -13.03 49.42
C LEU D 277 20.55 -13.72 48.32
N TRP D 278 20.35 -13.24 47.10
CA TRP D 278 21.15 -13.64 45.95
C TRP D 278 22.45 -12.86 45.97
N ASP D 279 23.56 -13.55 45.75
CA ASP D 279 24.89 -12.97 45.79
C ASP D 279 25.76 -13.62 44.72
N VAL D 280 26.83 -12.93 44.31
CA VAL D 280 27.69 -13.51 43.28
C VAL D 280 28.50 -14.69 43.81
N ASP D 281 28.74 -14.76 45.12
CA ASP D 281 29.46 -15.90 45.66
C ASP D 281 28.52 -17.03 46.06
N VAL D 282 27.32 -16.70 46.51
CA VAL D 282 26.30 -17.67 46.88
C VAL D 282 25.01 -17.31 46.14
N PRO D 283 24.90 -17.64 44.85
CA PRO D 283 23.65 -17.36 44.12
C PRO D 283 22.55 -18.27 44.60
N GLN D 284 21.51 -17.70 45.18
CA GLN D 284 20.40 -18.49 45.70
C GLN D 284 19.11 -17.88 45.16
N LEU D 285 18.21 -18.73 44.68
CA LEU D 285 17.00 -18.30 44.01
C LEU D 285 15.77 -18.87 44.71
N TYR D 286 14.71 -18.08 44.70
CA TYR D 286 13.38 -18.55 45.04
C TYR D 286 12.66 -19.03 43.78
N THR D 287 11.64 -19.85 43.97
CA THR D 287 10.86 -20.34 42.84
C THR D 287 9.40 -19.99 43.04
N CYS D 288 8.79 -19.39 42.03
CA CYS D 288 7.36 -19.14 42.07
C CYS D 288 6.70 -20.15 41.14
N GLU D 289 5.77 -20.93 41.66
CA GLU D 289 5.08 -21.97 40.92
C GLU D 289 3.61 -21.57 40.77
N LEU D 290 3.15 -21.45 39.52
CA LEU D 290 1.79 -21.01 39.22
C LEU D 290 1.03 -22.14 38.57
N THR D 291 -0.20 -22.38 39.04
CA THR D 291 -1.07 -23.42 38.49
C THR D 291 -2.40 -22.80 38.10
N VAL D 292 -2.88 -23.10 36.90
CA VAL D 292 -4.20 -22.65 36.48
C VAL D 292 -5.04 -23.88 36.17
N LYS D 293 -6.15 -24.02 36.89
CA LYS D 293 -7.02 -25.19 36.84
C LYS D 293 -8.41 -24.80 36.37
N THR D 294 -8.98 -25.63 35.50
CA THR D 294 -10.38 -25.62 35.09
C THR D 294 -10.87 -27.07 35.20
N PRO D 295 -12.15 -27.34 34.95
CA PRO D 295 -12.59 -28.74 34.86
C PRO D 295 -11.83 -29.55 33.82
N ASP D 296 -11.19 -28.91 32.84
CA ASP D 296 -10.57 -29.63 31.73
C ASP D 296 -9.05 -29.52 31.71
N GLN D 297 -8.43 -28.94 32.74
CA GLN D 297 -6.99 -28.77 32.68
C GLN D 297 -6.43 -28.52 34.07
N THR D 298 -5.17 -28.92 34.24
CA THR D 298 -4.35 -28.48 35.35
C THR D 298 -2.98 -28.17 34.75
N PHE D 299 -2.61 -26.90 34.73
CA PHE D 299 -1.41 -26.45 34.03
C PHE D 299 -0.50 -25.74 35.01
N THR D 300 0.72 -26.23 35.15
CA THR D 300 1.67 -25.70 36.10
C THR D 300 2.92 -25.24 35.37
N THR D 301 3.42 -24.07 35.77
CA THR D 301 4.72 -23.62 35.30
C THR D 301 5.41 -22.92 36.46
N GLU D 302 6.71 -22.72 36.32
CA GLU D 302 7.42 -22.07 37.41
C GLU D 302 8.38 -21.03 36.84
N GLU D 303 8.72 -20.09 37.71
CA GLU D 303 9.59 -18.98 37.37
C GLU D 303 10.42 -18.67 38.60
N ARG D 304 11.71 -18.44 38.41
CA ARG D 304 12.64 -18.20 39.48
C ARG D 304 12.93 -16.71 39.62
N PHE D 305 13.36 -16.31 40.81
CA PHE D 305 13.71 -14.93 41.06
C PHE D 305 14.65 -14.90 42.27
N GLY D 306 15.26 -13.75 42.51
CA GLY D 306 16.14 -13.60 43.64
C GLY D 306 15.98 -12.23 44.28
N PHE D 307 16.28 -12.18 45.58
CA PHE D 307 16.29 -10.93 46.35
C PHE D 307 17.72 -10.41 46.42
N ARG D 308 17.94 -9.18 45.99
CA ARG D 308 19.25 -8.55 46.18
C ARG D 308 19.11 -7.04 46.01
N HIS D 309 19.96 -6.32 46.74
CA HIS D 309 20.00 -4.86 46.71
C HIS D 309 21.26 -4.42 45.98
N THR D 310 21.11 -3.49 45.03
CA THR D 310 22.24 -2.97 44.27
C THR D 310 22.27 -1.45 44.40
N GLU D 311 23.48 -0.88 44.41
CA GLU D 311 23.58 0.57 44.50
C GLU D 311 24.86 1.06 43.85
N PHE D 312 24.74 2.01 42.94
CA PHE D 312 25.89 2.73 42.38
C PHE D 312 26.04 4.01 43.18
N LYS D 313 27.23 4.23 43.74
CA LYS D 313 27.48 5.43 44.53
C LYS D 313 27.87 6.60 43.63
N ASP D 314 27.37 7.78 43.95
CA ASP D 314 27.74 8.97 43.20
C ASP D 314 29.24 9.19 43.29
N LYS D 315 29.88 9.29 42.14
CA LYS D 315 31.34 9.39 42.05
C LYS D 315 32.03 8.32 42.88
N GLY D 316 31.43 7.13 42.95
CA GLY D 316 31.93 6.08 43.80
C GLY D 316 31.72 4.71 43.23
N PRO D 317 31.90 3.67 44.05
CA PRO D 317 31.87 2.30 43.56
C PRO D 317 30.49 1.68 43.58
N PHE D 318 30.45 0.36 43.48
CA PHE D 318 29.23 -0.41 43.36
C PHE D 318 29.05 -1.28 44.59
N PHE D 319 27.81 -1.33 45.10
CA PHE D 319 27.49 -2.08 46.31
C PHE D 319 26.45 -3.13 46.00
N LEU D 320 26.72 -4.37 46.41
CA LEU D 320 25.77 -5.47 46.34
C LEU D 320 25.43 -5.88 47.76
N ASN D 321 24.14 -5.81 48.10
CA ASN D 321 23.66 -6.23 49.43
C ASN D 321 24.41 -5.49 50.54
N GLY D 322 24.63 -4.19 50.33
CA GLY D 322 25.22 -3.31 51.31
C GLY D 322 26.72 -3.39 51.48
N LYS D 323 27.43 -4.09 50.60
CA LYS D 323 28.89 -4.17 50.69
C LYS D 323 29.52 -3.88 49.33
N ARG D 324 30.65 -3.17 49.34
CA ARG D 324 31.32 -2.82 48.10
C ARG D 324 31.74 -4.09 47.36
N LEU D 325 31.43 -4.12 46.06
CA LEU D 325 31.79 -5.24 45.19
C LEU D 325 32.45 -4.70 43.93
N LEU D 326 33.73 -5.02 43.75
CA LEU D 326 34.41 -4.68 42.51
C LEU D 326 33.91 -5.59 41.40
N LEU D 327 33.31 -5.00 40.36
CA LEU D 327 32.82 -5.81 39.24
C LEU D 327 34.01 -6.31 38.44
N ARG D 328 34.10 -7.64 38.33
CA ARG D 328 35.18 -8.34 37.64
C ARG D 328 34.57 -8.92 36.37
N GLY D 329 34.63 -8.14 35.30
CA GLY D 329 33.75 -8.41 34.19
C GLY D 329 34.37 -8.93 32.92
N THR D 330 33.54 -9.48 32.05
CA THR D 330 33.95 -9.85 30.71
C THR D 330 32.78 -9.54 29.78
N HIS D 331 32.90 -9.94 28.52
CA HIS D 331 31.83 -9.87 27.55
C HIS D 331 31.75 -11.20 26.82
N ARG D 332 30.66 -11.40 26.09
CA ARG D 332 30.63 -12.52 25.18
C ARG D 332 29.75 -12.18 23.99
N HIS D 333 30.11 -12.75 22.84
CA HIS D 333 29.24 -12.82 21.69
C HIS D 333 28.65 -14.23 21.57
N GLU D 334 27.47 -14.33 20.98
CA GLU D 334 26.91 -15.63 20.63
C GLU D 334 27.56 -16.06 19.34
N ASP D 335 28.68 -16.77 19.46
CA ASP D 335 29.49 -17.17 18.32
C ASP D 335 30.42 -18.28 18.81
N HIS D 336 30.61 -19.31 17.98
CA HIS D 336 31.46 -20.43 18.38
C HIS D 336 32.03 -21.15 17.17
N ALA D 337 33.17 -21.80 17.37
CA ALA D 337 33.83 -22.53 16.30
C ALA D 337 32.89 -23.55 15.68
N GLY D 338 32.84 -23.57 14.35
CA GLY D 338 32.09 -24.56 13.62
C GLY D 338 30.61 -24.27 13.43
N VAL D 339 30.01 -23.39 14.23
CA VAL D 339 28.55 -23.24 14.26
C VAL D 339 28.11 -21.78 14.20
N ALA D 340 29.05 -20.83 14.28
CA ALA D 340 28.71 -19.40 14.30
C ALA D 340 27.74 -19.17 15.46
N GLN D 341 26.60 -18.51 15.24
CA GLN D 341 25.72 -18.19 16.36
C GLN D 341 24.96 -19.41 16.91
N ALA D 342 24.97 -20.54 16.20
CA ALA D 342 24.13 -21.69 16.55
C ALA D 342 24.75 -22.56 17.66
N MET D 343 24.95 -21.95 18.83
CA MET D 343 25.46 -22.71 19.98
C MET D 343 24.36 -23.52 20.65
N THR D 344 24.72 -24.71 21.13
CA THR D 344 23.79 -25.56 21.84
C THR D 344 23.79 -25.22 23.34
N GLU D 345 22.80 -25.73 24.05
CA GLU D 345 22.76 -25.52 25.49
C GLU D 345 24.04 -26.04 26.17
N ASP D 346 24.52 -27.21 25.76
CA ASP D 346 25.73 -27.75 26.37
C ASP D 346 26.92 -26.84 26.14
N MET D 347 27.05 -26.27 24.95
CA MET D 347 28.15 -25.34 24.69
C MET D 347 28.04 -24.10 25.58
N MET D 348 26.84 -23.57 25.73
CA MET D 348 26.65 -22.39 26.59
C MET D 348 26.99 -22.71 28.05
N ARG D 349 26.55 -23.86 28.56
CA ARG D 349 26.87 -24.22 29.95
C ARG D 349 28.39 -24.30 30.15
N ARG D 350 29.09 -24.94 29.20
CA ARG D 350 30.54 -25.05 29.33
C ARG D 350 31.21 -23.69 29.34
N GLU D 351 30.77 -22.79 28.45
CA GLU D 351 31.36 -21.46 28.37
C GLU D 351 31.13 -20.67 29.66
N MET D 352 29.90 -20.69 30.16
CA MET D 352 29.62 -19.90 31.35
C MET D 352 30.30 -20.50 32.58
N ARG D 353 30.40 -21.83 32.64
CA ARG D 353 31.17 -22.46 33.71
C ARG D 353 32.65 -22.05 33.64
N MET D 354 33.22 -21.99 32.43
CA MET D 354 34.61 -21.53 32.28
C MET D 354 34.78 -20.11 32.78
N MET D 355 33.82 -19.22 32.50
CA MET D 355 33.88 -17.86 33.00
C MET D 355 33.87 -17.83 34.52
N LYS D 356 32.90 -18.52 35.13
CA LYS D 356 32.81 -18.54 36.59
C LYS D 356 34.09 -19.07 37.22
N ASP D 357 34.63 -20.15 36.66
CA ASP D 357 35.90 -20.71 37.15
C ASP D 357 37.07 -19.75 36.97
N MET D 358 36.91 -18.73 36.14
CA MET D 358 37.94 -17.72 36.00
C MET D 358 37.80 -16.59 37.02
N GLY D 359 36.72 -16.58 37.78
CA GLY D 359 36.46 -15.53 38.76
C GLY D 359 35.55 -14.42 38.30
N VAL D 360 34.95 -14.53 37.11
CA VAL D 360 34.05 -13.48 36.62
C VAL D 360 32.87 -13.32 37.56
N ASN D 361 32.50 -12.08 37.88
CA ASN D 361 31.24 -11.83 38.57
C ASN D 361 30.35 -10.84 37.83
N PHE D 362 30.71 -10.45 36.62
CA PHE D 362 29.95 -9.45 35.87
C PHE D 362 30.16 -9.71 34.38
N ILE D 363 29.10 -9.54 33.60
CA ILE D 363 29.23 -9.70 32.15
C ILE D 363 28.33 -8.69 31.45
N ARG D 364 28.85 -8.09 30.40
CA ARG D 364 28.06 -7.34 29.44
C ARG D 364 27.88 -8.24 28.22
N LEU D 365 26.62 -8.52 27.87
CA LEU D 365 26.31 -9.60 26.94
C LEU D 365 26.46 -9.15 25.48
N GLY D 366 27.67 -8.68 25.15
CA GLY D 366 27.90 -8.19 23.81
C GLY D 366 27.00 -7.01 23.54
N HIS D 367 26.49 -6.93 22.32
CA HIS D 367 25.71 -5.77 21.90
C HIS D 367 24.23 -6.10 21.69
N TYR D 368 23.71 -7.15 22.34
CA TYR D 368 22.33 -7.52 22.06
C TYR D 368 21.81 -8.44 23.17
N GLN D 369 20.48 -8.59 23.19
CA GLN D 369 19.84 -9.56 24.06
C GLN D 369 20.35 -10.96 23.72
N GLN D 370 20.62 -11.77 24.74
CA GLN D 370 21.18 -13.09 24.46
C GLN D 370 20.19 -14.17 24.87
N SER D 371 20.49 -15.42 24.46
CA SER D 371 19.65 -16.55 24.81
C SER D 371 19.29 -16.56 26.28
N GLU D 372 18.03 -16.89 26.59
CA GLU D 372 17.63 -16.98 27.99
C GLU D 372 18.41 -18.07 28.73
N ILE D 373 18.96 -19.06 28.03
CA ILE D 373 19.84 -20.04 28.68
C ILE D 373 21.01 -19.33 29.36
N ILE D 374 21.58 -18.33 28.68
CA ILE D 374 22.68 -17.57 29.24
C ILE D 374 22.23 -16.82 30.49
N LEU D 375 21.06 -16.17 30.42
CA LEU D 375 20.59 -15.43 31.60
C LEU D 375 20.34 -16.36 32.77
N ASP D 376 19.72 -17.52 32.51
CA ASP D 376 19.52 -18.49 33.58
C ASP D 376 20.85 -18.92 34.18
N LEU D 377 21.87 -19.08 33.35
CA LEU D 377 23.18 -19.47 33.87
C LEU D 377 23.79 -18.37 34.71
N CYS D 378 23.59 -17.11 34.33
CA CYS D 378 24.08 -16.01 35.17
C CYS D 378 23.39 -15.99 36.52
N ASP D 379 22.07 -16.23 36.56
CA ASP D 379 21.38 -16.34 37.84
C ASP D 379 21.97 -17.46 38.69
N GLU D 380 22.22 -18.62 38.06
CA GLU D 380 22.63 -19.81 38.80
C GLU D 380 24.08 -19.76 39.21
N LEU D 381 24.93 -19.12 38.41
CA LEU D 381 26.35 -19.10 38.70
C LEU D 381 26.80 -17.89 39.49
N GLY D 382 25.99 -16.84 39.55
CA GLY D 382 26.34 -15.63 40.28
C GLY D 382 27.12 -14.63 39.46
N ILE D 383 26.59 -14.22 38.31
CA ILE D 383 27.24 -13.28 37.41
C ILE D 383 26.26 -12.16 37.13
N LEU D 384 26.58 -10.94 37.59
CA LEU D 384 25.74 -9.78 37.31
C LEU D 384 25.79 -9.44 35.81
N VAL D 385 24.74 -8.77 35.33
CA VAL D 385 24.52 -8.64 33.88
C VAL D 385 24.19 -7.21 33.48
N TRP D 386 24.88 -6.74 32.43
CA TRP D 386 24.50 -5.62 31.58
C TRP D 386 24.07 -6.19 30.25
N GLU D 387 22.83 -5.90 29.85
CA GLU D 387 22.29 -6.41 28.59
C GLU D 387 21.72 -5.22 27.80
N GLU D 388 22.09 -5.12 26.52
CA GLU D 388 21.77 -3.93 25.74
C GLU D 388 21.08 -4.28 24.42
N ILE D 389 20.46 -3.27 23.81
CA ILE D 389 19.88 -3.45 22.47
C ILE D 389 20.97 -3.21 21.44
N PRO D 390 20.84 -3.77 20.22
CA PRO D 390 21.90 -3.61 19.22
C PRO D 390 21.85 -2.30 18.46
N TRP D 391 21.59 -1.18 19.13
CA TRP D 391 21.76 0.13 18.49
C TRP D 391 23.26 0.43 18.58
N CYS D 392 23.99 -0.03 17.57
CA CYS D 392 25.45 -0.18 17.62
C CYS D 392 26.09 0.42 16.38
N ARG D 393 26.51 1.68 16.47
CA ARG D 393 27.15 2.45 15.41
C ARG D 393 26.20 2.90 14.31
N GLY D 394 26.62 3.94 13.55
CA GLY D 394 26.04 4.28 12.28
C GLY D 394 25.24 5.58 12.27
N GLY D 395 24.72 6.00 13.41
CA GLY D 395 23.86 7.18 13.45
C GLY D 395 22.45 6.84 13.90
N LEU D 396 21.45 7.23 13.12
CA LEU D 396 20.04 7.04 13.48
C LEU D 396 19.19 7.03 12.23
N GLY D 397 18.39 5.99 12.06
CA GLY D 397 17.54 5.86 10.89
C GLY D 397 16.17 6.49 11.07
N GLY D 398 15.24 6.08 10.20
CA GLY D 398 13.89 6.63 10.13
C GLY D 398 12.90 5.94 11.05
N ASP D 399 11.61 5.99 10.68
CA ASP D 399 10.59 5.55 11.64
C ASP D 399 10.66 4.05 11.91
N VAL D 400 10.95 3.25 10.89
CA VAL D 400 11.00 1.80 11.08
C VAL D 400 12.18 1.40 11.97
N TYR D 401 13.34 2.01 11.72
CA TYR D 401 14.53 1.82 12.55
C TYR D 401 14.22 2.12 14.02
N LYS D 402 13.61 3.28 14.28
CA LYS D 402 13.28 3.66 15.64
C LYS D 402 12.25 2.73 16.25
N LYS D 403 11.24 2.34 15.47
CA LYS D 403 10.24 1.43 16.02
C LYS D 403 10.90 0.12 16.40
N GLN D 404 11.87 -0.34 15.59
CA GLN D 404 12.57 -1.56 15.94
C GLN D 404 13.35 -1.42 17.24
N ALA D 405 14.06 -0.29 17.42
CA ALA D 405 14.83 -0.11 18.65
C ALA D 405 13.94 -0.10 19.88
N ARG D 406 12.84 0.66 19.84
CA ARG D 406 11.89 0.69 20.95
C ARG D 406 11.37 -0.71 21.26
N ARG D 407 10.99 -1.44 20.21
CA ARG D 407 10.42 -2.77 20.38
C ARG D 407 11.43 -3.72 21.00
N MET D 408 12.68 -3.68 20.55
CA MET D 408 13.67 -4.59 21.11
C MET D 408 14.03 -4.21 22.54
N LEU D 409 14.00 -2.93 22.87
CA LEU D 409 14.23 -2.54 24.26
C LEU D 409 13.11 -3.06 25.15
N ALA D 410 11.87 -2.81 24.73
CA ALA D 410 10.72 -3.28 25.50
C ALA D 410 10.71 -4.80 25.62
N ASN D 411 10.98 -5.50 24.51
CA ASN D 411 11.00 -6.96 24.55
C ASN D 411 12.06 -7.47 25.52
N MET D 412 13.26 -6.87 25.48
CA MET D 412 14.35 -7.34 26.34
C MET D 412 14.00 -7.16 27.81
N ILE D 413 13.45 -6.00 28.17
CA ILE D 413 13.12 -5.73 29.57
C ILE D 413 11.98 -6.63 30.02
N VAL D 414 10.93 -6.73 29.21
CA VAL D 414 9.80 -7.59 29.55
C VAL D 414 10.24 -9.04 29.67
N GLN D 415 11.07 -9.51 28.73
CA GLN D 415 11.43 -10.93 28.74
C GLN D 415 12.42 -11.29 29.84
N HIS D 416 13.36 -10.40 30.20
CA HIS D 416 14.41 -10.72 31.16
C HIS D 416 14.24 -10.02 32.51
N HIS D 417 13.08 -9.40 32.73
CA HIS D 417 12.81 -8.63 33.95
C HIS D 417 13.07 -9.43 35.23
N ASN D 418 12.76 -10.71 35.23
CA ASN D 418 12.77 -11.45 36.49
C ASN D 418 14.17 -11.91 36.90
N HIS D 419 15.17 -11.81 36.03
CA HIS D 419 16.48 -12.36 36.37
C HIS D 419 17.20 -11.50 37.42
N PRO D 420 17.50 -12.02 38.61
CA PRO D 420 18.23 -11.20 39.59
C PRO D 420 19.60 -10.79 39.10
N ALA D 421 20.21 -11.52 38.17
CA ALA D 421 21.53 -11.14 37.67
C ALA D 421 21.53 -9.77 37.02
N VAL D 422 20.42 -9.37 36.37
CA VAL D 422 20.47 -8.15 35.57
C VAL D 422 20.47 -6.93 36.48
N ILE D 423 21.45 -6.05 36.28
CA ILE D 423 21.49 -4.75 36.94
C ILE D 423 21.43 -3.58 35.97
N ILE D 424 21.69 -3.77 34.68
CA ILE D 424 21.79 -2.67 33.74
C ILE D 424 21.10 -3.04 32.43
N TRP D 425 20.23 -2.14 31.95
CA TRP D 425 19.73 -2.20 30.58
C TRP D 425 20.50 -1.19 29.74
N GLY D 426 21.23 -1.68 28.75
CA GLY D 426 22.02 -0.82 27.90
C GLY D 426 21.22 -0.35 26.69
N LEU D 427 21.45 0.90 26.30
CA LEU D 427 20.69 1.50 25.22
C LEU D 427 21.42 1.57 23.89
N GLY D 428 22.71 1.27 23.86
CA GLY D 428 23.45 1.37 22.61
C GLY D 428 24.94 1.47 22.83
N ASN D 429 25.67 1.32 21.73
CA ASN D 429 27.13 1.27 21.77
C ASN D 429 27.70 2.12 20.65
N GLU D 430 28.67 2.97 20.98
CA GLU D 430 29.38 3.79 20.00
C GLU D 430 28.41 4.49 19.06
N ASN D 431 27.41 5.13 19.65
CA ASN D 431 26.43 5.83 18.84
C ASN D 431 26.95 7.14 18.29
N ASP D 432 28.20 7.49 18.60
CA ASP D 432 28.89 8.59 17.94
C ASP D 432 29.60 8.18 16.65
N TRP D 433 29.44 6.92 16.22
CA TRP D 433 30.12 6.41 15.03
C TRP D 433 29.25 6.65 13.81
N PRO D 434 29.65 7.51 12.87
CA PRO D 434 28.73 7.89 11.78
C PRO D 434 28.81 7.03 10.54
N ASN D 435 28.00 7.39 9.54
CA ASN D 435 28.14 7.04 8.13
C ASN D 435 27.26 5.89 7.64
N ASP D 436 26.28 5.44 8.43
CA ASP D 436 25.24 4.63 7.78
C ASP D 436 24.23 5.50 7.03
N PHE D 437 24.29 6.81 7.20
CA PHE D 437 23.40 7.75 6.55
C PHE D 437 24.21 8.94 6.04
N ASN D 438 23.65 9.68 5.09
CA ASN D 438 24.36 10.85 4.57
C ASN D 438 24.26 12.05 5.48
N THR D 439 23.60 11.93 6.63
CA THR D 439 23.64 12.98 7.66
C THR D 439 23.91 12.32 9.00
N PHE D 440 24.41 13.12 9.94
CA PHE D 440 24.61 12.69 11.32
C PHE D 440 24.17 13.86 12.19
N ASP D 441 23.11 13.68 12.96
CA ASP D 441 22.47 14.74 13.74
C ASP D 441 22.55 14.38 15.22
N LYS D 442 23.47 15.03 15.93
CA LYS D 442 23.66 14.75 17.35
C LYS D 442 22.39 14.99 18.15
N SER D 443 21.64 16.05 17.80
CA SER D 443 20.45 16.39 18.60
C SER D 443 19.37 15.33 18.43
N ALA D 444 19.23 14.77 17.23
CA ALA D 444 18.25 13.70 17.02
C ALA D 444 18.65 12.44 17.77
N ILE D 445 19.95 12.14 17.82
CA ILE D 445 20.43 10.99 18.57
C ILE D 445 20.17 11.18 20.06
N ARG D 446 20.43 12.38 20.59
CA ARG D 446 20.12 12.66 21.99
C ARG D 446 18.64 12.46 22.28
N ALA D 447 17.77 13.00 21.39
CA ALA D 447 16.33 12.93 21.62
C ALA D 447 15.85 11.49 21.66
N PHE D 448 16.35 10.65 20.75
CA PHE D 448 15.92 9.26 20.73
C PHE D 448 16.55 8.49 21.88
N MET D 449 17.80 8.80 22.23
CA MET D 449 18.41 8.17 23.40
C MET D 449 17.61 8.47 24.66
N LYS D 450 17.13 9.70 24.80
CA LYS D 450 16.33 10.03 25.99
C LYS D 450 15.00 9.31 25.97
N GLU D 451 14.40 9.17 24.79
CA GLU D 451 13.15 8.43 24.70
C GLU D 451 13.36 6.98 25.17
N LEU D 452 14.45 6.34 24.73
CA LEU D 452 14.75 4.98 25.18
C LEU D 452 15.01 4.90 26.68
N HIS D 453 15.83 5.82 27.21
CA HIS D 453 16.06 5.88 28.65
C HIS D 453 14.74 6.02 29.40
N ASP D 454 13.87 6.92 28.92
CA ASP D 454 12.59 7.11 29.60
C ASP D 454 11.75 5.85 29.54
N MET D 455 11.78 5.15 28.40
CA MET D 455 11.01 3.91 28.29
C MET D 455 11.53 2.84 29.25
N ALA D 456 12.85 2.69 29.35
CA ALA D 456 13.41 1.71 30.28
C ALA D 456 12.94 1.97 31.71
N HIS D 457 12.99 3.23 32.14
CA HIS D 457 12.56 3.57 33.50
C HIS D 457 11.06 3.45 33.66
N ARG D 458 10.30 3.72 32.59
CA ARG D 458 8.86 3.49 32.64
C ARG D 458 8.57 2.00 32.82
N LEU D 459 9.32 1.15 32.13
CA LEU D 459 9.07 -0.30 32.22
C LEU D 459 9.64 -0.92 33.49
N ASP D 460 10.79 -0.44 33.96
CA ASP D 460 11.49 -1.12 35.04
C ASP D 460 12.42 -0.11 35.72
N ASP D 461 11.91 0.59 36.73
CA ASP D 461 12.75 1.57 37.39
C ASP D 461 13.67 0.96 38.44
N THR D 462 13.71 -0.36 38.58
CA THR D 462 14.62 -0.97 39.53
C THR D 462 16.01 -1.19 38.96
N ARG D 463 16.22 -0.90 37.67
CA ARG D 463 17.54 -1.12 37.10
C ARG D 463 18.05 0.17 36.48
N MET D 464 19.36 0.21 36.26
CA MET D 464 20.03 1.37 35.70
C MET D 464 20.12 1.25 34.18
N THR D 465 20.00 2.38 33.49
CA THR D 465 20.32 2.42 32.06
C THR D 465 21.79 2.77 31.87
N ALA D 466 22.33 2.39 30.71
CA ALA D 466 23.72 2.71 30.40
C ALA D 466 23.92 2.74 28.90
N ILE D 467 25.01 3.40 28.49
CA ILE D 467 25.55 3.32 27.13
C ILE D 467 27.07 3.30 27.23
N ARG D 468 27.71 2.97 26.10
CA ARG D 468 29.16 3.00 25.97
C ARG D 468 29.57 3.90 24.80
N ARG D 469 30.50 4.82 25.08
CA ARG D 469 31.16 5.70 24.11
C ARG D 469 30.16 6.48 23.24
N CYS D 470 29.54 7.46 23.88
CA CYS D 470 28.84 8.52 23.14
C CYS D 470 28.84 9.73 24.08
N GLU D 471 29.92 10.52 24.02
CA GLU D 471 30.13 11.55 25.03
C GLU D 471 29.00 12.58 25.02
N PHE D 472 28.47 12.91 23.85
CA PHE D 472 27.42 13.92 23.81
C PHE D 472 26.07 13.39 24.30
N CYS D 473 25.99 12.13 24.74
CA CYS D 473 24.83 11.60 25.44
C CYS D 473 25.15 11.23 26.88
N ASN D 474 26.31 11.63 27.42
CA ASN D 474 26.67 11.08 28.73
C ASN D 474 25.87 11.68 29.88
N ASP D 475 25.02 12.68 29.63
CA ASP D 475 24.14 13.23 30.66
C ASP D 475 22.78 12.53 30.70
N ILE D 476 22.50 11.63 29.78
CA ILE D 476 21.17 11.04 29.65
C ILE D 476 21.02 9.78 30.49
N VAL D 477 22.00 8.88 30.44
CA VAL D 477 21.85 7.56 31.03
C VAL D 477 22.26 7.57 32.50
N ASP D 478 21.86 6.53 33.22
CA ASP D 478 22.23 6.40 34.63
C ASP D 478 23.72 6.12 34.79
N VAL D 479 24.26 5.19 33.99
CA VAL D 479 25.63 4.69 34.11
C VAL D 479 26.30 4.84 32.76
N TYR D 480 27.55 5.29 32.74
CA TYR D 480 28.23 5.61 31.49
C TYR D 480 29.60 4.94 31.42
N SER D 481 29.95 4.41 30.25
CA SER D 481 31.29 3.92 29.96
C SER D 481 31.93 4.71 28.84
N PRO D 482 33.12 5.27 29.04
CA PRO D 482 33.89 5.82 27.92
C PRO D 482 34.66 4.72 27.19
N SER D 483 35.48 5.11 26.22
CA SER D 483 36.39 4.19 25.56
C SER D 483 37.77 4.33 26.19
N ILE D 484 38.26 3.26 26.81
CA ILE D 484 39.58 3.24 27.43
C ILE D 484 40.26 1.95 27.01
N TRP D 485 41.15 2.05 26.03
CA TRP D 485 41.89 0.89 25.55
C TRP D 485 43.39 1.12 25.74
N ALA D 486 43.81 1.36 26.99
CA ALA D 486 45.19 1.71 27.28
C ALA D 486 46.13 0.58 26.91
N GLY D 487 47.17 0.90 26.14
CA GLY D 487 48.11 -0.11 25.70
C GLY D 487 47.65 -0.90 24.50
N TRP D 488 46.48 -0.58 23.95
CA TRP D 488 46.14 -1.26 22.70
C TRP D 488 45.86 -0.25 21.61
N TYR D 489 44.63 0.28 21.52
CA TYR D 489 44.32 1.20 20.44
C TYR D 489 44.99 2.56 20.63
N ARG D 490 45.41 2.88 21.85
CA ARG D 490 46.07 4.15 22.11
C ARG D 490 46.89 4.07 23.39
N GLY D 491 48.03 4.77 23.38
CA GLY D 491 48.84 4.93 24.57
C GLY D 491 49.49 3.66 25.10
N VAL D 492 49.83 3.72 26.38
CA VAL D 492 50.54 2.64 27.05
C VAL D 492 49.67 2.15 28.20
N PHE D 493 49.78 0.85 28.49
CA PHE D 493 48.83 0.36 29.49
C PHE D 493 49.15 0.84 30.90
N THR D 494 50.36 1.37 31.15
CA THR D 494 50.63 1.93 32.47
C THR D 494 49.85 3.23 32.72
N ASP D 495 49.20 3.80 31.70
CA ASP D 495 48.31 4.93 31.88
C ASP D 495 46.88 4.56 32.29
N TYR D 496 46.59 3.26 32.45
CA TYR D 496 45.21 2.83 32.68
C TYR D 496 44.59 3.52 33.90
N LYS D 497 45.28 3.50 35.03
CA LYS D 497 44.71 4.04 36.26
C LYS D 497 44.45 5.55 36.15
N SER D 498 45.43 6.29 35.63
CA SER D 498 45.25 7.75 35.54
C SER D 498 44.13 8.11 34.57
N ILE D 499 44.05 7.41 33.43
CA ILE D 499 42.95 7.68 32.50
C ILE D 499 41.61 7.39 33.18
N SER D 500 41.53 6.27 33.92
CA SER D 500 40.30 5.92 34.63
C SER D 500 39.93 6.98 35.66
N GLU D 501 40.93 7.49 36.41
CA GLU D 501 40.66 8.54 37.40
C GLU D 501 40.08 9.79 36.73
N GLN D 502 40.66 10.19 35.60
CA GLN D 502 40.14 11.35 34.89
C GLN D 502 38.74 11.09 34.35
N GLU D 503 38.49 9.89 33.83
CA GLU D 503 37.20 9.61 33.20
C GLU D 503 36.08 9.50 34.22
N MET D 504 36.33 8.86 35.37
CA MET D 504 35.25 8.67 36.33
C MET D 504 34.68 9.99 36.83
N GLN D 505 35.49 11.05 36.84
CA GLN D 505 35.04 12.36 37.34
C GLN D 505 34.06 13.05 36.40
N LYS D 506 33.95 12.59 35.15
CA LYS D 506 33.08 13.25 34.20
C LYS D 506 31.62 12.85 34.34
N VAL D 507 31.31 11.78 35.05
CA VAL D 507 29.95 11.25 35.10
C VAL D 507 29.61 10.87 36.53
N LYS D 508 28.31 10.77 36.79
CA LYS D 508 27.86 10.42 38.14
C LYS D 508 28.23 8.97 38.48
N HIS D 509 28.00 8.05 37.55
CA HIS D 509 28.29 6.63 37.76
C HIS D 509 29.14 6.14 36.60
N PHE D 510 30.39 5.82 36.88
CA PHE D 510 31.36 5.40 35.89
C PHE D 510 31.50 3.89 36.00
N LEU D 511 31.44 3.20 34.84
CA LEU D 511 31.66 1.77 34.78
C LEU D 511 32.38 1.49 33.47
N HIS D 512 33.57 0.91 33.54
CA HIS D 512 34.45 0.82 32.37
C HIS D 512 34.19 -0.51 31.65
N VAL D 513 33.54 -0.48 30.50
CA VAL D 513 33.37 -1.72 29.73
C VAL D 513 34.17 -1.63 28.44
N GLU D 514 34.94 -2.70 28.17
CA GLU D 514 35.81 -2.96 27.03
C GLU D 514 37.22 -2.45 27.29
N TRP D 515 38.14 -3.40 27.37
CA TRP D 515 39.58 -3.14 27.38
C TRP D 515 40.24 -4.46 27.04
N GLY D 516 41.54 -4.40 26.75
CA GLY D 516 42.29 -5.61 26.45
C GLY D 516 43.24 -5.48 25.26
N GLY D 517 43.50 -6.59 24.58
CA GLY D 517 44.35 -6.59 23.40
C GLY D 517 44.27 -7.93 22.69
N ASP D 518 44.59 -7.92 21.40
CA ASP D 518 44.55 -9.14 20.61
C ASP D 518 45.76 -10.03 20.89
N SER D 519 45.52 -11.34 20.93
CA SER D 519 46.63 -12.29 20.94
C SER D 519 46.31 -13.47 20.04
N HIS D 520 47.18 -13.69 19.07
CA HIS D 520 47.17 -14.85 18.20
C HIS D 520 47.56 -16.06 19.04
N ALA D 521 46.58 -16.90 19.39
CA ALA D 521 46.82 -17.98 20.35
C ALA D 521 47.96 -18.86 19.87
N ARG D 522 48.89 -19.15 20.78
CA ARG D 522 50.09 -19.97 20.61
C ARG D 522 51.24 -19.14 20.06
N ARG D 523 51.06 -17.84 19.84
CA ARG D 523 52.20 -16.99 19.47
C ARG D 523 52.78 -16.35 20.72
N HIS D 524 54.11 -16.46 20.87
CA HIS D 524 54.78 -15.94 22.05
C HIS D 524 55.98 -15.14 21.61
N SER D 525 56.59 -14.43 22.57
CA SER D 525 57.70 -13.55 22.25
C SER D 525 58.68 -13.49 23.41
N GLU D 526 59.97 -13.56 23.09
CA GLU D 526 61.01 -13.31 24.09
C GLU D 526 61.07 -11.83 24.48
N ASP D 527 60.60 -10.93 23.62
CA ASP D 527 60.49 -9.50 23.94
C ASP D 527 59.17 -8.93 23.41
N ALA D 528 58.15 -8.89 24.27
CA ALA D 528 56.84 -8.42 23.85
C ALA D 528 56.83 -6.95 23.45
N PHE D 529 57.81 -6.18 23.91
CA PHE D 529 57.85 -4.74 23.68
C PHE D 529 58.82 -4.36 22.59
N TYR D 530 59.20 -5.32 21.74
CA TYR D 530 60.35 -5.14 20.85
C TYR D 530 60.15 -3.94 19.93
N ASN D 531 58.95 -3.80 19.36
CA ASN D 531 58.62 -2.66 18.50
C ASN D 531 57.72 -1.64 19.19
N LEU D 532 57.64 -1.66 20.52
CA LEU D 532 56.70 -0.82 21.26
C LEU D 532 57.38 0.18 22.19
N LYS D 533 58.68 0.42 22.01
CA LYS D 533 59.41 1.23 22.98
C LYS D 533 59.20 2.73 22.80
N ASN D 534 58.59 3.18 21.71
CA ASN D 534 58.42 4.60 21.45
C ASN D 534 56.95 5.03 21.40
N ILE D 535 56.05 4.28 22.04
CA ILE D 535 54.67 4.73 22.20
C ILE D 535 54.65 5.79 23.28
N GLU D 536 54.08 6.95 22.96
CA GLU D 536 54.06 8.07 23.89
C GLU D 536 53.00 7.85 24.96
N ALA D 537 53.38 8.04 26.23
CA ALA D 537 52.46 8.05 27.35
C ALA D 537 51.87 9.44 27.54
N GLY D 538 50.74 9.50 28.26
CA GLY D 538 50.14 10.76 28.65
C GLY D 538 49.28 11.44 27.61
N LYS D 539 48.80 10.71 26.60
CA LYS D 539 48.00 11.33 25.54
C LYS D 539 46.67 10.61 25.35
N GLY D 540 46.18 9.95 26.41
CA GLY D 540 44.88 9.29 26.39
C GLY D 540 45.00 7.81 26.06
N GLY D 541 43.82 7.20 25.93
CA GLY D 541 43.74 5.78 25.67
C GLY D 541 42.45 5.35 25.00
N ASP D 542 41.72 6.30 24.41
CA ASP D 542 40.46 6.00 23.75
C ASP D 542 40.68 5.58 22.31
N GLU D 543 39.78 4.73 21.82
CA GLU D 543 39.76 4.36 20.40
C GLU D 543 39.02 5.43 19.60
N ARG D 544 39.70 5.99 18.60
CA ARG D 544 39.14 6.95 17.67
C ARG D 544 39.09 6.35 16.27
N ALA D 545 38.35 7.03 15.38
CA ALA D 545 38.22 6.57 14.00
C ALA D 545 39.58 6.34 13.37
N GLY D 546 39.77 5.15 12.80
CA GLY D 546 41.02 4.75 12.18
C GLY D 546 41.93 3.93 13.07
N ASP D 547 41.77 4.00 14.40
CA ASP D 547 42.67 3.26 15.29
C ASP D 547 42.51 1.76 15.10
N ALA D 548 41.27 1.28 14.91
CA ALA D 548 41.03 -0.15 14.78
C ALA D 548 41.52 -0.71 13.45
N SER D 549 41.68 0.14 12.44
CA SER D 549 42.15 -0.32 11.14
C SER D 549 43.63 -0.64 11.18
N LEU D 550 44.08 -1.38 10.15
CA LEU D 550 45.48 -1.82 10.08
C LEU D 550 46.41 -0.75 9.51
N TYR D 551 45.89 0.35 8.97
CA TYR D 551 46.69 1.38 8.33
C TYR D 551 46.47 2.73 8.99
N GLY D 552 47.38 3.66 8.72
CA GLY D 552 47.27 5.03 9.18
C GLY D 552 47.45 5.18 10.69
N GLY D 553 47.17 6.39 11.16
CA GLY D 553 47.18 6.66 12.59
C GLY D 553 48.57 6.95 13.14
N VAL D 554 48.67 6.88 14.46
CA VAL D 554 49.90 7.14 15.19
C VAL D 554 50.41 5.83 15.81
N PRO D 555 51.66 5.76 16.27
CA PRO D 555 52.17 4.51 16.86
C PRO D 555 51.30 4.01 18.01
N ARG D 556 51.05 2.70 18.02
CA ARG D 556 50.13 2.06 18.95
C ARG D 556 50.30 0.54 18.86
N ALA D 557 50.12 -0.13 19.99
CA ALA D 557 50.33 -1.57 20.06
C ALA D 557 49.41 -2.31 19.09
N SER D 558 48.17 -1.84 18.91
CA SER D 558 47.24 -2.54 18.02
C SER D 558 47.80 -2.63 16.61
N ARG D 559 48.56 -1.62 16.18
CA ARG D 559 49.12 -1.58 14.84
C ARG D 559 50.54 -2.13 14.79
N ASP D 560 51.37 -1.83 15.79
CA ASP D 560 52.80 -2.14 15.74
C ASP D 560 53.19 -3.34 16.58
N GLY D 561 52.30 -3.79 17.48
CA GLY D 561 52.65 -4.90 18.35
C GLY D 561 52.75 -6.21 17.62
N ASP D 562 53.37 -7.20 18.25
CA ASP D 562 53.46 -8.50 17.56
C ASP D 562 52.21 -9.35 17.67
N TRP D 563 51.24 -8.95 18.52
CA TRP D 563 50.01 -9.73 18.75
C TRP D 563 50.31 -11.07 19.41
N SER D 564 51.38 -11.11 20.17
CA SER D 564 51.69 -12.32 20.91
C SER D 564 50.86 -12.38 22.19
N GLU D 565 50.69 -13.59 22.69
CA GLU D 565 50.11 -13.74 24.02
C GLU D 565 50.97 -13.08 25.08
N SER D 566 52.28 -12.95 24.82
CA SER D 566 53.20 -12.44 25.83
C SER D 566 52.90 -11.00 26.19
N TYR D 567 52.53 -10.19 25.20
CA TYR D 567 52.18 -8.81 25.47
C TYR D 567 50.86 -8.69 26.23
N VAL D 568 49.82 -9.41 25.79
CA VAL D 568 48.52 -9.20 26.42
C VAL D 568 48.52 -9.74 27.84
N VAL D 569 49.32 -10.78 28.13
CA VAL D 569 49.43 -11.26 29.49
C VAL D 569 49.96 -10.17 30.39
N ARG D 570 50.96 -9.41 29.91
CA ARG D 570 51.51 -8.34 30.71
C ARG D 570 50.53 -7.17 30.82
N LEU D 571 49.77 -6.91 29.75
CA LEU D 571 48.78 -5.85 29.79
C LEU D 571 47.67 -6.16 30.79
N ILE D 572 47.17 -7.39 30.79
CA ILE D 572 46.10 -7.76 31.71
C ILE D 572 46.60 -7.73 33.15
N ASP D 573 47.79 -8.32 33.38
CA ASP D 573 48.43 -8.30 34.69
C ASP D 573 48.44 -6.89 35.26
N TRP D 574 48.87 -5.92 34.46
CA TRP D 574 48.94 -4.55 34.92
C TRP D 574 47.56 -4.01 35.34
N HIS D 575 46.56 -4.16 34.46
CA HIS D 575 45.22 -3.67 34.78
C HIS D 575 44.72 -4.25 36.10
N LEU D 576 44.89 -5.56 36.29
CA LEU D 576 44.32 -6.20 37.46
C LEU D 576 45.02 -5.78 38.74
N LYS D 577 46.33 -5.59 38.70
CA LYS D 577 46.98 -5.14 39.93
C LYS D 577 46.66 -3.68 40.23
N GLU D 578 46.46 -2.86 39.19
CA GLU D 578 46.01 -1.49 39.42
C GLU D 578 44.64 -1.45 40.08
N GLN D 579 43.74 -2.36 39.70
CA GLN D 579 42.39 -2.32 40.25
C GLN D 579 42.37 -2.60 41.75
N GLU D 580 43.38 -3.30 42.28
CA GLU D 580 43.41 -3.49 43.72
C GLU D 580 43.66 -2.20 44.50
N THR D 581 44.05 -1.13 43.83
CA THR D 581 44.34 0.15 44.49
C THR D 581 43.39 1.25 44.05
N MET D 582 42.21 0.90 43.54
CA MET D 582 41.23 1.86 43.04
C MET D 582 39.93 1.62 43.79
N PRO D 583 39.84 2.07 45.04
CA PRO D 583 38.68 1.71 45.86
C PRO D 583 37.39 2.37 45.42
N TRP D 584 37.46 3.45 44.64
CA TRP D 584 36.31 4.18 44.13
C TRP D 584 35.70 3.53 42.88
N LEU D 585 36.34 2.49 42.34
CA LEU D 585 35.99 1.95 41.05
C LEU D 585 34.80 0.99 41.16
N THR D 586 33.76 1.25 40.36
CA THR D 586 32.67 0.28 40.25
C THR D 586 33.21 -1.05 39.77
N GLY D 587 33.93 -1.02 38.65
CA GLY D 587 34.52 -2.22 38.08
C GLY D 587 34.77 -2.02 36.60
N THR D 588 35.18 -3.12 35.95
CA THR D 588 35.42 -3.09 34.52
C THR D 588 34.98 -4.41 33.90
N ALA D 589 34.95 -4.43 32.57
CA ALA D 589 34.70 -5.68 31.84
C ALA D 589 35.69 -5.78 30.68
N TYR D 590 36.54 -6.81 30.73
CA TYR D 590 37.44 -7.12 29.63
C TYR D 590 36.63 -7.46 28.37
N TRP D 591 37.16 -7.08 27.19
CA TRP D 591 36.52 -7.38 25.92
C TRP D 591 37.37 -8.28 25.03
N PRO D 592 36.94 -9.50 24.69
CA PRO D 592 35.84 -10.29 25.22
C PRO D 592 36.40 -11.49 25.97
N PHE D 593 35.51 -12.36 26.44
CA PHE D 593 35.97 -13.62 27.01
C PHE D 593 36.58 -14.54 25.96
N LYS D 594 35.91 -14.67 24.81
CA LYS D 594 36.26 -15.67 23.82
C LYS D 594 36.40 -15.03 22.45
N ASP D 595 37.45 -15.42 21.71
CA ASP D 595 37.60 -15.01 20.31
C ASP D 595 36.29 -15.20 19.57
N PHE D 596 35.94 -14.25 18.70
CA PHE D 596 34.72 -14.32 17.92
C PHE D 596 34.95 -13.73 16.54
N SER D 597 34.10 -14.13 15.60
CA SER D 597 34.27 -13.71 14.22
C SER D 597 33.70 -12.31 13.97
N THR D 598 34.37 -11.57 13.08
CA THR D 598 33.94 -10.23 12.70
C THR D 598 34.22 -10.00 11.22
N PRO D 599 33.29 -9.39 10.50
CA PRO D 599 33.46 -9.22 9.04
C PRO D 599 34.42 -8.12 8.68
N VAL D 600 34.81 -7.26 9.62
CA VAL D 600 35.57 -6.06 9.26
C VAL D 600 37.06 -6.26 9.48
N ARG D 601 37.52 -7.48 9.77
CA ARG D 601 38.95 -7.73 10.02
C ARG D 601 39.46 -8.88 9.17
N PRO D 602 39.43 -8.73 7.83
CA PRO D 602 39.89 -9.83 6.96
C PRO D 602 41.36 -10.17 7.09
N ASP D 603 42.20 -9.26 7.60
CA ASP D 603 43.65 -9.43 7.62
C ASP D 603 44.21 -9.76 8.99
N ASN D 604 43.37 -10.13 9.95
CA ASN D 604 43.87 -10.53 11.25
C ASN D 604 44.65 -11.84 11.11
N PRO D 605 45.54 -12.14 12.07
CA PRO D 605 46.33 -13.39 11.99
C PRO D 605 45.49 -14.64 11.78
N VAL D 606 44.36 -14.75 12.48
CA VAL D 606 43.25 -15.59 12.03
C VAL D 606 42.27 -14.67 11.27
N PRO D 607 42.14 -14.81 9.95
CA PRO D 607 41.26 -13.89 9.21
C PRO D 607 39.85 -13.88 9.77
N TYR D 608 39.28 -12.68 9.86
CA TYR D 608 37.87 -12.47 10.24
C TYR D 608 37.57 -12.92 11.67
N VAL D 609 38.55 -12.85 12.56
CA VAL D 609 38.34 -13.17 13.97
C VAL D 609 38.93 -12.05 14.81
N ASN D 610 38.14 -11.52 15.73
CA ASN D 610 38.63 -10.62 16.75
C ASN D 610 39.32 -11.48 17.79
N GLN D 611 40.64 -11.34 17.92
CA GLN D 611 41.42 -12.28 18.72
C GLN D 611 41.79 -11.73 20.09
N LYS D 612 40.95 -10.86 20.66
CA LYS D 612 41.21 -10.33 22.00
C LYS D 612 40.78 -11.28 23.11
N GLY D 613 40.13 -12.40 22.80
CA GLY D 613 39.65 -13.26 23.84
C GLY D 613 40.77 -13.81 24.69
N VAL D 614 40.42 -14.21 25.92
CA VAL D 614 41.34 -15.01 26.73
C VAL D 614 41.07 -16.48 26.54
N VAL D 615 40.09 -16.81 25.70
CA VAL D 615 39.78 -18.18 25.33
C VAL D 615 39.64 -18.20 23.82
N GLU D 616 40.13 -19.29 23.19
CA GLU D 616 39.97 -19.42 21.75
C GLU D 616 38.53 -19.75 21.39
N ARG D 617 38.21 -19.58 20.11
CA ARG D 617 36.83 -19.72 19.64
C ARG D 617 36.30 -21.14 19.79
N ASP D 618 37.16 -22.12 20.08
CA ASP D 618 36.75 -23.49 20.31
C ASP D 618 36.80 -23.89 21.79
N PHE D 619 36.91 -22.93 22.70
CA PHE D 619 36.98 -23.08 24.17
C PHE D 619 38.40 -23.35 24.68
N THR D 620 39.41 -23.43 23.84
CA THR D 620 40.76 -23.67 24.36
C THR D 620 41.22 -22.43 25.12
N PRO D 621 41.55 -22.54 26.40
CA PRO D 621 42.02 -21.36 27.13
C PRO D 621 43.34 -20.88 26.57
N LYS D 622 43.49 -19.56 26.50
CA LYS D 622 44.78 -18.94 26.22
C LYS D 622 45.55 -18.74 27.51
N GLU D 623 46.81 -18.32 27.40
CA GLU D 623 47.59 -18.10 28.62
C GLU D 623 46.96 -17.02 29.49
N SER D 624 46.28 -16.06 28.86
CA SER D 624 45.68 -14.93 29.57
C SER D 624 44.53 -15.35 30.48
N TYR D 625 43.88 -16.47 30.20
CA TYR D 625 42.83 -16.96 31.08
C TYR D 625 43.36 -17.15 32.50
N TYR D 626 44.57 -17.66 32.63
CA TYR D 626 45.13 -17.95 33.95
C TYR D 626 45.55 -16.69 34.67
N VAL D 627 45.80 -15.59 33.94
CA VAL D 627 46.09 -14.33 34.60
C VAL D 627 44.87 -13.88 35.41
N PHE D 628 43.72 -13.80 34.75
CA PHE D 628 42.48 -13.47 35.44
C PHE D 628 42.22 -14.44 36.60
N GLN D 629 42.34 -15.74 36.34
CA GLN D 629 42.01 -16.72 37.36
C GLN D 629 42.90 -16.55 38.59
N SER D 630 44.17 -16.19 38.37
CA SER D 630 45.11 -16.06 39.49
C SER D 630 44.80 -14.87 40.38
N TYR D 631 44.17 -13.84 39.81
CA TYR D 631 43.79 -12.64 40.54
C TYR D 631 42.39 -12.72 41.14
N TRP D 632 41.50 -13.51 40.54
CA TRP D 632 40.07 -13.38 40.80
C TRP D 632 39.44 -14.56 41.53
N THR D 633 40.19 -15.62 41.83
CA THR D 633 39.60 -16.80 42.45
C THR D 633 40.40 -17.19 43.69
N GLU D 634 39.74 -17.94 44.58
CA GLU D 634 40.41 -18.45 45.77
C GLU D 634 40.77 -19.93 45.68
N LYS D 635 40.12 -20.70 44.83
CA LYS D 635 40.46 -22.12 44.66
C LYS D 635 41.91 -22.25 44.20
N PRO D 636 42.77 -22.95 44.94
CA PRO D 636 44.21 -22.94 44.62
C PRO D 636 44.49 -23.40 43.21
N MET D 637 45.28 -22.60 42.49
CA MET D 637 45.68 -22.93 41.14
C MET D 637 47.08 -22.37 40.91
N ILE D 638 47.72 -22.85 39.85
CA ILE D 638 49.08 -22.43 39.54
C ILE D 638 49.33 -22.71 38.06
N HIS D 639 49.89 -21.73 37.36
CA HIS D 639 50.05 -21.85 35.90
C HIS D 639 51.35 -21.19 35.49
N ILE D 640 52.31 -22.00 35.05
CA ILE D 640 53.52 -21.46 34.43
C ILE D 640 53.16 -20.93 33.05
N TYR D 641 53.54 -19.68 32.77
CA TYR D 641 53.30 -19.14 31.44
C TYR D 641 54.11 -19.93 30.42
N GLY D 642 53.45 -20.33 29.34
CA GLY D 642 54.15 -20.96 28.23
C GLY D 642 53.72 -22.39 27.94
N HIS D 643 52.49 -22.75 28.32
CA HIS D 643 52.01 -24.09 27.99
C HIS D 643 51.98 -24.34 26.48
N THR D 644 51.70 -23.30 25.68
CA THR D 644 51.66 -23.42 24.22
C THR D 644 52.89 -22.79 23.56
N TRP D 645 54.01 -22.74 24.28
CA TRP D 645 55.24 -22.13 23.80
C TRP D 645 56.31 -23.22 23.76
N PRO D 646 56.43 -23.95 22.64
CA PRO D 646 57.29 -25.14 22.66
C PRO D 646 58.78 -24.85 22.59
N VAL D 647 59.17 -23.74 21.96
CA VAL D 647 60.57 -23.43 21.73
C VAL D 647 60.86 -21.99 22.15
N ARG D 648 61.64 -21.82 23.21
CA ARG D 648 62.20 -20.53 23.59
C ARG D 648 63.55 -20.32 22.89
N TRP D 649 64.09 -19.11 23.02
CA TRP D 649 65.34 -18.83 22.32
C TRP D 649 66.12 -17.71 23.00
N GLY D 650 67.40 -17.63 22.66
CA GLY D 650 68.28 -16.62 23.20
C GLY D 650 69.70 -17.16 23.23
N GLY D 651 70.57 -16.45 23.95
CA GLY D 651 71.95 -16.85 24.04
C GLY D 651 72.16 -18.02 24.97
N LYS D 652 73.26 -18.73 24.74
CA LYS D 652 73.65 -19.82 25.61
C LYS D 652 73.87 -19.28 27.01
N ASP D 653 73.30 -19.97 28.00
CA ASP D 653 73.38 -19.60 29.41
C ASP D 653 72.73 -18.24 29.74
N ASP D 654 71.95 -17.66 28.83
CA ASP D 654 71.15 -16.50 29.17
C ASP D 654 70.11 -16.88 30.23
N ARG D 655 69.88 -15.99 31.18
CA ARG D 655 68.87 -16.25 32.20
C ARG D 655 67.53 -15.73 31.69
N LYS D 656 66.64 -16.67 31.38
CA LYS D 656 65.34 -16.35 30.79
C LYS D 656 64.31 -16.11 31.87
N GLU D 657 63.47 -15.10 31.64
CA GLU D 657 62.39 -14.81 32.57
C GLU D 657 61.30 -15.87 32.46
N ILE D 658 60.88 -16.39 33.61
CA ILE D 658 59.78 -17.34 33.74
C ILE D 658 58.75 -16.70 34.66
N LEU D 659 57.51 -16.61 34.17
CA LEU D 659 56.39 -16.06 34.93
C LEU D 659 55.47 -17.19 35.35
N VAL D 660 54.98 -17.12 36.59
CA VAL D 660 53.99 -18.06 37.08
C VAL D 660 52.77 -17.27 37.54
N TYR D 661 51.60 -17.65 37.03
CA TYR D 661 50.34 -17.02 37.43
C TYR D 661 49.63 -17.96 38.38
N SER D 662 49.49 -17.53 39.63
CA SER D 662 49.01 -18.40 40.70
C SER D 662 48.38 -17.53 41.76
N ASN D 663 47.37 -18.07 42.45
CA ASN D 663 46.82 -17.41 43.61
C ASN D 663 47.40 -17.97 44.90
N CYS D 664 48.40 -18.84 44.79
CA CYS D 664 49.06 -19.37 45.98
C CYS D 664 49.86 -18.29 46.69
N ASP D 665 50.07 -18.52 48.00
CA ASP D 665 50.82 -17.59 48.84
C ASP D 665 52.32 -17.64 48.59
N GLU D 666 52.85 -18.84 48.34
CA GLU D 666 54.26 -18.98 48.01
C GLU D 666 54.40 -20.06 46.96
N VAL D 667 55.37 -19.87 46.08
CA VAL D 667 55.62 -20.79 44.98
C VAL D 667 57.12 -21.06 44.90
N GLU D 668 57.49 -22.31 44.73
CA GLU D 668 58.86 -22.70 44.39
C GLU D 668 58.91 -23.17 42.95
N LEU D 669 59.89 -22.66 42.20
CA LEU D 669 60.12 -23.05 40.82
C LEU D 669 61.29 -24.02 40.73
N PHE D 670 61.15 -25.05 39.89
CA PHE D 670 62.21 -26.01 39.60
C PHE D 670 62.46 -26.04 38.11
N VAL D 671 63.72 -25.97 37.70
CA VAL D 671 64.10 -26.11 36.30
C VAL D 671 65.01 -27.33 36.18
N ASN D 672 64.53 -28.36 35.46
CA ASN D 672 65.24 -29.64 35.36
C ASN D 672 65.53 -30.23 36.74
N GLY D 673 64.56 -30.10 37.65
CA GLY D 673 64.67 -30.66 38.99
C GLY D 673 65.46 -29.84 39.97
N VAL D 674 66.06 -28.73 39.54
CA VAL D 674 66.90 -27.90 40.39
C VAL D 674 66.06 -26.74 40.90
N SER D 675 65.96 -26.61 42.23
CA SER D 675 65.18 -25.53 42.80
C SER D 675 65.77 -24.17 42.42
N GLN D 676 64.89 -23.23 42.07
CA GLN D 676 65.25 -21.85 41.82
C GLN D 676 64.82 -20.92 42.93
N GLY D 677 64.34 -21.46 44.04
CA GLY D 677 63.97 -20.67 45.19
C GLY D 677 62.46 -20.46 45.30
N VAL D 678 62.05 -20.17 46.53
CA VAL D 678 60.65 -19.88 46.86
C VAL D 678 60.42 -18.39 46.75
N LYS D 679 59.29 -17.99 46.17
CA LYS D 679 58.90 -16.60 46.11
C LYS D 679 57.49 -16.43 46.66
N ARG D 680 57.25 -15.27 47.29
CA ARG D 680 55.96 -14.98 47.90
C ARG D 680 55.12 -14.11 46.98
N ARG D 681 53.83 -14.40 46.91
CA ARG D 681 52.94 -13.67 46.02
C ARG D 681 52.63 -12.28 46.57
N ASN D 682 52.74 -11.27 45.69
CA ASN D 682 52.45 -9.88 46.04
C ASN D 682 51.98 -9.17 44.78
N SER D 683 50.66 -8.93 44.69
CA SER D 683 50.05 -8.40 43.46
C SER D 683 50.76 -7.16 42.97
N GLN D 684 51.21 -6.30 43.89
CA GLN D 684 51.81 -5.04 43.46
C GLN D 684 53.24 -5.20 42.95
N ASP D 685 53.87 -6.36 43.17
CA ASP D 685 55.23 -6.61 42.69
C ASP D 685 55.14 -7.16 41.27
N TYR D 686 54.93 -6.25 40.33
CA TYR D 686 54.67 -6.53 38.93
C TYR D 686 55.98 -6.84 38.19
N PRO D 687 55.99 -7.80 37.25
CA PRO D 687 54.82 -8.62 36.85
C PRO D 687 54.69 -9.95 37.57
N ALA D 688 53.54 -10.60 37.36
CA ALA D 688 53.25 -11.93 37.89
C ALA D 688 53.14 -11.94 39.41
N ALA D 689 52.78 -10.79 40.00
CA ALA D 689 52.54 -10.72 41.45
C ALA D 689 53.73 -11.28 42.23
N GLY D 690 54.93 -10.95 41.78
CA GLY D 690 56.16 -11.37 42.43
C GLY D 690 56.62 -12.79 42.11
N LEU D 691 55.80 -13.57 41.41
CA LEU D 691 56.13 -14.96 41.10
C LEU D 691 56.81 -15.02 39.74
N ARG D 692 58.02 -14.46 39.70
CA ARG D 692 58.85 -14.51 38.50
C ARG D 692 60.26 -14.91 38.89
N TRP D 693 60.93 -15.59 37.94
CA TRP D 693 62.30 -16.09 38.11
C TRP D 693 63.06 -15.81 36.82
N ASN D 694 64.38 -15.78 36.91
CA ASN D 694 65.23 -15.68 35.72
C ASN D 694 66.20 -16.86 35.78
N CYS D 695 66.07 -17.80 34.84
CA CYS D 695 66.72 -19.09 34.94
C CYS D 695 67.41 -19.47 33.64
N VAL D 696 68.48 -20.25 33.77
CA VAL D 696 69.22 -20.75 32.61
C VAL D 696 68.50 -21.96 32.06
N TYR D 697 68.24 -21.95 30.75
CA TYR D 697 67.74 -23.11 30.03
C TYR D 697 68.91 -23.84 29.38
N GLN D 698 68.85 -25.17 29.36
CA GLN D 698 69.81 -25.98 28.61
C GLN D 698 69.38 -26.03 27.15
N GLU D 699 70.36 -25.89 26.25
CA GLU D 699 70.07 -26.08 24.82
C GLU D 699 69.45 -27.47 24.63
N GLY D 700 68.27 -27.52 24.03
CA GLY D 700 67.49 -28.74 24.01
C GLY D 700 66.28 -28.66 24.93
N MET D 701 65.83 -29.80 25.45
CA MET D 701 64.59 -29.85 26.21
C MET D 701 64.80 -29.49 27.67
N ASN D 702 63.81 -28.80 28.25
CA ASN D 702 63.81 -28.45 29.67
C ASN D 702 62.45 -28.74 30.28
N GLU D 703 62.46 -29.13 31.56
CA GLU D 703 61.21 -29.33 32.30
C GLU D 703 61.14 -28.30 33.41
N ILE D 704 60.08 -27.50 33.38
CA ILE D 704 59.85 -26.44 34.36
C ILE D 704 58.66 -26.85 35.22
N ARG D 705 58.86 -26.87 36.53
CA ARG D 705 57.85 -27.28 37.48
C ARG D 705 57.69 -26.20 38.53
N ALA D 706 56.45 -25.96 38.94
CA ALA D 706 56.14 -24.95 39.92
C ALA D 706 55.27 -25.62 40.98
N VAL D 707 55.60 -25.40 42.24
CA VAL D 707 54.86 -25.99 43.35
C VAL D 707 54.41 -24.84 44.23
N GLY D 708 53.11 -24.79 44.53
CA GLY D 708 52.55 -23.71 45.32
C GLY D 708 51.78 -24.22 46.51
N VAL D 709 51.69 -23.39 47.53
CA VAL D 709 50.86 -23.65 48.69
C VAL D 709 50.00 -22.42 48.93
N LYS D 710 48.73 -22.66 49.23
CA LYS D 710 47.79 -21.60 49.60
C LYS D 710 47.45 -21.80 51.06
N LYS D 711 47.85 -20.85 51.91
CA LYS D 711 47.76 -21.02 53.35
C LYS D 711 46.32 -21.11 53.81
N LYS D 712 45.44 -20.26 53.27
CA LYS D 712 44.04 -20.28 53.68
C LYS D 712 43.43 -21.66 53.47
N GLU D 713 43.76 -22.32 52.37
CA GLU D 713 43.21 -23.64 52.05
C GLU D 713 44.07 -24.80 52.56
N LYS D 714 45.29 -24.53 53.04
CA LYS D 714 46.23 -25.59 53.46
C LYS D 714 46.40 -26.63 52.35
N LYS D 715 46.56 -26.15 51.13
CA LYS D 715 46.55 -26.96 49.93
C LYS D 715 47.81 -26.71 49.12
N GLU D 716 48.34 -27.77 48.50
CA GLU D 716 49.49 -27.68 47.62
C GLU D 716 49.06 -28.09 46.21
N VAL D 717 49.48 -27.31 45.21
CA VAL D 717 49.18 -27.56 43.82
C VAL D 717 50.46 -27.39 43.01
N SER D 718 50.50 -28.07 41.86
CA SER D 718 51.69 -28.06 41.02
C SER D 718 51.30 -27.88 39.55
N ASP D 719 52.27 -27.39 38.78
CA ASP D 719 52.16 -27.26 37.33
C ASP D 719 53.50 -27.65 36.73
N VAL D 720 53.46 -28.17 35.50
CA VAL D 720 54.67 -28.62 34.81
C VAL D 720 54.51 -28.31 33.33
N ILE D 721 55.57 -27.77 32.72
CA ILE D 721 55.63 -27.61 31.28
C ILE D 721 56.99 -28.08 30.80
N ARG D 722 57.06 -28.41 29.52
CA ARG D 722 58.30 -28.76 28.85
C ARG D 722 58.53 -27.76 27.72
N GLN D 723 59.75 -27.26 27.62
CA GLN D 723 60.10 -26.31 26.59
C GLN D 723 61.49 -26.60 26.05
N GLU D 724 61.63 -26.51 24.74
CA GLU D 724 62.92 -26.53 24.10
C GLU D 724 63.53 -25.14 24.10
N TYR D 725 64.86 -25.10 24.13
CA TYR D 725 65.59 -23.84 24.08
C TYR D 725 66.54 -23.88 22.90
N GLN D 726 66.45 -22.87 22.03
CA GLN D 726 67.24 -22.83 20.81
C GLN D 726 68.19 -21.66 20.89
N THR D 727 69.49 -21.92 20.71
CA THR D 727 70.48 -20.86 20.67
C THR D 727 70.86 -20.44 19.25
N ALA D 728 70.58 -21.26 18.25
CA ALA D 728 70.91 -20.90 16.87
C ALA D 728 70.05 -19.74 16.38
N LYS D 729 70.68 -18.77 15.73
CA LYS D 729 69.95 -17.67 15.10
C LYS D 729 69.51 -18.07 13.70
N TRP D 730 68.43 -17.47 13.23
CA TRP D 730 67.84 -17.83 11.95
C TRP D 730 67.88 -16.68 10.96
N ASP D 731 67.98 -17.03 9.69
CA ASP D 731 67.89 -16.09 8.59
C ASP D 731 66.42 -16.00 8.14
N LYS D 732 66.17 -15.41 6.98
CA LYS D 732 64.80 -15.28 6.50
C LYS D 732 64.23 -16.65 6.15
N GLU D 733 62.90 -16.70 6.10
CA GLU D 733 62.21 -17.95 5.80
C GLU D 733 62.60 -18.43 4.41
N ALA D 734 62.84 -19.74 4.29
CA ALA D 734 63.29 -20.33 3.03
C ALA D 734 62.44 -21.51 2.60
N ALA D 735 61.84 -22.22 3.55
CA ALA D 735 61.11 -23.43 3.21
C ALA D 735 60.11 -23.76 4.31
N CYS D 736 59.13 -24.57 3.94
CA CYS D 736 58.15 -25.13 4.86
C CYS D 736 58.45 -26.60 5.07
N GLN D 737 58.66 -26.98 6.31
CA GLN D 737 58.86 -28.39 6.67
C GLN D 737 57.55 -28.89 7.26
N VAL D 738 57.00 -29.94 6.66
CA VAL D 738 55.65 -30.41 6.96
C VAL D 738 55.76 -31.84 7.47
N SER D 739 55.08 -32.12 8.57
CA SER D 739 55.23 -33.44 9.16
C SER D 739 53.92 -33.83 9.83
N LEU D 740 53.75 -35.14 9.97
CA LEU D 740 52.64 -35.70 10.75
C LEU D 740 53.04 -35.67 12.22
N LEU D 741 52.36 -34.85 13.02
CA LEU D 741 52.74 -34.69 14.42
C LEU D 741 52.14 -35.78 15.29
N SER D 742 50.88 -36.14 15.05
CA SER D 742 50.21 -37.16 15.85
C SER D 742 48.92 -37.56 15.14
N GLU D 743 48.28 -38.59 15.67
CA GLU D 743 47.00 -39.06 15.15
C GLU D 743 46.09 -39.42 16.31
N GLU D 744 44.78 -39.28 16.07
CA GLU D 744 43.76 -39.66 17.04
C GLU D 744 42.61 -40.24 16.22
N GLY D 745 42.51 -41.56 16.18
CA GLY D 745 41.44 -42.18 15.41
C GLY D 745 41.57 -41.84 13.94
N ASP D 746 40.50 -41.28 13.38
CA ASP D 746 40.47 -40.91 11.97
C ASP D 746 41.10 -39.54 11.70
N THR D 747 41.61 -38.86 12.72
CA THR D 747 42.13 -37.51 12.54
C THR D 747 43.65 -37.51 12.64
N ALA D 748 44.28 -36.72 11.78
CA ALA D 748 45.72 -36.52 11.78
C ALA D 748 46.01 -35.06 12.10
N LEU D 749 47.04 -34.82 12.89
CA LEU D 749 47.48 -33.47 13.21
C LEU D 749 48.76 -33.18 12.44
N VAL D 750 48.71 -32.18 11.58
CA VAL D 750 49.83 -31.83 10.69
C VAL D 750 50.48 -30.57 11.22
N GLN D 751 51.82 -30.54 11.18
CA GLN D 751 52.60 -29.41 11.64
C GLN D 751 53.45 -28.89 10.49
N VAL D 752 53.49 -27.57 10.37
CA VAL D 752 54.35 -26.86 9.44
C VAL D 752 55.36 -26.07 10.26
N GLN D 753 56.63 -26.14 9.88
CA GLN D 753 57.66 -25.32 10.51
C GLN D 753 58.42 -24.57 9.43
N LEU D 754 58.42 -23.25 9.53
CA LEU D 754 59.22 -22.42 8.64
C LEU D 754 60.69 -22.46 9.07
N ILE D 755 61.57 -22.70 8.10
CA ILE D 755 62.99 -22.82 8.37
C ILE D 755 63.74 -21.93 7.40
N ASP D 756 64.97 -21.57 7.76
CA ASP D 756 65.77 -20.74 6.87
C ASP D 756 66.59 -21.64 5.95
N LYS D 757 67.44 -21.02 5.11
CA LYS D 757 68.22 -21.76 4.13
C LYS D 757 69.17 -22.78 4.75
N ASN D 758 69.50 -22.63 6.04
CA ASN D 758 70.37 -23.57 6.72
C ASN D 758 69.60 -24.58 7.56
N GLY D 759 68.26 -24.59 7.43
CA GLY D 759 67.45 -25.52 8.19
C GLY D 759 67.11 -25.09 9.60
N ILE D 760 67.39 -23.83 9.97
CA ILE D 760 67.13 -23.34 11.32
C ILE D 760 65.69 -22.87 11.42
N ARG D 761 65.01 -23.23 12.52
CA ARG D 761 63.63 -22.80 12.71
C ARG D 761 63.56 -21.28 12.86
N CYS D 762 62.67 -20.65 12.09
CA CYS D 762 62.47 -19.19 12.12
C CYS D 762 61.45 -18.87 13.22
N LEU D 763 61.95 -18.78 14.45
CA LEU D 763 61.06 -18.73 15.60
C LEU D 763 60.31 -17.42 15.76
N SER D 764 60.63 -16.37 15.01
CA SER D 764 59.89 -15.12 15.10
C SER D 764 58.98 -14.89 13.92
N SER D 765 58.85 -15.87 13.03
CA SER D 765 58.11 -15.66 11.79
C SER D 765 56.61 -15.55 12.05
N LYS D 766 55.98 -14.58 11.36
CA LYS D 766 54.54 -14.42 11.30
C LYS D 766 53.99 -14.63 9.92
N LYS D 767 54.76 -15.27 9.06
CA LYS D 767 54.40 -15.42 7.66
C LYS D 767 53.11 -16.22 7.49
N GLN D 768 52.28 -15.81 6.53
CA GLN D 768 51.03 -16.53 6.33
C GLN D 768 51.28 -17.88 5.64
N ILE D 769 50.60 -18.90 6.14
CA ILE D 769 50.66 -20.26 5.63
C ILE D 769 49.27 -20.65 5.13
N THR D 770 49.24 -21.35 4.00
CA THR D 770 48.00 -21.82 3.37
C THR D 770 48.01 -23.34 3.27
N PHE D 771 46.95 -23.99 3.75
CA PHE D 771 46.78 -25.43 3.65
C PHE D 771 45.80 -25.78 2.53
N GLU D 772 46.10 -26.82 1.75
CA GLU D 772 45.18 -27.38 0.77
C GLU D 772 45.23 -28.90 0.85
N ILE D 773 44.16 -29.57 0.42
CA ILE D 773 44.11 -31.03 0.48
C ILE D 773 43.46 -31.56 -0.78
N ALA D 774 43.95 -32.70 -1.26
CA ALA D 774 43.34 -33.42 -2.38
C ALA D 774 43.28 -34.90 -2.03
N GLY D 775 42.13 -35.54 -2.26
CA GLY D 775 41.98 -36.94 -1.93
C GLY D 775 40.80 -37.18 -1.01
N ASP D 776 40.91 -38.24 -0.21
CA ASP D 776 39.75 -38.70 0.55
C ASP D 776 39.45 -37.84 1.78
N GLY D 777 40.46 -37.16 2.34
CA GLY D 777 40.31 -36.44 3.59
C GLY D 777 39.85 -35.00 3.39
N SER D 778 39.63 -34.32 4.52
CA SER D 778 39.24 -32.91 4.49
C SER D 778 39.94 -32.15 5.60
N LEU D 779 40.27 -30.90 5.32
CA LEU D 779 40.82 -30.04 6.37
C LEU D 779 39.77 -29.72 7.41
N ILE D 780 40.17 -29.79 8.67
CA ILE D 780 39.31 -29.28 9.76
C ILE D 780 39.66 -27.80 9.87
N CYS D 781 39.03 -27.00 9.01
CA CYS D 781 39.36 -25.60 8.86
C CYS D 781 38.12 -24.76 9.10
N ASN D 782 38.26 -23.45 8.90
CA ASN D 782 37.18 -22.48 9.10
C ASN D 782 36.57 -22.61 10.49
N LEU D 783 37.42 -22.87 11.47
CA LEU D 783 36.97 -22.83 12.86
C LEU D 783 37.20 -21.47 13.51
N GLY D 784 37.97 -20.59 12.87
CA GLY D 784 38.28 -19.32 13.51
C GLY D 784 39.28 -19.43 14.65
N THR D 785 40.14 -20.44 14.62
CA THR D 785 41.18 -20.64 15.61
C THR D 785 42.53 -20.76 14.91
N SER D 786 43.60 -20.50 15.65
CA SER D 786 44.92 -20.55 15.03
C SER D 786 45.34 -21.96 14.63
N THR D 787 44.66 -23.00 15.12
CA THR D 787 44.93 -24.37 14.67
C THR D 787 43.77 -24.96 13.87
N GLY D 788 42.81 -24.13 13.46
CA GLY D 788 41.70 -24.58 12.66
C GLY D 788 41.44 -23.64 11.50
N SER D 789 42.51 -23.19 10.82
CA SER D 789 42.38 -22.18 9.78
C SER D 789 43.23 -22.60 8.57
N ARG D 790 42.61 -22.60 7.38
CA ARG D 790 43.35 -23.00 6.18
C ARG D 790 44.23 -21.90 5.64
N LYS D 791 44.02 -20.66 6.09
CA LYS D 791 44.97 -19.57 5.88
C LYS D 791 45.20 -18.93 7.24
N VAL D 792 46.44 -18.87 7.69
CA VAL D 792 46.74 -18.45 9.07
C VAL D 792 48.17 -17.95 9.13
N GLN D 793 48.39 -16.90 9.90
CA GLN D 793 49.75 -16.44 10.15
C GLN D 793 50.45 -17.44 11.07
N ALA D 794 51.74 -17.66 10.81
CA ALA D 794 52.50 -18.56 11.66
C ALA D 794 52.58 -18.03 13.08
N TYR D 795 52.67 -18.95 14.04
CA TYR D 795 52.97 -18.60 15.42
C TYR D 795 54.36 -19.16 15.74
N ASN D 796 55.32 -18.26 15.87
CA ASN D 796 56.73 -18.63 16.09
C ASN D 796 57.22 -19.61 15.02
N GLY D 797 56.89 -19.28 13.78
CA GLY D 797 57.32 -20.04 12.62
C GLY D 797 56.60 -21.35 12.40
N ARG D 798 55.56 -21.65 13.18
CA ARG D 798 54.87 -22.93 13.02
C ARG D 798 53.38 -22.71 12.77
N ALA D 799 52.75 -23.71 12.17
CA ALA D 799 51.31 -23.72 12.00
C ALA D 799 50.83 -25.16 12.05
N LEU D 800 49.71 -25.39 12.73
CA LEU D 800 49.12 -26.71 12.87
C LEU D 800 47.72 -26.70 12.28
N ILE D 801 47.31 -27.85 11.74
CA ILE D 801 45.92 -28.05 11.35
C ILE D 801 45.61 -29.54 11.46
N ARG D 802 44.35 -29.85 11.77
CA ARG D 802 43.91 -31.25 11.81
C ARG D 802 43.21 -31.63 10.51
N ILE D 803 43.37 -32.89 10.12
CA ILE D 803 42.75 -33.44 8.92
C ILE D 803 41.89 -34.62 9.31
N LYS D 804 40.64 -34.60 8.87
CA LYS D 804 39.75 -35.75 8.96
C LYS D 804 40.07 -36.66 7.77
N ARG D 805 40.66 -37.82 8.05
CA ARG D 805 41.16 -38.65 6.94
C ARG D 805 40.06 -39.39 6.20
N ASN D 806 38.88 -39.55 6.82
CA ASN D 806 37.77 -40.29 6.23
C ASN D 806 38.17 -41.71 5.83
N GLU D 807 39.07 -42.31 6.63
CA GLU D 807 39.53 -43.68 6.45
C GLU D 807 40.17 -43.90 5.09
N GLY D 808 40.67 -42.84 4.46
CA GLY D 808 41.25 -42.95 3.14
C GLY D 808 42.59 -42.28 3.02
N ASN D 809 43.00 -41.94 1.80
CA ASN D 809 44.33 -41.40 1.54
C ASN D 809 44.23 -39.98 0.97
N SER D 810 45.15 -39.11 1.35
CA SER D 810 45.11 -37.73 0.90
C SER D 810 46.52 -37.22 0.72
N VAL D 811 46.63 -36.11 -0.02
CA VAL D 811 47.86 -35.32 -0.06
C VAL D 811 47.53 -33.90 0.39
N VAL D 812 48.28 -33.43 1.36
CA VAL D 812 48.18 -32.06 1.86
C VAL D 812 49.29 -31.26 1.22
N ALA D 813 48.96 -30.07 0.73
CA ALA D 813 49.93 -29.11 0.24
C ALA D 813 49.97 -27.92 1.18
N VAL D 814 51.16 -27.36 1.36
CA VAL D 814 51.38 -26.22 2.25
C VAL D 814 52.07 -25.14 1.44
N LYS D 815 51.42 -23.98 1.35
CA LYS D 815 51.90 -22.89 0.52
C LYS D 815 52.25 -21.69 1.38
N SER D 816 53.23 -20.92 0.93
CA SER D 816 53.64 -19.68 1.58
C SER D 816 54.33 -18.81 0.54
N GLU D 817 53.98 -17.52 0.50
CA GLU D 817 54.36 -16.66 -0.62
C GLU D 817 55.87 -16.61 -0.76
N GLY D 818 56.34 -16.86 -1.99
CA GLY D 818 57.76 -16.83 -2.29
C GLY D 818 58.53 -18.04 -1.85
N LEU D 819 57.89 -19.01 -1.20
CA LEU D 819 58.56 -20.23 -0.77
C LEU D 819 58.06 -21.40 -1.60
N PRO D 820 58.90 -22.43 -1.79
CA PRO D 820 58.42 -23.63 -2.50
C PRO D 820 57.28 -24.30 -1.73
N THR D 821 56.28 -24.74 -2.48
CA THR D 821 55.16 -25.45 -1.89
C THR D 821 55.62 -26.82 -1.42
N ALA D 822 55.14 -27.24 -0.25
CA ALA D 822 55.53 -28.51 0.35
C ALA D 822 54.34 -29.45 0.42
N PHE D 823 54.62 -30.75 0.43
CA PHE D 823 53.57 -31.77 0.35
C PHE D 823 53.77 -32.84 1.41
N LEU D 824 52.65 -33.37 1.90
CA LEU D 824 52.66 -34.46 2.86
C LEU D 824 51.56 -35.45 2.52
N GLU D 825 51.92 -36.71 2.37
CA GLU D 825 50.93 -37.77 2.18
C GLU D 825 50.35 -38.22 3.51
N LEU D 826 49.03 -38.44 3.52
CA LEU D 826 48.33 -38.98 4.69
C LEU D 826 47.64 -40.28 4.28
N LYS D 827 48.09 -41.39 4.85
CA LYS D 827 47.47 -42.69 4.61
C LYS D 827 46.64 -43.13 5.82
N SER D 828 45.66 -43.98 5.55
CA SER D 828 44.86 -44.58 6.62
C SER D 828 45.23 -46.04 6.80
N PRO D 829 45.28 -46.55 8.05
CA PRO D 829 45.63 -47.96 8.33
C PRO D 829 44.53 -48.95 7.95
#